data_2N1D
#
_entry.id   2N1D
#
loop_
_entity.id
_entity.type
_entity.pdbx_description
1 polymer 'MRG/MORF4L-binding protein'
2 polymer 'Mortality factor 4-like protein 1'
#
loop_
_entity_poly.entity_id
_entity_poly.type
_entity_poly.pdbx_seq_one_letter_code
_entity_poly.pdbx_strand_id
1 'polypeptide(L)' SNAGRQVPSKVIWDHLSTMYDMQALHESEILPFPNPERNFVLPEEIIQEVREGK A
2 'polypeptide(L)'
;SNAEVKVKIPEELKPWLVDDWDLITRQKQLFYLPAKKNVDSILEDYANYKKSRGNTDNKEYAVNEVVAGIKEYFNVMLGT
QLLYKFERPQYAEILADHPDAPMSQVYGAPHLLRLFVRIGAMLAYTPLDEKSLALLLNYLHDFLKYLAKNSATLFSASDY
EVAPPEYHRKAV
;
B
#
# COMPACT_ATOMS: atom_id res chain seq x y z
N SER A 1 -0.65 1.88 20.20
CA SER A 1 -0.90 2.16 21.62
C SER A 1 0.40 2.50 22.35
N ASN A 2 1.19 1.48 22.65
CA ASN A 2 2.47 1.70 23.30
C ASN A 2 3.59 1.77 22.27
N ALA A 3 4.70 2.39 22.65
CA ALA A 3 5.85 2.57 21.76
C ALA A 3 5.48 3.44 20.56
N GLY A 4 4.46 4.27 20.73
CA GLY A 4 4.02 5.13 19.66
C GLY A 4 4.40 6.57 19.91
N ARG A 5 5.36 7.07 19.15
CA ARG A 5 5.83 8.44 19.31
C ARG A 5 4.85 9.41 18.66
N GLN A 6 3.82 9.76 19.43
CA GLN A 6 2.75 10.64 18.97
C GLN A 6 2.11 10.11 17.69
N VAL A 7 2.45 10.73 16.57
CA VAL A 7 1.92 10.35 15.27
C VAL A 7 2.97 10.58 14.18
N PRO A 8 3.03 9.68 13.18
CA PRO A 8 3.96 9.82 12.05
C PRO A 8 3.68 11.08 11.23
N SER A 9 2.47 11.60 11.42
CA SER A 9 2.00 12.78 10.72
C SER A 9 2.86 14.01 11.03
N LYS A 10 3.57 13.97 12.16
CA LYS A 10 4.41 15.09 12.56
C LYS A 10 5.85 14.62 12.84
N VAL A 11 6.25 13.55 12.17
CA VAL A 11 7.65 13.12 12.19
C VAL A 11 8.17 12.98 10.76
N ILE A 12 7.36 12.37 9.90
CA ILE A 12 7.70 12.23 8.49
C ILE A 12 7.29 13.50 7.76
N TRP A 13 6.00 13.81 7.85
CA TRP A 13 5.45 14.97 7.21
C TRP A 13 5.94 16.22 7.90
N ASP A 14 6.63 16.04 9.01
CA ASP A 14 7.28 17.15 9.70
C ASP A 14 8.30 17.79 8.76
N HIS A 15 9.20 16.97 8.24
CA HIS A 15 10.22 17.45 7.31
C HIS A 15 9.58 17.78 5.97
N LEU A 16 8.75 16.85 5.48
CA LEU A 16 8.10 17.01 4.18
C LEU A 16 7.34 18.34 4.11
N SER A 17 6.67 18.70 5.20
CA SER A 17 5.87 19.93 5.22
C SER A 17 6.76 21.16 5.39
N THR A 18 7.74 21.09 6.29
CA THR A 18 8.59 22.25 6.56
C THR A 18 9.45 22.57 5.33
N MET A 19 9.75 21.53 4.55
CA MET A 19 10.54 21.65 3.33
C MET A 19 9.73 22.32 2.22
N TYR A 20 8.42 22.34 2.39
CA TYR A 20 7.52 22.80 1.32
C TYR A 20 6.58 23.90 1.83
N ASP A 21 6.74 24.29 3.09
CA ASP A 21 5.82 25.21 3.77
C ASP A 21 4.41 24.63 3.81
N MET A 22 4.33 23.32 3.63
CA MET A 22 3.08 22.59 3.68
C MET A 22 2.63 22.43 5.14
N GLN A 23 3.48 22.90 6.05
CA GLN A 23 3.18 22.91 7.47
C GLN A 23 1.77 23.43 7.70
N ALA A 24 1.49 24.59 7.11
CA ALA A 24 0.18 25.22 7.19
C ALA A 24 -0.96 24.23 7.00
N LEU A 25 -0.83 23.43 5.96
CA LEU A 25 -1.92 22.54 5.54
C LEU A 25 -2.06 21.36 6.48
N HIS A 26 -0.95 20.73 6.84
CA HIS A 26 -1.01 19.53 7.67
C HIS A 26 -1.16 19.88 9.15
N GLU A 27 -1.00 21.17 9.48
CA GLU A 27 -1.25 21.64 10.83
C GLU A 27 -2.74 21.90 11.00
N SER A 28 -3.37 22.47 9.97
CA SER A 28 -4.80 22.70 10.00
C SER A 28 -5.55 21.38 9.81
N GLU A 29 -5.02 20.55 8.92
CA GLU A 29 -5.60 19.24 8.66
C GLU A 29 -4.57 18.16 8.99
N ILE A 30 -4.62 17.69 10.23
CA ILE A 30 -3.70 16.68 10.72
C ILE A 30 -4.19 15.29 10.33
N LEU A 31 -3.29 14.31 10.34
CA LEU A 31 -3.63 12.95 9.97
C LEU A 31 -3.77 12.07 11.21
N PRO A 32 -5.00 11.83 11.67
CA PRO A 32 -5.28 10.81 12.67
C PRO A 32 -5.64 9.46 12.03
N PHE A 33 -6.42 9.53 10.95
CA PHE A 33 -6.92 8.37 10.22
C PHE A 33 -7.68 7.40 11.12
N PRO A 34 -8.97 7.69 11.37
CA PRO A 34 -9.88 6.77 12.05
C PRO A 34 -10.33 5.67 11.09
N ASN A 35 -9.35 5.06 10.44
CA ASN A 35 -9.59 4.08 9.38
C ASN A 35 -10.29 2.84 9.92
N PRO A 36 -11.51 2.57 9.45
CA PRO A 36 -12.28 1.41 9.86
C PRO A 36 -11.91 0.15 9.09
N GLU A 37 -12.57 -0.95 9.42
CA GLU A 37 -12.34 -2.21 8.72
C GLU A 37 -13.25 -2.29 7.51
N ARG A 38 -12.65 -2.29 6.33
CA ARG A 38 -13.41 -2.27 5.09
C ARG A 38 -12.85 -3.29 4.12
N ASN A 39 -13.73 -4.12 3.57
CA ASN A 39 -13.34 -5.09 2.57
C ASN A 39 -12.79 -4.38 1.33
N PHE A 40 -11.54 -4.68 1.01
CA PHE A 40 -10.77 -3.96 -0.01
C PHE A 40 -11.48 -3.81 -1.36
N VAL A 41 -12.29 -4.81 -1.72
CA VAL A 41 -12.93 -4.90 -3.05
C VAL A 41 -11.97 -4.52 -4.17
N LEU A 42 -12.50 -4.04 -5.30
CA LEU A 42 -11.68 -3.56 -6.39
C LEU A 42 -12.51 -2.69 -7.32
N PRO A 43 -12.00 -1.51 -7.69
CA PRO A 43 -12.66 -0.63 -8.66
C PRO A 43 -12.95 -1.35 -9.97
N GLU A 44 -14.19 -1.24 -10.43
CA GLU A 44 -14.65 -1.98 -11.61
C GLU A 44 -13.92 -1.58 -12.88
N GLU A 45 -13.41 -0.35 -12.90
CA GLU A 45 -12.77 0.15 -14.11
C GLU A 45 -11.52 -0.65 -14.42
N ILE A 46 -10.81 -1.05 -13.37
CA ILE A 46 -9.61 -1.86 -13.51
C ILE A 46 -9.97 -3.23 -14.07
N ILE A 47 -11.02 -3.82 -13.51
CA ILE A 47 -11.49 -5.12 -13.93
C ILE A 47 -11.87 -5.12 -15.40
N GLN A 48 -12.62 -4.10 -15.82
CA GLN A 48 -13.08 -4.01 -17.19
C GLN A 48 -11.95 -3.62 -18.14
N GLU A 49 -10.97 -2.87 -17.63
CA GLU A 49 -9.81 -2.51 -18.43
C GLU A 49 -8.99 -3.74 -18.79
N VAL A 50 -8.87 -4.64 -17.83
CA VAL A 50 -8.08 -5.85 -18.01
C VAL A 50 -8.86 -6.91 -18.77
N ARG A 51 -10.11 -7.11 -18.40
CA ARG A 51 -10.92 -8.17 -18.99
C ARG A 51 -11.69 -7.68 -20.22
N GLU A 52 -12.51 -6.66 -20.03
CA GLU A 52 -13.46 -6.22 -21.05
C GLU A 52 -12.87 -5.10 -21.91
N GLY A 53 -11.55 -5.04 -21.99
CA GLY A 53 -10.89 -3.97 -22.69
C GLY A 53 -10.84 -4.19 -24.19
N LYS A 54 -11.23 -5.37 -24.63
CA LYS A 54 -11.17 -5.71 -26.05
C LYS A 54 -12.56 -6.01 -26.58
N SER B 1 -21.44 14.69 -6.62
CA SER B 1 -20.77 15.66 -7.51
C SER B 1 -19.39 16.02 -6.98
N ASN B 2 -19.00 15.41 -5.86
CA ASN B 2 -17.71 15.70 -5.22
C ASN B 2 -16.56 15.49 -6.20
N ALA B 3 -15.73 16.52 -6.36
CA ALA B 3 -14.56 16.43 -7.21
C ALA B 3 -13.44 15.68 -6.49
N GLU B 4 -13.53 14.36 -6.53
CA GLU B 4 -12.57 13.50 -5.86
C GLU B 4 -11.28 13.39 -6.66
N VAL B 5 -10.19 13.07 -5.97
CA VAL B 5 -8.89 12.97 -6.60
C VAL B 5 -8.87 11.81 -7.60
N LYS B 6 -8.41 12.09 -8.82
CA LYS B 6 -8.31 11.07 -9.85
C LYS B 6 -6.86 10.67 -10.06
N VAL B 7 -6.51 9.50 -9.54
CA VAL B 7 -5.15 9.00 -9.64
C VAL B 7 -5.12 7.75 -10.53
N LYS B 8 -4.32 7.79 -11.58
CA LYS B 8 -4.16 6.64 -12.43
C LYS B 8 -3.24 5.61 -11.79
N ILE B 9 -3.83 4.49 -11.40
CA ILE B 9 -3.07 3.35 -10.93
C ILE B 9 -2.40 2.70 -12.12
N PRO B 10 -1.07 2.44 -12.04
CA PRO B 10 -0.28 1.88 -13.14
C PRO B 10 -1.01 0.78 -13.89
N GLU B 11 -1.26 1.01 -15.17
CA GLU B 11 -2.00 0.07 -15.99
C GLU B 11 -1.16 -1.16 -16.29
N GLU B 12 0.13 -1.03 -16.04
CA GLU B 12 1.04 -2.18 -16.05
C GLU B 12 0.68 -3.14 -14.94
N LEU B 13 0.17 -2.60 -13.83
CA LEU B 13 -0.10 -3.39 -12.65
C LEU B 13 -1.59 -3.67 -12.49
N LYS B 14 -2.41 -3.13 -13.38
CA LYS B 14 -3.85 -3.39 -13.35
C LYS B 14 -4.18 -4.88 -13.54
N PRO B 15 -3.54 -5.57 -14.52
CA PRO B 15 -3.69 -7.02 -14.66
C PRO B 15 -3.39 -7.76 -13.35
N TRP B 16 -2.38 -7.26 -12.63
CA TRP B 16 -1.96 -7.86 -11.37
C TRP B 16 -3.00 -7.60 -10.28
N LEU B 17 -3.57 -6.40 -10.30
CA LEU B 17 -4.63 -6.04 -9.35
C LEU B 17 -5.84 -6.95 -9.53
N VAL B 18 -6.25 -7.12 -10.77
CA VAL B 18 -7.38 -7.98 -11.08
C VAL B 18 -7.04 -9.44 -10.79
N ASP B 19 -5.78 -9.80 -11.00
CA ASP B 19 -5.31 -11.16 -10.75
C ASP B 19 -5.42 -11.48 -9.26
N ASP B 20 -4.89 -10.59 -8.43
CA ASP B 20 -4.95 -10.75 -6.97
C ASP B 20 -6.41 -10.86 -6.51
N TRP B 21 -7.24 -9.94 -6.98
CA TRP B 21 -8.67 -9.96 -6.69
C TRP B 21 -9.30 -11.26 -7.16
N ASP B 22 -9.00 -11.66 -8.39
CA ASP B 22 -9.54 -12.88 -8.99
C ASP B 22 -9.19 -14.07 -8.11
N LEU B 23 -7.95 -14.12 -7.64
CA LEU B 23 -7.48 -15.20 -6.79
C LEU B 23 -8.31 -15.31 -5.50
N ILE B 24 -8.48 -14.18 -4.81
CA ILE B 24 -9.19 -14.17 -3.54
C ILE B 24 -10.66 -14.54 -3.70
N THR B 25 -11.34 -13.86 -4.62
CA THR B 25 -12.78 -13.97 -4.73
C THR B 25 -13.20 -15.12 -5.64
N ARG B 26 -12.74 -15.08 -6.88
CA ARG B 26 -13.17 -16.03 -7.90
C ARG B 26 -12.48 -17.38 -7.73
N GLN B 27 -11.17 -17.37 -7.54
CA GLN B 27 -10.39 -18.60 -7.43
C GLN B 27 -10.53 -19.20 -6.04
N LYS B 28 -10.96 -18.37 -5.08
CA LYS B 28 -11.16 -18.81 -3.69
C LYS B 28 -9.82 -19.18 -3.05
N GLN B 29 -8.77 -18.53 -3.50
CA GLN B 29 -7.43 -18.79 -3.02
C GLN B 29 -7.02 -17.74 -1.98
N LEU B 30 -6.28 -18.17 -0.98
CA LEU B 30 -5.83 -17.27 0.07
C LEU B 30 -4.31 -17.26 0.16
N PHE B 31 -3.78 -16.24 0.81
CA PHE B 31 -2.35 -16.09 0.96
C PHE B 31 -1.98 -16.31 2.43
N TYR B 32 -1.85 -17.57 2.81
CA TYR B 32 -1.49 -17.91 4.17
C TYR B 32 -0.06 -18.44 4.23
N LEU B 33 0.88 -17.52 4.27
CA LEU B 33 2.30 -17.83 4.32
C LEU B 33 3.09 -16.53 4.34
N PRO B 34 4.28 -16.53 4.98
CA PRO B 34 5.16 -15.38 4.98
C PRO B 34 6.09 -15.37 3.78
N ALA B 35 6.00 -14.33 2.97
CA ALA B 35 6.84 -14.19 1.79
C ALA B 35 8.20 -13.60 2.16
N LYS B 36 9.22 -13.94 1.39
CA LYS B 36 10.56 -13.42 1.62
C LYS B 36 10.74 -12.09 0.88
N LYS B 37 10.06 -11.98 -0.25
CA LYS B 37 10.00 -10.72 -0.98
C LYS B 37 8.89 -9.87 -0.39
N ASN B 38 9.23 -9.07 0.59
CA ASN B 38 8.24 -8.31 1.35
C ASN B 38 8.30 -6.82 1.02
N VAL B 39 7.25 -6.10 1.44
CA VAL B 39 7.08 -4.68 1.16
C VAL B 39 8.30 -3.87 1.60
N ASP B 40 8.65 -4.00 2.88
CA ASP B 40 9.75 -3.23 3.48
C ASP B 40 11.06 -3.43 2.71
N SER B 41 11.31 -4.64 2.25
CA SER B 41 12.52 -4.94 1.49
C SER B 41 12.50 -4.25 0.12
N ILE B 42 11.31 -4.17 -0.47
CA ILE B 42 11.16 -3.48 -1.75
C ILE B 42 11.29 -1.98 -1.55
N LEU B 43 10.74 -1.51 -0.44
CA LEU B 43 10.86 -0.10 -0.06
C LEU B 43 12.32 0.30 0.07
N GLU B 44 13.08 -0.49 0.82
CA GLU B 44 14.51 -0.27 0.98
C GLU B 44 15.23 -0.37 -0.36
N ASP B 45 14.85 -1.36 -1.16
CA ASP B 45 15.44 -1.54 -2.49
C ASP B 45 15.27 -0.29 -3.34
N TYR B 46 14.05 0.24 -3.37
CA TYR B 46 13.76 1.47 -4.09
C TYR B 46 14.53 2.65 -3.50
N ALA B 47 14.50 2.75 -2.16
CA ALA B 47 15.15 3.85 -1.47
C ALA B 47 16.63 3.93 -1.82
N ASN B 48 17.29 2.79 -1.81
CA ASN B 48 18.72 2.73 -2.13
C ASN B 48 18.95 2.92 -3.62
N TYR B 49 17.98 2.50 -4.43
CA TYR B 49 18.08 2.63 -5.89
C TYR B 49 18.22 4.09 -6.32
N LYS B 50 17.43 4.97 -5.70
CA LYS B 50 17.48 6.39 -6.05
C LYS B 50 18.78 7.02 -5.59
N LYS B 51 19.44 6.38 -4.63
CA LYS B 51 20.68 6.88 -4.06
C LYS B 51 21.88 6.37 -4.85
N SER B 52 21.78 5.16 -5.38
CA SER B 52 22.89 4.55 -6.11
C SER B 52 23.08 5.22 -7.47
N ARG B 53 21.99 5.71 -8.05
CA ARG B 53 22.06 6.36 -9.36
C ARG B 53 22.69 7.74 -9.22
N GLY B 54 22.39 8.41 -8.12
CA GLY B 54 22.94 9.73 -7.86
C GLY B 54 23.09 9.98 -6.39
N ASN B 55 24.30 9.78 -5.88
CA ASN B 55 24.58 9.93 -4.45
C ASN B 55 24.42 11.38 -4.03
N THR B 56 23.37 11.63 -3.25
CA THR B 56 23.04 12.97 -2.80
C THR B 56 22.65 12.96 -1.32
N ASP B 57 22.71 14.13 -0.70
CA ASP B 57 22.29 14.27 0.70
C ASP B 57 20.83 14.72 0.73
N ASN B 58 20.53 15.67 -0.15
CA ASN B 58 19.26 16.38 -0.13
C ASN B 58 18.10 15.49 -0.55
N LYS B 59 18.37 14.59 -1.49
CA LYS B 59 17.34 13.68 -1.96
C LYS B 59 17.38 12.37 -1.16
N GLU B 60 18.49 12.15 -0.45
CA GLU B 60 18.67 10.91 0.32
C GLU B 60 17.59 10.78 1.38
N TYR B 61 17.50 11.77 2.26
CA TYR B 61 16.51 11.73 3.33
C TYR B 61 15.11 11.86 2.75
N ALA B 62 15.00 12.57 1.63
CA ALA B 62 13.73 12.75 0.95
C ALA B 62 13.12 11.40 0.58
N VAL B 63 13.88 10.60 -0.16
CA VAL B 63 13.44 9.25 -0.50
C VAL B 63 13.20 8.44 0.77
N ASN B 64 14.14 8.58 1.70
CA ASN B 64 14.13 7.82 2.95
C ASN B 64 12.82 7.99 3.71
N GLU B 65 12.42 9.24 3.97
CA GLU B 65 11.24 9.47 4.78
C GLU B 65 9.96 9.27 3.97
N VAL B 66 9.98 9.52 2.66
CA VAL B 66 8.82 9.21 1.84
C VAL B 66 8.54 7.70 1.87
N VAL B 67 9.61 6.92 1.84
CA VAL B 67 9.51 5.48 1.98
C VAL B 67 8.94 5.11 3.36
N ALA B 68 9.41 5.81 4.38
CA ALA B 68 8.89 5.63 5.73
C ALA B 68 7.41 6.01 5.78
N GLY B 69 7.05 7.01 4.98
CA GLY B 69 5.66 7.41 4.86
C GLY B 69 4.80 6.31 4.30
N ILE B 70 5.28 5.68 3.22
CA ILE B 70 4.58 4.54 2.62
C ILE B 70 4.47 3.41 3.64
N LYS B 71 5.53 3.23 4.42
CA LYS B 71 5.56 2.23 5.49
C LYS B 71 4.40 2.45 6.47
N GLU B 72 4.32 3.66 7.03
CA GLU B 72 3.29 3.99 8.01
C GLU B 72 1.91 4.03 7.37
N TYR B 73 1.84 4.53 6.14
CA TYR B 73 0.59 4.56 5.40
C TYR B 73 0.07 3.14 5.18
N PHE B 74 0.99 2.22 4.93
CA PHE B 74 0.64 0.81 4.75
C PHE B 74 0.18 0.20 6.06
N ASN B 75 0.88 0.56 7.14
CA ASN B 75 0.56 0.04 8.47
C ASN B 75 -0.82 0.46 8.95
N VAL B 76 -1.24 1.67 8.60
CA VAL B 76 -2.52 2.20 9.06
C VAL B 76 -3.69 1.68 8.21
N MET B 77 -3.38 0.97 7.12
CA MET B 77 -4.43 0.50 6.23
C MET B 77 -4.42 -1.03 6.05
N LEU B 78 -3.26 -1.65 6.24
CA LEU B 78 -3.06 -3.07 5.87
C LEU B 78 -4.19 -3.98 6.36
N GLY B 79 -4.40 -4.03 7.67
CA GLY B 79 -5.32 -5.01 8.23
C GLY B 79 -6.76 -4.54 8.22
N THR B 80 -6.99 -3.30 7.84
CA THR B 80 -8.31 -2.71 7.92
C THR B 80 -8.88 -2.31 6.57
N GLN B 81 -8.08 -1.61 5.77
CA GLN B 81 -8.56 -1.00 4.54
C GLN B 81 -8.03 -1.72 3.31
N LEU B 82 -7.03 -2.58 3.51
CA LEU B 82 -6.38 -3.25 2.40
C LEU B 82 -6.60 -4.76 2.48
N LEU B 83 -7.59 -5.19 3.23
CA LEU B 83 -7.81 -6.61 3.45
C LEU B 83 -9.23 -7.02 3.06
N TYR B 84 -9.36 -8.22 2.52
CA TYR B 84 -10.67 -8.79 2.23
C TYR B 84 -11.20 -9.50 3.47
N LYS B 85 -12.51 -9.66 3.53
CA LYS B 85 -13.15 -10.35 4.65
C LYS B 85 -12.78 -11.84 4.64
N PHE B 86 -12.33 -12.32 3.49
CA PHE B 86 -11.93 -13.71 3.35
C PHE B 86 -10.48 -13.89 3.83
N GLU B 87 -9.77 -12.78 4.00
CA GLU B 87 -8.39 -12.82 4.45
C GLU B 87 -8.31 -12.67 5.96
N ARG B 88 -9.46 -12.51 6.60
CA ARG B 88 -9.51 -12.43 8.05
C ARG B 88 -8.97 -13.70 8.73
N PRO B 89 -9.38 -14.91 8.28
CA PRO B 89 -8.84 -16.18 8.81
C PRO B 89 -7.32 -16.25 8.72
N GLN B 90 -6.78 -15.99 7.53
CA GLN B 90 -5.33 -16.06 7.32
C GLN B 90 -4.60 -14.99 8.12
N TYR B 91 -5.24 -13.84 8.30
CA TYR B 91 -4.67 -12.76 9.10
C TYR B 91 -4.42 -13.23 10.53
N ALA B 92 -5.47 -13.75 11.16
CA ALA B 92 -5.36 -14.23 12.54
C ALA B 92 -4.40 -15.41 12.63
N GLU B 93 -4.39 -16.22 11.58
CA GLU B 93 -3.54 -17.41 11.54
C GLU B 93 -2.06 -17.01 11.49
N ILE B 94 -1.69 -16.20 10.51
CA ILE B 94 -0.31 -15.74 10.37
C ILE B 94 0.11 -14.92 11.58
N LEU B 95 -0.79 -14.06 12.06
CA LEU B 95 -0.52 -13.22 13.21
C LEU B 95 -0.21 -14.06 14.45
N ALA B 96 -0.92 -15.16 14.61
CA ALA B 96 -0.72 -16.04 15.77
C ALA B 96 0.52 -16.91 15.59
N ASP B 97 0.70 -17.47 14.40
CA ASP B 97 1.82 -18.37 14.14
C ASP B 97 3.14 -17.62 14.10
N HIS B 98 3.11 -16.40 13.58
CA HIS B 98 4.31 -15.55 13.54
C HIS B 98 4.00 -14.19 14.16
N PRO B 99 3.91 -14.11 15.50
CA PRO B 99 3.58 -12.86 16.19
C PRO B 99 4.80 -11.95 16.31
N ASP B 100 5.91 -12.39 15.75
CA ASP B 100 7.15 -11.63 15.79
C ASP B 100 7.35 -10.88 14.47
N ALA B 101 6.78 -11.42 13.41
CA ALA B 101 6.97 -10.88 12.06
C ALA B 101 5.93 -9.82 11.73
N PRO B 102 6.36 -8.71 11.11
CA PRO B 102 5.46 -7.64 10.69
C PRO B 102 4.62 -8.04 9.47
N MET B 103 3.45 -7.44 9.35
CA MET B 103 2.54 -7.77 8.27
C MET B 103 3.03 -7.22 6.93
N SER B 104 3.83 -6.17 7.01
CA SER B 104 4.47 -5.61 5.82
C SER B 104 5.48 -6.60 5.24
N GLN B 105 5.81 -7.63 6.02
CA GLN B 105 6.76 -8.63 5.58
C GLN B 105 6.05 -9.89 5.10
N VAL B 106 5.21 -10.46 5.95
CA VAL B 106 4.58 -11.74 5.67
C VAL B 106 3.69 -11.71 4.42
N TYR B 107 3.03 -10.59 4.17
CA TYR B 107 2.05 -10.52 3.07
C TYR B 107 2.70 -10.21 1.74
N GLY B 108 4.02 -10.04 1.75
CA GLY B 108 4.78 -9.90 0.51
C GLY B 108 4.38 -8.70 -0.34
N ALA B 109 4.80 -8.75 -1.60
CA ALA B 109 4.56 -7.67 -2.56
C ALA B 109 3.08 -7.53 -2.98
N PRO B 110 2.35 -8.64 -3.27
CA PRO B 110 0.95 -8.56 -3.77
C PRO B 110 0.06 -7.60 -2.99
N HIS B 111 0.25 -7.54 -1.68
CA HIS B 111 -0.61 -6.73 -0.82
C HIS B 111 -0.19 -5.26 -0.84
N LEU B 112 0.99 -4.97 -1.39
CA LEU B 112 1.51 -3.59 -1.43
C LEU B 112 0.65 -2.73 -2.36
N LEU B 113 0.32 -3.26 -3.53
CA LEU B 113 -0.43 -2.53 -4.54
C LEU B 113 -1.77 -2.01 -4.03
N ARG B 114 -2.32 -2.70 -3.04
CA ARG B 114 -3.62 -2.36 -2.51
C ARG B 114 -3.61 -0.99 -1.83
N LEU B 115 -2.45 -0.61 -1.30
CA LEU B 115 -2.29 0.65 -0.58
C LEU B 115 -2.68 1.82 -1.48
N PHE B 116 -2.14 1.83 -2.69
CA PHE B 116 -2.34 2.95 -3.61
C PHE B 116 -3.77 3.01 -4.12
N VAL B 117 -4.46 1.88 -4.08
CA VAL B 117 -5.83 1.81 -4.55
C VAL B 117 -6.79 2.48 -3.56
N ARG B 118 -6.49 2.34 -2.27
CA ARG B 118 -7.37 2.89 -1.24
C ARG B 118 -6.92 4.27 -0.78
N ILE B 119 -5.62 4.54 -0.88
CA ILE B 119 -5.07 5.80 -0.43
C ILE B 119 -5.65 6.97 -1.23
N GLY B 120 -5.90 6.75 -2.51
CA GLY B 120 -6.45 7.79 -3.35
C GLY B 120 -7.86 8.18 -2.95
N ALA B 121 -8.57 7.25 -2.34
CA ALA B 121 -9.93 7.49 -1.90
C ALA B 121 -9.95 8.24 -0.57
N MET B 122 -9.07 7.85 0.33
CA MET B 122 -9.03 8.46 1.66
C MET B 122 -8.44 9.87 1.58
N LEU B 123 -7.56 10.08 0.61
CA LEU B 123 -6.95 11.40 0.41
C LEU B 123 -7.92 12.33 -0.32
N ALA B 124 -9.06 11.79 -0.74
CA ALA B 124 -10.10 12.62 -1.35
C ALA B 124 -10.91 13.31 -0.27
N TYR B 125 -10.88 12.76 0.94
CA TYR B 125 -11.57 13.35 2.08
C TYR B 125 -10.64 14.30 2.83
N THR B 126 -9.36 14.23 2.51
CA THR B 126 -8.38 15.13 3.07
C THR B 126 -7.64 15.83 1.92
N PRO B 127 -8.30 16.83 1.31
CA PRO B 127 -7.81 17.45 0.08
C PRO B 127 -6.86 18.62 0.33
N LEU B 128 -5.58 18.37 0.12
CA LEU B 128 -4.58 19.43 0.08
C LEU B 128 -4.59 20.09 -1.29
N ASP B 129 -3.69 21.03 -1.53
CA ASP B 129 -3.63 21.66 -2.83
C ASP B 129 -3.02 20.75 -3.86
N GLU B 130 -3.11 21.16 -5.11
CA GLU B 130 -2.63 20.36 -6.22
C GLU B 130 -1.11 20.20 -6.15
N LYS B 131 -0.42 21.18 -5.59
CA LYS B 131 1.03 21.19 -5.62
C LYS B 131 1.62 20.20 -4.62
N SER B 132 1.14 20.23 -3.38
CA SER B 132 1.60 19.30 -2.37
C SER B 132 1.23 17.88 -2.76
N LEU B 133 0.01 17.72 -3.26
CA LEU B 133 -0.47 16.42 -3.70
C LEU B 133 0.36 15.94 -4.89
N ALA B 134 0.72 16.86 -5.77
CA ALA B 134 1.53 16.55 -6.94
C ALA B 134 2.87 15.96 -6.55
N LEU B 135 3.53 16.52 -5.53
CA LEU B 135 4.83 16.00 -5.10
C LEU B 135 4.64 14.61 -4.51
N LEU B 136 3.57 14.43 -3.75
CA LEU B 136 3.24 13.13 -3.18
C LEU B 136 3.03 12.11 -4.30
N LEU B 137 2.12 12.42 -5.21
CA LEU B 137 1.81 11.52 -6.33
C LEU B 137 3.03 11.31 -7.21
N ASN B 138 3.87 12.33 -7.29
CA ASN B 138 5.11 12.26 -8.05
C ASN B 138 5.98 11.11 -7.57
N TYR B 139 6.30 11.11 -6.29
CA TYR B 139 7.15 10.07 -5.72
C TYR B 139 6.40 8.74 -5.63
N LEU B 140 5.09 8.78 -5.45
CA LEU B 140 4.29 7.57 -5.42
C LEU B 140 4.27 6.90 -6.80
N HIS B 141 4.06 7.70 -7.85
CA HIS B 141 4.06 7.19 -9.22
C HIS B 141 5.45 6.74 -9.61
N ASP B 142 6.47 7.45 -9.13
CA ASP B 142 7.85 7.09 -9.40
C ASP B 142 8.15 5.70 -8.82
N PHE B 143 7.71 5.49 -7.57
CA PHE B 143 7.85 4.21 -6.91
C PHE B 143 7.09 3.12 -7.69
N LEU B 144 5.85 3.43 -8.07
CA LEU B 144 5.02 2.50 -8.83
C LEU B 144 5.64 2.16 -10.19
N LYS B 145 6.31 3.15 -10.77
CA LYS B 145 7.03 2.96 -12.02
C LYS B 145 8.11 1.90 -11.85
N TYR B 146 8.92 2.06 -10.80
CA TYR B 146 9.98 1.10 -10.50
C TYR B 146 9.37 -0.24 -10.09
N LEU B 147 8.26 -0.16 -9.37
CA LEU B 147 7.57 -1.35 -8.88
C LEU B 147 7.12 -2.22 -10.06
N ALA B 148 6.47 -1.59 -11.03
CA ALA B 148 6.01 -2.29 -12.22
C ALA B 148 7.18 -2.79 -13.06
N LYS B 149 8.27 -2.03 -13.06
CA LYS B 149 9.46 -2.37 -13.82
C LYS B 149 10.04 -3.72 -13.39
N ASN B 150 10.11 -3.93 -12.08
CA ASN B 150 10.74 -5.11 -11.53
C ASN B 150 9.69 -6.15 -11.12
N SER B 151 8.44 -5.86 -11.47
CA SER B 151 7.29 -6.64 -11.02
C SER B 151 7.38 -8.13 -11.39
N ALA B 152 7.99 -8.43 -12.52
CA ALA B 152 8.15 -9.81 -12.99
C ALA B 152 8.81 -10.68 -11.92
N THR B 153 9.81 -10.12 -11.26
CA THR B 153 10.52 -10.84 -10.21
C THR B 153 10.15 -10.28 -8.83
N LEU B 154 9.10 -9.47 -8.82
CA LEU B 154 8.68 -8.77 -7.61
C LEU B 154 7.45 -9.44 -7.01
N PHE B 155 6.41 -9.56 -7.81
CA PHE B 155 5.15 -10.11 -7.35
C PHE B 155 5.08 -11.60 -7.59
N SER B 156 4.63 -12.33 -6.59
CA SER B 156 4.41 -13.76 -6.72
C SER B 156 3.02 -14.12 -6.25
N ALA B 157 2.04 -13.96 -7.13
CA ALA B 157 0.66 -14.27 -6.82
C ALA B 157 0.42 -15.77 -6.83
N SER B 158 1.41 -16.51 -7.31
CA SER B 158 1.29 -17.96 -7.45
C SER B 158 1.34 -18.66 -6.09
N ASP B 159 1.61 -17.89 -5.03
CA ASP B 159 1.63 -18.44 -3.67
C ASP B 159 0.23 -18.56 -3.12
N TYR B 160 -0.73 -17.90 -3.77
CA TYR B 160 -2.12 -18.00 -3.37
C TYR B 160 -2.64 -19.41 -3.61
N GLU B 161 -3.03 -20.07 -2.53
CA GLU B 161 -3.49 -21.45 -2.60
C GLU B 161 -4.98 -21.49 -2.29
N VAL B 162 -5.70 -22.37 -2.99
CA VAL B 162 -7.15 -22.46 -2.83
C VAL B 162 -7.51 -22.92 -1.41
N ALA B 163 -8.32 -22.12 -0.74
CA ALA B 163 -8.72 -22.41 0.63
C ALA B 163 -9.72 -23.56 0.66
N PRO B 164 -9.35 -24.67 1.32
CA PRO B 164 -10.22 -25.85 1.46
C PRO B 164 -11.44 -25.58 2.34
N PRO B 165 -12.48 -26.42 2.23
CA PRO B 165 -13.73 -26.25 2.99
C PRO B 165 -13.50 -26.17 4.50
N GLU B 166 -12.56 -26.97 4.99
CA GLU B 166 -12.22 -26.98 6.41
C GLU B 166 -11.61 -25.64 6.84
N TYR B 167 -10.98 -24.95 5.90
CA TYR B 167 -10.39 -23.64 6.19
C TYR B 167 -11.47 -22.57 6.16
N HIS B 168 -12.47 -22.79 5.30
CA HIS B 168 -13.61 -21.88 5.19
C HIS B 168 -14.37 -21.79 6.50
N ARG B 169 -14.26 -22.84 7.30
CA ARG B 169 -14.90 -22.89 8.61
C ARG B 169 -14.44 -21.75 9.53
N LYS B 170 -13.33 -21.11 9.19
CA LYS B 170 -12.84 -19.97 9.97
C LYS B 170 -13.31 -18.65 9.37
N ALA B 171 -13.99 -18.72 8.24
CA ALA B 171 -14.48 -17.53 7.57
C ALA B 171 -15.98 -17.36 7.80
N VAL B 172 -16.64 -18.46 8.12
CA VAL B 172 -18.08 -18.43 8.38
C VAL B 172 -18.36 -18.11 9.85
N SER A 1 -5.56 7.19 19.91
CA SER A 1 -4.39 6.43 19.45
C SER A 1 -4.03 5.35 20.47
N ASN A 2 -3.04 4.53 20.14
CA ASN A 2 -2.62 3.45 21.03
C ASN A 2 -1.14 3.13 20.82
N ALA A 3 -0.82 2.52 19.69
CA ALA A 3 0.56 2.16 19.38
C ALA A 3 1.25 3.27 18.60
N GLY A 4 2.58 3.21 18.53
CA GLY A 4 3.35 4.18 17.78
C GLY A 4 3.55 5.49 18.53
N ARG A 5 4.59 6.21 18.17
CA ARG A 5 4.86 7.52 18.77
C ARG A 5 4.37 8.61 17.83
N GLN A 6 3.25 9.24 18.19
CA GLN A 6 2.60 10.25 17.36
C GLN A 6 2.11 9.63 16.06
N VAL A 7 1.65 10.46 15.14
CA VAL A 7 1.15 9.97 13.87
C VAL A 7 2.15 10.24 12.74
N PRO A 8 2.11 9.41 11.67
CA PRO A 8 3.02 9.55 10.52
C PRO A 8 2.97 10.94 9.90
N SER A 9 1.82 11.60 10.01
CA SER A 9 1.64 12.93 9.45
C SER A 9 2.50 13.96 10.19
N LYS A 10 2.85 13.66 11.43
CA LYS A 10 3.58 14.62 12.24
C LYS A 10 5.01 14.18 12.49
N VAL A 11 5.38 13.00 11.99
CA VAL A 11 6.74 12.50 12.17
C VAL A 11 7.50 12.48 10.84
N ILE A 12 6.82 12.12 9.77
CA ILE A 12 7.44 12.04 8.45
C ILE A 12 7.04 13.24 7.62
N TRP A 13 5.73 13.40 7.48
CA TRP A 13 5.18 14.42 6.63
C TRP A 13 5.52 15.80 7.13
N ASP A 14 5.91 15.91 8.39
CA ASP A 14 6.27 17.20 8.95
C ASP A 14 7.55 17.72 8.30
N HIS A 15 8.52 16.82 8.09
CA HIS A 15 9.75 17.16 7.39
C HIS A 15 9.42 17.44 5.93
N LEU A 16 8.60 16.56 5.35
CA LEU A 16 8.13 16.73 3.98
C LEU A 16 7.43 18.08 3.84
N SER A 17 6.79 18.51 4.91
CA SER A 17 6.04 19.75 4.93
C SER A 17 6.94 20.97 5.04
N THR A 18 7.91 20.92 5.93
CA THR A 18 8.74 22.09 6.21
C THR A 18 9.71 22.37 5.06
N MET A 19 10.06 21.34 4.28
CA MET A 19 10.87 21.56 3.08
C MET A 19 10.01 22.15 1.98
N TYR A 20 8.71 22.18 2.23
CA TYR A 20 7.72 22.63 1.27
C TYR A 20 6.88 23.72 1.92
N ASP A 21 5.63 23.43 2.22
CA ASP A 21 4.80 24.28 3.07
C ASP A 21 3.57 23.52 3.53
N MET A 22 3.66 22.20 3.42
CA MET A 22 2.57 21.32 3.78
C MET A 22 2.31 21.31 5.29
N GLN A 23 3.13 22.06 6.04
CA GLN A 23 2.94 22.17 7.48
C GLN A 23 1.51 22.60 7.79
N ALA A 24 1.09 23.68 7.13
CA ALA A 24 -0.27 24.16 7.22
C ALA A 24 -1.27 23.06 6.83
N LEU A 25 -0.89 22.27 5.83
CA LEU A 25 -1.77 21.25 5.29
C LEU A 25 -1.89 20.04 6.22
N HIS A 26 -0.79 19.63 6.86
CA HIS A 26 -0.85 18.45 7.74
C HIS A 26 -1.50 18.81 9.06
N GLU A 27 -1.57 20.09 9.38
CA GLU A 27 -2.35 20.54 10.52
C GLU A 27 -3.82 20.63 10.14
N SER A 28 -4.07 20.90 8.87
CA SER A 28 -5.42 20.90 8.33
C SER A 28 -5.97 19.48 8.29
N GLU A 29 -5.27 18.61 7.57
CA GLU A 29 -5.67 17.22 7.43
C GLU A 29 -4.66 16.32 8.13
N ILE A 30 -4.96 16.00 9.37
CA ILE A 30 -4.10 15.12 10.16
C ILE A 30 -4.46 13.67 9.90
N LEU A 31 -3.48 12.78 10.00
CA LEU A 31 -3.71 11.35 9.82
C LEU A 31 -3.51 10.59 11.14
N PRO A 32 -4.49 10.64 12.06
CA PRO A 32 -4.48 9.86 13.28
C PRO A 32 -5.44 8.67 13.22
N PHE A 33 -6.17 8.57 12.12
CA PHE A 33 -7.23 7.57 12.02
C PHE A 33 -6.69 6.21 11.59
N PRO A 34 -7.01 5.16 12.38
CA PRO A 34 -6.66 3.78 12.04
C PRO A 34 -7.45 3.25 10.84
N ASN A 35 -8.38 4.09 10.38
CA ASN A 35 -9.22 3.81 9.22
C ASN A 35 -10.39 2.90 9.60
N PRO A 36 -11.53 3.03 8.92
CA PRO A 36 -12.70 2.18 9.15
C PRO A 36 -12.50 0.79 8.56
N GLU A 37 -13.37 -0.14 8.94
CA GLU A 37 -13.27 -1.50 8.44
C GLU A 37 -13.99 -1.63 7.10
N ARG A 38 -13.21 -1.63 6.03
CA ARG A 38 -13.74 -1.78 4.69
C ARG A 38 -12.66 -2.34 3.78
N ASN A 39 -13.02 -3.30 2.94
CA ASN A 39 -12.04 -3.97 2.10
C ASN A 39 -11.63 -3.08 0.93
N PHE A 40 -10.54 -3.46 0.28
CA PHE A 40 -10.00 -2.71 -0.85
C PHE A 40 -11.07 -2.39 -1.89
N VAL A 41 -11.66 -3.45 -2.43
CA VAL A 41 -12.67 -3.33 -3.47
C VAL A 41 -12.09 -2.72 -4.75
N LEU A 42 -11.84 -3.56 -5.73
CA LEU A 42 -11.32 -3.12 -7.01
C LEU A 42 -12.44 -2.51 -7.83
N PRO A 43 -12.31 -1.22 -8.21
CA PRO A 43 -13.29 -0.53 -9.05
C PRO A 43 -13.56 -1.30 -10.34
N GLU A 44 -14.84 -1.58 -10.58
CA GLU A 44 -15.26 -2.40 -11.71
C GLU A 44 -14.84 -1.77 -13.04
N GLU A 45 -14.65 -0.46 -13.05
CA GLU A 45 -14.29 0.24 -14.27
C GLU A 45 -12.90 -0.16 -14.73
N ILE A 46 -12.05 -0.48 -13.76
CA ILE A 46 -10.70 -0.95 -14.04
C ILE A 46 -10.77 -2.42 -14.46
N ILE A 47 -11.60 -3.18 -13.77
CA ILE A 47 -11.78 -4.60 -14.06
C ILE A 47 -12.25 -4.79 -15.50
N GLN A 48 -13.30 -4.07 -15.86
CA GLN A 48 -13.84 -4.11 -17.22
C GLN A 48 -12.78 -3.65 -18.22
N GLU A 49 -12.20 -2.48 -17.95
CA GLU A 49 -11.21 -1.88 -18.85
C GLU A 49 -10.10 -2.87 -19.21
N VAL A 50 -9.55 -3.52 -18.20
CA VAL A 50 -8.47 -4.49 -18.39
C VAL A 50 -8.93 -5.70 -19.18
N ARG A 51 -10.06 -6.28 -18.76
CA ARG A 51 -10.51 -7.54 -19.32
C ARG A 51 -11.14 -7.37 -20.71
N GLU A 52 -11.56 -6.16 -21.05
CA GLU A 52 -12.07 -5.89 -22.38
C GLU A 52 -10.94 -5.45 -23.30
N GLY A 53 -10.14 -4.51 -22.83
CA GLY A 53 -9.00 -4.04 -23.61
C GLY A 53 -9.32 -2.77 -24.38
N LYS A 54 -10.53 -2.26 -24.21
CA LYS A 54 -10.97 -1.08 -24.92
C LYS A 54 -11.87 -0.23 -24.03
N SER B 1 -20.64 9.39 -6.75
CA SER B 1 -19.28 9.95 -6.53
C SER B 1 -19.26 10.88 -5.33
N ASN B 2 -18.08 11.14 -4.80
CA ASN B 2 -17.92 12.06 -3.68
C ASN B 2 -16.80 13.05 -3.99
N ALA B 3 -15.62 12.51 -4.29
CA ALA B 3 -14.43 13.32 -4.59
C ALA B 3 -13.24 12.41 -4.87
N GLU B 4 -13.50 11.33 -5.57
CA GLU B 4 -12.48 10.32 -5.85
C GLU B 4 -11.33 10.88 -6.66
N VAL B 5 -10.14 10.83 -6.10
CA VAL B 5 -8.94 11.16 -6.83
C VAL B 5 -8.53 9.97 -7.68
N LYS B 6 -8.66 10.10 -8.99
CA LYS B 6 -8.42 8.99 -9.89
C LYS B 6 -6.93 8.78 -10.12
N VAL B 7 -6.34 7.95 -9.28
CA VAL B 7 -4.93 7.62 -9.40
C VAL B 7 -4.69 6.79 -10.66
N LYS B 8 -4.01 7.39 -11.62
CA LYS B 8 -3.70 6.72 -12.87
C LYS B 8 -2.69 5.61 -12.65
N ILE B 9 -3.18 4.38 -12.58
CA ILE B 9 -2.34 3.21 -12.40
C ILE B 9 -1.75 2.78 -13.73
N PRO B 10 -0.44 2.46 -13.76
CA PRO B 10 0.23 1.96 -14.96
C PRO B 10 -0.54 0.81 -15.60
N GLU B 11 -0.67 0.86 -16.91
CA GLU B 11 -1.50 -0.07 -17.65
C GLU B 11 -1.01 -1.51 -17.50
N GLU B 12 0.30 -1.67 -17.35
CA GLU B 12 0.91 -2.99 -17.18
C GLU B 12 0.70 -3.51 -15.76
N LEU B 13 0.25 -2.64 -14.87
CA LEU B 13 0.04 -3.01 -13.47
C LEU B 13 -1.44 -3.21 -13.17
N LYS B 14 -2.28 -2.78 -14.11
CA LYS B 14 -3.72 -2.94 -13.98
C LYS B 14 -4.12 -4.42 -13.88
N PRO B 15 -3.58 -5.31 -14.75
CA PRO B 15 -3.83 -6.76 -14.67
C PRO B 15 -3.52 -7.33 -13.29
N TRP B 16 -2.49 -6.78 -12.62
CA TRP B 16 -2.12 -7.24 -11.29
C TRP B 16 -3.25 -7.01 -10.31
N LEU B 17 -3.96 -5.90 -10.50
CA LEU B 17 -5.08 -5.56 -9.64
C LEU B 17 -6.25 -6.50 -9.89
N VAL B 18 -6.61 -6.66 -11.16
CA VAL B 18 -7.73 -7.52 -11.53
C VAL B 18 -7.43 -8.97 -11.20
N ASP B 19 -6.17 -9.37 -11.34
CA ASP B 19 -5.75 -10.72 -10.98
C ASP B 19 -5.94 -10.97 -9.49
N ASP B 20 -5.46 -10.04 -8.67
CA ASP B 20 -5.59 -10.12 -7.22
C ASP B 20 -7.04 -10.26 -6.81
N TRP B 21 -7.86 -9.33 -7.31
CA TRP B 21 -9.28 -9.32 -7.04
C TRP B 21 -9.91 -10.65 -7.42
N ASP B 22 -9.57 -11.15 -8.61
CA ASP B 22 -10.07 -12.43 -9.09
C ASP B 22 -9.64 -13.57 -8.17
N LEU B 23 -8.37 -13.52 -7.75
CA LEU B 23 -7.81 -14.54 -6.88
C LEU B 23 -8.56 -14.63 -5.56
N ILE B 24 -8.84 -13.49 -4.95
CA ILE B 24 -9.48 -13.48 -3.64
C ILE B 24 -10.99 -13.73 -3.74
N THR B 25 -11.69 -12.93 -4.55
CA THR B 25 -13.15 -12.98 -4.57
C THR B 25 -13.68 -14.18 -5.33
N ARG B 26 -13.06 -14.48 -6.46
CA ARG B 26 -13.55 -15.54 -7.33
C ARG B 26 -12.88 -16.88 -7.01
N GLN B 27 -11.55 -16.89 -6.94
CA GLN B 27 -10.80 -18.13 -6.73
C GLN B 27 -10.71 -18.48 -5.24
N LYS B 28 -10.77 -17.45 -4.40
CA LYS B 28 -10.55 -17.59 -2.97
C LYS B 28 -9.16 -18.17 -2.67
N GLN B 29 -8.18 -17.72 -3.45
CA GLN B 29 -6.80 -18.07 -3.19
C GLN B 29 -6.24 -17.12 -2.13
N LEU B 30 -6.25 -17.59 -0.90
CA LEU B 30 -5.90 -16.76 0.22
C LEU B 30 -4.39 -16.68 0.40
N PHE B 31 -3.91 -15.48 0.66
CA PHE B 31 -2.51 -15.26 0.92
C PHE B 31 -2.22 -15.48 2.39
N TYR B 32 -2.04 -16.74 2.78
CA TYR B 32 -1.73 -17.07 4.16
C TYR B 32 -0.29 -17.56 4.30
N LEU B 33 0.61 -16.60 4.39
CA LEU B 33 2.04 -16.86 4.50
C LEU B 33 2.79 -15.53 4.60
N PRO B 34 3.96 -15.53 5.24
CA PRO B 34 4.80 -14.32 5.28
C PRO B 34 5.63 -14.16 4.00
N ALA B 35 5.31 -13.12 3.24
CA ALA B 35 6.00 -12.84 1.99
C ALA B 35 7.51 -12.80 2.15
N LYS B 36 8.20 -13.50 1.27
CA LYS B 36 9.65 -13.58 1.33
C LYS B 36 10.27 -12.22 1.01
N LYS B 37 9.80 -11.61 -0.06
CA LYS B 37 10.23 -10.27 -0.42
C LYS B 37 9.19 -9.27 0.08
N ASN B 38 9.40 -8.79 1.30
CA ASN B 38 8.41 -8.00 2.00
C ASN B 38 8.41 -6.54 1.56
N VAL B 39 7.46 -5.78 2.11
CA VAL B 39 7.29 -4.36 1.78
C VAL B 39 8.55 -3.57 2.10
N ASP B 40 9.14 -3.83 3.25
CA ASP B 40 10.30 -3.06 3.72
C ASP B 40 11.49 -3.28 2.81
N SER B 41 11.65 -4.52 2.36
CA SER B 41 12.73 -4.88 1.46
C SER B 41 12.57 -4.18 0.11
N ILE B 42 11.32 -4.02 -0.32
CA ILE B 42 11.04 -3.31 -1.57
C ILE B 42 11.35 -1.83 -1.41
N LEU B 43 10.96 -1.29 -0.27
CA LEU B 43 11.21 0.10 0.05
C LEU B 43 12.72 0.36 0.15
N GLU B 44 13.42 -0.57 0.79
CA GLU B 44 14.87 -0.51 0.88
C GLU B 44 15.48 -0.63 -0.52
N ASP B 45 14.94 -1.55 -1.31
CA ASP B 45 15.35 -1.74 -2.70
C ASP B 45 15.21 -0.45 -3.49
N TYR B 46 14.10 0.24 -3.28
CA TYR B 46 13.87 1.52 -3.93
C TYR B 46 14.88 2.56 -3.48
N ALA B 47 15.14 2.60 -2.18
CA ALA B 47 16.14 3.51 -1.63
C ALA B 47 17.50 3.23 -2.24
N ASN B 48 17.89 1.97 -2.27
CA ASN B 48 19.17 1.56 -2.85
C ASN B 48 19.21 1.92 -4.33
N TYR B 49 18.11 1.68 -5.04
CA TYR B 49 18.01 1.96 -6.47
C TYR B 49 18.44 3.39 -6.79
N LYS B 50 18.01 4.33 -5.97
CA LYS B 50 18.30 5.74 -6.19
C LYS B 50 19.72 6.08 -5.73
N LYS B 51 20.16 5.44 -4.65
CA LYS B 51 21.44 5.78 -4.03
C LYS B 51 22.61 5.07 -4.72
N SER B 52 22.36 3.87 -5.25
CA SER B 52 23.39 3.12 -5.96
C SER B 52 23.74 3.78 -7.29
N ARG B 53 22.99 4.82 -7.63
CA ARG B 53 23.30 5.64 -8.80
C ARG B 53 24.56 6.45 -8.52
N GLY B 54 24.91 6.57 -7.24
CA GLY B 54 26.12 7.26 -6.87
C GLY B 54 25.90 8.74 -6.64
N ASN B 55 24.73 9.23 -7.04
CA ASN B 55 24.40 10.63 -6.92
C ASN B 55 22.94 10.83 -6.53
N THR B 56 22.72 11.10 -5.25
CA THR B 56 21.40 11.43 -4.74
C THR B 56 21.53 12.21 -3.43
N ASP B 57 21.92 13.47 -3.56
CA ASP B 57 22.17 14.33 -2.40
C ASP B 57 20.88 14.84 -1.80
N ASN B 58 20.14 15.60 -2.58
CA ASN B 58 18.89 16.19 -2.13
C ASN B 58 17.82 15.12 -1.99
N LYS B 59 18.01 14.01 -2.69
CA LYS B 59 17.08 12.89 -2.59
C LYS B 59 17.33 12.04 -1.36
N GLU B 60 18.34 12.41 -0.56
CA GLU B 60 18.65 11.68 0.67
C GLU B 60 17.41 11.59 1.57
N TYR B 61 17.00 12.73 2.11
CA TYR B 61 15.84 12.77 3.00
C TYR B 61 14.56 12.47 2.22
N ALA B 62 14.51 12.91 0.96
CA ALA B 62 13.36 12.69 0.12
C ALA B 62 13.02 11.21 0.02
N VAL B 63 13.99 10.41 -0.45
CA VAL B 63 13.78 8.98 -0.60
C VAL B 63 13.54 8.33 0.76
N ASN B 64 14.42 8.63 1.71
CA ASN B 64 14.38 8.01 3.04
C ASN B 64 13.01 8.15 3.68
N GLU B 65 12.47 9.36 3.68
CA GLU B 65 11.23 9.64 4.38
C GLU B 65 10.01 9.19 3.59
N VAL B 66 10.06 9.29 2.26
CA VAL B 66 8.98 8.76 1.44
C VAL B 66 8.89 7.24 1.61
N VAL B 67 10.04 6.60 1.70
CA VAL B 67 10.12 5.17 1.98
C VAL B 67 9.47 4.85 3.32
N ALA B 68 9.82 5.61 4.35
CA ALA B 68 9.23 5.44 5.68
C ALA B 68 7.74 5.74 5.65
N GLY B 69 7.37 6.72 4.83
CA GLY B 69 5.97 7.10 4.70
C GLY B 69 5.12 5.99 4.13
N ILE B 70 5.60 5.35 3.06
CA ILE B 70 4.90 4.23 2.46
C ILE B 70 4.77 3.09 3.46
N LYS B 71 5.84 2.88 4.22
CA LYS B 71 5.85 1.89 5.29
C LYS B 71 4.69 2.13 6.25
N GLU B 72 4.62 3.34 6.79
CA GLU B 72 3.58 3.69 7.74
C GLU B 72 2.20 3.68 7.08
N TYR B 73 2.10 4.22 5.88
CA TYR B 73 0.82 4.27 5.17
C TYR B 73 0.25 2.87 4.95
N PHE B 74 1.13 1.92 4.63
CA PHE B 74 0.71 0.53 4.48
C PHE B 74 0.29 -0.02 5.83
N ASN B 75 0.99 0.38 6.87
CA ASN B 75 0.75 -0.13 8.22
C ASN B 75 -0.54 0.43 8.83
N VAL B 76 -0.79 1.73 8.64
CA VAL B 76 -1.93 2.40 9.27
C VAL B 76 -3.27 1.79 8.84
N MET B 77 -3.43 1.52 7.55
CA MET B 77 -4.72 1.07 7.04
C MET B 77 -4.69 -0.37 6.58
N LEU B 78 -3.70 -1.12 7.06
CA LEU B 78 -3.51 -2.50 6.62
C LEU B 78 -4.70 -3.39 7.00
N GLY B 79 -4.96 -3.51 8.29
CA GLY B 79 -5.97 -4.45 8.76
C GLY B 79 -7.39 -3.94 8.64
N THR B 80 -7.52 -2.68 8.25
CA THR B 80 -8.83 -2.04 8.20
C THR B 80 -9.29 -1.79 6.75
N GLN B 81 -8.38 -1.32 5.91
CA GLN B 81 -8.73 -0.92 4.55
C GLN B 81 -8.03 -1.78 3.49
N LEU B 82 -6.77 -2.09 3.71
CA LEU B 82 -5.97 -2.79 2.71
C LEU B 82 -6.08 -4.31 2.86
N LEU B 83 -6.96 -4.75 3.74
CA LEU B 83 -7.13 -6.17 4.00
C LEU B 83 -8.51 -6.62 3.56
N TYR B 84 -8.58 -7.83 3.00
CA TYR B 84 -9.87 -8.42 2.68
C TYR B 84 -10.42 -9.12 3.92
N LYS B 85 -11.74 -9.18 4.07
CA LYS B 85 -12.32 -9.83 5.23
C LYS B 85 -12.02 -11.32 5.19
N PHE B 86 -11.75 -11.81 3.99
CA PHE B 86 -11.37 -13.21 3.78
C PHE B 86 -9.97 -13.47 4.38
N GLU B 87 -9.23 -12.40 4.63
CA GLU B 87 -7.86 -12.51 5.15
C GLU B 87 -7.82 -12.34 6.66
N ARG B 88 -8.96 -12.06 7.27
CA ARG B 88 -9.02 -11.91 8.73
C ARG B 88 -8.56 -13.17 9.47
N PRO B 89 -9.03 -14.38 9.08
CA PRO B 89 -8.53 -15.63 9.67
C PRO B 89 -7.03 -15.79 9.45
N GLN B 90 -6.57 -15.31 8.30
CA GLN B 90 -5.17 -15.35 7.94
C GLN B 90 -4.35 -14.46 8.87
N TYR B 91 -4.84 -13.24 9.09
CA TYR B 91 -4.20 -12.30 10.01
C TYR B 91 -3.99 -12.94 11.37
N ALA B 92 -5.06 -13.50 11.93
CA ALA B 92 -5.00 -14.14 13.23
C ALA B 92 -4.05 -15.33 13.23
N GLU B 93 -4.11 -16.11 12.15
CA GLU B 93 -3.31 -17.33 12.05
C GLU B 93 -1.83 -17.02 11.91
N ILE B 94 -1.49 -16.12 10.99
CA ILE B 94 -0.11 -15.73 10.76
C ILE B 94 0.48 -15.07 12.01
N LEU B 95 -0.32 -14.20 12.63
CA LEU B 95 0.10 -13.48 13.82
C LEU B 95 0.37 -14.43 14.98
N ALA B 96 -0.43 -15.48 15.08
CA ALA B 96 -0.26 -16.46 16.14
C ALA B 96 0.88 -17.42 15.83
N ASP B 97 0.93 -17.87 14.59
CA ASP B 97 1.95 -18.83 14.16
C ASP B 97 3.34 -18.20 14.17
N HIS B 98 3.46 -16.99 13.65
CA HIS B 98 4.73 -16.28 13.61
C HIS B 98 4.68 -15.09 14.55
N PRO B 99 5.11 -15.27 15.80
CA PRO B 99 5.04 -14.23 16.83
C PRO B 99 6.05 -13.11 16.61
N ASP B 100 7.02 -13.34 15.77
CA ASP B 100 8.08 -12.37 15.53
C ASP B 100 7.98 -11.78 14.13
N ALA B 101 6.84 -11.99 13.47
CA ALA B 101 6.64 -11.49 12.13
C ALA B 101 5.71 -10.28 12.14
N PRO B 102 6.23 -9.10 11.75
CA PRO B 102 5.43 -7.88 11.66
C PRO B 102 4.43 -7.96 10.50
N MET B 103 3.23 -7.43 10.72
CA MET B 103 2.18 -7.48 9.70
C MET B 103 2.59 -6.72 8.45
N SER B 104 3.33 -5.64 8.63
CA SER B 104 3.80 -4.82 7.52
C SER B 104 4.77 -5.60 6.62
N GLN B 105 5.24 -6.75 7.10
CA GLN B 105 6.17 -7.57 6.35
C GLN B 105 5.45 -8.66 5.55
N VAL B 106 4.58 -9.38 6.24
CA VAL B 106 4.04 -10.64 5.72
C VAL B 106 3.24 -10.49 4.42
N TYR B 107 2.70 -9.30 4.15
CA TYR B 107 1.88 -9.11 2.96
C TYR B 107 2.72 -8.79 1.72
N GLY B 108 3.92 -8.28 1.97
CA GLY B 108 4.92 -8.11 0.91
C GLY B 108 4.46 -7.32 -0.30
N ALA B 109 5.05 -7.65 -1.43
CA ALA B 109 4.85 -6.93 -2.69
C ALA B 109 3.41 -6.93 -3.18
N PRO B 110 2.75 -8.12 -3.32
CA PRO B 110 1.40 -8.21 -3.87
C PRO B 110 0.43 -7.18 -3.26
N HIS B 111 0.29 -7.22 -1.94
CA HIS B 111 -0.69 -6.36 -1.28
C HIS B 111 -0.25 -4.89 -1.25
N LEU B 112 1.04 -4.65 -1.45
CA LEU B 112 1.58 -3.28 -1.44
C LEU B 112 0.94 -2.45 -2.56
N LEU B 113 0.84 -3.05 -3.74
CA LEU B 113 0.36 -2.36 -4.93
C LEU B 113 -1.06 -1.83 -4.74
N ARG B 114 -1.83 -2.48 -3.88
CA ARG B 114 -3.24 -2.13 -3.69
C ARG B 114 -3.38 -0.82 -2.91
N LEU B 115 -2.31 -0.44 -2.21
CA LEU B 115 -2.28 0.80 -1.44
C LEU B 115 -2.51 1.99 -2.37
N PHE B 116 -1.81 1.98 -3.50
CA PHE B 116 -1.78 3.10 -4.43
C PHE B 116 -3.16 3.40 -5.00
N VAL B 117 -3.98 2.38 -5.13
CA VAL B 117 -5.31 2.53 -5.71
C VAL B 117 -6.30 3.04 -4.65
N ARG B 118 -6.21 2.48 -3.46
CA ARG B 118 -7.17 2.81 -2.42
C ARG B 118 -6.78 4.09 -1.67
N ILE B 119 -5.51 4.47 -1.74
CA ILE B 119 -5.05 5.69 -1.08
C ILE B 119 -5.71 6.92 -1.72
N GLY B 120 -5.98 6.84 -3.02
CA GLY B 120 -6.67 7.93 -3.70
C GLY B 120 -8.11 8.03 -3.26
N ALA B 121 -8.67 6.90 -2.83
CA ALA B 121 -10.02 6.86 -2.31
C ALA B 121 -10.05 7.40 -0.88
N MET B 122 -8.97 7.17 -0.17
CA MET B 122 -8.85 7.61 1.21
C MET B 122 -8.65 9.12 1.27
N LEU B 123 -7.86 9.63 0.33
CA LEU B 123 -7.63 11.06 0.23
C LEU B 123 -8.86 11.77 -0.34
N ALA B 124 -9.84 10.98 -0.74
CA ALA B 124 -11.13 11.51 -1.15
C ALA B 124 -11.99 11.80 0.07
N TYR B 125 -11.64 11.16 1.18
CA TYR B 125 -12.31 11.40 2.45
C TYR B 125 -11.65 12.58 3.15
N THR B 126 -10.32 12.55 3.20
CA THR B 126 -9.55 13.64 3.79
C THR B 126 -8.86 14.45 2.69
N PRO B 127 -9.47 15.57 2.26
CA PRO B 127 -8.97 16.38 1.16
C PRO B 127 -7.79 17.26 1.54
N LEU B 128 -6.61 16.89 1.06
CA LEU B 128 -5.42 17.72 1.22
C LEU B 128 -5.30 18.70 0.05
N ASP B 129 -4.22 19.45 0.00
CA ASP B 129 -4.00 20.44 -1.05
C ASP B 129 -3.58 19.76 -2.34
N GLU B 130 -3.66 20.50 -3.45
CA GLU B 130 -3.15 20.03 -4.73
C GLU B 130 -1.68 19.70 -4.59
N LYS B 131 -0.97 20.58 -3.89
CA LYS B 131 0.47 20.45 -3.68
C LYS B 131 0.79 19.13 -2.98
N SER B 132 0.00 18.80 -1.96
CA SER B 132 0.20 17.57 -1.21
C SER B 132 -0.12 16.36 -2.07
N LEU B 133 -1.23 16.44 -2.77
CA LEU B 133 -1.67 15.36 -3.64
C LEU B 133 -0.61 15.10 -4.71
N ALA B 134 -0.15 16.16 -5.35
CA ALA B 134 0.85 16.05 -6.41
C ALA B 134 2.16 15.49 -5.89
N LEU B 135 2.56 15.89 -4.68
CA LEU B 135 3.79 15.39 -4.08
C LEU B 135 3.74 13.87 -3.92
N LEU B 136 2.73 13.40 -3.21
CA LEU B 136 2.56 11.97 -2.98
C LEU B 136 2.38 11.23 -4.30
N LEU B 137 1.52 11.76 -5.15
CA LEU B 137 1.20 11.12 -6.43
C LEU B 137 2.45 10.98 -7.28
N ASN B 138 3.31 11.99 -7.24
CA ASN B 138 4.56 11.98 -7.99
C ASN B 138 5.49 10.87 -7.49
N TYR B 139 5.71 10.84 -6.18
CA TYR B 139 6.60 9.84 -5.60
C TYR B 139 6.01 8.44 -5.73
N LEU B 140 4.69 8.32 -5.56
CA LEU B 140 4.01 7.05 -5.74
C LEU B 140 4.21 6.54 -7.17
N HIS B 141 4.11 7.44 -8.13
CA HIS B 141 4.27 7.06 -9.54
C HIS B 141 5.70 6.65 -9.84
N ASP B 142 6.66 7.30 -9.19
CA ASP B 142 8.05 6.93 -9.39
C ASP B 142 8.30 5.52 -8.85
N PHE B 143 7.71 5.25 -7.70
CA PHE B 143 7.82 3.95 -7.08
C PHE B 143 7.07 2.89 -7.92
N LEU B 144 5.96 3.31 -8.52
CA LEU B 144 5.20 2.45 -9.43
C LEU B 144 6.07 2.03 -10.61
N LYS B 145 6.88 2.97 -11.11
CA LYS B 145 7.82 2.68 -12.19
C LYS B 145 8.82 1.63 -11.73
N TYR B 146 9.30 1.78 -10.50
CA TYR B 146 10.23 0.81 -9.94
C TYR B 146 9.57 -0.56 -9.80
N LEU B 147 8.33 -0.57 -9.34
CA LEU B 147 7.56 -1.80 -9.17
C LEU B 147 7.42 -2.52 -10.49
N ALA B 148 7.26 -1.76 -11.57
CA ALA B 148 7.13 -2.32 -12.90
C ALA B 148 8.45 -2.92 -13.37
N LYS B 149 9.54 -2.19 -13.10
CA LYS B 149 10.87 -2.56 -13.58
C LYS B 149 11.36 -3.86 -12.96
N ASN B 150 11.31 -3.95 -11.64
CA ASN B 150 11.81 -5.15 -10.96
C ASN B 150 10.67 -6.07 -10.55
N SER B 151 9.58 -6.02 -11.30
CA SER B 151 8.37 -6.77 -10.98
C SER B 151 8.63 -8.28 -10.92
N ALA B 152 9.70 -8.73 -11.57
CA ALA B 152 10.04 -10.16 -11.60
C ALA B 152 10.20 -10.73 -10.19
N THR B 153 10.84 -9.97 -9.32
CA THR B 153 11.09 -10.42 -7.95
C THR B 153 10.08 -9.77 -7.00
N LEU B 154 9.02 -9.21 -7.56
CA LEU B 154 7.98 -8.55 -6.78
C LEU B 154 6.64 -9.26 -6.93
N PHE B 155 6.10 -9.24 -8.13
CA PHE B 155 4.76 -9.75 -8.36
C PHE B 155 4.79 -11.24 -8.71
N SER B 156 4.42 -12.05 -7.73
CA SER B 156 4.29 -13.47 -7.92
C SER B 156 3.09 -13.99 -7.13
N ALA B 157 1.98 -14.20 -7.82
CA ALA B 157 0.75 -14.64 -7.18
C ALA B 157 0.80 -16.12 -6.82
N SER B 158 1.96 -16.72 -6.98
CA SER B 158 2.15 -18.14 -6.67
C SER B 158 2.05 -18.39 -5.17
N ASP B 159 2.07 -17.32 -4.39
CA ASP B 159 1.92 -17.42 -2.95
C ASP B 159 0.45 -17.38 -2.54
N TYR B 160 -0.42 -17.01 -3.47
CA TYR B 160 -1.86 -17.06 -3.23
C TYR B 160 -2.35 -18.49 -3.43
N GLU B 161 -2.71 -19.16 -2.36
CA GLU B 161 -3.11 -20.55 -2.44
C GLU B 161 -4.61 -20.70 -2.22
N VAL B 162 -5.24 -21.55 -3.04
CA VAL B 162 -6.66 -21.85 -2.90
C VAL B 162 -6.97 -22.31 -1.49
N ALA B 163 -7.72 -21.49 -0.75
CA ALA B 163 -8.07 -21.81 0.62
C ALA B 163 -9.21 -22.82 0.64
N PRO B 164 -8.98 -23.99 1.25
CA PRO B 164 -9.97 -25.07 1.34
C PRO B 164 -11.26 -24.59 2.00
N PRO B 165 -12.42 -25.16 1.58
CA PRO B 165 -13.73 -24.77 2.10
C PRO B 165 -13.82 -24.88 3.63
N GLU B 166 -13.11 -25.86 4.18
CA GLU B 166 -13.09 -26.06 5.63
C GLU B 166 -12.32 -24.94 6.33
N TYR B 167 -11.47 -24.25 5.59
CA TYR B 167 -10.72 -23.11 6.13
C TYR B 167 -11.63 -21.88 6.14
N HIS B 168 -12.59 -21.88 5.22
CA HIS B 168 -13.53 -20.76 5.07
C HIS B 168 -14.38 -20.58 6.31
N ARG B 169 -14.56 -21.65 7.09
CA ARG B 169 -15.38 -21.60 8.30
C ARG B 169 -14.92 -20.48 9.24
N LYS B 170 -13.63 -20.18 9.20
CA LYS B 170 -13.06 -19.15 10.08
C LYS B 170 -13.29 -17.75 9.52
N ALA B 171 -13.66 -17.68 8.24
CA ALA B 171 -13.83 -16.41 7.57
C ALA B 171 -15.29 -15.97 7.60
N VAL B 172 -15.70 -15.41 8.72
CA VAL B 172 -17.06 -14.91 8.89
C VAL B 172 -17.04 -13.44 9.28
N SER A 1 1.55 19.95 29.46
CA SER A 1 0.71 18.76 29.17
C SER A 1 1.61 17.54 28.96
N ASN A 2 1.01 16.35 29.03
CA ASN A 2 1.77 15.12 28.91
C ASN A 2 1.52 14.46 27.57
N ALA A 3 0.57 15.00 26.81
CA ALA A 3 0.23 14.43 25.51
C ALA A 3 -0.33 15.50 24.59
N GLY A 4 0.30 15.66 23.44
CA GLY A 4 -0.19 16.58 22.44
C GLY A 4 -0.25 15.92 21.07
N ARG A 5 0.88 15.88 20.39
CA ARG A 5 0.98 15.20 19.12
C ARG A 5 1.94 14.02 19.22
N GLN A 6 1.39 12.84 19.44
CA GLN A 6 2.19 11.62 19.55
C GLN A 6 2.01 10.75 18.31
N VAL A 7 1.17 11.23 17.40
CA VAL A 7 0.88 10.51 16.17
C VAL A 7 2.10 10.47 15.26
N PRO A 8 2.27 9.36 14.52
CA PRO A 8 3.42 9.16 13.62
C PRO A 8 3.37 10.07 12.39
N SER A 9 2.51 11.07 12.43
CA SER A 9 2.40 12.04 11.35
C SER A 9 3.61 12.98 11.39
N LYS A 10 4.04 13.34 12.59
CA LYS A 10 5.17 14.26 12.74
C LYS A 10 6.49 13.52 12.86
N VAL A 11 6.86 12.84 11.78
CA VAL A 11 8.17 12.25 11.64
C VAL A 11 8.51 12.12 10.16
N ILE A 12 7.66 11.39 9.44
CA ILE A 12 7.76 11.29 7.99
C ILE A 12 7.32 12.60 7.35
N TRP A 13 6.13 13.02 7.69
CA TRP A 13 5.55 14.22 7.10
C TRP A 13 6.06 15.45 7.82
N ASP A 14 6.83 15.22 8.88
CA ASP A 14 7.50 16.30 9.59
C ASP A 14 8.55 16.92 8.65
N HIS A 15 9.37 16.06 8.07
CA HIS A 15 10.35 16.50 7.09
C HIS A 15 9.65 16.90 5.81
N LEU A 16 8.72 16.06 5.36
CA LEU A 16 7.96 16.32 4.14
C LEU A 16 7.33 17.70 4.18
N SER A 17 6.97 18.18 5.36
CA SER A 17 6.32 19.47 5.49
C SER A 17 7.33 20.60 5.58
N THR A 18 8.37 20.43 6.39
CA THR A 18 9.34 21.52 6.60
C THR A 18 10.14 21.80 5.32
N MET A 19 10.20 20.84 4.42
CA MET A 19 10.93 21.03 3.17
C MET A 19 10.02 21.67 2.11
N TYR A 20 8.75 21.83 2.45
CA TYR A 20 7.76 22.28 1.49
C TYR A 20 6.96 23.46 2.04
N ASP A 21 7.25 23.83 3.28
CA ASP A 21 6.41 24.77 4.04
C ASP A 21 5.00 24.21 4.17
N MET A 22 4.91 22.90 4.03
CA MET A 22 3.66 22.17 4.17
C MET A 22 3.26 22.10 5.64
N GLN A 23 4.14 22.62 6.49
CA GLN A 23 3.92 22.67 7.92
C GLN A 23 2.56 23.31 8.19
N ALA A 24 2.35 24.47 7.61
CA ALA A 24 1.12 25.23 7.75
C ALA A 24 -0.10 24.34 7.52
N LEU A 25 -0.05 23.58 6.43
CA LEU A 25 -1.18 22.78 6.01
C LEU A 25 -1.35 21.55 6.90
N HIS A 26 -0.27 21.13 7.55
CA HIS A 26 -0.35 20.00 8.48
C HIS A 26 -0.69 20.45 9.89
N GLU A 27 -0.35 21.68 10.22
CA GLU A 27 -0.73 22.27 11.49
C GLU A 27 -2.24 22.43 11.50
N SER A 28 -2.80 22.71 10.34
CA SER A 28 -4.24 22.70 10.16
C SER A 28 -4.76 21.27 10.03
N GLU A 29 -4.22 20.54 9.07
CA GLU A 29 -4.70 19.21 8.76
C GLU A 29 -3.63 18.15 9.04
N ILE A 30 -3.71 17.57 10.23
CA ILE A 30 -2.85 16.46 10.59
C ILE A 30 -3.40 15.16 9.98
N LEU A 31 -2.61 14.10 9.97
CA LEU A 31 -3.06 12.80 9.47
C LEU A 31 -3.64 11.97 10.60
N PRO A 32 -4.97 11.96 10.76
CA PRO A 32 -5.65 11.28 11.86
C PRO A 32 -6.39 10.01 11.45
N PHE A 33 -6.17 9.57 10.19
CA PHE A 33 -7.00 8.56 9.52
C PHE A 33 -7.58 7.50 10.45
N PRO A 34 -8.87 7.63 10.79
CA PRO A 34 -9.60 6.67 11.59
C PRO A 34 -10.33 5.67 10.69
N ASN A 35 -9.60 5.22 9.67
CA ASN A 35 -10.17 4.36 8.64
C ASN A 35 -10.82 3.12 9.23
N PRO A 36 -12.14 2.94 9.01
CA PRO A 36 -12.87 1.78 9.52
C PRO A 36 -12.52 0.50 8.79
N GLU A 37 -12.95 -0.63 9.35
CA GLU A 37 -12.74 -1.92 8.72
C GLU A 37 -13.63 -2.07 7.49
N ARG A 38 -13.00 -2.06 6.34
CA ARG A 38 -13.69 -2.13 5.07
C ARG A 38 -13.08 -3.22 4.21
N ASN A 39 -13.83 -3.70 3.23
CA ASN A 39 -13.32 -4.73 2.33
C ASN A 39 -12.57 -4.09 1.19
N PHE A 40 -11.55 -4.77 0.68
CA PHE A 40 -10.84 -4.29 -0.48
C PHE A 40 -11.68 -4.50 -1.74
N VAL A 41 -12.44 -3.48 -2.10
CA VAL A 41 -13.18 -3.52 -3.34
C VAL A 41 -12.38 -2.86 -4.45
N LEU A 42 -11.99 -3.66 -5.43
CA LEU A 42 -11.22 -3.16 -6.55
C LEU A 42 -12.14 -2.40 -7.50
N PRO A 43 -11.72 -1.21 -7.94
CA PRO A 43 -12.51 -0.35 -8.83
C PRO A 43 -13.01 -1.11 -10.07
N GLU A 44 -14.33 -1.18 -10.20
CA GLU A 44 -14.97 -1.93 -11.29
C GLU A 44 -14.52 -1.44 -12.67
N GLU A 45 -14.16 -0.16 -12.77
CA GLU A 45 -13.76 0.41 -14.05
C GLU A 45 -12.46 -0.22 -14.51
N ILE A 46 -11.60 -0.55 -13.55
CA ILE A 46 -10.33 -1.19 -13.83
C ILE A 46 -10.54 -2.65 -14.17
N ILE A 47 -11.40 -3.31 -13.39
CA ILE A 47 -11.75 -4.71 -13.63
C ILE A 47 -12.26 -4.89 -15.06
N GLN A 48 -13.20 -4.05 -15.45
CA GLN A 48 -13.79 -4.11 -16.79
C GLN A 48 -12.78 -3.71 -17.86
N GLU A 49 -11.93 -2.73 -17.54
CA GLU A 49 -10.94 -2.24 -18.49
C GLU A 49 -9.88 -3.31 -18.76
N VAL A 50 -9.57 -4.11 -17.74
CA VAL A 50 -8.61 -5.19 -17.89
C VAL A 50 -9.22 -6.40 -18.58
N ARG A 51 -10.32 -6.89 -18.03
CA ARG A 51 -10.94 -8.11 -18.51
C ARG A 51 -11.45 -7.96 -19.94
N GLU A 52 -12.35 -7.01 -20.16
CA GLU A 52 -12.90 -6.80 -21.49
C GLU A 52 -11.94 -5.98 -22.34
N GLY A 53 -11.57 -4.80 -21.84
CA GLY A 53 -10.67 -3.94 -22.57
C GLY A 53 -11.21 -3.54 -23.94
N LYS A 54 -12.53 -3.41 -24.02
CA LYS A 54 -13.19 -3.11 -25.28
C LYS A 54 -13.24 -1.61 -25.51
N SER B 1 -14.41 23.36 -5.80
CA SER B 1 -13.98 22.33 -6.77
C SER B 1 -13.71 21.03 -6.03
N ASN B 2 -14.00 19.90 -6.67
CA ASN B 2 -13.75 18.61 -6.05
C ASN B 2 -12.60 17.91 -6.77
N ALA B 3 -11.53 17.66 -6.05
CA ALA B 3 -10.37 16.99 -6.60
C ALA B 3 -10.47 15.49 -6.36
N GLU B 4 -10.89 14.76 -7.39
CA GLU B 4 -10.96 13.32 -7.30
C GLU B 4 -9.56 12.73 -7.44
N VAL B 5 -8.89 12.58 -6.31
CA VAL B 5 -7.52 12.09 -6.28
C VAL B 5 -7.49 10.57 -6.43
N LYS B 6 -7.87 10.08 -7.59
CA LYS B 6 -7.80 8.66 -7.87
C LYS B 6 -6.54 8.36 -8.65
N VAL B 7 -5.77 7.41 -8.14
CA VAL B 7 -4.48 7.07 -8.72
C VAL B 7 -4.64 6.25 -9.99
N LYS B 8 -4.14 6.78 -11.09
CA LYS B 8 -4.20 6.09 -12.36
C LYS B 8 -3.03 5.11 -12.47
N ILE B 9 -3.34 3.84 -12.38
CA ILE B 9 -2.34 2.78 -12.42
C ILE B 9 -1.91 2.52 -13.86
N PRO B 10 -0.59 2.35 -14.09
CA PRO B 10 -0.06 2.01 -15.42
C PRO B 10 -0.67 0.73 -15.96
N GLU B 11 -0.72 0.62 -17.28
CA GLU B 11 -1.36 -0.51 -17.96
C GLU B 11 -0.68 -1.84 -17.62
N GLU B 12 0.54 -1.76 -17.10
CA GLU B 12 1.32 -2.95 -16.74
C GLU B 12 0.80 -3.59 -15.47
N LEU B 13 0.36 -2.78 -14.52
CA LEU B 13 0.03 -3.28 -13.19
C LEU B 13 -1.47 -3.57 -13.05
N LYS B 14 -2.26 -3.03 -13.97
CA LYS B 14 -3.71 -3.26 -13.95
C LYS B 14 -4.05 -4.75 -14.04
N PRO B 15 -3.46 -5.52 -14.97
CA PRO B 15 -3.66 -6.98 -15.04
C PRO B 15 -3.37 -7.66 -13.72
N TRP B 16 -2.33 -7.21 -13.01
CA TRP B 16 -1.97 -7.78 -11.73
C TRP B 16 -2.98 -7.42 -10.66
N LEU B 17 -3.54 -6.23 -10.74
CA LEU B 17 -4.59 -5.80 -9.82
C LEU B 17 -5.76 -6.78 -9.88
N VAL B 18 -6.27 -7.00 -11.08
CA VAL B 18 -7.41 -7.88 -11.28
C VAL B 18 -7.00 -9.35 -11.05
N ASP B 19 -5.75 -9.67 -11.34
CA ASP B 19 -5.24 -11.03 -11.15
C ASP B 19 -5.28 -11.40 -9.68
N ASP B 20 -4.71 -10.55 -8.84
CA ASP B 20 -4.71 -10.73 -7.38
C ASP B 20 -6.15 -10.77 -6.85
N TRP B 21 -6.95 -9.82 -7.30
CA TRP B 21 -8.37 -9.78 -6.93
C TRP B 21 -9.07 -11.09 -7.29
N ASP B 22 -8.77 -11.61 -8.48
CA ASP B 22 -9.38 -12.85 -8.96
C ASP B 22 -8.88 -14.05 -8.15
N LEU B 23 -7.60 -14.03 -7.79
CA LEU B 23 -7.03 -15.09 -6.96
C LEU B 23 -7.74 -15.17 -5.62
N ILE B 24 -8.13 -14.02 -5.08
CA ILE B 24 -8.85 -13.98 -3.81
C ILE B 24 -10.32 -14.35 -3.98
N THR B 25 -10.98 -13.70 -4.92
CA THR B 25 -12.43 -13.84 -5.08
C THR B 25 -12.82 -15.18 -5.69
N ARG B 26 -12.16 -15.55 -6.78
CA ARG B 26 -12.54 -16.73 -7.53
C ARG B 26 -11.82 -17.97 -7.01
N GLN B 27 -10.49 -17.96 -7.08
CA GLN B 27 -9.71 -19.11 -6.67
C GLN B 27 -9.63 -19.22 -5.16
N LYS B 28 -9.89 -18.10 -4.49
CA LYS B 28 -9.91 -18.05 -3.02
C LYS B 28 -8.59 -18.53 -2.43
N GLN B 29 -7.50 -18.04 -3.00
CA GLN B 29 -6.17 -18.34 -2.50
C GLN B 29 -5.69 -17.20 -1.60
N LEU B 30 -5.31 -17.52 -0.38
CA LEU B 30 -4.93 -16.49 0.58
C LEU B 30 -3.43 -16.50 0.82
N PHE B 31 -2.93 -15.42 1.37
CA PHE B 31 -1.52 -15.29 1.64
C PHE B 31 -1.25 -15.46 3.13
N TYR B 32 -1.15 -16.71 3.58
CA TYR B 32 -0.81 -16.99 4.97
C TYR B 32 0.47 -17.79 5.04
N LEU B 33 1.59 -17.06 4.96
CA LEU B 33 2.92 -17.63 4.99
C LEU B 33 3.93 -16.50 4.87
N PRO B 34 5.17 -16.69 5.35
CA PRO B 34 6.20 -15.68 5.23
C PRO B 34 6.62 -15.47 3.77
N ALA B 35 6.27 -14.32 3.22
CA ALA B 35 6.48 -14.03 1.80
C ALA B 35 7.95 -14.07 1.42
N LYS B 36 8.22 -14.53 0.21
CA LYS B 36 9.57 -14.54 -0.33
C LYS B 36 9.88 -13.20 -0.98
N LYS B 37 8.84 -12.51 -1.43
CA LYS B 37 8.96 -11.13 -1.87
C LYS B 37 7.90 -10.29 -1.20
N ASN B 38 8.33 -9.55 -0.19
CA ASN B 38 7.43 -8.75 0.62
C ASN B 38 7.51 -7.27 0.25
N VAL B 39 6.49 -6.52 0.65
CA VAL B 39 6.41 -5.10 0.40
C VAL B 39 7.60 -4.36 0.98
N ASP B 40 7.95 -4.74 2.21
CA ASP B 40 9.03 -4.09 2.95
C ASP B 40 10.35 -4.15 2.18
N SER B 41 10.67 -5.33 1.65
CA SER B 41 11.89 -5.52 0.89
C SER B 41 11.86 -4.69 -0.39
N ILE B 42 10.68 -4.59 -1.01
CA ILE B 42 10.52 -3.79 -2.22
C ILE B 42 10.76 -2.30 -1.93
N LEU B 43 10.13 -1.81 -0.86
CA LEU B 43 10.30 -0.42 -0.44
C LEU B 43 11.76 -0.13 -0.15
N GLU B 44 12.40 -1.04 0.56
CA GLU B 44 13.82 -0.92 0.88
C GLU B 44 14.66 -0.92 -0.39
N ASP B 45 14.31 -1.82 -1.32
CA ASP B 45 14.99 -1.93 -2.60
C ASP B 45 14.90 -0.61 -3.36
N TYR B 46 13.71 -0.02 -3.37
CA TYR B 46 13.49 1.26 -4.00
C TYR B 46 14.31 2.36 -3.34
N ALA B 47 14.29 2.38 -2.00
CA ALA B 47 15.02 3.39 -1.25
C ALA B 47 16.50 3.34 -1.58
N ASN B 48 17.06 2.13 -1.60
CA ASN B 48 18.47 1.95 -1.90
C ASN B 48 18.76 2.32 -3.34
N TYR B 49 17.85 1.98 -4.24
CA TYR B 49 17.99 2.30 -5.67
C TYR B 49 18.15 3.80 -5.88
N LYS B 50 17.32 4.60 -5.22
CA LYS B 50 17.35 6.04 -5.39
C LYS B 50 18.63 6.63 -4.79
N LYS B 51 19.04 6.11 -3.64
CA LYS B 51 20.18 6.66 -2.91
C LYS B 51 21.51 6.30 -3.56
N SER B 52 21.58 5.12 -4.15
CA SER B 52 22.82 4.65 -4.78
C SER B 52 22.87 5.03 -6.26
N ARG B 53 21.91 5.84 -6.68
CA ARG B 53 21.83 6.27 -8.08
C ARG B 53 23.05 7.12 -8.43
N GLY B 54 23.59 7.82 -7.43
CA GLY B 54 24.76 8.64 -7.65
C GLY B 54 24.73 9.87 -6.76
N ASN B 55 24.46 11.02 -7.36
CA ASN B 55 24.35 12.26 -6.61
C ASN B 55 23.04 12.28 -5.83
N THR B 56 23.11 11.95 -4.56
CA THR B 56 21.97 11.95 -3.67
C THR B 56 22.41 12.32 -2.26
N ASP B 57 22.76 13.58 -2.09
CA ASP B 57 23.24 14.09 -0.81
C ASP B 57 22.07 14.41 0.13
N ASN B 58 21.55 15.61 0.03
CA ASN B 58 20.41 16.04 0.84
C ASN B 58 19.11 15.61 0.20
N LYS B 59 19.17 14.57 -0.63
CA LYS B 59 18.00 14.10 -1.35
C LYS B 59 17.54 12.75 -0.82
N GLU B 60 18.34 12.14 0.06
CA GLU B 60 18.05 10.80 0.54
C GLU B 60 16.87 10.77 1.50
N TYR B 61 16.77 11.81 2.33
CA TYR B 61 15.71 11.89 3.33
C TYR B 61 14.35 11.74 2.68
N ALA B 62 14.15 12.40 1.54
CA ALA B 62 12.89 12.36 0.82
C ALA B 62 12.52 10.93 0.49
N VAL B 63 13.45 10.19 -0.08
CA VAL B 63 13.23 8.79 -0.40
C VAL B 63 12.87 8.02 0.86
N ASN B 64 13.62 8.27 1.92
CA ASN B 64 13.46 7.56 3.17
C ASN B 64 12.08 7.78 3.78
N GLU B 65 11.66 9.03 3.87
CA GLU B 65 10.38 9.36 4.50
C GLU B 65 9.20 9.03 3.58
N VAL B 66 9.43 9.02 2.27
CA VAL B 66 8.41 8.53 1.35
C VAL B 66 8.22 7.03 1.51
N VAL B 67 9.34 6.30 1.51
CA VAL B 67 9.31 4.86 1.74
C VAL B 67 8.69 4.52 3.09
N ALA B 68 9.18 5.19 4.14
CA ALA B 68 8.64 5.00 5.48
C ALA B 68 7.20 5.47 5.57
N GLY B 69 6.88 6.50 4.80
CA GLY B 69 5.53 7.01 4.74
C GLY B 69 4.58 6.00 4.15
N ILE B 70 4.98 5.41 3.04
CA ILE B 70 4.21 4.33 2.41
C ILE B 70 4.04 3.19 3.40
N LYS B 71 5.09 2.90 4.15
CA LYS B 71 5.06 1.86 5.17
C LYS B 71 3.97 2.18 6.20
N GLU B 72 4.01 3.39 6.74
CA GLU B 72 3.04 3.82 7.75
C GLU B 72 1.63 3.87 7.18
N TYR B 73 1.51 4.35 5.94
CA TYR B 73 0.22 4.38 5.26
C TYR B 73 -0.31 2.98 5.06
N PHE B 74 0.57 2.04 4.78
CA PHE B 74 0.20 0.64 4.65
C PHE B 74 -0.18 0.08 6.02
N ASN B 75 0.53 0.51 7.05
CA ASN B 75 0.29 0.05 8.42
C ASN B 75 -1.08 0.48 8.93
N VAL B 76 -1.56 1.65 8.48
CA VAL B 76 -2.87 2.14 8.91
C VAL B 76 -3.96 1.68 7.93
N MET B 77 -3.54 1.09 6.81
CA MET B 77 -4.49 0.72 5.75
C MET B 77 -4.76 -0.78 5.73
N LEU B 78 -3.72 -1.58 5.92
CA LEU B 78 -3.80 -3.04 5.73
C LEU B 78 -4.94 -3.66 6.54
N GLY B 79 -4.86 -3.53 7.86
CA GLY B 79 -5.83 -4.17 8.72
C GLY B 79 -7.19 -3.49 8.72
N THR B 80 -7.30 -2.35 8.05
CA THR B 80 -8.55 -1.63 8.05
C THR B 80 -9.31 -1.81 6.73
N GLN B 81 -8.70 -1.41 5.62
CA GLN B 81 -9.39 -1.43 4.33
C GLN B 81 -8.64 -2.29 3.30
N LEU B 82 -7.36 -2.47 3.52
CA LEU B 82 -6.50 -3.15 2.54
C LEU B 82 -6.59 -4.68 2.70
N LEU B 83 -7.75 -5.15 3.14
CA LEU B 83 -7.91 -6.56 3.44
C LEU B 83 -9.35 -7.01 3.18
N TYR B 84 -9.51 -8.07 2.40
CA TYR B 84 -10.83 -8.65 2.16
C TYR B 84 -11.33 -9.36 3.41
N LYS B 85 -12.64 -9.54 3.52
CA LYS B 85 -13.23 -10.19 4.68
C LYS B 85 -12.80 -11.66 4.75
N PHE B 86 -12.46 -12.23 3.59
CA PHE B 86 -12.06 -13.64 3.52
C PHE B 86 -10.67 -13.84 4.11
N GLU B 87 -9.82 -12.82 4.01
CA GLU B 87 -8.45 -12.92 4.52
C GLU B 87 -8.34 -12.28 5.91
N ARG B 88 -9.50 -11.96 6.49
CA ARG B 88 -9.55 -11.43 7.86
C ARG B 88 -9.16 -12.51 8.88
N PRO B 89 -9.76 -13.73 8.82
CA PRO B 89 -9.33 -14.85 9.66
C PRO B 89 -7.89 -15.23 9.39
N GLN B 90 -7.47 -14.99 8.15
CA GLN B 90 -6.08 -15.20 7.75
C GLN B 90 -5.17 -14.27 8.54
N TYR B 91 -5.50 -12.98 8.53
CA TYR B 91 -4.78 -11.98 9.30
C TYR B 91 -4.70 -12.37 10.77
N ALA B 92 -5.84 -12.76 11.33
CA ALA B 92 -5.92 -13.13 12.73
C ALA B 92 -5.03 -14.33 13.03
N GLU B 93 -5.01 -15.28 12.10
CA GLU B 93 -4.21 -16.48 12.26
C GLU B 93 -2.73 -16.17 12.15
N ILE B 94 -2.35 -15.50 11.07
CA ILE B 94 -0.95 -15.10 10.86
C ILE B 94 -0.44 -14.27 12.04
N LEU B 95 -1.26 -13.34 12.51
CA LEU B 95 -0.89 -12.45 13.60
C LEU B 95 -0.70 -13.20 14.91
N ALA B 96 -1.56 -14.20 15.16
CA ALA B 96 -1.47 -14.96 16.40
C ALA B 96 -0.40 -16.06 16.31
N ASP B 97 -0.29 -16.65 15.13
CA ASP B 97 0.65 -17.73 14.89
C ASP B 97 2.08 -17.20 14.80
N HIS B 98 2.22 -16.02 14.23
CA HIS B 98 3.51 -15.34 14.15
C HIS B 98 3.34 -13.90 14.63
N PRO B 99 3.34 -13.69 15.95
CA PRO B 99 3.05 -12.38 16.54
C PRO B 99 4.17 -11.37 16.35
N ASP B 100 5.28 -11.82 15.80
CA ASP B 100 6.45 -10.97 15.60
C ASP B 100 6.62 -10.63 14.12
N ALA B 101 5.77 -11.21 13.29
CA ALA B 101 5.87 -11.01 11.85
C ALA B 101 5.40 -9.62 11.43
N PRO B 102 6.25 -8.88 10.71
CA PRO B 102 5.89 -7.56 10.18
C PRO B 102 4.80 -7.65 9.11
N MET B 103 3.84 -6.75 9.18
CA MET B 103 2.70 -6.75 8.26
C MET B 103 3.17 -6.56 6.82
N SER B 104 4.20 -5.75 6.63
CA SER B 104 4.71 -5.46 5.30
C SER B 104 5.54 -6.64 4.76
N GLN B 105 5.70 -7.67 5.57
CA GLN B 105 6.48 -8.83 5.18
C GLN B 105 5.59 -10.02 4.82
N VAL B 106 4.81 -10.48 5.79
CA VAL B 106 4.12 -11.76 5.69
C VAL B 106 2.86 -11.70 4.82
N TYR B 107 2.70 -10.62 4.05
CA TYR B 107 1.54 -10.50 3.17
C TYR B 107 1.94 -10.34 1.70
N GLY B 108 3.25 -10.36 1.45
CA GLY B 108 3.73 -10.40 0.07
C GLY B 108 3.57 -9.10 -0.69
N ALA B 109 4.21 -9.03 -1.84
CA ALA B 109 4.18 -7.87 -2.72
C ALA B 109 2.78 -7.53 -3.27
N PRO B 110 1.99 -8.53 -3.74
CA PRO B 110 0.67 -8.29 -4.35
C PRO B 110 -0.23 -7.33 -3.53
N HIS B 111 -0.12 -7.40 -2.21
CA HIS B 111 -0.95 -6.56 -1.34
C HIS B 111 -0.55 -5.09 -1.43
N LEU B 112 0.62 -4.80 -1.98
CA LEU B 112 1.09 -3.42 -2.12
C LEU B 112 0.32 -2.69 -3.20
N LEU B 113 0.01 -3.39 -4.29
CA LEU B 113 -0.71 -2.78 -5.42
C LEU B 113 -2.09 -2.31 -4.99
N ARG B 114 -2.66 -2.99 -4.01
CA ARG B 114 -3.99 -2.67 -3.50
C ARG B 114 -3.99 -1.30 -2.82
N LEU B 115 -2.83 -0.90 -2.30
CA LEU B 115 -2.71 0.36 -1.57
C LEU B 115 -2.97 1.54 -2.49
N PHE B 116 -2.30 1.55 -3.64
CA PHE B 116 -2.36 2.68 -4.57
C PHE B 116 -3.79 2.95 -5.03
N VAL B 117 -4.53 1.89 -5.34
CA VAL B 117 -5.87 2.06 -5.90
C VAL B 117 -6.88 2.52 -4.85
N ARG B 118 -6.56 2.33 -3.57
CA ARG B 118 -7.51 2.65 -2.50
C ARG B 118 -7.05 3.81 -1.64
N ILE B 119 -5.76 4.11 -1.65
CA ILE B 119 -5.23 5.22 -0.85
C ILE B 119 -5.78 6.55 -1.36
N GLY B 120 -6.07 6.60 -2.65
CA GLY B 120 -6.60 7.80 -3.25
C GLY B 120 -8.00 8.12 -2.76
N ALA B 121 -8.71 7.11 -2.28
CA ALA B 121 -10.09 7.28 -1.83
C ALA B 121 -10.20 8.33 -0.74
N MET B 122 -9.46 8.13 0.34
CA MET B 122 -9.49 9.06 1.46
C MET B 122 -8.70 10.33 1.14
N LEU B 123 -7.75 10.23 0.21
CA LEU B 123 -6.97 11.38 -0.21
C LEU B 123 -7.81 12.34 -1.06
N ALA B 124 -8.89 11.82 -1.62
CA ALA B 124 -9.80 12.64 -2.41
C ALA B 124 -10.74 13.43 -1.51
N TYR B 125 -10.73 13.10 -0.22
CA TYR B 125 -11.58 13.79 0.75
C TYR B 125 -10.76 14.57 1.76
N THR B 126 -9.49 14.22 1.93
CA THR B 126 -8.63 14.94 2.85
C THR B 126 -8.29 16.32 2.27
N PRO B 127 -8.21 17.37 3.11
CA PRO B 127 -7.94 18.74 2.64
C PRO B 127 -6.53 18.93 2.11
N LEU B 128 -5.71 19.61 2.90
CA LEU B 128 -4.33 19.95 2.52
C LEU B 128 -4.32 20.80 1.25
N ASP B 129 -3.16 20.85 0.60
CA ASP B 129 -3.02 21.62 -0.63
C ASP B 129 -2.78 20.67 -1.80
N GLU B 130 -3.04 21.14 -3.01
CA GLU B 130 -2.96 20.29 -4.20
C GLU B 130 -1.54 19.78 -4.41
N LYS B 131 -0.59 20.71 -4.51
CA LYS B 131 0.79 20.35 -4.79
C LYS B 131 1.38 19.41 -3.74
N SER B 132 0.86 19.46 -2.53
CA SER B 132 1.24 18.52 -1.49
C SER B 132 0.82 17.10 -1.88
N LEU B 133 -0.45 16.96 -2.23
CA LEU B 133 -1.00 15.70 -2.72
C LEU B 133 -0.30 15.28 -4.01
N ALA B 134 -0.20 16.23 -4.92
CA ALA B 134 0.45 16.02 -6.21
C ALA B 134 1.89 15.51 -6.06
N LEU B 135 2.66 16.08 -5.15
CA LEU B 135 4.05 15.64 -4.97
C LEU B 135 4.07 14.24 -4.40
N LEU B 136 3.18 13.96 -3.45
CA LEU B 136 3.08 12.63 -2.88
C LEU B 136 2.71 11.62 -3.95
N LEU B 137 1.71 11.99 -4.76
CA LEU B 137 1.27 11.15 -5.86
C LEU B 137 2.37 11.04 -6.92
N ASN B 138 3.18 12.09 -7.04
CA ASN B 138 4.30 12.10 -7.97
C ASN B 138 5.35 11.08 -7.55
N TYR B 139 5.66 11.05 -6.25
CA TYR B 139 6.57 10.07 -5.70
C TYR B 139 5.97 8.67 -5.81
N LEU B 140 4.67 8.58 -5.53
CA LEU B 140 3.96 7.31 -5.69
C LEU B 140 4.04 6.83 -7.13
N HIS B 141 3.92 7.75 -8.08
CA HIS B 141 4.01 7.41 -9.50
C HIS B 141 5.41 6.91 -9.87
N ASP B 142 6.43 7.53 -9.30
CA ASP B 142 7.81 7.13 -9.57
C ASP B 142 8.06 5.72 -9.05
N PHE B 143 7.56 5.44 -7.86
CA PHE B 143 7.69 4.12 -7.27
C PHE B 143 6.76 3.12 -7.96
N LEU B 144 5.60 3.58 -8.38
CA LEU B 144 4.64 2.77 -9.11
C LEU B 144 5.24 2.37 -10.46
N LYS B 145 5.99 3.28 -11.06
CA LYS B 145 6.77 3.01 -12.26
C LYS B 145 7.82 1.94 -11.96
N TYR B 146 8.48 2.09 -10.82
CA TYR B 146 9.50 1.16 -10.38
C TYR B 146 8.90 -0.24 -10.20
N LEU B 147 7.69 -0.29 -9.65
CA LEU B 147 6.96 -1.53 -9.48
C LEU B 147 6.61 -2.15 -10.82
N ALA B 148 6.17 -1.31 -11.75
CA ALA B 148 5.78 -1.76 -13.08
C ALA B 148 6.96 -2.41 -13.81
N LYS B 149 8.15 -1.86 -13.60
CA LYS B 149 9.34 -2.36 -14.25
C LYS B 149 9.76 -3.73 -13.71
N ASN B 150 9.97 -3.81 -12.40
CA ASN B 150 10.52 -5.02 -11.79
C ASN B 150 9.41 -6.01 -11.43
N SER B 151 8.19 -5.72 -11.88
CA SER B 151 7.02 -6.49 -11.50
C SER B 151 7.20 -8.00 -11.69
N ALA B 152 7.95 -8.37 -12.73
CA ALA B 152 8.18 -9.78 -13.05
C ALA B 152 8.75 -10.55 -11.86
N THR B 153 9.60 -9.91 -11.08
CA THR B 153 10.22 -10.55 -9.94
C THR B 153 9.73 -9.97 -8.62
N LEU B 154 8.65 -9.20 -8.70
CA LEU B 154 8.05 -8.62 -7.51
C LEU B 154 6.76 -9.35 -7.15
N PHE B 155 5.83 -9.37 -8.08
CA PHE B 155 4.54 -9.95 -7.82
C PHE B 155 4.53 -11.41 -8.26
N SER B 156 4.67 -12.30 -7.28
CA SER B 156 4.67 -13.72 -7.55
C SER B 156 3.35 -14.34 -7.09
N ALA B 157 2.66 -14.99 -8.03
CA ALA B 157 1.43 -15.70 -7.72
C ALA B 157 1.74 -16.99 -6.97
N SER B 158 3.01 -17.39 -7.03
CA SER B 158 3.44 -18.63 -6.40
C SER B 158 3.77 -18.41 -4.92
N ASP B 159 3.70 -17.16 -4.47
CA ASP B 159 3.90 -16.85 -3.06
C ASP B 159 2.59 -17.02 -2.30
N TYR B 160 1.50 -17.18 -3.04
CA TYR B 160 0.19 -17.40 -2.44
C TYR B 160 -0.02 -18.87 -2.07
N GLU B 161 -1.13 -19.16 -1.41
CA GLU B 161 -1.46 -20.53 -1.02
C GLU B 161 -2.97 -20.75 -1.13
N VAL B 162 -3.35 -21.89 -1.68
CA VAL B 162 -4.75 -22.24 -1.85
C VAL B 162 -5.40 -22.51 -0.50
N ALA B 163 -6.47 -21.79 -0.19
CA ALA B 163 -7.16 -21.97 1.08
C ALA B 163 -8.08 -23.19 1.04
N PRO B 164 -7.74 -24.23 1.81
CA PRO B 164 -8.50 -25.48 1.83
C PRO B 164 -9.91 -25.29 2.43
N PRO B 165 -10.80 -26.27 2.25
CA PRO B 165 -12.16 -26.22 2.79
C PRO B 165 -12.18 -25.92 4.29
N GLU B 166 -11.25 -26.52 5.02
CA GLU B 166 -11.16 -26.34 6.46
C GLU B 166 -10.76 -24.90 6.82
N TYR B 167 -10.19 -24.19 5.86
CA TYR B 167 -9.79 -22.81 6.07
C TYR B 167 -11.02 -21.91 6.01
N HIS B 168 -11.99 -22.33 5.22
CA HIS B 168 -13.25 -21.59 5.10
C HIS B 168 -14.08 -21.80 6.36
N ARG B 169 -13.90 -22.97 6.99
CA ARG B 169 -14.63 -23.33 8.18
C ARG B 169 -14.20 -22.50 9.38
N LYS B 170 -12.92 -22.13 9.42
CA LYS B 170 -12.42 -21.26 10.47
C LYS B 170 -12.51 -19.80 10.05
N ALA B 171 -13.11 -19.58 8.89
CA ALA B 171 -13.36 -18.22 8.40
C ALA B 171 -14.77 -17.79 8.78
N VAL B 172 -15.74 -18.62 8.43
CA VAL B 172 -17.13 -18.36 8.79
C VAL B 172 -17.59 -19.33 9.88
N SER A 1 -3.54 -2.40 14.97
CA SER A 1 -3.19 -3.68 15.61
C SER A 1 -2.11 -3.46 16.67
N ASN A 2 -1.67 -4.56 17.30
CA ASN A 2 -0.58 -4.51 18.26
C ASN A 2 0.69 -3.98 17.61
N ALA A 3 0.99 -4.51 16.43
CA ALA A 3 2.13 -4.04 15.65
C ALA A 3 1.80 -2.70 15.00
N GLY A 4 2.18 -1.62 15.68
CA GLY A 4 1.84 -0.30 15.22
C GLY A 4 1.44 0.60 16.37
N ARG A 5 2.21 0.55 17.45
CA ARG A 5 1.92 1.35 18.65
C ARG A 5 2.47 2.77 18.49
N GLN A 6 3.11 3.03 17.37
CA GLN A 6 3.71 4.33 17.12
C GLN A 6 2.75 5.21 16.32
N VAL A 7 3.22 6.38 15.90
CA VAL A 7 2.38 7.30 15.14
C VAL A 7 2.85 7.39 13.70
N PRO A 8 1.92 7.24 12.75
CA PRO A 8 2.21 7.39 11.32
C PRO A 8 2.10 8.84 10.88
N SER A 9 1.99 9.73 11.86
CA SER A 9 1.86 11.14 11.61
C SER A 9 3.00 11.89 12.29
N LYS A 10 3.20 13.15 11.90
CA LYS A 10 4.27 14.00 12.46
C LYS A 10 5.66 13.51 12.05
N VAL A 11 6.06 12.34 12.55
CA VAL A 11 7.40 11.80 12.35
C VAL A 11 7.90 11.93 10.90
N ILE A 12 6.99 11.72 9.96
CA ILE A 12 7.34 11.78 8.54
C ILE A 12 6.91 13.13 7.95
N TRP A 13 5.63 13.43 8.13
CA TRP A 13 4.99 14.52 7.42
C TRP A 13 5.42 15.88 7.97
N ASP A 14 6.11 15.90 9.10
CA ASP A 14 6.66 17.15 9.62
C ASP A 14 7.82 17.59 8.73
N HIS A 15 8.66 16.63 8.35
CA HIS A 15 9.77 16.91 7.45
C HIS A 15 9.22 17.29 6.08
N LEU A 16 8.24 16.50 5.63
CA LEU A 16 7.54 16.79 4.38
C LEU A 16 6.93 18.19 4.42
N SER A 17 6.47 18.61 5.59
CA SER A 17 5.87 19.92 5.75
C SER A 17 6.92 21.03 5.70
N THR A 18 7.93 20.95 6.54
CA THR A 18 8.91 22.03 6.67
C THR A 18 9.65 22.30 5.36
N MET A 19 10.03 21.24 4.63
CA MET A 19 10.85 21.40 3.43
C MET A 19 10.06 22.03 2.29
N TYR A 20 8.75 21.92 2.33
CA TYR A 20 7.90 22.40 1.25
C TYR A 20 7.05 23.59 1.71
N ASP A 21 7.12 23.89 3.00
CA ASP A 21 6.27 24.91 3.65
C ASP A 21 4.84 24.41 3.74
N MET A 22 4.68 23.12 3.55
CA MET A 22 3.39 22.46 3.66
C MET A 22 2.96 22.42 5.12
N GLN A 23 3.83 22.87 6.00
CA GLN A 23 3.56 22.94 7.42
C GLN A 23 2.25 23.68 7.70
N ALA A 24 1.94 24.66 6.85
CA ALA A 24 0.71 25.42 6.97
C ALA A 24 -0.49 24.56 6.59
N LEU A 25 -0.27 23.76 5.58
CA LEU A 25 -1.31 22.89 5.05
C LEU A 25 -1.51 21.73 6.00
N HIS A 26 -0.45 21.36 6.68
CA HIS A 26 -0.45 20.27 7.65
C HIS A 26 -0.98 20.75 8.99
N GLU A 27 -0.75 22.03 9.31
CA GLU A 27 -1.25 22.59 10.54
C GLU A 27 -2.77 22.68 10.45
N SER A 28 -3.27 22.93 9.24
CA SER A 28 -4.70 22.93 8.99
C SER A 28 -5.23 21.50 8.96
N GLU A 29 -4.58 20.66 8.18
CA GLU A 29 -5.03 19.30 7.96
C GLU A 29 -4.06 18.29 8.57
N ILE A 30 -4.35 17.88 9.79
CA ILE A 30 -3.56 16.86 10.47
C ILE A 30 -4.02 15.47 10.01
N LEU A 31 -3.09 14.52 9.93
CA LEU A 31 -3.41 13.16 9.53
C LEU A 31 -3.57 12.28 10.76
N PRO A 32 -4.82 12.04 11.17
CA PRO A 32 -5.17 11.25 12.36
C PRO A 32 -5.79 9.90 12.04
N PHE A 33 -5.59 9.44 10.80
CA PHE A 33 -6.36 8.33 10.21
C PHE A 33 -6.74 7.22 11.18
N PRO A 34 -8.00 7.24 11.64
CA PRO A 34 -8.58 6.18 12.46
C PRO A 34 -9.33 5.18 11.57
N ASN A 35 -8.83 5.03 10.35
CA ASN A 35 -9.47 4.24 9.31
C ASN A 35 -9.91 2.85 9.80
N PRO A 36 -11.23 2.62 9.81
CA PRO A 36 -11.80 1.35 10.27
C PRO A 36 -11.86 0.30 9.17
N GLU A 37 -12.47 -0.83 9.48
CA GLU A 37 -12.60 -1.91 8.52
C GLU A 37 -13.57 -1.55 7.41
N ARG A 38 -13.10 -1.65 6.17
CA ARG A 38 -13.94 -1.44 5.01
C ARG A 38 -13.56 -2.44 3.94
N ASN A 39 -14.44 -2.68 2.99
CA ASN A 39 -14.16 -3.61 1.91
C ASN A 39 -13.43 -2.91 0.78
N PHE A 40 -12.17 -3.27 0.60
CA PHE A 40 -11.40 -2.81 -0.53
C PHE A 40 -11.87 -3.51 -1.80
N VAL A 41 -12.65 -2.79 -2.60
CA VAL A 41 -13.16 -3.36 -3.84
C VAL A 41 -12.40 -2.79 -5.03
N LEU A 42 -11.89 -3.67 -5.86
CA LEU A 42 -11.19 -3.26 -7.08
C LEU A 42 -12.19 -2.62 -8.05
N PRO A 43 -11.94 -1.36 -8.46
CA PRO A 43 -12.82 -0.63 -9.37
C PRO A 43 -13.16 -1.44 -10.63
N GLU A 44 -14.46 -1.54 -10.91
CA GLU A 44 -14.96 -2.32 -12.04
C GLU A 44 -14.35 -1.86 -13.35
N GLU A 45 -13.99 -0.59 -13.44
CA GLU A 45 -13.46 -0.04 -14.69
C GLU A 45 -12.14 -0.71 -15.03
N ILE A 46 -11.35 -0.99 -14.00
CA ILE A 46 -10.05 -1.64 -14.18
C ILE A 46 -10.25 -3.11 -14.47
N ILE A 47 -11.19 -3.73 -13.76
CA ILE A 47 -11.50 -5.14 -13.94
C ILE A 47 -11.92 -5.41 -15.37
N GLN A 48 -12.88 -4.64 -15.86
CA GLN A 48 -13.41 -4.82 -17.20
C GLN A 48 -12.37 -4.45 -18.25
N GLU A 49 -11.62 -3.38 -18.00
CA GLU A 49 -10.57 -2.94 -18.92
C GLU A 49 -9.53 -4.05 -19.11
N VAL A 50 -9.16 -4.68 -18.00
CA VAL A 50 -8.21 -5.79 -18.02
C VAL A 50 -8.78 -6.99 -18.78
N ARG A 51 -9.99 -7.38 -18.45
CA ARG A 51 -10.60 -8.56 -19.04
C ARG A 51 -10.86 -8.37 -20.53
N GLU A 52 -11.26 -7.16 -20.91
CA GLU A 52 -11.45 -6.84 -22.32
C GLU A 52 -10.12 -6.72 -23.04
N GLY A 53 -9.16 -6.05 -22.42
CA GLY A 53 -7.88 -5.79 -23.04
C GLY A 53 -6.93 -6.96 -22.96
N LYS A 54 -7.39 -8.12 -23.39
CA LYS A 54 -6.55 -9.30 -23.51
C LYS A 54 -6.96 -10.10 -24.74
N SER B 1 -20.77 13.39 -4.41
CA SER B 1 -19.63 14.31 -4.32
C SER B 1 -18.76 14.19 -5.57
N ASN B 2 -18.18 13.01 -5.76
CA ASN B 2 -17.32 12.74 -6.91
C ASN B 2 -16.13 13.69 -6.92
N ALA B 3 -15.45 13.78 -8.06
CA ALA B 3 -14.27 14.64 -8.22
C ALA B 3 -13.19 14.22 -7.22
N GLU B 4 -13.13 12.92 -7.02
CA GLU B 4 -12.21 12.33 -6.07
C GLU B 4 -10.82 12.16 -6.69
N VAL B 5 -9.90 11.59 -5.91
CA VAL B 5 -8.56 11.34 -6.41
C VAL B 5 -8.54 10.10 -7.29
N LYS B 6 -8.62 10.31 -8.59
CA LYS B 6 -8.53 9.22 -9.55
C LYS B 6 -7.07 8.99 -9.91
N VAL B 7 -6.53 7.89 -9.43
CA VAL B 7 -5.12 7.58 -9.64
C VAL B 7 -4.92 6.78 -10.93
N LYS B 8 -4.04 7.28 -11.78
CA LYS B 8 -3.65 6.56 -12.97
C LYS B 8 -2.80 5.36 -12.60
N ILE B 9 -3.29 4.17 -12.90
CA ILE B 9 -2.58 2.95 -12.62
C ILE B 9 -1.93 2.44 -13.90
N PRO B 10 -0.61 2.17 -13.86
CA PRO B 10 0.12 1.63 -15.02
C PRO B 10 -0.55 0.38 -15.59
N GLU B 11 -0.62 0.32 -16.92
CA GLU B 11 -1.26 -0.81 -17.60
C GLU B 11 -0.54 -2.11 -17.28
N GLU B 12 0.72 -1.97 -16.89
CA GLU B 12 1.55 -3.12 -16.54
C GLU B 12 1.13 -3.71 -15.19
N LEU B 13 0.46 -2.91 -14.37
CA LEU B 13 0.10 -3.33 -13.02
C LEU B 13 -1.37 -3.71 -12.91
N LYS B 14 -2.17 -3.29 -13.88
CA LYS B 14 -3.61 -3.55 -13.86
C LYS B 14 -3.96 -5.04 -13.89
N PRO B 15 -3.33 -5.86 -14.77
CA PRO B 15 -3.53 -7.30 -14.78
C PRO B 15 -3.30 -7.93 -13.40
N TRP B 16 -2.27 -7.46 -12.70
CA TRP B 16 -1.97 -7.95 -11.36
C TRP B 16 -3.09 -7.58 -10.39
N LEU B 17 -3.65 -6.39 -10.57
CA LEU B 17 -4.76 -5.93 -9.76
C LEU B 17 -5.91 -6.93 -9.83
N VAL B 18 -6.33 -7.24 -11.04
CA VAL B 18 -7.42 -8.18 -11.26
C VAL B 18 -7.01 -9.59 -10.83
N ASP B 19 -5.73 -9.89 -10.94
CA ASP B 19 -5.23 -11.21 -10.54
C ASP B 19 -5.47 -11.48 -9.06
N ASP B 20 -4.90 -10.65 -8.17
CA ASP B 20 -5.11 -10.82 -6.73
C ASP B 20 -6.59 -10.79 -6.40
N TRP B 21 -7.32 -9.85 -7.02
CA TRP B 21 -8.76 -9.75 -6.81
C TRP B 21 -9.45 -11.06 -7.17
N ASP B 22 -9.13 -11.58 -8.34
CA ASP B 22 -9.70 -12.84 -8.83
C ASP B 22 -9.30 -14.00 -7.94
N LEU B 23 -8.03 -14.01 -7.53
CA LEU B 23 -7.50 -15.06 -6.67
C LEU B 23 -8.31 -15.20 -5.38
N ILE B 24 -8.58 -14.08 -4.73
CA ILE B 24 -9.28 -14.11 -3.44
C ILE B 24 -10.78 -14.36 -3.62
N THR B 25 -11.42 -13.56 -4.46
CA THR B 25 -12.88 -13.59 -4.56
C THR B 25 -13.38 -14.78 -5.37
N ARG B 26 -12.89 -14.91 -6.60
CA ARG B 26 -13.39 -15.92 -7.51
C ARG B 26 -12.75 -17.27 -7.24
N GLN B 27 -11.42 -17.32 -7.33
CA GLN B 27 -10.68 -18.57 -7.20
C GLN B 27 -10.68 -19.03 -5.76
N LYS B 28 -10.74 -18.07 -4.83
CA LYS B 28 -10.71 -18.35 -3.40
C LYS B 28 -9.41 -19.05 -3.02
N GLN B 29 -8.32 -18.54 -3.59
CA GLN B 29 -6.97 -18.99 -3.26
C GLN B 29 -6.34 -17.94 -2.35
N LEU B 30 -5.72 -18.39 -1.26
CA LEU B 30 -5.26 -17.46 -0.24
C LEU B 30 -3.74 -17.40 -0.15
N PHE B 31 -3.27 -16.30 0.44
CA PHE B 31 -1.85 -16.06 0.63
C PHE B 31 -1.55 -16.06 2.13
N TYR B 32 -1.36 -17.24 2.69
CA TYR B 32 -1.05 -17.38 4.11
C TYR B 32 0.40 -17.80 4.31
N LEU B 33 1.28 -16.81 4.30
CA LEU B 33 2.71 -17.01 4.50
C LEU B 33 3.41 -15.66 4.46
N PRO B 34 4.46 -15.47 5.27
CA PRO B 34 5.19 -14.21 5.30
C PRO B 34 6.15 -14.08 4.12
N ALA B 35 5.82 -13.17 3.20
CA ALA B 35 6.64 -12.93 2.03
C ALA B 35 8.00 -12.37 2.43
N LYS B 36 9.06 -13.08 2.02
CA LYS B 36 10.42 -12.66 2.32
C LYS B 36 10.75 -11.38 1.57
N LYS B 37 10.44 -11.36 0.29
CA LYS B 37 10.59 -10.15 -0.50
C LYS B 37 9.30 -9.34 -0.38
N ASN B 38 9.21 -8.58 0.70
CA ASN B 38 7.97 -7.94 1.10
C ASN B 38 8.03 -6.43 0.97
N VAL B 39 7.06 -5.75 1.59
CA VAL B 39 6.98 -4.30 1.58
C VAL B 39 8.27 -3.67 2.08
N ASP B 40 8.76 -4.17 3.20
CA ASP B 40 9.99 -3.66 3.81
C ASP B 40 11.16 -3.83 2.86
N SER B 41 11.21 -4.99 2.21
CA SER B 41 12.26 -5.30 1.25
C SER B 41 12.17 -4.36 0.05
N ILE B 42 10.96 -4.18 -0.49
CA ILE B 42 10.76 -3.33 -1.65
C ILE B 42 11.10 -1.87 -1.32
N LEU B 43 10.72 -1.42 -0.14
CA LEU B 43 11.05 -0.07 0.32
C LEU B 43 12.55 0.13 0.36
N GLU B 44 13.26 -0.86 0.91
CA GLU B 44 14.71 -0.80 0.97
C GLU B 44 15.30 -0.87 -0.43
N ASP B 45 14.74 -1.76 -1.25
CA ASP B 45 15.15 -1.93 -2.63
C ASP B 45 15.01 -0.63 -3.42
N TYR B 46 13.85 0.02 -3.29
CA TYR B 46 13.60 1.28 -3.95
C TYR B 46 14.53 2.37 -3.42
N ALA B 47 14.79 2.36 -2.12
CA ALA B 47 15.70 3.32 -1.52
C ALA B 47 17.10 3.18 -2.12
N ASN B 48 17.56 1.94 -2.23
CA ASN B 48 18.86 1.65 -2.81
C ASN B 48 18.88 1.96 -4.30
N TYR B 49 17.73 1.78 -4.94
CA TYR B 49 17.58 2.15 -6.34
C TYR B 49 17.85 3.64 -6.54
N LYS B 50 17.30 4.46 -5.65
CA LYS B 50 17.50 5.91 -5.70
C LYS B 50 18.91 6.28 -5.26
N LYS B 51 19.33 5.72 -4.13
CA LYS B 51 20.63 6.03 -3.54
C LYS B 51 21.79 5.59 -4.43
N SER B 52 21.76 4.33 -4.86
CA SER B 52 22.84 3.77 -5.66
C SER B 52 22.70 4.18 -7.13
N ARG B 53 21.79 5.09 -7.41
CA ARG B 53 21.63 5.61 -8.76
C ARG B 53 22.72 6.62 -9.05
N GLY B 54 23.23 7.24 -7.99
CA GLY B 54 24.28 8.23 -8.13
C GLY B 54 23.74 9.63 -8.34
N ASN B 55 22.41 9.74 -8.36
CA ASN B 55 21.77 11.03 -8.55
C ASN B 55 21.34 11.63 -7.21
N THR B 56 20.39 10.99 -6.56
CA THR B 56 19.90 11.47 -5.28
C THR B 56 20.83 11.07 -4.15
N ASP B 57 21.90 11.85 -3.99
CA ASP B 57 22.89 11.61 -2.95
C ASP B 57 22.49 12.31 -1.65
N ASN B 58 22.05 13.55 -1.77
CA ASN B 58 21.68 14.35 -0.62
C ASN B 58 20.17 14.33 -0.45
N LYS B 59 19.46 14.26 -1.58
CA LYS B 59 18.00 14.26 -1.59
C LYS B 59 17.43 12.93 -1.06
N GLU B 60 18.28 12.14 -0.42
CA GLU B 60 17.88 10.85 0.11
C GLU B 60 16.81 11.00 1.18
N TYR B 61 16.79 12.16 1.83
CA TYR B 61 15.77 12.46 2.83
C TYR B 61 14.37 12.28 2.26
N ALA B 62 14.19 12.62 0.98
CA ALA B 62 12.91 12.44 0.32
C ALA B 62 12.58 10.96 0.21
N VAL B 63 13.59 10.16 -0.09
CA VAL B 63 13.45 8.72 -0.15
C VAL B 63 13.12 8.19 1.24
N ASN B 64 13.91 8.63 2.22
CA ASN B 64 13.77 8.17 3.59
C ASN B 64 12.36 8.40 4.11
N GLU B 65 11.84 9.60 3.85
CA GLU B 65 10.51 9.95 4.33
C GLU B 65 9.42 9.20 3.56
N VAL B 66 9.60 9.02 2.26
CA VAL B 66 8.59 8.34 1.47
C VAL B 66 8.57 6.85 1.80
N VAL B 67 9.75 6.29 1.99
CA VAL B 67 9.90 4.89 2.40
C VAL B 67 9.23 4.66 3.76
N ALA B 68 9.59 5.48 4.75
CA ALA B 68 8.99 5.40 6.06
C ALA B 68 7.50 5.71 5.99
N GLY B 69 7.16 6.67 5.14
CA GLY B 69 5.79 7.08 4.96
C GLY B 69 4.91 5.96 4.47
N ILE B 70 5.31 5.33 3.38
CA ILE B 70 4.56 4.22 2.82
C ILE B 70 4.42 3.10 3.84
N LYS B 71 5.51 2.83 4.58
CA LYS B 71 5.51 1.78 5.60
C LYS B 71 4.45 2.05 6.66
N GLU B 72 4.44 3.26 7.22
CA GLU B 72 3.49 3.61 8.27
C GLU B 72 2.08 3.77 7.71
N TYR B 73 2.00 4.36 6.53
CA TYR B 73 0.73 4.56 5.83
C TYR B 73 0.06 3.21 5.58
N PHE B 74 0.86 2.24 5.19
CA PHE B 74 0.39 0.89 4.93
C PHE B 74 -0.07 0.24 6.23
N ASN B 75 0.75 0.37 7.27
CA ASN B 75 0.48 -0.27 8.56
C ASN B 75 -0.86 0.15 9.15
N VAL B 76 -1.14 1.46 9.15
CA VAL B 76 -2.31 2.00 9.85
C VAL B 76 -3.63 1.51 9.23
N MET B 77 -3.63 1.15 7.96
CA MET B 77 -4.87 0.80 7.27
C MET B 77 -4.86 -0.59 6.65
N LEU B 78 -3.76 -1.31 6.80
CA LEU B 78 -3.65 -2.65 6.22
C LEU B 78 -4.66 -3.60 6.84
N GLY B 79 -4.66 -3.67 8.17
CA GLY B 79 -5.49 -4.64 8.86
C GLY B 79 -6.96 -4.27 8.88
N THR B 80 -7.29 -3.08 8.38
CA THR B 80 -8.66 -2.60 8.46
C THR B 80 -9.34 -2.55 7.10
N GLN B 81 -8.78 -1.81 6.16
CA GLN B 81 -9.44 -1.59 4.87
C GLN B 81 -8.71 -2.26 3.73
N LEU B 82 -7.39 -2.28 3.78
CA LEU B 82 -6.59 -2.81 2.68
C LEU B 82 -6.39 -4.32 2.81
N LEU B 83 -7.42 -5.00 3.28
CA LEU B 83 -7.39 -6.43 3.43
C LEU B 83 -8.81 -6.98 3.35
N TYR B 84 -9.02 -8.01 2.55
CA TYR B 84 -10.35 -8.59 2.39
C TYR B 84 -10.76 -9.31 3.68
N LYS B 85 -12.06 -9.42 3.91
CA LYS B 85 -12.57 -10.15 5.06
C LYS B 85 -12.22 -11.63 4.98
N PHE B 86 -12.02 -12.09 3.75
CA PHE B 86 -11.66 -13.48 3.50
C PHE B 86 -10.19 -13.71 3.85
N GLU B 87 -9.46 -12.62 4.07
CA GLU B 87 -8.04 -12.71 4.42
C GLU B 87 -7.84 -12.51 5.91
N ARG B 88 -8.93 -12.27 6.63
CA ARG B 88 -8.90 -12.16 8.09
C ARG B 88 -8.36 -13.44 8.74
N PRO B 89 -8.82 -14.64 8.32
CA PRO B 89 -8.28 -15.91 8.83
C PRO B 89 -6.76 -15.98 8.70
N GLN B 90 -6.24 -15.50 7.58
CA GLN B 90 -4.80 -15.48 7.34
C GLN B 90 -4.13 -14.53 8.31
N TYR B 91 -4.73 -13.36 8.49
CA TYR B 91 -4.21 -12.37 9.42
C TYR B 91 -4.13 -12.98 10.82
N ALA B 92 -5.20 -13.65 11.22
CA ALA B 92 -5.27 -14.29 12.52
C ALA B 92 -4.26 -15.43 12.63
N GLU B 93 -4.25 -16.31 11.64
CA GLU B 93 -3.38 -17.48 11.65
C GLU B 93 -1.91 -17.08 11.63
N ILE B 94 -1.54 -16.18 10.72
CA ILE B 94 -0.16 -15.72 10.62
C ILE B 94 0.27 -15.00 11.90
N LEU B 95 -0.61 -14.18 12.45
CA LEU B 95 -0.32 -13.42 13.67
C LEU B 95 -0.12 -14.37 14.86
N ALA B 96 -0.95 -15.39 14.93
CA ALA B 96 -0.89 -16.35 16.04
C ALA B 96 0.27 -17.32 15.87
N ASP B 97 0.58 -17.67 14.63
CA ASP B 97 1.66 -18.60 14.35
C ASP B 97 3.01 -17.91 14.35
N HIS B 98 3.02 -16.64 13.96
CA HIS B 98 4.25 -15.86 13.93
C HIS B 98 4.05 -14.52 14.63
N PRO B 99 4.09 -14.50 15.98
CA PRO B 99 3.99 -13.26 16.75
C PRO B 99 5.25 -12.41 16.60
N ASP B 100 6.26 -13.00 15.99
CA ASP B 100 7.55 -12.35 15.78
C ASP B 100 7.57 -11.64 14.43
N ALA B 101 6.57 -11.90 13.60
CA ALA B 101 6.53 -11.35 12.26
C ALA B 101 5.62 -10.12 12.20
N PRO B 102 6.06 -9.06 11.51
CA PRO B 102 5.23 -7.89 11.27
C PRO B 102 4.21 -8.15 10.15
N MET B 103 2.95 -7.79 10.40
CA MET B 103 1.88 -8.06 9.45
C MET B 103 2.03 -7.22 8.18
N SER B 104 2.88 -6.21 8.24
CA SER B 104 3.17 -5.38 7.07
C SER B 104 4.13 -6.11 6.12
N GLN B 105 4.78 -7.14 6.63
CA GLN B 105 5.72 -7.92 5.85
C GLN B 105 5.04 -9.10 5.18
N VAL B 106 4.22 -9.80 5.94
CA VAL B 106 3.68 -11.09 5.52
C VAL B 106 2.85 -11.01 4.24
N TYR B 107 2.25 -9.86 3.96
CA TYR B 107 1.35 -9.75 2.81
C TYR B 107 2.08 -9.36 1.52
N GLY B 108 3.34 -8.96 1.67
CA GLY B 108 4.20 -8.76 0.51
C GLY B 108 3.71 -7.71 -0.48
N ALA B 109 4.18 -7.85 -1.72
CA ALA B 109 3.95 -6.86 -2.77
C ALA B 109 2.51 -6.82 -3.29
N PRO B 110 1.86 -7.98 -3.56
CA PRO B 110 0.47 -8.01 -4.07
C PRO B 110 -0.47 -7.13 -3.25
N HIS B 111 -0.30 -7.16 -1.93
CA HIS B 111 -1.14 -6.37 -1.04
C HIS B 111 -0.62 -4.94 -0.92
N LEU B 112 0.66 -4.74 -1.20
CA LEU B 112 1.28 -3.42 -1.15
C LEU B 112 0.63 -2.52 -2.20
N LEU B 113 0.53 -3.03 -3.42
CA LEU B 113 -0.02 -2.28 -4.54
C LEU B 113 -1.46 -1.83 -4.26
N ARG B 114 -2.15 -2.59 -3.42
CA ARG B 114 -3.54 -2.30 -3.09
C ARG B 114 -3.67 -0.95 -2.40
N LEU B 115 -2.64 -0.58 -1.64
CA LEU B 115 -2.62 0.67 -0.91
C LEU B 115 -2.74 1.85 -1.87
N PHE B 116 -2.03 1.77 -2.98
CA PHE B 116 -1.93 2.88 -3.92
C PHE B 116 -3.21 3.04 -4.74
N VAL B 117 -3.99 1.97 -4.82
CA VAL B 117 -5.21 1.97 -5.60
C VAL B 117 -6.25 2.91 -5.00
N ARG B 118 -6.43 2.84 -3.67
CA ARG B 118 -7.46 3.63 -3.03
C ARG B 118 -6.92 4.53 -1.93
N ILE B 119 -5.62 4.79 -1.96
CA ILE B 119 -5.02 5.75 -1.03
C ILE B 119 -5.64 7.13 -1.23
N GLY B 120 -6.12 7.36 -2.45
CA GLY B 120 -6.78 8.60 -2.79
C GLY B 120 -8.04 8.84 -1.99
N ALA B 121 -8.63 7.78 -1.45
CA ALA B 121 -9.86 7.89 -0.69
C ALA B 121 -9.66 8.77 0.53
N MET B 122 -8.69 8.40 1.37
CA MET B 122 -8.41 9.15 2.58
C MET B 122 -7.69 10.46 2.25
N LEU B 123 -7.17 10.56 1.04
CA LEU B 123 -6.59 11.81 0.56
C LEU B 123 -7.70 12.80 0.25
N ALA B 124 -8.88 12.29 -0.10
CA ALA B 124 -10.04 13.13 -0.35
C ALA B 124 -10.63 13.61 0.97
N TYR B 125 -10.38 12.85 2.03
CA TYR B 125 -10.82 13.23 3.36
C TYR B 125 -9.83 14.19 4.01
N THR B 126 -8.64 14.28 3.43
CA THR B 126 -7.63 15.21 3.90
C THR B 126 -7.36 16.26 2.84
N PRO B 127 -8.13 17.37 2.84
CA PRO B 127 -8.05 18.40 1.81
C PRO B 127 -6.71 19.14 1.83
N LEU B 128 -5.73 18.58 1.14
CA LEU B 128 -4.45 19.24 0.96
C LEU B 128 -4.49 20.06 -0.32
N ASP B 129 -3.50 20.91 -0.51
CA ASP B 129 -3.44 21.74 -1.70
C ASP B 129 -3.03 20.89 -2.89
N GLU B 130 -3.43 21.30 -4.08
CA GLU B 130 -3.25 20.51 -5.29
C GLU B 130 -1.77 20.30 -5.58
N LYS B 131 -0.94 21.31 -5.33
CA LYS B 131 0.49 21.22 -5.58
C LYS B 131 1.14 20.17 -4.68
N SER B 132 0.70 20.11 -3.43
CA SER B 132 1.22 19.13 -2.49
C SER B 132 0.74 17.73 -2.87
N LEU B 133 -0.52 17.63 -3.25
CA LEU B 133 -1.09 16.36 -3.68
C LEU B 133 -0.37 15.88 -4.94
N ALA B 134 -0.09 16.81 -5.84
CA ALA B 134 0.63 16.52 -7.08
C ALA B 134 2.00 15.92 -6.80
N LEU B 135 2.77 16.53 -5.89
CA LEU B 135 4.11 16.03 -5.59
C LEU B 135 4.03 14.66 -4.93
N LEU B 136 2.99 14.45 -4.12
CA LEU B 136 2.78 13.16 -3.47
C LEU B 136 2.48 12.09 -4.53
N LEU B 137 1.57 12.43 -5.45
CA LEU B 137 1.24 11.52 -6.53
C LEU B 137 2.42 11.33 -7.48
N ASN B 138 3.28 12.32 -7.55
CA ASN B 138 4.52 12.21 -8.32
C ASN B 138 5.38 11.08 -7.78
N TYR B 139 5.61 11.08 -6.47
CA TYR B 139 6.36 10.01 -5.84
C TYR B 139 5.57 8.70 -5.90
N LEU B 140 4.26 8.82 -5.78
CA LEU B 140 3.36 7.67 -5.87
C LEU B 140 3.51 6.96 -7.21
N HIS B 141 3.40 7.73 -8.28
CA HIS B 141 3.47 7.19 -9.64
C HIS B 141 4.88 6.73 -9.97
N ASP B 142 5.88 7.42 -9.44
CA ASP B 142 7.27 7.04 -9.66
C ASP B 142 7.56 5.68 -9.03
N PHE B 143 6.98 5.47 -7.84
CA PHE B 143 7.11 4.20 -7.15
C PHE B 143 6.37 3.11 -7.92
N LEU B 144 5.18 3.44 -8.42
CA LEU B 144 4.40 2.51 -9.24
C LEU B 144 5.16 2.14 -10.50
N LYS B 145 5.80 3.13 -11.11
CA LYS B 145 6.63 2.92 -12.28
C LYS B 145 7.75 1.92 -11.96
N TYR B 146 8.37 2.07 -10.80
CA TYR B 146 9.42 1.18 -10.38
C TYR B 146 8.87 -0.22 -10.09
N LEU B 147 7.66 -0.27 -9.55
CA LEU B 147 7.00 -1.54 -9.29
C LEU B 147 6.77 -2.28 -10.60
N ALA B 148 6.24 -1.58 -11.59
CA ALA B 148 5.97 -2.17 -12.91
C ALA B 148 7.26 -2.65 -13.56
N LYS B 149 8.34 -1.91 -13.33
CA LYS B 149 9.64 -2.21 -13.89
C LYS B 149 10.14 -3.59 -13.48
N ASN B 150 9.92 -3.95 -12.21
CA ASN B 150 10.41 -5.22 -11.68
C ASN B 150 9.27 -6.10 -11.18
N SER B 151 8.11 -5.96 -11.79
CA SER B 151 6.91 -6.62 -11.31
C SER B 151 6.97 -8.14 -11.48
N ALA B 152 7.77 -8.61 -12.43
CA ALA B 152 7.91 -10.04 -12.70
C ALA B 152 8.43 -10.79 -11.47
N THR B 153 9.32 -10.18 -10.72
CA THR B 153 9.86 -10.78 -9.52
C THR B 153 9.31 -10.08 -8.29
N LEU B 154 8.33 -9.20 -8.53
CA LEU B 154 7.77 -8.38 -7.49
C LEU B 154 6.56 -9.07 -6.87
N PHE B 155 5.58 -9.37 -7.70
CA PHE B 155 4.32 -9.95 -7.24
C PHE B 155 4.44 -11.45 -7.12
N SER B 156 4.48 -11.93 -5.88
CA SER B 156 4.63 -13.35 -5.60
C SER B 156 3.29 -14.07 -5.67
N ALA B 157 2.71 -14.11 -6.87
CA ALA B 157 1.44 -14.81 -7.07
C ALA B 157 1.65 -16.32 -7.07
N SER B 158 2.91 -16.74 -7.06
CA SER B 158 3.27 -18.14 -7.04
C SER B 158 2.99 -18.76 -5.67
N ASP B 159 2.98 -17.93 -4.64
CA ASP B 159 2.80 -18.41 -3.27
C ASP B 159 1.33 -18.53 -2.90
N TYR B 160 0.45 -18.26 -3.87
CA TYR B 160 -0.99 -18.42 -3.66
C TYR B 160 -1.40 -19.86 -3.94
N GLU B 161 -2.23 -20.42 -3.07
CA GLU B 161 -2.75 -21.77 -3.28
C GLU B 161 -4.23 -21.83 -2.95
N VAL B 162 -4.89 -22.85 -3.48
CA VAL B 162 -6.33 -23.02 -3.32
C VAL B 162 -6.68 -23.37 -1.88
N ALA B 163 -7.56 -22.59 -1.27
CA ALA B 163 -8.04 -22.85 0.07
C ALA B 163 -9.40 -23.54 0.03
N PRO B 164 -9.45 -24.81 0.41
CA PRO B 164 -10.68 -25.64 0.34
C PRO B 164 -11.78 -25.15 1.29
N PRO B 165 -13.03 -25.55 1.03
CA PRO B 165 -14.18 -25.24 1.90
C PRO B 165 -13.93 -25.62 3.36
N GLU B 166 -13.15 -26.67 3.58
CA GLU B 166 -12.74 -27.08 4.92
C GLU B 166 -12.11 -25.89 5.66
N TYR B 167 -11.20 -25.21 4.97
CA TYR B 167 -10.50 -24.05 5.52
C TYR B 167 -11.48 -22.90 5.73
N HIS B 168 -12.54 -22.88 4.92
CA HIS B 168 -13.54 -21.83 4.97
C HIS B 168 -14.39 -21.96 6.24
N ARG B 169 -14.50 -23.17 6.75
CA ARG B 169 -15.29 -23.45 7.96
C ARG B 169 -14.78 -22.67 9.16
N LYS B 170 -13.51 -22.24 9.12
CA LYS B 170 -12.94 -21.45 10.21
C LYS B 170 -12.65 -20.03 9.75
N ALA B 171 -13.29 -19.63 8.65
CA ALA B 171 -13.10 -18.29 8.11
C ALA B 171 -14.19 -17.35 8.61
N VAL B 172 -14.77 -17.69 9.75
CA VAL B 172 -15.83 -16.90 10.34
C VAL B 172 -15.27 -16.02 11.45
N SER A 1 6.65 -4.77 25.85
CA SER A 1 6.79 -4.10 24.55
C SER A 1 6.00 -2.80 24.56
N ASN A 2 6.04 -2.05 23.46
CA ASN A 2 5.30 -0.82 23.35
C ASN A 2 3.83 -1.08 23.05
N ALA A 3 3.01 -1.06 24.09
CA ALA A 3 1.57 -1.17 23.91
C ALA A 3 1.01 0.18 23.48
N GLY A 4 1.79 1.23 23.73
CA GLY A 4 1.39 2.57 23.33
C GLY A 4 1.83 2.86 21.91
N ARG A 5 1.20 2.20 20.95
CA ARG A 5 1.48 2.42 19.54
C ARG A 5 0.96 3.79 19.13
N GLN A 6 1.85 4.77 19.09
CA GLN A 6 1.48 6.10 18.68
C GLN A 6 1.29 6.14 17.18
N VAL A 7 0.55 7.13 16.71
CA VAL A 7 0.26 7.24 15.28
C VAL A 7 1.51 7.56 14.48
N PRO A 8 1.66 6.93 13.31
CA PRO A 8 2.76 7.23 12.39
C PRO A 8 2.52 8.54 11.66
N SER A 9 1.36 9.10 11.89
CA SER A 9 0.97 10.36 11.32
C SER A 9 1.74 11.51 11.97
N LYS A 10 1.85 12.62 11.25
CA LYS A 10 2.52 13.83 11.75
C LYS A 10 4.05 13.69 11.78
N VAL A 11 4.55 12.61 12.36
CA VAL A 11 6.00 12.43 12.54
C VAL A 11 6.74 12.39 11.20
N ILE A 12 6.29 11.55 10.29
CA ILE A 12 6.91 11.42 8.97
C ILE A 12 6.62 12.67 8.15
N TRP A 13 5.39 13.12 8.25
CA TRP A 13 4.90 14.22 7.46
C TRP A 13 5.39 15.54 8.01
N ASP A 14 6.13 15.48 9.12
CA ASP A 14 6.81 16.65 9.66
C ASP A 14 8.02 16.97 8.81
N HIS A 15 8.77 15.93 8.47
CA HIS A 15 9.93 16.08 7.61
C HIS A 15 9.48 16.45 6.20
N LEU A 16 8.45 15.74 5.73
CA LEU A 16 7.82 16.07 4.45
C LEU A 16 7.32 17.52 4.49
N SER A 17 6.82 17.91 5.66
CA SER A 17 6.31 19.26 5.86
C SER A 17 7.40 20.31 5.78
N THR A 18 8.44 20.15 6.61
CA THR A 18 9.47 21.18 6.74
C THR A 18 10.23 21.39 5.42
N MET A 19 10.34 20.33 4.60
CA MET A 19 11.03 20.47 3.32
C MET A 19 10.15 21.12 2.26
N TYR A 20 8.92 21.44 2.63
CA TYR A 20 7.96 21.95 1.66
C TYR A 20 7.18 23.17 2.18
N ASP A 21 7.27 23.39 3.50
CA ASP A 21 6.40 24.33 4.21
C ASP A 21 4.95 23.87 4.12
N MET A 22 4.78 22.56 4.01
CA MET A 22 3.46 21.94 4.04
C MET A 22 2.86 22.07 5.44
N GLN A 23 3.66 22.65 6.34
CA GLN A 23 3.25 22.91 7.72
C GLN A 23 1.85 23.48 7.76
N ALA A 24 1.72 24.67 7.19
CA ALA A 24 0.46 25.39 7.11
C ALA A 24 -0.65 24.48 6.60
N LEU A 25 -0.34 23.76 5.54
CA LEU A 25 -1.32 22.99 4.80
C LEU A 25 -1.85 21.82 5.65
N HIS A 26 -0.94 21.10 6.30
CA HIS A 26 -1.33 19.93 7.08
C HIS A 26 -1.79 20.32 8.48
N GLU A 27 -1.62 21.58 8.86
CA GLU A 27 -2.16 22.06 10.12
C GLU A 27 -3.61 22.45 9.96
N SER A 28 -3.96 22.93 8.77
CA SER A 28 -5.35 23.21 8.45
C SER A 28 -6.10 21.92 8.10
N GLU A 29 -5.36 20.87 7.80
CA GLU A 29 -5.93 19.57 7.50
C GLU A 29 -5.03 18.47 8.07
N ILE A 30 -5.31 18.07 9.29
CA ILE A 30 -4.46 17.11 9.98
C ILE A 30 -4.89 15.68 9.67
N LEU A 31 -3.92 14.84 9.34
CA LEU A 31 -4.17 13.43 9.06
C LEU A 31 -3.81 12.59 10.28
N PRO A 32 -4.79 12.21 11.10
CA PRO A 32 -4.56 11.33 12.26
C PRO A 32 -4.64 9.86 11.87
N PHE A 33 -5.60 9.56 11.01
CA PHE A 33 -5.86 8.22 10.53
C PHE A 33 -6.28 7.24 11.63
N PRO A 34 -7.54 7.34 12.07
CA PRO A 34 -8.21 6.29 12.79
C PRO A 34 -9.00 5.45 11.80
N ASN A 35 -8.26 4.81 10.90
CA ASN A 35 -8.82 4.20 9.69
C ASN A 35 -9.97 3.25 10.03
N PRO A 36 -11.17 3.53 9.51
CA PRO A 36 -12.35 2.73 9.77
C PRO A 36 -12.35 1.40 9.03
N GLU A 37 -13.27 0.53 9.39
CA GLU A 37 -13.37 -0.79 8.78
C GLU A 37 -14.09 -0.71 7.45
N ARG A 38 -13.44 -1.20 6.41
CA ARG A 38 -13.99 -1.21 5.07
C ARG A 38 -13.30 -2.31 4.27
N ASN A 39 -13.77 -2.60 3.08
CA ASN A 39 -13.08 -3.53 2.21
C ASN A 39 -12.44 -2.79 1.06
N PHE A 40 -11.40 -3.39 0.50
CA PHE A 40 -10.64 -2.77 -0.58
C PHE A 40 -11.51 -2.40 -1.77
N VAL A 41 -12.48 -3.28 -2.04
CA VAL A 41 -13.39 -3.17 -3.19
C VAL A 41 -12.73 -2.55 -4.41
N LEU A 42 -12.01 -3.39 -5.15
CA LEU A 42 -11.32 -2.99 -6.37
C LEU A 42 -12.25 -2.19 -7.27
N PRO A 43 -11.88 -0.93 -7.58
CA PRO A 43 -12.65 -0.07 -8.47
C PRO A 43 -13.03 -0.77 -9.77
N GLU A 44 -14.33 -0.85 -10.01
CA GLU A 44 -14.86 -1.62 -11.12
C GLU A 44 -14.52 -0.93 -12.44
N GLU A 45 -14.19 0.36 -12.38
CA GLU A 45 -13.78 1.11 -13.55
C GLU A 45 -12.50 0.50 -14.13
N ILE A 46 -11.63 0.08 -13.22
CA ILE A 46 -10.38 -0.56 -13.59
C ILE A 46 -10.63 -1.99 -14.06
N ILE A 47 -11.54 -2.66 -13.38
CA ILE A 47 -11.92 -4.03 -13.72
C ILE A 47 -12.41 -4.10 -15.17
N GLN A 48 -13.35 -3.24 -15.51
CA GLN A 48 -13.92 -3.22 -16.86
C GLN A 48 -12.91 -2.67 -17.87
N GLU A 49 -12.02 -1.79 -17.41
CA GLU A 49 -10.98 -1.24 -18.28
C GLU A 49 -9.99 -2.32 -18.69
N VAL A 50 -9.71 -3.24 -17.77
CA VAL A 50 -8.77 -4.32 -18.04
C VAL A 50 -9.44 -5.45 -18.81
N ARG A 51 -10.50 -5.99 -18.22
CA ARG A 51 -11.11 -7.22 -18.73
C ARG A 51 -11.86 -6.99 -20.03
N GLU A 52 -12.66 -5.94 -20.08
CA GLU A 52 -13.46 -5.65 -21.25
C GLU A 52 -12.89 -4.47 -22.03
N GLY A 53 -11.75 -3.97 -21.58
CA GLY A 53 -11.14 -2.82 -22.20
C GLY A 53 -10.17 -3.19 -23.30
N LYS A 54 -10.71 -3.64 -24.42
CA LYS A 54 -9.90 -3.96 -25.59
C LYS A 54 -10.38 -3.13 -26.77
N SER B 1 -9.43 21.66 -5.73
CA SER B 1 -10.30 20.95 -6.69
C SER B 1 -11.59 20.49 -5.99
N ASN B 2 -12.68 20.44 -6.74
CA ASN B 2 -13.96 20.04 -6.18
C ASN B 2 -14.20 18.55 -6.37
N ALA B 3 -13.40 17.94 -7.23
CA ALA B 3 -13.60 16.55 -7.59
C ALA B 3 -12.63 15.62 -6.86
N GLU B 4 -12.88 14.33 -6.94
CA GLU B 4 -12.01 13.33 -6.35
C GLU B 4 -10.74 13.19 -7.17
N VAL B 5 -9.65 12.85 -6.51
CA VAL B 5 -8.35 12.76 -7.16
C VAL B 5 -8.23 11.45 -7.92
N LYS B 6 -8.19 11.55 -9.24
CA LYS B 6 -8.03 10.38 -10.09
C LYS B 6 -6.58 9.88 -10.05
N VAL B 7 -6.33 8.87 -9.24
CA VAL B 7 -5.01 8.29 -9.14
C VAL B 7 -4.72 7.43 -10.36
N LYS B 8 -3.77 7.87 -11.17
CA LYS B 8 -3.36 7.12 -12.34
C LYS B 8 -2.54 5.90 -11.95
N ILE B 9 -3.08 4.73 -12.23
CA ILE B 9 -2.39 3.48 -12.00
C ILE B 9 -1.79 3.00 -13.32
N PRO B 10 -0.53 2.50 -13.30
CA PRO B 10 0.09 1.93 -14.50
C PRO B 10 -0.83 0.97 -15.23
N GLU B 11 -1.05 1.23 -16.51
CA GLU B 11 -2.03 0.51 -17.30
C GLU B 11 -1.72 -0.99 -17.39
N GLU B 12 -0.44 -1.35 -17.38
CA GLU B 12 -0.04 -2.75 -17.45
C GLU B 12 0.09 -3.35 -16.06
N LEU B 13 -0.16 -2.52 -15.05
CA LEU B 13 -0.14 -2.98 -13.66
C LEU B 13 -1.58 -3.22 -13.19
N LYS B 14 -2.52 -2.61 -13.90
CA LYS B 14 -3.95 -2.78 -13.61
C LYS B 14 -4.38 -4.25 -13.74
N PRO B 15 -3.94 -4.99 -14.79
CA PRO B 15 -4.21 -6.43 -14.89
C PRO B 15 -3.87 -7.19 -13.62
N TRP B 16 -2.79 -6.77 -12.94
CA TRP B 16 -2.39 -7.40 -11.69
C TRP B 16 -3.40 -7.12 -10.59
N LEU B 17 -3.95 -5.91 -10.58
CA LEU B 17 -4.97 -5.52 -9.60
C LEU B 17 -6.19 -6.43 -9.74
N VAL B 18 -6.62 -6.60 -10.99
CA VAL B 18 -7.77 -7.44 -11.27
C VAL B 18 -7.44 -8.91 -11.03
N ASP B 19 -6.25 -9.33 -11.44
CA ASP B 19 -5.81 -10.70 -11.26
C ASP B 19 -5.79 -11.06 -9.77
N ASP B 20 -5.25 -10.15 -8.96
CA ASP B 20 -5.22 -10.30 -7.50
C ASP B 20 -6.64 -10.47 -6.96
N TRP B 21 -7.53 -9.59 -7.40
CA TRP B 21 -8.94 -9.65 -7.04
C TRP B 21 -9.54 -10.99 -7.47
N ASP B 22 -9.26 -11.41 -8.71
CA ASP B 22 -9.72 -12.71 -9.22
C ASP B 22 -9.19 -13.85 -8.36
N LEU B 23 -7.94 -13.75 -7.94
CA LEU B 23 -7.32 -14.79 -7.12
C LEU B 23 -8.10 -15.00 -5.84
N ILE B 24 -8.44 -13.91 -5.17
CA ILE B 24 -9.15 -13.99 -3.90
C ILE B 24 -10.62 -14.38 -4.10
N THR B 25 -11.32 -13.63 -4.94
CA THR B 25 -12.77 -13.77 -5.05
C THR B 25 -13.19 -14.93 -5.96
N ARG B 26 -12.50 -15.10 -7.09
CA ARG B 26 -12.88 -16.10 -8.06
C ARG B 26 -12.19 -17.43 -7.79
N GLN B 27 -10.87 -17.38 -7.63
CA GLN B 27 -10.06 -18.58 -7.46
C GLN B 27 -10.14 -19.09 -6.03
N LYS B 28 -10.43 -18.18 -5.10
CA LYS B 28 -10.46 -18.48 -3.67
C LYS B 28 -9.07 -18.89 -3.20
N GLN B 29 -8.07 -18.37 -3.91
CA GLN B 29 -6.67 -18.59 -3.59
C GLN B 29 -6.18 -17.50 -2.66
N LEU B 30 -5.73 -17.90 -1.48
CA LEU B 30 -5.39 -16.94 -0.44
C LEU B 30 -3.89 -16.92 -0.19
N PHE B 31 -3.40 -15.79 0.32
CA PHE B 31 -1.97 -15.63 0.57
C PHE B 31 -1.70 -15.73 2.07
N TYR B 32 -1.57 -16.94 2.57
CA TYR B 32 -1.33 -17.13 3.99
C TYR B 32 0.04 -17.78 4.22
N LEU B 33 1.05 -16.93 4.22
CA LEU B 33 2.43 -17.33 4.46
C LEU B 33 3.27 -16.07 4.54
N PRO B 34 4.44 -16.12 5.20
CA PRO B 34 5.32 -14.97 5.29
C PRO B 34 6.27 -14.87 4.09
N ALA B 35 6.02 -13.88 3.24
CA ALA B 35 6.85 -13.67 2.06
C ALA B 35 8.25 -13.20 2.45
N LYS B 36 9.24 -13.72 1.73
CA LYS B 36 10.63 -13.37 2.00
C LYS B 36 10.96 -12.01 1.42
N LYS B 37 10.42 -11.72 0.24
CA LYS B 37 10.57 -10.40 -0.35
C LYS B 37 9.43 -9.52 0.14
N ASN B 38 9.69 -8.80 1.22
CA ASN B 38 8.65 -8.05 1.92
C ASN B 38 8.62 -6.59 1.47
N VAL B 39 7.58 -5.89 1.94
CA VAL B 39 7.41 -4.47 1.63
C VAL B 39 8.61 -3.66 2.06
N ASP B 40 9.11 -3.95 3.27
CA ASP B 40 10.24 -3.23 3.83
C ASP B 40 11.48 -3.36 2.94
N SER B 41 11.69 -4.57 2.41
CA SER B 41 12.80 -4.80 1.50
C SER B 41 12.63 -4.01 0.21
N ILE B 42 11.39 -3.91 -0.26
CA ILE B 42 11.10 -3.15 -1.48
C ILE B 42 11.34 -1.66 -1.25
N LEU B 43 10.89 -1.17 -0.10
CA LEU B 43 11.14 0.22 0.29
C LEU B 43 12.63 0.49 0.38
N GLU B 44 13.32 -0.42 1.05
CA GLU B 44 14.77 -0.35 1.22
C GLU B 44 15.48 -0.29 -0.13
N ASP B 45 15.17 -1.26 -0.99
CA ASP B 45 15.82 -1.38 -2.29
C ASP B 45 15.47 -0.20 -3.18
N TYR B 46 14.21 0.26 -3.12
CA TYR B 46 13.77 1.42 -3.87
C TYR B 46 14.55 2.66 -3.44
N ALA B 47 14.71 2.82 -2.13
CA ALA B 47 15.46 3.94 -1.58
C ALA B 47 16.87 3.97 -2.15
N ASN B 48 17.51 2.81 -2.15
CA ASN B 48 18.87 2.67 -2.68
C ASN B 48 18.87 2.88 -4.20
N TYR B 49 17.80 2.45 -4.84
CA TYR B 49 17.63 2.62 -6.29
C TYR B 49 17.68 4.10 -6.66
N LYS B 50 17.03 4.93 -5.85
CA LYS B 50 16.99 6.37 -6.09
C LYS B 50 18.37 6.99 -5.89
N LYS B 51 19.14 6.42 -4.97
CA LYS B 51 20.48 6.91 -4.68
C LYS B 51 21.40 6.63 -5.86
N SER B 52 21.15 5.52 -6.54
CA SER B 52 22.00 5.07 -7.63
C SER B 52 21.70 5.82 -8.93
N ARG B 53 20.80 6.79 -8.88
CA ARG B 53 20.43 7.54 -10.07
C ARG B 53 21.44 8.64 -10.36
N GLY B 54 22.33 8.88 -9.40
CA GLY B 54 23.34 9.89 -9.57
C GLY B 54 23.86 10.40 -8.24
N ASN B 55 23.66 11.69 -7.98
CA ASN B 55 24.08 12.27 -6.72
C ASN B 55 22.97 12.18 -5.69
N THR B 56 23.33 12.14 -4.43
CA THR B 56 22.37 12.06 -3.36
C THR B 56 22.53 13.26 -2.42
N ASP B 57 21.59 14.19 -2.48
CA ASP B 57 21.72 15.43 -1.72
C ASP B 57 20.41 15.81 -1.02
N ASN B 58 19.45 16.31 -1.80
CA ASN B 58 18.19 16.80 -1.23
C ASN B 58 17.11 15.73 -1.25
N LYS B 59 17.12 14.90 -2.27
CA LYS B 59 16.04 13.95 -2.47
C LYS B 59 16.16 12.75 -1.53
N GLU B 60 17.29 12.62 -0.85
CA GLU B 60 17.53 11.47 0.03
C GLU B 60 16.50 11.39 1.14
N TYR B 61 16.45 12.42 2.00
CA TYR B 61 15.54 12.40 3.13
C TYR B 61 14.09 12.35 2.66
N ALA B 62 13.86 12.88 1.47
CA ALA B 62 12.54 12.82 0.87
C ALA B 62 12.12 11.38 0.61
N VAL B 63 13.00 10.63 -0.07
CA VAL B 63 12.72 9.23 -0.38
C VAL B 63 12.54 8.41 0.90
N ASN B 64 13.49 8.57 1.83
CA ASN B 64 13.50 7.79 3.07
C ASN B 64 12.24 8.01 3.90
N GLU B 65 11.74 9.24 3.93
CA GLU B 65 10.53 9.53 4.66
C GLU B 65 9.31 8.95 3.96
N VAL B 66 9.28 9.05 2.63
CA VAL B 66 8.16 8.51 1.87
C VAL B 66 8.10 6.98 2.01
N VAL B 67 9.25 6.32 1.91
CA VAL B 67 9.28 4.86 2.02
C VAL B 67 8.87 4.41 3.42
N ALA B 68 9.32 5.14 4.44
CA ALA B 68 8.90 4.86 5.82
C ALA B 68 7.41 5.15 5.97
N GLY B 69 6.96 6.21 5.31
CA GLY B 69 5.56 6.54 5.29
C GLY B 69 4.73 5.44 4.70
N ILE B 70 5.15 4.90 3.55
CA ILE B 70 4.46 3.79 2.91
C ILE B 70 4.37 2.59 3.85
N LYS B 71 5.45 2.33 4.57
CA LYS B 71 5.49 1.24 5.56
C LYS B 71 4.31 1.35 6.53
N GLU B 72 4.25 2.47 7.23
CA GLU B 72 3.25 2.66 8.28
C GLU B 72 1.88 2.96 7.68
N TYR B 73 1.86 3.61 6.52
CA TYR B 73 0.61 3.90 5.81
C TYR B 73 -0.04 2.59 5.38
N PHE B 74 0.81 1.63 5.03
CA PHE B 74 0.35 0.30 4.68
C PHE B 74 -0.28 -0.35 5.90
N ASN B 75 0.43 -0.32 7.02
CA ASN B 75 -0.07 -0.92 8.26
C ASN B 75 -1.40 -0.30 8.70
N VAL B 76 -1.50 1.04 8.66
CA VAL B 76 -2.68 1.74 9.19
C VAL B 76 -3.94 1.46 8.34
N MET B 77 -3.74 1.11 7.08
CA MET B 77 -4.88 0.90 6.17
C MET B 77 -5.12 -0.57 5.86
N LEU B 78 -4.07 -1.39 5.99
CA LEU B 78 -4.13 -2.80 5.58
C LEU B 78 -5.20 -3.57 6.36
N GLY B 79 -5.04 -3.65 7.67
CA GLY B 79 -5.88 -4.51 8.47
C GLY B 79 -7.27 -3.96 8.71
N THR B 80 -7.50 -2.73 8.30
CA THR B 80 -8.77 -2.07 8.55
C THR B 80 -9.60 -1.91 7.28
N GLN B 81 -8.95 -1.75 6.15
CA GLN B 81 -9.66 -1.48 4.90
C GLN B 81 -9.18 -2.35 3.73
N LEU B 82 -7.88 -2.54 3.62
CA LEU B 82 -7.31 -3.22 2.45
C LEU B 82 -7.72 -4.69 2.37
N LEU B 83 -7.93 -5.31 3.53
CA LEU B 83 -8.31 -6.72 3.58
C LEU B 83 -9.78 -6.91 3.23
N TYR B 84 -10.06 -7.90 2.40
CA TYR B 84 -11.43 -8.35 2.19
C TYR B 84 -11.83 -9.25 3.35
N LYS B 85 -13.10 -9.65 3.39
CA LYS B 85 -13.58 -10.53 4.46
C LYS B 85 -12.87 -11.87 4.38
N PHE B 86 -12.55 -12.31 3.17
CA PHE B 86 -11.87 -13.56 2.97
C PHE B 86 -10.37 -13.41 3.17
N GLU B 87 -9.90 -12.16 3.19
CA GLU B 87 -8.47 -11.89 3.35
C GLU B 87 -8.13 -11.44 4.76
N ARG B 88 -9.10 -11.46 5.65
CA ARG B 88 -8.83 -11.17 7.04
C ARG B 88 -8.48 -12.45 7.83
N PRO B 89 -9.02 -13.65 7.47
CA PRO B 89 -8.56 -14.92 8.07
C PRO B 89 -7.06 -15.13 7.94
N GLN B 90 -6.49 -14.79 6.78
CA GLN B 90 -5.05 -14.93 6.56
C GLN B 90 -4.27 -14.01 7.51
N TYR B 91 -4.85 -12.87 7.83
CA TYR B 91 -4.27 -11.96 8.81
C TYR B 91 -4.23 -12.65 10.17
N ALA B 92 -5.35 -13.25 10.55
CA ALA B 92 -5.46 -13.97 11.81
C ALA B 92 -4.52 -15.18 11.82
N GLU B 93 -4.46 -15.88 10.69
CA GLU B 93 -3.62 -17.05 10.54
C GLU B 93 -2.16 -16.72 10.87
N ILE B 94 -1.61 -15.76 10.14
CA ILE B 94 -0.21 -15.39 10.29
C ILE B 94 0.05 -14.72 11.63
N LEU B 95 -0.86 -13.86 12.06
CA LEU B 95 -0.68 -13.12 13.31
C LEU B 95 -0.65 -14.06 14.52
N ALA B 96 -1.50 -15.07 14.49
CA ALA B 96 -1.60 -16.01 15.59
C ALA B 96 -0.49 -17.05 15.55
N ASP B 97 -0.03 -17.39 14.34
CA ASP B 97 0.99 -18.41 14.19
C ASP B 97 2.38 -17.79 14.26
N HIS B 98 2.52 -16.58 13.77
CA HIS B 98 3.81 -15.89 13.78
C HIS B 98 3.66 -14.45 14.28
N PRO B 99 3.52 -14.25 15.61
CA PRO B 99 3.45 -12.91 16.19
C PRO B 99 4.81 -12.22 16.12
N ASP B 100 5.83 -12.99 15.79
CA ASP B 100 7.19 -12.49 15.66
C ASP B 100 7.40 -11.86 14.28
N ALA B 101 6.56 -12.23 13.33
CA ALA B 101 6.69 -11.75 11.97
C ALA B 101 5.85 -10.50 11.74
N PRO B 102 6.44 -9.47 11.12
CA PRO B 102 5.72 -8.24 10.75
C PRO B 102 4.76 -8.50 9.60
N MET B 103 3.57 -7.89 9.67
CA MET B 103 2.56 -8.10 8.65
C MET B 103 3.00 -7.48 7.33
N SER B 104 3.80 -6.43 7.43
CA SER B 104 4.36 -5.76 6.27
C SER B 104 5.35 -6.67 5.54
N GLN B 105 5.72 -7.77 6.18
CA GLN B 105 6.64 -8.72 5.60
C GLN B 105 5.89 -9.86 4.92
N VAL B 106 4.89 -10.39 5.62
CA VAL B 106 4.23 -11.61 5.18
C VAL B 106 3.42 -11.42 3.90
N TYR B 107 2.84 -10.23 3.71
CA TYR B 107 1.97 -9.99 2.56
C TYR B 107 2.75 -9.76 1.28
N GLY B 108 4.04 -9.46 1.43
CA GLY B 108 4.92 -9.34 0.28
C GLY B 108 4.54 -8.20 -0.67
N ALA B 109 4.99 -8.32 -1.91
CA ALA B 109 4.79 -7.29 -2.92
C ALA B 109 3.34 -7.20 -3.44
N PRO B 110 2.69 -8.34 -3.80
CA PRO B 110 1.34 -8.31 -4.41
C PRO B 110 0.35 -7.43 -3.66
N HIS B 111 0.40 -7.46 -2.33
CA HIS B 111 -0.57 -6.74 -1.52
C HIS B 111 -0.23 -5.25 -1.41
N LEU B 112 0.96 -4.87 -1.85
CA LEU B 112 1.34 -3.45 -1.87
C LEU B 112 0.45 -2.67 -2.83
N LEU B 113 0.09 -3.30 -3.93
CA LEU B 113 -0.77 -2.67 -4.94
C LEU B 113 -2.07 -2.18 -4.30
N ARG B 114 -2.53 -2.92 -3.31
CA ARG B 114 -3.78 -2.63 -2.64
C ARG B 114 -3.72 -1.27 -1.95
N LEU B 115 -2.55 -0.94 -1.40
CA LEU B 115 -2.37 0.31 -0.68
C LEU B 115 -2.38 1.47 -1.67
N PHE B 116 -1.64 1.33 -2.76
CA PHE B 116 -1.44 2.41 -3.71
C PHE B 116 -2.73 2.75 -4.46
N VAL B 117 -3.63 1.80 -4.57
CA VAL B 117 -4.89 2.03 -5.26
C VAL B 117 -5.94 2.60 -4.32
N ARG B 118 -5.99 2.08 -3.09
CA ARG B 118 -7.04 2.47 -2.15
C ARG B 118 -6.69 3.80 -1.46
N ILE B 119 -5.41 4.16 -1.45
CA ILE B 119 -4.98 5.39 -0.79
C ILE B 119 -5.63 6.61 -1.46
N GLY B 120 -5.96 6.49 -2.74
CA GLY B 120 -6.59 7.58 -3.47
C GLY B 120 -7.92 7.98 -2.85
N ALA B 121 -8.66 6.99 -2.37
CA ALA B 121 -9.94 7.23 -1.71
C ALA B 121 -9.75 8.06 -0.45
N MET B 122 -8.72 7.72 0.30
CA MET B 122 -8.41 8.38 1.56
C MET B 122 -7.88 9.79 1.31
N LEU B 123 -7.21 9.98 0.18
CA LEU B 123 -6.72 11.30 -0.21
C LEU B 123 -7.89 12.20 -0.60
N ALA B 124 -9.02 11.59 -0.88
CA ALA B 124 -10.25 12.33 -1.16
C ALA B 124 -11.00 12.64 0.13
N TYR B 125 -10.90 11.71 1.10
CA TYR B 125 -11.53 11.91 2.40
C TYR B 125 -10.78 12.96 3.20
N THR B 126 -9.47 13.00 3.02
CA THR B 126 -8.64 14.04 3.61
C THR B 126 -7.91 14.80 2.50
N PRO B 127 -8.58 15.80 1.92
CA PRO B 127 -8.06 16.51 0.76
C PRO B 127 -6.96 17.51 1.11
N LEU B 128 -5.73 17.15 0.76
CA LEU B 128 -4.59 18.03 0.92
C LEU B 128 -4.41 18.89 -0.31
N ASP B 129 -3.39 19.76 -0.27
CA ASP B 129 -3.07 20.62 -1.41
C ASP B 129 -2.78 19.81 -2.66
N GLU B 130 -3.23 20.31 -3.79
CA GLU B 130 -3.04 19.64 -5.07
C GLU B 130 -1.56 19.48 -5.36
N LYS B 131 -0.79 20.53 -5.10
CA LYS B 131 0.65 20.51 -5.31
C LYS B 131 1.34 19.53 -4.38
N SER B 132 0.88 19.43 -3.15
CA SER B 132 1.44 18.49 -2.19
C SER B 132 1.13 17.06 -2.61
N LEU B 133 -0.12 16.82 -2.99
CA LEU B 133 -0.55 15.51 -3.44
C LEU B 133 0.16 15.16 -4.75
N ALA B 134 0.42 16.16 -5.57
CA ALA B 134 1.11 15.97 -6.84
C ALA B 134 2.52 15.43 -6.63
N LEU B 135 3.27 16.05 -5.71
CA LEU B 135 4.63 15.60 -5.43
C LEU B 135 4.61 14.19 -4.86
N LEU B 136 3.62 13.91 -4.01
CA LEU B 136 3.45 12.59 -3.43
C LEU B 136 3.10 11.59 -4.53
N LEU B 137 2.26 12.02 -5.46
CA LEU B 137 1.85 11.22 -6.59
C LEU B 137 3.07 10.91 -7.48
N ASN B 138 4.00 11.84 -7.52
CA ASN B 138 5.24 11.66 -8.27
C ASN B 138 6.06 10.53 -7.66
N TYR B 139 6.25 10.58 -6.35
CA TYR B 139 6.95 9.51 -5.63
C TYR B 139 6.20 8.19 -5.81
N LEU B 140 4.87 8.27 -5.70
CA LEU B 140 4.02 7.11 -5.87
C LEU B 140 4.25 6.44 -7.22
N HIS B 141 4.24 7.24 -8.27
CA HIS B 141 4.39 6.72 -9.63
C HIS B 141 5.79 6.20 -9.88
N ASP B 142 6.78 6.85 -9.28
CA ASP B 142 8.16 6.43 -9.44
C ASP B 142 8.39 5.11 -8.71
N PHE B 143 7.76 4.97 -7.55
CA PHE B 143 7.80 3.71 -6.81
C PHE B 143 7.12 2.61 -7.62
N LEU B 144 5.95 2.92 -8.17
CA LEU B 144 5.23 1.98 -9.03
C LEU B 144 6.07 1.62 -10.25
N LYS B 145 6.84 2.58 -10.74
CA LYS B 145 7.75 2.36 -11.85
C LYS B 145 8.76 1.28 -11.49
N TYR B 146 9.35 1.38 -10.30
CA TYR B 146 10.26 0.35 -9.81
C TYR B 146 9.52 -0.96 -9.59
N LEU B 147 8.36 -0.87 -8.95
CA LEU B 147 7.55 -2.02 -8.59
C LEU B 147 7.18 -2.85 -9.83
N ALA B 148 6.76 -2.16 -10.88
CA ALA B 148 6.35 -2.82 -12.12
C ALA B 148 7.54 -3.32 -12.93
N LYS B 149 8.63 -2.55 -12.92
CA LYS B 149 9.81 -2.87 -13.71
C LYS B 149 10.49 -4.15 -13.22
N ASN B 150 10.74 -4.21 -11.92
CA ASN B 150 11.45 -5.35 -11.33
C ASN B 150 10.47 -6.32 -10.69
N SER B 151 9.24 -6.30 -11.17
CA SER B 151 8.17 -7.11 -10.61
C SER B 151 8.50 -8.61 -10.62
N ALA B 152 9.39 -9.01 -11.52
CA ALA B 152 9.76 -10.42 -11.66
C ALA B 152 10.35 -10.97 -10.37
N THR B 153 11.09 -10.15 -9.64
CA THR B 153 11.71 -10.57 -8.40
C THR B 153 10.90 -10.12 -7.19
N LEU B 154 9.75 -9.53 -7.45
CA LEU B 154 8.91 -8.98 -6.38
C LEU B 154 7.62 -9.77 -6.23
N PHE B 155 6.85 -9.85 -7.31
CA PHE B 155 5.53 -10.46 -7.26
C PHE B 155 5.60 -11.99 -7.36
N SER B 156 5.00 -12.65 -6.39
CA SER B 156 4.90 -14.09 -6.39
C SER B 156 3.44 -14.52 -6.21
N ALA B 157 2.74 -14.65 -7.34
CA ALA B 157 1.32 -14.99 -7.32
C ALA B 157 1.11 -16.48 -6.99
N SER B 158 2.18 -17.25 -7.04
CA SER B 158 2.09 -18.69 -6.82
C SER B 158 1.92 -19.04 -5.34
N ASP B 159 2.01 -18.04 -4.48
CA ASP B 159 1.76 -18.26 -3.06
C ASP B 159 0.29 -18.15 -2.75
N TYR B 160 -0.47 -17.66 -3.72
CA TYR B 160 -1.91 -17.69 -3.64
C TYR B 160 -2.40 -19.10 -3.91
N GLU B 161 -2.63 -19.85 -2.85
CA GLU B 161 -3.11 -21.22 -2.97
C GLU B 161 -4.55 -21.32 -2.51
N VAL B 162 -5.30 -22.21 -3.14
CA VAL B 162 -6.72 -22.38 -2.84
C VAL B 162 -6.92 -22.66 -1.36
N ALA B 163 -7.65 -21.78 -0.69
CA ALA B 163 -7.90 -21.94 0.75
C ALA B 163 -8.78 -23.15 1.00
N PRO B 164 -8.28 -24.12 1.77
CA PRO B 164 -9.01 -25.37 2.07
C PRO B 164 -10.35 -25.12 2.75
N PRO B 165 -11.32 -26.02 2.57
CA PRO B 165 -12.64 -25.94 3.20
C PRO B 165 -12.55 -25.78 4.73
N GLU B 166 -11.62 -26.49 5.35
CA GLU B 166 -11.43 -26.40 6.79
C GLU B 166 -10.95 -25.01 7.18
N TYR B 167 -10.15 -24.41 6.31
CA TYR B 167 -9.64 -23.07 6.52
C TYR B 167 -10.79 -22.07 6.52
N HIS B 168 -11.82 -22.37 5.73
CA HIS B 168 -13.02 -21.54 5.67
C HIS B 168 -13.79 -21.58 6.98
N ARG B 169 -13.66 -22.67 7.72
CA ARG B 169 -14.40 -22.86 8.96
C ARG B 169 -13.92 -21.88 10.03
N LYS B 170 -12.63 -21.59 10.04
CA LYS B 170 -12.07 -20.69 11.05
C LYS B 170 -11.98 -19.27 10.52
N ALA B 171 -12.74 -18.98 9.46
CA ALA B 171 -12.75 -17.65 8.85
C ALA B 171 -13.61 -16.68 9.66
N VAL B 172 -14.25 -17.19 10.70
CA VAL B 172 -15.04 -16.37 11.60
C VAL B 172 -14.53 -16.49 13.03
N SER A 1 5.20 -1.89 10.83
CA SER A 1 6.14 -1.55 11.91
C SER A 1 5.54 -0.48 12.82
N ASN A 2 5.91 -0.50 14.10
CA ASN A 2 5.36 0.45 15.06
C ASN A 2 6.41 1.48 15.48
N ALA A 3 6.51 2.55 14.72
CA ALA A 3 7.37 3.66 15.09
C ALA A 3 6.57 4.66 15.93
N GLY A 4 5.50 5.18 15.35
CA GLY A 4 4.63 6.09 16.06
C GLY A 4 3.25 5.51 16.25
N ARG A 5 2.97 4.97 17.42
CA ARG A 5 1.67 4.37 17.71
C ARG A 5 0.62 5.44 17.99
N GLN A 6 1.08 6.68 18.11
CA GLN A 6 0.17 7.81 18.23
C GLN A 6 -0.42 8.08 16.86
N VAL A 7 0.44 8.52 15.95
CA VAL A 7 0.08 8.79 14.57
C VAL A 7 1.33 8.86 13.71
N PRO A 8 1.45 7.96 12.72
CA PRO A 8 2.60 7.91 11.80
C PRO A 8 2.65 9.13 10.88
N SER A 9 1.63 9.96 10.97
CA SER A 9 1.51 11.12 10.11
C SER A 9 2.30 12.31 10.65
N LYS A 10 3.01 12.11 11.75
CA LYS A 10 3.73 13.20 12.39
C LYS A 10 5.24 13.04 12.24
N VAL A 11 5.66 12.09 11.41
CA VAL A 11 7.08 11.89 11.15
C VAL A 11 7.45 12.29 9.71
N ILE A 12 6.99 11.52 8.75
CA ILE A 12 7.28 11.75 7.34
C ILE A 12 6.88 13.15 6.94
N TRP A 13 5.62 13.45 7.20
CA TRP A 13 5.01 14.68 6.72
C TRP A 13 5.44 15.84 7.59
N ASP A 14 6.17 15.56 8.65
CA ASP A 14 6.69 16.61 9.51
C ASP A 14 7.84 17.34 8.80
N HIS A 15 8.83 16.56 8.38
CA HIS A 15 9.97 17.12 7.66
C HIS A 15 9.54 17.48 6.24
N LEU A 16 8.74 16.60 5.65
CA LEU A 16 8.25 16.79 4.30
C LEU A 16 7.47 18.10 4.18
N SER A 17 6.74 18.46 5.24
CA SER A 17 5.96 19.67 5.21
C SER A 17 6.80 20.89 5.52
N THR A 18 7.67 20.81 6.52
CA THR A 18 8.41 21.98 6.95
C THR A 18 9.38 22.47 5.87
N MET A 19 9.84 21.57 5.02
CA MET A 19 10.73 21.96 3.92
C MET A 19 9.95 22.55 2.75
N TYR A 20 8.62 22.43 2.82
CA TYR A 20 7.76 22.80 1.69
C TYR A 20 6.67 23.77 2.13
N ASP A 21 6.73 24.18 3.40
CA ASP A 21 5.69 25.00 4.04
C ASP A 21 4.33 24.29 4.07
N MET A 22 4.34 23.00 3.77
CA MET A 22 3.12 22.20 3.83
C MET A 22 2.72 21.98 5.28
N GLN A 23 3.59 22.44 6.18
CA GLN A 23 3.34 22.34 7.61
C GLN A 23 1.99 22.95 7.99
N ALA A 24 1.73 24.15 7.50
CA ALA A 24 0.47 24.84 7.77
C ALA A 24 -0.70 24.04 7.24
N LEU A 25 -0.47 23.36 6.13
CA LEU A 25 -1.50 22.56 5.46
C LEU A 25 -1.95 21.40 6.36
N HIS A 26 -0.99 20.58 6.78
CA HIS A 26 -1.33 19.38 7.55
C HIS A 26 -1.63 19.71 9.02
N GLU A 27 -1.36 20.95 9.43
CA GLU A 27 -1.71 21.36 10.79
C GLU A 27 -3.07 22.06 10.80
N SER A 28 -3.53 22.47 9.62
CA SER A 28 -4.90 22.94 9.49
C SER A 28 -5.83 21.74 9.30
N GLU A 29 -5.48 20.91 8.34
CA GLU A 29 -6.18 19.64 8.14
C GLU A 29 -5.28 18.50 8.57
N ILE A 30 -5.32 18.21 9.86
CA ILE A 30 -4.45 17.22 10.47
C ILE A 30 -4.79 15.82 10.00
N LEU A 31 -3.77 14.99 9.79
CA LEU A 31 -3.97 13.59 9.44
C LEU A 31 -3.83 12.71 10.67
N PRO A 32 -4.95 12.30 11.27
CA PRO A 32 -4.96 11.29 12.33
C PRO A 32 -5.22 9.89 11.77
N PHE A 33 -6.22 9.80 10.89
CA PHE A 33 -6.65 8.54 10.29
C PHE A 33 -7.00 7.48 11.33
N PRO A 34 -8.22 7.54 11.87
CA PRO A 34 -8.74 6.50 12.76
C PRO A 34 -8.96 5.20 11.99
N ASN A 35 -8.91 5.34 10.66
CA ASN A 35 -8.98 4.23 9.69
C ASN A 35 -10.06 3.19 10.07
N PRO A 36 -11.30 3.42 9.59
CA PRO A 36 -12.42 2.52 9.84
C PRO A 36 -12.31 1.23 9.05
N GLU A 37 -13.03 0.20 9.47
CA GLU A 37 -12.96 -1.08 8.81
C GLU A 37 -13.92 -1.16 7.64
N ARG A 38 -13.34 -1.27 6.45
CA ARG A 38 -14.10 -1.38 5.21
C ARG A 38 -13.29 -2.23 4.24
N ASN A 39 -13.86 -2.61 3.13
CA ASN A 39 -13.17 -3.47 2.18
C ASN A 39 -12.51 -2.64 1.08
N PHE A 40 -11.42 -3.15 0.54
CA PHE A 40 -10.66 -2.48 -0.52
C PHE A 40 -11.54 -2.25 -1.75
N VAL A 41 -12.45 -3.21 -1.97
CA VAL A 41 -13.36 -3.22 -3.13
C VAL A 41 -12.73 -2.68 -4.40
N LEU A 42 -12.07 -3.57 -5.14
CA LEU A 42 -11.44 -3.21 -6.41
C LEU A 42 -12.48 -2.59 -7.34
N PRO A 43 -12.23 -1.35 -7.78
CA PRO A 43 -13.14 -0.63 -8.68
C PRO A 43 -13.52 -1.47 -9.90
N GLU A 44 -14.82 -1.67 -10.06
CA GLU A 44 -15.37 -2.48 -11.15
C GLU A 44 -14.93 -1.93 -12.51
N GLU A 45 -14.64 -0.63 -12.56
CA GLU A 45 -14.22 0.00 -13.81
C GLU A 45 -12.91 -0.59 -14.29
N ILE A 46 -11.99 -0.81 -13.35
CA ILE A 46 -10.68 -1.36 -13.66
C ILE A 46 -10.81 -2.82 -14.07
N ILE A 47 -11.69 -3.54 -13.39
CA ILE A 47 -11.99 -4.92 -13.72
C ILE A 47 -12.46 -5.01 -15.18
N GLN A 48 -13.31 -4.09 -15.57
CA GLN A 48 -13.80 -4.01 -16.93
C GLN A 48 -12.71 -3.60 -17.90
N GLU A 49 -11.88 -2.64 -17.50
CA GLU A 49 -10.75 -2.18 -18.32
C GLU A 49 -9.82 -3.34 -18.66
N VAL A 50 -9.75 -4.29 -17.75
CA VAL A 50 -8.91 -5.46 -17.94
C VAL A 50 -9.61 -6.50 -18.82
N ARG A 51 -10.79 -6.93 -18.39
CA ARG A 51 -11.49 -8.01 -19.07
C ARG A 51 -12.06 -7.59 -20.41
N GLU A 52 -12.74 -6.45 -20.42
CA GLU A 52 -13.44 -5.97 -21.62
C GLU A 52 -12.53 -5.06 -22.43
N GLY A 53 -11.34 -4.79 -21.91
CA GLY A 53 -10.39 -3.93 -22.59
C GLY A 53 -9.65 -4.66 -23.70
N LYS A 54 -10.42 -5.19 -24.64
CA LYS A 54 -9.86 -5.90 -25.78
C LYS A 54 -10.39 -5.28 -27.07
N SER B 1 -15.14 22.54 -11.79
CA SER B 1 -15.70 21.28 -11.26
C SER B 1 -14.65 20.54 -10.43
N ASN B 2 -14.79 20.60 -9.12
CA ASN B 2 -13.87 19.94 -8.22
C ASN B 2 -14.26 18.47 -8.06
N ALA B 3 -13.54 17.60 -8.73
CA ALA B 3 -13.86 16.18 -8.71
C ALA B 3 -12.96 15.41 -7.75
N GLU B 4 -13.29 14.15 -7.51
CA GLU B 4 -12.50 13.31 -6.62
C GLU B 4 -11.15 13.01 -7.24
N VAL B 5 -10.14 12.82 -6.39
CA VAL B 5 -8.79 12.52 -6.85
C VAL B 5 -8.75 11.19 -7.60
N LYS B 6 -8.63 11.27 -8.92
CA LYS B 6 -8.59 10.08 -9.75
C LYS B 6 -7.16 9.81 -10.19
N VAL B 7 -6.43 9.03 -9.41
CA VAL B 7 -5.04 8.73 -9.71
C VAL B 7 -4.95 7.74 -10.87
N LYS B 8 -4.02 8.00 -11.78
CA LYS B 8 -3.83 7.12 -12.92
C LYS B 8 -2.96 5.92 -12.54
N ILE B 9 -3.58 4.76 -12.50
CA ILE B 9 -2.87 3.53 -12.21
C ILE B 9 -2.30 2.94 -13.50
N PRO B 10 -1.01 2.58 -13.50
CA PRO B 10 -0.34 1.98 -14.66
C PRO B 10 -1.13 0.83 -15.29
N GLU B 11 -1.16 0.82 -16.61
CA GLU B 11 -1.95 -0.13 -17.38
C GLU B 11 -1.53 -1.57 -17.10
N GLU B 12 -0.25 -1.76 -16.79
CA GLU B 12 0.29 -3.09 -16.55
C GLU B 12 -0.02 -3.60 -15.14
N LEU B 13 -0.43 -2.70 -14.26
CA LEU B 13 -0.72 -3.07 -12.88
C LEU B 13 -2.20 -3.41 -12.71
N LYS B 14 -3.02 -2.97 -13.67
CA LYS B 14 -4.46 -3.25 -13.65
C LYS B 14 -4.75 -4.76 -13.67
N PRO B 15 -4.20 -5.53 -14.64
CA PRO B 15 -4.42 -6.98 -14.69
C PRO B 15 -4.04 -7.68 -13.39
N TRP B 16 -2.95 -7.23 -12.79
CA TRP B 16 -2.49 -7.80 -11.53
C TRP B 16 -3.47 -7.50 -10.40
N LEU B 17 -3.97 -6.27 -10.37
CA LEU B 17 -4.96 -5.88 -9.38
C LEU B 17 -6.19 -6.79 -9.45
N VAL B 18 -6.67 -6.99 -10.67
CA VAL B 18 -7.83 -7.83 -10.90
C VAL B 18 -7.50 -9.30 -10.62
N ASP B 19 -6.23 -9.65 -10.81
CA ASP B 19 -5.76 -11.02 -10.60
C ASP B 19 -5.67 -11.34 -9.11
N ASP B 20 -5.05 -10.45 -8.34
CA ASP B 20 -4.94 -10.62 -6.88
C ASP B 20 -6.34 -10.69 -6.26
N TRP B 21 -7.19 -9.75 -6.65
CA TRP B 21 -8.57 -9.74 -6.24
C TRP B 21 -9.23 -11.06 -6.64
N ASP B 22 -8.95 -11.49 -7.87
CA ASP B 22 -9.46 -12.75 -8.41
C ASP B 22 -9.03 -13.92 -7.53
N LEU B 23 -7.75 -13.93 -7.16
CA LEU B 23 -7.20 -15.01 -6.34
C LEU B 23 -7.97 -15.19 -5.04
N ILE B 24 -8.23 -14.09 -4.34
CA ILE B 24 -8.95 -14.18 -3.07
C ILE B 24 -10.44 -14.44 -3.27
N THR B 25 -11.08 -13.66 -4.12
CA THR B 25 -12.54 -13.70 -4.23
C THR B 25 -13.02 -14.80 -5.19
N ARG B 26 -12.42 -14.87 -6.36
CA ARG B 26 -12.88 -15.78 -7.41
C ARG B 26 -12.24 -17.16 -7.27
N GLN B 27 -10.92 -17.18 -7.13
CA GLN B 27 -10.19 -18.43 -7.00
C GLN B 27 -10.42 -19.04 -5.62
N LYS B 28 -10.84 -18.19 -4.69
CA LYS B 28 -11.12 -18.62 -3.32
C LYS B 28 -9.86 -19.16 -2.67
N GLN B 29 -8.73 -18.54 -3.00
CA GLN B 29 -7.44 -18.94 -2.49
C GLN B 29 -7.04 -18.10 -1.28
N LEU B 30 -6.05 -18.57 -0.57
CA LEU B 30 -5.54 -17.88 0.61
C LEU B 30 -4.06 -17.60 0.46
N PHE B 31 -3.59 -16.60 1.18
CA PHE B 31 -2.17 -16.32 1.23
C PHE B 31 -1.68 -16.51 2.66
N TYR B 32 -1.44 -17.76 3.04
CA TYR B 32 -0.98 -18.07 4.38
C TYR B 32 0.49 -18.47 4.36
N LEU B 33 1.34 -17.47 4.35
CA LEU B 33 2.79 -17.63 4.33
C LEU B 33 3.42 -16.25 4.31
N PRO B 34 4.63 -16.10 4.87
CA PRO B 34 5.34 -14.83 4.80
C PRO B 34 6.04 -14.66 3.45
N ALA B 35 5.56 -13.69 2.67
CA ALA B 35 6.05 -13.44 1.33
C ALA B 35 7.57 -13.33 1.29
N LYS B 36 8.17 -13.99 0.31
CA LYS B 36 9.61 -13.99 0.12
C LYS B 36 10.07 -12.64 -0.42
N LYS B 37 9.15 -11.89 -1.00
CA LYS B 37 9.39 -10.52 -1.39
C LYS B 37 8.56 -9.58 -0.53
N ASN B 38 9.17 -9.07 0.53
CA ASN B 38 8.45 -8.26 1.49
C ASN B 38 8.63 -6.78 1.21
N VAL B 39 7.66 -5.99 1.65
CA VAL B 39 7.60 -4.55 1.38
C VAL B 39 8.89 -3.85 1.83
N ASP B 40 9.37 -4.23 3.00
CA ASP B 40 10.56 -3.61 3.58
C ASP B 40 11.77 -3.72 2.65
N SER B 41 11.97 -4.89 2.05
CA SER B 41 13.11 -5.12 1.18
C SER B 41 12.96 -4.36 -0.14
N ILE B 42 11.72 -4.17 -0.58
CA ILE B 42 11.45 -3.41 -1.79
C ILE B 42 11.72 -1.93 -1.56
N LEU B 43 11.18 -1.41 -0.47
CA LEU B 43 11.41 -0.02 -0.09
C LEU B 43 12.89 0.23 0.14
N GLU B 44 13.55 -0.75 0.74
CA GLU B 44 14.98 -0.67 1.01
C GLU B 44 15.77 -0.49 -0.30
N ASP B 45 15.52 -1.37 -1.26
CA ASP B 45 16.24 -1.32 -2.53
C ASP B 45 15.88 -0.06 -3.31
N TYR B 46 14.63 0.35 -3.20
CA TYR B 46 14.19 1.60 -3.83
C TYR B 46 14.92 2.79 -3.23
N ALA B 47 15.03 2.81 -1.90
CA ALA B 47 15.74 3.86 -1.21
C ALA B 47 17.20 3.90 -1.67
N ASN B 48 17.83 2.73 -1.69
CA ASN B 48 19.21 2.62 -2.16
C ASN B 48 19.33 3.05 -3.61
N TYR B 49 18.33 2.68 -4.41
CA TYR B 49 18.30 3.02 -5.83
C TYR B 49 18.40 4.53 -6.03
N LYS B 50 17.53 5.27 -5.35
CA LYS B 50 17.47 6.72 -5.51
C LYS B 50 18.77 7.37 -5.04
N LYS B 51 19.33 6.86 -3.95
CA LYS B 51 20.58 7.40 -3.41
C LYS B 51 21.76 7.05 -4.32
N SER B 52 21.58 6.06 -5.18
CA SER B 52 22.62 5.63 -6.10
C SER B 52 22.41 6.26 -7.48
N ARG B 53 21.40 7.11 -7.59
CA ARG B 53 21.13 7.81 -8.85
C ARG B 53 21.55 9.26 -8.76
N GLY B 54 22.10 9.63 -7.61
CA GLY B 54 22.56 10.99 -7.40
C GLY B 54 23.32 11.11 -6.11
N ASN B 55 24.44 11.83 -6.14
CA ASN B 55 25.25 12.01 -4.95
C ASN B 55 24.47 12.71 -3.84
N THR B 56 24.29 12.02 -2.74
CA THR B 56 23.54 12.56 -1.62
C THR B 56 24.42 12.75 -0.40
N ASP B 57 24.27 13.90 0.23
CA ASP B 57 24.89 14.16 1.52
C ASP B 57 23.82 14.11 2.59
N ASN B 58 22.81 14.94 2.41
CA ASN B 58 21.68 14.99 3.33
C ASN B 58 20.37 14.86 2.55
N LYS B 59 20.48 14.84 1.22
CA LYS B 59 19.32 14.76 0.34
C LYS B 59 18.55 13.47 0.55
N GLU B 60 19.22 12.48 1.15
CA GLU B 60 18.61 11.20 1.48
C GLU B 60 17.31 11.36 2.25
N TYR B 61 17.22 12.44 3.02
CA TYR B 61 16.04 12.70 3.86
C TYR B 61 14.75 12.65 3.04
N ALA B 62 14.80 13.10 1.80
CA ALA B 62 13.63 13.09 0.93
C ALA B 62 13.17 11.65 0.69
N VAL B 63 14.12 10.82 0.27
CA VAL B 63 13.85 9.41 0.03
C VAL B 63 13.45 8.71 1.34
N ASN B 64 14.23 9.00 2.38
CA ASN B 64 14.00 8.40 3.71
C ASN B 64 12.57 8.62 4.17
N GLU B 65 12.12 9.87 4.13
CA GLU B 65 10.78 10.21 4.54
C GLU B 65 9.74 9.48 3.68
N VAL B 66 9.85 9.60 2.36
CA VAL B 66 8.87 9.00 1.46
C VAL B 66 8.81 7.48 1.64
N VAL B 67 9.97 6.84 1.73
CA VAL B 67 10.04 5.40 1.95
C VAL B 67 9.34 5.00 3.24
N ALA B 68 9.67 5.71 4.31
CA ALA B 68 9.01 5.48 5.60
C ALA B 68 7.52 5.76 5.48
N GLY B 69 7.20 6.80 4.71
CA GLY B 69 5.82 7.18 4.48
C GLY B 69 5.00 6.06 3.87
N ILE B 70 5.48 5.53 2.76
CA ILE B 70 4.80 4.43 2.08
C ILE B 70 4.61 3.25 3.03
N LYS B 71 5.64 2.98 3.83
CA LYS B 71 5.60 1.88 4.78
C LYS B 71 4.49 2.06 5.80
N GLU B 72 4.52 3.16 6.53
CA GLU B 72 3.56 3.38 7.61
C GLU B 72 2.16 3.71 7.05
N TYR B 73 2.12 4.39 5.92
CA TYR B 73 0.84 4.69 5.26
C TYR B 73 0.13 3.41 4.90
N PHE B 74 0.91 2.42 4.46
CA PHE B 74 0.40 1.10 4.15
C PHE B 74 -0.14 0.43 5.41
N ASN B 75 0.62 0.54 6.49
CA ASN B 75 0.23 -0.06 7.77
C ASN B 75 -1.07 0.55 8.31
N VAL B 76 -1.28 1.84 8.08
CA VAL B 76 -2.48 2.53 8.59
C VAL B 76 -3.76 1.85 8.10
N MET B 77 -3.85 1.60 6.80
CA MET B 77 -5.10 1.14 6.20
C MET B 77 -5.08 -0.32 5.78
N LEU B 78 -3.99 -1.03 6.03
CA LEU B 78 -3.89 -2.42 5.61
C LEU B 78 -4.91 -3.30 6.30
N GLY B 79 -4.80 -3.39 7.62
CA GLY B 79 -5.62 -4.33 8.37
C GLY B 79 -7.06 -3.90 8.52
N THR B 80 -7.35 -2.68 8.11
CA THR B 80 -8.69 -2.14 8.27
C THR B 80 -9.44 -2.03 6.95
N GLN B 81 -8.71 -1.70 5.87
CA GLN B 81 -9.36 -1.45 4.58
C GLN B 81 -8.75 -2.28 3.45
N LEU B 82 -7.43 -2.29 3.37
CA LEU B 82 -6.73 -2.93 2.24
C LEU B 82 -6.80 -4.44 2.32
N LEU B 83 -7.28 -4.96 3.43
CA LEU B 83 -7.40 -6.39 3.64
C LEU B 83 -8.84 -6.83 3.36
N TYR B 84 -9.01 -7.85 2.53
CA TYR B 84 -10.35 -8.32 2.16
C TYR B 84 -11.03 -9.01 3.34
N LYS B 85 -12.33 -9.26 3.21
CA LYS B 85 -13.10 -9.89 4.28
C LYS B 85 -12.72 -11.37 4.41
N PHE B 86 -12.58 -12.03 3.27
CA PHE B 86 -12.15 -13.43 3.23
C PHE B 86 -10.65 -13.54 3.53
N GLU B 87 -10.02 -12.39 3.66
CA GLU B 87 -8.58 -12.32 3.88
C GLU B 87 -8.28 -12.04 5.36
N ARG B 88 -9.32 -11.72 6.11
CA ARG B 88 -9.18 -11.43 7.54
C ARG B 88 -8.75 -12.68 8.35
N PRO B 89 -9.36 -13.86 8.13
CA PRO B 89 -8.93 -15.10 8.78
C PRO B 89 -7.46 -15.41 8.53
N GLN B 90 -6.97 -15.00 7.37
CA GLN B 90 -5.57 -15.21 7.01
C GLN B 90 -4.68 -14.42 7.96
N TYR B 91 -5.03 -13.17 8.18
CA TYR B 91 -4.34 -12.31 9.15
C TYR B 91 -4.32 -12.96 10.53
N ALA B 92 -5.49 -13.38 10.99
CA ALA B 92 -5.61 -13.99 12.31
C ALA B 92 -4.71 -15.21 12.45
N GLU B 93 -4.74 -16.09 11.45
CA GLU B 93 -3.96 -17.32 11.48
C GLU B 93 -2.46 -17.04 11.45
N ILE B 94 -2.04 -16.16 10.54
CA ILE B 94 -0.63 -15.81 10.42
C ILE B 94 -0.09 -15.23 11.72
N LEU B 95 -0.87 -14.33 12.33
CA LEU B 95 -0.46 -13.69 13.57
C LEU B 95 -0.54 -14.68 14.75
N ALA B 96 -1.37 -15.69 14.61
CA ALA B 96 -1.50 -16.72 15.64
C ALA B 96 -0.30 -17.66 15.61
N ASP B 97 0.15 -18.01 14.42
CA ASP B 97 1.29 -18.90 14.26
C ASP B 97 2.59 -18.15 14.50
N HIS B 98 2.73 -17.00 13.88
CA HIS B 98 3.96 -16.22 13.96
C HIS B 98 3.76 -14.95 14.76
N PRO B 99 4.26 -14.92 16.01
CA PRO B 99 4.15 -13.75 16.88
C PRO B 99 5.07 -12.60 16.46
N ASP B 100 6.05 -12.93 15.63
CA ASP B 100 7.00 -11.94 15.13
C ASP B 100 6.53 -11.35 13.81
N ALA B 101 5.58 -12.02 13.17
CA ALA B 101 5.21 -11.72 11.78
C ALA B 101 4.86 -10.26 11.57
N PRO B 102 5.72 -9.53 10.84
CA PRO B 102 5.45 -8.17 10.42
C PRO B 102 4.49 -8.14 9.23
N MET B 103 3.50 -7.27 9.29
CA MET B 103 2.50 -7.17 8.23
C MET B 103 3.14 -6.77 6.91
N SER B 104 4.19 -5.96 6.99
CA SER B 104 4.89 -5.52 5.79
C SER B 104 5.85 -6.60 5.28
N GLN B 105 5.87 -7.75 5.94
CA GLN B 105 6.68 -8.87 5.49
C GLN B 105 5.80 -9.94 4.86
N VAL B 106 4.88 -10.48 5.66
CA VAL B 106 4.07 -11.62 5.26
C VAL B 106 3.21 -11.35 4.03
N TYR B 107 2.67 -10.14 3.92
CA TYR B 107 1.80 -9.81 2.79
C TYR B 107 2.62 -9.44 1.56
N GLY B 108 3.76 -8.80 1.79
CA GLY B 108 4.74 -8.57 0.75
C GLY B 108 4.26 -7.74 -0.42
N ALA B 109 4.97 -7.88 -1.54
CA ALA B 109 4.73 -7.09 -2.75
C ALA B 109 3.29 -7.19 -3.28
N PRO B 110 2.71 -8.41 -3.45
CA PRO B 110 1.35 -8.57 -4.00
C PRO B 110 0.33 -7.64 -3.35
N HIS B 111 0.41 -7.52 -2.04
CA HIS B 111 -0.55 -6.72 -1.27
C HIS B 111 -0.19 -5.23 -1.27
N LEU B 112 1.05 -4.93 -1.60
CA LEU B 112 1.56 -3.55 -1.55
C LEU B 112 0.81 -2.66 -2.53
N LEU B 113 0.58 -3.17 -3.73
CA LEU B 113 0.00 -2.38 -4.82
C LEU B 113 -1.40 -1.85 -4.48
N ARG B 114 -2.12 -2.55 -3.61
CA ARG B 114 -3.48 -2.15 -3.25
C ARG B 114 -3.50 -0.74 -2.65
N LEU B 115 -2.40 -0.34 -2.02
CA LEU B 115 -2.30 0.96 -1.37
C LEU B 115 -2.50 2.09 -2.38
N PHE B 116 -1.79 2.00 -3.50
CA PHE B 116 -1.77 3.09 -4.49
C PHE B 116 -3.12 3.27 -5.15
N VAL B 117 -3.91 2.21 -5.19
CA VAL B 117 -5.22 2.25 -5.81
C VAL B 117 -6.25 2.85 -4.86
N ARG B 118 -6.17 2.47 -3.60
CA ARG B 118 -7.16 2.90 -2.63
C ARG B 118 -6.81 4.26 -2.04
N ILE B 119 -5.53 4.62 -2.06
CA ILE B 119 -5.09 5.90 -1.50
C ILE B 119 -5.69 7.05 -2.30
N GLY B 120 -5.87 6.85 -3.60
CA GLY B 120 -6.47 7.87 -4.45
C GLY B 120 -7.88 8.22 -4.00
N ALA B 121 -8.64 7.19 -3.64
CA ALA B 121 -9.99 7.38 -3.14
C ALA B 121 -9.97 8.00 -1.75
N MET B 122 -8.97 7.62 -0.97
CA MET B 122 -8.84 8.10 0.40
C MET B 122 -8.45 9.57 0.44
N LEU B 123 -7.73 10.02 -0.59
CA LEU B 123 -7.32 11.41 -0.69
C LEU B 123 -8.53 12.32 -0.95
N ALA B 124 -9.67 11.71 -1.27
CA ALA B 124 -10.90 12.45 -1.45
C ALA B 124 -11.52 12.80 -0.11
N TYR B 125 -11.20 11.99 0.91
CA TYR B 125 -11.72 12.22 2.26
C TYR B 125 -10.87 13.25 2.98
N THR B 126 -9.57 13.18 2.77
CA THR B 126 -8.64 14.13 3.36
C THR B 126 -7.58 14.55 2.34
N PRO B 127 -7.87 15.61 1.58
CA PRO B 127 -6.96 16.10 0.55
C PRO B 127 -6.02 17.20 1.06
N LEU B 128 -4.76 17.07 0.71
CA LEU B 128 -3.78 18.11 1.02
C LEU B 128 -3.78 19.16 -0.08
N ASP B 129 -2.84 20.10 -0.03
CA ASP B 129 -2.71 21.10 -1.08
C ASP B 129 -2.39 20.40 -2.40
N GLU B 130 -2.67 21.07 -3.50
CA GLU B 130 -2.54 20.46 -4.82
C GLU B 130 -1.07 20.30 -5.20
N LYS B 131 -0.21 21.15 -4.64
CA LYS B 131 1.22 21.05 -4.89
C LYS B 131 1.81 19.90 -4.05
N SER B 132 1.33 19.79 -2.82
CA SER B 132 1.73 18.71 -1.94
C SER B 132 1.19 17.37 -2.45
N LEU B 133 0.01 17.43 -3.05
CA LEU B 133 -0.59 16.27 -3.68
C LEU B 133 0.27 15.81 -4.85
N ALA B 134 0.73 16.78 -5.64
CA ALA B 134 1.65 16.52 -6.74
C ALA B 134 2.92 15.85 -6.24
N LEU B 135 3.41 16.30 -5.09
CA LEU B 135 4.56 15.66 -4.43
C LEU B 135 4.30 14.18 -4.21
N LEU B 136 3.22 13.88 -3.52
CA LEU B 136 2.86 12.51 -3.19
C LEU B 136 2.73 11.66 -4.44
N LEU B 137 1.87 12.11 -5.37
CA LEU B 137 1.61 11.37 -6.60
C LEU B 137 2.87 11.20 -7.43
N ASN B 138 3.77 12.19 -7.37
CA ASN B 138 5.04 12.12 -8.08
C ASN B 138 5.85 10.93 -7.60
N TYR B 139 6.07 10.87 -6.29
CA TYR B 139 6.86 9.81 -5.69
C TYR B 139 6.14 8.47 -5.78
N LEU B 140 4.81 8.50 -5.64
CA LEU B 140 4.02 7.27 -5.77
C LEU B 140 4.19 6.67 -7.16
N HIS B 141 4.09 7.52 -8.18
CA HIS B 141 4.24 7.07 -9.56
C HIS B 141 5.69 6.70 -9.87
N ASP B 142 6.62 7.35 -9.20
CA ASP B 142 8.04 7.03 -9.34
C ASP B 142 8.30 5.63 -8.78
N PHE B 143 7.71 5.36 -7.62
CA PHE B 143 7.80 4.03 -7.01
C PHE B 143 7.09 3.01 -7.87
N LEU B 144 5.91 3.37 -8.39
CA LEU B 144 5.15 2.49 -9.28
C LEU B 144 5.97 2.16 -10.53
N LYS B 145 6.72 3.14 -11.01
CA LYS B 145 7.62 2.95 -12.12
C LYS B 145 8.63 1.84 -11.81
N TYR B 146 9.28 1.95 -10.66
CA TYR B 146 10.21 0.93 -10.20
C TYR B 146 9.49 -0.40 -9.98
N LEU B 147 8.33 -0.30 -9.34
CA LEU B 147 7.51 -1.47 -9.00
C LEU B 147 7.16 -2.27 -10.26
N ALA B 148 6.73 -1.57 -11.30
CA ALA B 148 6.36 -2.22 -12.55
C ALA B 148 7.59 -2.69 -13.31
N LYS B 149 8.70 -1.99 -13.12
CA LYS B 149 9.95 -2.31 -13.81
C LYS B 149 10.53 -3.62 -13.29
N ASN B 150 10.56 -3.77 -11.97
CA ASN B 150 11.17 -4.94 -11.35
C ASN B 150 10.11 -5.95 -10.93
N SER B 151 8.90 -5.76 -11.44
CA SER B 151 7.72 -6.52 -11.01
C SER B 151 7.88 -8.03 -11.24
N ALA B 152 8.70 -8.41 -12.20
CA ALA B 152 8.84 -9.81 -12.61
C ALA B 152 9.28 -10.71 -11.44
N THR B 153 10.04 -10.15 -10.52
CA THR B 153 10.54 -10.92 -9.39
C THR B 153 9.90 -10.42 -8.08
N LEU B 154 8.88 -9.59 -8.21
CA LEU B 154 8.19 -9.02 -7.05
C LEU B 154 6.86 -9.71 -6.80
N PHE B 155 5.98 -9.65 -7.79
CA PHE B 155 4.64 -10.18 -7.64
C PHE B 155 4.61 -11.68 -7.86
N SER B 156 4.54 -12.43 -6.77
CA SER B 156 4.51 -13.88 -6.84
C SER B 156 3.12 -14.41 -6.47
N ALA B 157 2.31 -14.71 -7.48
CA ALA B 157 1.00 -15.30 -7.27
C ALA B 157 1.13 -16.78 -6.91
N SER B 158 2.33 -17.31 -7.12
CA SER B 158 2.62 -18.73 -6.93
C SER B 158 2.37 -19.18 -5.48
N ASP B 159 2.49 -18.25 -4.55
CA ASP B 159 2.40 -18.57 -3.13
C ASP B 159 0.94 -18.67 -2.68
N TYR B 160 0.02 -18.26 -3.54
CA TYR B 160 -1.39 -18.38 -3.23
C TYR B 160 -1.86 -19.83 -3.40
N GLU B 161 -2.60 -20.32 -2.43
CA GLU B 161 -3.07 -21.70 -2.44
C GLU B 161 -4.57 -21.77 -2.19
N VAL B 162 -5.22 -22.77 -2.77
CA VAL B 162 -6.67 -22.90 -2.68
C VAL B 162 -7.11 -23.15 -1.24
N ALA B 163 -8.08 -22.35 -0.79
CA ALA B 163 -8.58 -22.46 0.58
C ALA B 163 -9.40 -23.73 0.77
N PRO B 164 -8.93 -24.62 1.66
CA PRO B 164 -9.63 -25.87 1.97
C PRO B 164 -10.98 -25.62 2.63
N PRO B 165 -11.97 -26.49 2.34
CA PRO B 165 -13.31 -26.41 2.94
C PRO B 165 -13.28 -26.28 4.46
N GLU B 166 -12.42 -27.05 5.11
CA GLU B 166 -12.30 -27.01 6.56
C GLU B 166 -11.77 -25.66 7.05
N TYR B 167 -10.97 -25.00 6.21
CA TYR B 167 -10.47 -23.68 6.55
C TYR B 167 -11.63 -22.69 6.53
N HIS B 168 -12.51 -22.84 5.55
CA HIS B 168 -13.68 -21.98 5.42
C HIS B 168 -14.55 -22.10 6.67
N ARG B 169 -14.56 -23.29 7.26
CA ARG B 169 -15.38 -23.57 8.43
C ARG B 169 -14.79 -22.93 9.69
N LYS B 170 -13.49 -22.62 9.67
CA LYS B 170 -12.86 -21.99 10.83
C LYS B 170 -12.54 -20.53 10.54
N ALA B 171 -12.80 -20.11 9.30
CA ALA B 171 -12.52 -18.74 8.87
C ALA B 171 -13.48 -17.77 9.54
N VAL B 172 -14.68 -18.25 9.84
CA VAL B 172 -15.69 -17.41 10.46
C VAL B 172 -16.34 -18.15 11.63
N SER A 1 5.62 1.00 28.38
CA SER A 1 6.59 2.06 28.03
C SER A 1 5.90 3.15 27.22
N ASN A 2 5.54 2.83 25.98
CA ASN A 2 4.86 3.76 25.08
C ASN A 2 4.60 3.09 23.73
N ALA A 3 4.09 3.85 22.79
CA ALA A 3 3.88 3.36 21.44
C ALA A 3 4.91 3.97 20.50
N GLY A 4 5.96 3.21 20.22
CA GLY A 4 7.00 3.67 19.31
C GLY A 4 6.56 3.61 17.87
N ARG A 5 5.53 4.37 17.57
CA ARG A 5 4.95 4.41 16.23
C ARG A 5 4.67 5.85 15.85
N GLN A 6 4.15 6.62 16.82
CA GLN A 6 3.76 8.01 16.61
C GLN A 6 2.63 8.12 15.60
N VAL A 7 2.18 9.33 15.36
CA VAL A 7 1.22 9.56 14.30
C VAL A 7 1.97 9.89 13.01
N PRO A 8 1.55 9.28 11.89
CA PRO A 8 2.23 9.44 10.60
C PRO A 8 2.46 10.90 10.22
N SER A 9 1.56 11.76 10.69
CA SER A 9 1.66 13.18 10.44
C SER A 9 2.94 13.74 11.03
N LYS A 10 3.12 13.58 12.35
CA LYS A 10 4.30 14.12 13.00
C LYS A 10 5.36 13.04 13.20
N VAL A 11 5.99 12.68 12.09
CA VAL A 11 7.13 11.76 12.11
C VAL A 11 7.69 11.65 10.69
N ILE A 12 6.79 11.47 9.74
CA ILE A 12 7.16 11.39 8.34
C ILE A 12 6.81 12.70 7.66
N TRP A 13 5.54 13.06 7.77
CA TRP A 13 5.02 14.26 7.13
C TRP A 13 5.54 15.50 7.84
N ASP A 14 6.09 15.31 9.02
CA ASP A 14 6.78 16.37 9.74
C ASP A 14 7.85 16.97 8.85
N HIS A 15 8.71 16.10 8.33
CA HIS A 15 9.80 16.51 7.46
C HIS A 15 9.25 16.92 6.10
N LEU A 16 8.41 16.05 5.54
CA LEU A 16 7.83 16.27 4.21
C LEU A 16 7.12 17.62 4.12
N SER A 17 6.40 17.98 5.18
CA SER A 17 5.62 19.20 5.17
C SER A 17 6.47 20.42 5.48
N THR A 18 7.38 20.32 6.44
CA THR A 18 8.16 21.49 6.85
C THR A 18 9.09 21.96 5.73
N MET A 19 9.52 21.04 4.87
CA MET A 19 10.43 21.39 3.78
C MET A 19 9.68 22.09 2.64
N TYR A 20 8.35 22.07 2.68
CA TYR A 20 7.54 22.58 1.58
C TYR A 20 6.44 23.52 2.09
N ASP A 21 6.49 23.84 3.38
CA ASP A 21 5.46 24.65 4.05
C ASP A 21 4.10 23.97 4.00
N MET A 22 4.09 22.67 3.77
CA MET A 22 2.84 21.90 3.77
C MET A 22 2.33 21.73 5.19
N GLN A 23 3.09 22.24 6.16
CA GLN A 23 2.69 22.25 7.55
C GLN A 23 1.26 22.76 7.69
N ALA A 24 1.04 23.98 7.19
CA ALA A 24 -0.28 24.60 7.21
C ALA A 24 -1.33 23.68 6.56
N LEU A 25 -0.92 23.05 5.46
CA LEU A 25 -1.78 22.14 4.72
C LEU A 25 -2.21 20.95 5.60
N HIS A 26 -1.23 20.29 6.20
CA HIS A 26 -1.48 19.07 6.97
C HIS A 26 -2.06 19.38 8.35
N GLU A 27 -1.75 20.54 8.88
CA GLU A 27 -2.26 20.94 10.18
C GLU A 27 -3.71 21.41 10.07
N SER A 28 -4.08 21.89 8.89
CA SER A 28 -5.45 22.27 8.62
C SER A 28 -6.33 21.03 8.53
N GLU A 29 -5.87 20.08 7.74
CA GLU A 29 -6.60 18.83 7.57
C GLU A 29 -5.65 17.66 7.71
N ILE A 30 -5.58 17.12 8.93
CA ILE A 30 -4.76 15.95 9.20
C ILE A 30 -5.52 14.69 8.80
N LEU A 31 -4.83 13.54 8.76
CA LEU A 31 -5.46 12.31 8.30
C LEU A 31 -5.59 11.20 9.36
N PRO A 32 -5.55 11.48 10.67
CA PRO A 32 -5.50 10.43 11.64
C PRO A 32 -6.88 10.08 12.19
N PHE A 33 -7.89 10.31 11.38
CA PHE A 33 -9.26 9.99 11.74
C PHE A 33 -9.42 8.48 11.86
N PRO A 34 -10.14 8.02 12.91
CA PRO A 34 -10.32 6.59 13.20
C PRO A 34 -10.85 5.81 12.00
N ASN A 35 -9.96 5.05 11.38
CA ASN A 35 -10.31 4.25 10.23
C ASN A 35 -10.86 2.90 10.69
N PRO A 36 -12.15 2.64 10.42
CA PRO A 36 -12.80 1.38 10.78
C PRO A 36 -12.44 0.26 9.82
N GLU A 37 -12.80 -0.96 10.20
CA GLU A 37 -12.53 -2.13 9.38
C GLU A 37 -13.68 -2.36 8.42
N ARG A 38 -13.36 -2.39 7.13
CA ARG A 38 -14.36 -2.55 6.10
C ARG A 38 -14.00 -3.70 5.17
N ASN A 39 -13.32 -3.37 4.08
CA ASN A 39 -12.96 -4.32 3.03
C ASN A 39 -12.25 -3.56 1.92
N PHE A 40 -11.32 -4.22 1.23
CA PHE A 40 -10.56 -3.55 0.19
C PHE A 40 -11.43 -3.16 -0.99
N VAL A 41 -11.93 -4.17 -1.69
CA VAL A 41 -12.68 -4.05 -2.95
C VAL A 41 -11.86 -3.35 -4.04
N LEU A 42 -12.07 -3.76 -5.27
CA LEU A 42 -11.35 -3.20 -6.39
C LEU A 42 -12.32 -2.46 -7.31
N PRO A 43 -11.99 -1.20 -7.67
CA PRO A 43 -12.79 -0.41 -8.60
C PRO A 43 -13.10 -1.17 -9.89
N GLU A 44 -14.38 -1.26 -10.21
CA GLU A 44 -14.86 -2.05 -11.34
C GLU A 44 -14.30 -1.54 -12.66
N GLU A 45 -13.98 -0.25 -12.71
CA GLU A 45 -13.44 0.36 -13.91
C GLU A 45 -12.10 -0.28 -14.28
N ILE A 46 -11.33 -0.60 -13.25
CA ILE A 46 -10.05 -1.26 -13.42
C ILE A 46 -10.26 -2.71 -13.83
N ILE A 47 -11.21 -3.35 -13.17
CA ILE A 47 -11.54 -4.75 -13.42
C ILE A 47 -11.92 -4.97 -14.88
N GLN A 48 -12.82 -4.14 -15.39
CA GLN A 48 -13.25 -4.26 -16.78
C GLN A 48 -12.15 -3.84 -17.75
N GLU A 49 -11.42 -2.79 -17.38
CA GLU A 49 -10.33 -2.28 -18.21
C GLU A 49 -9.33 -3.39 -18.52
N VAL A 50 -9.03 -4.20 -17.52
CA VAL A 50 -8.06 -5.27 -17.65
C VAL A 50 -8.66 -6.50 -18.33
N ARG A 51 -9.77 -6.99 -17.80
CA ARG A 51 -10.33 -8.26 -18.23
C ARG A 51 -10.94 -8.17 -19.62
N GLU A 52 -11.38 -7.00 -20.00
CA GLU A 52 -11.90 -6.79 -21.34
C GLU A 52 -10.76 -6.41 -22.28
N GLY A 53 -9.99 -5.40 -21.88
CA GLY A 53 -8.87 -4.97 -22.70
C GLY A 53 -7.61 -5.76 -22.40
N LYS A 54 -7.62 -7.03 -22.75
CA LYS A 54 -6.48 -7.90 -22.53
C LYS A 54 -6.08 -8.60 -23.81
N SER B 1 -21.44 14.51 -4.44
CA SER B 1 -20.12 14.23 -5.02
C SER B 1 -19.14 15.34 -4.66
N ASN B 2 -17.91 14.96 -4.34
CA ASN B 2 -16.89 15.92 -3.93
C ASN B 2 -15.61 15.70 -4.72
N ALA B 3 -14.64 16.57 -4.53
CA ALA B 3 -13.36 16.44 -5.19
C ALA B 3 -12.55 15.32 -4.55
N GLU B 4 -12.58 14.16 -5.16
CA GLU B 4 -11.86 13.00 -4.66
C GLU B 4 -10.60 12.78 -5.49
N VAL B 5 -9.58 12.22 -4.85
CA VAL B 5 -8.28 12.06 -5.49
C VAL B 5 -8.31 10.89 -6.47
N LYS B 6 -8.54 11.20 -7.74
CA LYS B 6 -8.53 10.20 -8.79
C LYS B 6 -7.10 9.91 -9.25
N VAL B 7 -6.47 8.95 -8.60
CA VAL B 7 -5.10 8.60 -8.90
C VAL B 7 -5.02 7.71 -10.13
N LYS B 8 -4.20 8.13 -11.08
CA LYS B 8 -3.87 7.29 -12.23
C LYS B 8 -3.11 6.06 -11.76
N ILE B 9 -3.73 4.91 -11.82
CA ILE B 9 -3.06 3.68 -11.45
C ILE B 9 -2.25 3.17 -12.63
N PRO B 10 -0.95 2.91 -12.44
CA PRO B 10 -0.04 2.47 -13.49
C PRO B 10 -0.61 1.33 -14.33
N GLU B 11 -0.54 1.50 -15.64
CA GLU B 11 -1.10 0.55 -16.60
C GLU B 11 -0.45 -0.82 -16.43
N GLU B 12 0.78 -0.82 -15.95
CA GLU B 12 1.54 -2.05 -15.79
C GLU B 12 1.07 -2.83 -14.56
N LEU B 13 0.47 -2.14 -13.60
CA LEU B 13 0.05 -2.78 -12.35
C LEU B 13 -1.45 -3.05 -12.34
N LYS B 14 -2.14 -2.54 -13.36
CA LYS B 14 -3.58 -2.75 -13.50
C LYS B 14 -3.94 -4.25 -13.52
N PRO B 15 -3.33 -5.07 -14.41
CA PRO B 15 -3.61 -6.50 -14.48
C PRO B 15 -3.38 -7.21 -13.15
N TRP B 16 -2.26 -6.89 -12.50
CA TRP B 16 -1.90 -7.52 -11.24
C TRP B 16 -2.96 -7.25 -10.18
N LEU B 17 -3.47 -6.03 -10.15
CA LEU B 17 -4.52 -5.65 -9.21
C LEU B 17 -5.78 -6.48 -9.42
N VAL B 18 -6.21 -6.59 -10.67
CA VAL B 18 -7.41 -7.33 -11.01
C VAL B 18 -7.22 -8.82 -10.78
N ASP B 19 -6.02 -9.32 -11.05
CA ASP B 19 -5.72 -10.73 -10.84
C ASP B 19 -5.64 -11.06 -9.36
N ASP B 20 -5.08 -10.14 -8.57
CA ASP B 20 -5.05 -10.29 -7.11
C ASP B 20 -6.47 -10.45 -6.57
N TRP B 21 -7.32 -9.51 -6.99
CA TRP B 21 -8.74 -9.54 -6.65
C TRP B 21 -9.37 -10.86 -7.09
N ASP B 22 -9.08 -11.27 -8.32
CA ASP B 22 -9.63 -12.51 -8.88
C ASP B 22 -9.20 -13.73 -8.08
N LEU B 23 -7.94 -13.75 -7.69
CA LEU B 23 -7.38 -14.88 -6.94
C LEU B 23 -8.07 -15.03 -5.59
N ILE B 24 -8.31 -13.92 -4.90
CA ILE B 24 -8.94 -13.99 -3.58
C ILE B 24 -10.43 -14.36 -3.71
N THR B 25 -11.14 -13.63 -4.56
CA THR B 25 -12.59 -13.77 -4.66
C THR B 25 -12.99 -15.04 -5.41
N ARG B 26 -12.60 -15.14 -6.67
CA ARG B 26 -13.03 -16.23 -7.53
C ARG B 26 -12.24 -17.50 -7.27
N GLN B 27 -10.93 -17.39 -7.23
CA GLN B 27 -10.06 -18.56 -7.20
C GLN B 27 -9.90 -19.11 -5.78
N LYS B 28 -10.22 -18.29 -4.78
CA LYS B 28 -10.13 -18.69 -3.37
C LYS B 28 -8.68 -19.01 -2.98
N GLN B 29 -7.74 -18.38 -3.68
CA GLN B 29 -6.33 -18.58 -3.43
C GLN B 29 -5.79 -17.45 -2.55
N LEU B 30 -5.26 -17.82 -1.39
CA LEU B 30 -4.77 -16.84 -0.43
C LEU B 30 -3.26 -16.84 -0.37
N PHE B 31 -2.69 -15.66 -0.25
CA PHE B 31 -1.26 -15.51 -0.01
C PHE B 31 -1.02 -15.43 1.48
N TYR B 32 -0.94 -16.59 2.12
CA TYR B 32 -0.78 -16.63 3.57
C TYR B 32 0.43 -17.45 3.95
N LEU B 33 1.57 -16.75 3.93
CA LEU B 33 2.87 -17.34 4.22
C LEU B 33 3.90 -16.22 4.24
N PRO B 34 5.04 -16.42 4.93
CA PRO B 34 6.09 -15.39 5.00
C PRO B 34 6.65 -15.06 3.61
N ALA B 35 6.39 -13.84 3.16
CA ALA B 35 6.78 -13.41 1.83
C ALA B 35 8.29 -13.47 1.64
N LYS B 36 8.70 -14.02 0.50
CA LYS B 36 10.10 -14.13 0.15
C LYS B 36 10.63 -12.78 -0.33
N LYS B 37 9.72 -11.96 -0.84
CA LYS B 37 10.04 -10.58 -1.18
C LYS B 37 9.04 -9.68 -0.48
N ASN B 38 9.37 -9.27 0.74
CA ASN B 38 8.44 -8.54 1.59
C ASN B 38 8.45 -7.04 1.25
N VAL B 39 7.53 -6.31 1.88
CA VAL B 39 7.39 -4.87 1.66
C VAL B 39 8.67 -4.13 2.05
N ASP B 40 9.27 -4.55 3.16
CA ASP B 40 10.49 -3.91 3.66
C ASP B 40 11.61 -4.03 2.65
N SER B 41 11.78 -5.22 2.07
CA SER B 41 12.80 -5.43 1.07
C SER B 41 12.55 -4.56 -0.16
N ILE B 42 11.28 -4.41 -0.54
CA ILE B 42 10.93 -3.57 -1.67
C ILE B 42 11.30 -2.13 -1.40
N LEU B 43 10.93 -1.64 -0.21
CA LEU B 43 11.26 -0.28 0.20
C LEU B 43 12.77 -0.11 0.28
N GLU B 44 13.44 -1.13 0.80
CA GLU B 44 14.90 -1.14 0.89
C GLU B 44 15.52 -1.02 -0.50
N ASP B 45 15.09 -1.90 -1.41
CA ASP B 45 15.60 -1.91 -2.78
C ASP B 45 15.29 -0.58 -3.47
N TYR B 46 14.08 -0.06 -3.27
CA TYR B 46 13.70 1.22 -3.83
C TYR B 46 14.62 2.32 -3.31
N ALA B 47 14.81 2.36 -2.01
CA ALA B 47 15.66 3.37 -1.38
C ALA B 47 17.07 3.30 -1.96
N ASN B 48 17.62 2.10 -2.00
CA ASN B 48 18.97 1.90 -2.51
C ASN B 48 19.05 2.26 -3.98
N TYR B 49 18.01 1.96 -4.74
CA TYR B 49 17.94 2.32 -6.16
C TYR B 49 18.08 3.84 -6.32
N LYS B 50 17.31 4.58 -5.53
CA LYS B 50 17.31 6.04 -5.62
C LYS B 50 18.66 6.60 -5.18
N LYS B 51 19.23 6.02 -4.13
CA LYS B 51 20.50 6.47 -3.60
C LYS B 51 21.66 6.10 -4.52
N SER B 52 21.38 5.24 -5.49
CA SER B 52 22.39 4.83 -6.45
C SER B 52 22.25 5.61 -7.75
N ARG B 53 21.42 6.65 -7.73
CA ARG B 53 21.26 7.52 -8.89
C ARG B 53 22.14 8.76 -8.73
N GLY B 54 22.54 9.02 -7.49
CA GLY B 54 23.41 10.14 -7.21
C GLY B 54 22.69 11.46 -7.24
N ASN B 55 23.08 12.32 -8.19
CA ASN B 55 22.52 13.67 -8.34
C ASN B 55 22.95 14.57 -7.18
N THR B 56 22.31 14.40 -6.02
CA THR B 56 22.63 15.18 -4.84
C THR B 56 22.31 14.39 -3.57
N ASP B 57 23.08 14.65 -2.51
CA ASP B 57 22.83 14.01 -1.22
C ASP B 57 21.51 14.50 -0.64
N ASN B 58 21.09 15.69 -1.08
CA ASN B 58 19.86 16.31 -0.62
C ASN B 58 18.63 15.62 -1.23
N LYS B 59 18.81 14.40 -1.74
CA LYS B 59 17.70 13.62 -2.23
C LYS B 59 17.43 12.44 -1.31
N GLU B 60 18.38 12.13 -0.43
CA GLU B 60 18.28 10.94 0.41
C GLU B 60 17.17 11.08 1.45
N TYR B 61 17.08 12.24 2.11
CA TYR B 61 16.06 12.45 3.14
C TYR B 61 14.67 12.31 2.53
N ALA B 62 14.53 12.69 1.27
CA ALA B 62 13.25 12.56 0.57
C ALA B 62 12.87 11.09 0.47
N VAL B 63 13.82 10.28 0.04
CA VAL B 63 13.61 8.84 -0.06
C VAL B 63 13.32 8.26 1.32
N ASN B 64 14.14 8.66 2.29
CA ASN B 64 14.02 8.17 3.67
C ASN B 64 12.60 8.34 4.19
N GLU B 65 12.07 9.55 4.05
CA GLU B 65 10.74 9.85 4.54
C GLU B 65 9.68 9.06 3.79
N VAL B 66 9.75 9.04 2.46
CA VAL B 66 8.74 8.36 1.67
C VAL B 66 8.73 6.86 1.97
N VAL B 67 9.92 6.26 2.08
CA VAL B 67 10.04 4.84 2.41
C VAL B 67 9.40 4.55 3.77
N ALA B 68 9.77 5.34 4.77
CA ALA B 68 9.21 5.20 6.11
C ALA B 68 7.70 5.46 6.07
N GLY B 69 7.31 6.43 5.27
CA GLY B 69 5.91 6.77 5.11
C GLY B 69 5.09 5.63 4.57
N ILE B 70 5.55 5.05 3.46
CA ILE B 70 4.84 3.94 2.83
C ILE B 70 4.67 2.78 3.80
N LYS B 71 5.74 2.46 4.54
CA LYS B 71 5.68 1.38 5.53
C LYS B 71 4.60 1.64 6.58
N GLU B 72 4.70 2.77 7.27
CA GLU B 72 3.81 3.08 8.36
C GLU B 72 2.38 3.37 7.87
N TYR B 73 2.27 4.04 6.73
CA TYR B 73 0.95 4.34 6.17
C TYR B 73 0.22 3.05 5.85
N PHE B 74 0.97 2.07 5.35
CA PHE B 74 0.44 0.75 5.06
C PHE B 74 -0.02 0.08 6.35
N ASN B 75 0.80 0.19 7.39
CA ASN B 75 0.51 -0.42 8.69
C ASN B 75 -0.74 0.19 9.34
N VAL B 76 -1.04 1.45 9.02
CA VAL B 76 -2.21 2.12 9.59
C VAL B 76 -3.52 1.58 8.97
N MET B 77 -3.47 1.23 7.68
CA MET B 77 -4.69 0.98 6.94
C MET B 77 -4.82 -0.47 6.48
N LEU B 78 -3.81 -1.29 6.75
CA LEU B 78 -3.74 -2.65 6.22
C LEU B 78 -4.95 -3.49 6.67
N GLY B 79 -5.09 -3.68 7.97
CA GLY B 79 -6.11 -4.60 8.47
C GLY B 79 -7.50 -4.00 8.47
N THR B 80 -7.59 -2.72 8.16
CA THR B 80 -8.85 -2.01 8.19
C THR B 80 -9.52 -1.95 6.83
N GLN B 81 -8.81 -1.47 5.81
CA GLN B 81 -9.45 -1.21 4.52
C GLN B 81 -8.68 -1.80 3.34
N LEU B 82 -7.53 -2.41 3.57
CA LEU B 82 -6.76 -2.99 2.48
C LEU B 82 -6.76 -4.50 2.54
N LEU B 83 -7.53 -5.05 3.47
CA LEU B 83 -7.61 -6.48 3.64
C LEU B 83 -9.05 -6.94 3.43
N TYR B 84 -9.23 -8.03 2.68
CA TYR B 84 -10.55 -8.58 2.46
C TYR B 84 -11.04 -9.30 3.71
N LYS B 85 -12.35 -9.48 3.81
CA LYS B 85 -12.92 -10.25 4.92
C LYS B 85 -12.49 -11.70 4.80
N PHE B 86 -12.22 -12.12 3.57
CA PHE B 86 -11.77 -13.48 3.29
C PHE B 86 -10.30 -13.64 3.69
N GLU B 87 -9.63 -12.51 3.92
CA GLU B 87 -8.23 -12.53 4.32
C GLU B 87 -8.09 -12.26 5.83
N ARG B 88 -9.21 -12.03 6.49
CA ARG B 88 -9.20 -11.86 7.93
C ARG B 88 -8.70 -13.14 8.64
N PRO B 89 -9.16 -14.34 8.23
CA PRO B 89 -8.64 -15.60 8.76
C PRO B 89 -7.12 -15.76 8.55
N GLN B 90 -6.60 -15.37 7.38
CA GLN B 90 -5.16 -15.50 7.12
C GLN B 90 -4.39 -14.53 7.98
N TYR B 91 -4.98 -13.36 8.24
CA TYR B 91 -4.40 -12.38 9.15
C TYR B 91 -4.22 -13.00 10.53
N ALA B 92 -5.28 -13.62 11.03
CA ALA B 92 -5.25 -14.29 12.32
C ALA B 92 -4.25 -15.45 12.30
N GLU B 93 -4.33 -16.25 11.23
CA GLU B 93 -3.45 -17.40 11.05
C GLU B 93 -1.98 -16.99 11.11
N ILE B 94 -1.60 -16.06 10.25
CA ILE B 94 -0.21 -15.62 10.16
C ILE B 94 0.25 -14.96 11.45
N LEU B 95 -0.56 -14.07 11.99
CA LEU B 95 -0.20 -13.32 13.19
C LEU B 95 0.00 -14.24 14.39
N ALA B 96 -0.77 -15.33 14.43
CA ALA B 96 -0.67 -16.28 15.53
C ALA B 96 0.47 -17.27 15.31
N ASP B 97 0.72 -17.64 14.06
CA ASP B 97 1.76 -18.62 13.74
C ASP B 97 3.13 -17.95 13.68
N HIS B 98 3.16 -16.71 13.23
CA HIS B 98 4.42 -15.95 13.16
C HIS B 98 4.27 -14.62 13.89
N PRO B 99 4.44 -14.62 15.22
CA PRO B 99 4.37 -13.41 16.03
C PRO B 99 5.66 -12.60 15.98
N ASP B 100 6.62 -13.08 15.19
CA ASP B 100 7.91 -12.43 15.05
C ASP B 100 8.02 -11.80 13.66
N ALA B 101 6.90 -11.73 12.97
CA ALA B 101 6.87 -11.18 11.62
C ALA B 101 5.86 -10.03 11.52
N PRO B 102 6.33 -8.83 11.15
CA PRO B 102 5.46 -7.67 10.97
C PRO B 102 4.55 -7.79 9.73
N MET B 103 3.61 -6.87 9.60
CA MET B 103 2.66 -6.90 8.49
C MET B 103 3.38 -6.73 7.15
N SER B 104 4.39 -5.88 7.14
CA SER B 104 5.17 -5.61 5.93
C SER B 104 6.04 -6.82 5.54
N GLN B 105 6.03 -7.85 6.38
CA GLN B 105 6.85 -9.02 6.15
C GLN B 105 6.11 -10.10 5.36
N VAL B 106 4.84 -10.31 5.70
CA VAL B 106 4.11 -11.45 5.19
C VAL B 106 3.30 -11.16 3.93
N TYR B 107 2.71 -9.98 3.84
CA TYR B 107 1.80 -9.67 2.73
C TYR B 107 2.53 -9.36 1.43
N GLY B 108 3.79 -8.94 1.55
CA GLY B 108 4.64 -8.76 0.39
C GLY B 108 4.14 -7.73 -0.61
N ALA B 109 4.53 -7.93 -1.87
CA ALA B 109 4.26 -6.98 -2.95
C ALA B 109 2.78 -6.92 -3.37
N PRO B 110 2.13 -8.07 -3.68
CA PRO B 110 0.75 -8.06 -4.19
C PRO B 110 -0.23 -7.29 -3.29
N HIS B 111 -0.05 -7.42 -1.99
CA HIS B 111 -0.93 -6.76 -1.03
C HIS B 111 -0.56 -5.30 -0.85
N LEU B 112 0.65 -4.93 -1.27
CA LEU B 112 1.14 -3.57 -1.15
C LEU B 112 0.42 -2.65 -2.14
N LEU B 113 0.22 -3.16 -3.35
CA LEU B 113 -0.38 -2.39 -4.45
C LEU B 113 -1.73 -1.80 -4.05
N ARG B 114 -2.44 -2.52 -3.20
CA ARG B 114 -3.79 -2.13 -2.81
C ARG B 114 -3.82 -0.75 -2.15
N LEU B 115 -2.77 -0.43 -1.40
CA LEU B 115 -2.70 0.83 -0.67
C LEU B 115 -2.74 2.02 -1.63
N PHE B 116 -2.15 1.84 -2.80
CA PHE B 116 -2.06 2.90 -3.80
C PHE B 116 -3.41 3.11 -4.48
N VAL B 117 -4.25 2.09 -4.43
CA VAL B 117 -5.57 2.17 -5.05
C VAL B 117 -6.53 2.93 -4.15
N ARG B 118 -6.55 2.56 -2.88
CA ARG B 118 -7.49 3.15 -1.93
C ARG B 118 -6.93 4.41 -1.29
N ILE B 119 -5.72 4.80 -1.65
CA ILE B 119 -5.11 6.00 -1.10
C ILE B 119 -5.86 7.23 -1.61
N GLY B 120 -6.35 7.15 -2.86
CA GLY B 120 -7.11 8.24 -3.42
C GLY B 120 -8.44 8.42 -2.73
N ALA B 121 -9.03 7.30 -2.30
CA ALA B 121 -10.28 7.32 -1.57
C ALA B 121 -10.09 7.91 -0.19
N MET B 122 -9.00 7.52 0.46
CA MET B 122 -8.69 8.00 1.80
C MET B 122 -8.32 9.47 1.78
N LEU B 123 -7.53 9.87 0.79
CA LEU B 123 -7.12 11.26 0.67
C LEU B 123 -8.24 12.12 0.12
N ALA B 124 -9.36 11.50 -0.23
CA ALA B 124 -10.55 12.23 -0.59
C ALA B 124 -11.18 12.85 0.65
N TYR B 125 -10.76 12.33 1.80
CA TYR B 125 -11.19 12.86 3.09
C TYR B 125 -10.17 13.88 3.59
N THR B 126 -9.06 14.00 2.88
CA THR B 126 -8.00 14.92 3.26
C THR B 126 -7.48 15.68 2.03
N PRO B 127 -8.22 16.71 1.59
CA PRO B 127 -7.87 17.49 0.40
C PRO B 127 -6.66 18.38 0.62
N LEU B 128 -5.54 18.00 0.04
CA LEU B 128 -4.33 18.81 0.10
C LEU B 128 -4.24 19.73 -1.12
N ASP B 129 -3.23 20.58 -1.15
CA ASP B 129 -3.03 21.51 -2.26
C ASP B 129 -2.63 20.73 -3.51
N GLU B 130 -2.75 21.37 -4.66
CA GLU B 130 -2.45 20.73 -5.93
C GLU B 130 -0.95 20.46 -6.05
N LYS B 131 -0.14 21.36 -5.52
CA LYS B 131 1.31 21.17 -5.52
C LYS B 131 1.65 19.97 -4.66
N SER B 132 1.06 19.97 -3.48
CA SER B 132 1.22 18.90 -2.51
C SER B 132 0.83 17.56 -3.14
N LEU B 133 -0.34 17.52 -3.76
CA LEU B 133 -0.85 16.30 -4.37
C LEU B 133 0.06 15.87 -5.51
N ALA B 134 0.49 16.84 -6.32
CA ALA B 134 1.36 16.57 -7.46
C ALA B 134 2.66 15.90 -7.03
N LEU B 135 3.27 16.38 -5.94
CA LEU B 135 4.53 15.81 -5.49
C LEU B 135 4.30 14.46 -4.83
N LEU B 136 3.16 14.31 -4.15
CA LEU B 136 2.81 13.04 -3.52
C LEU B 136 2.65 11.95 -4.58
N LEU B 137 1.90 12.27 -5.62
CA LEU B 137 1.69 11.32 -6.72
C LEU B 137 2.96 11.13 -7.53
N ASN B 138 3.82 12.15 -7.52
CA ASN B 138 5.12 12.05 -8.21
C ASN B 138 5.94 10.91 -7.62
N TYR B 139 6.18 10.98 -6.32
CA TYR B 139 6.93 9.93 -5.63
C TYR B 139 6.15 8.62 -5.63
N LEU B 140 4.84 8.73 -5.52
CA LEU B 140 3.95 7.57 -5.52
C LEU B 140 4.12 6.79 -6.83
N HIS B 141 4.06 7.50 -7.95
CA HIS B 141 4.17 6.88 -9.25
C HIS B 141 5.59 6.41 -9.53
N ASP B 142 6.56 7.08 -8.93
CA ASP B 142 7.97 6.70 -9.09
C ASP B 142 8.23 5.33 -8.46
N PHE B 143 7.67 5.14 -7.26
CA PHE B 143 7.78 3.86 -6.56
C PHE B 143 7.00 2.78 -7.31
N LEU B 144 5.81 3.13 -7.78
CA LEU B 144 4.99 2.21 -8.57
C LEU B 144 5.70 1.83 -9.87
N LYS B 145 6.43 2.79 -10.43
CA LYS B 145 7.25 2.55 -11.61
C LYS B 145 8.31 1.50 -11.31
N TYR B 146 8.93 1.61 -10.13
CA TYR B 146 9.92 0.63 -9.71
C TYR B 146 9.29 -0.76 -9.60
N LEU B 147 8.07 -0.80 -9.08
CA LEU B 147 7.33 -2.06 -8.96
C LEU B 147 7.01 -2.63 -10.34
N ALA B 148 6.64 -1.76 -11.26
CA ALA B 148 6.32 -2.17 -12.62
C ALA B 148 7.57 -2.64 -13.37
N LYS B 149 8.70 -2.06 -13.03
CA LYS B 149 9.99 -2.41 -13.63
C LYS B 149 10.30 -3.89 -13.46
N ASN B 150 10.17 -4.39 -12.23
CA ASN B 150 10.51 -5.78 -11.93
C ASN B 150 9.25 -6.58 -11.63
N SER B 151 8.13 -6.13 -12.17
CA SER B 151 6.83 -6.73 -11.89
C SER B 151 6.80 -8.22 -12.25
N ALA B 152 7.43 -8.57 -13.36
CA ALA B 152 7.37 -9.92 -13.89
C ALA B 152 8.13 -10.92 -13.02
N THR B 153 8.96 -10.43 -12.12
CA THR B 153 9.78 -11.30 -11.29
C THR B 153 9.43 -11.22 -9.81
N LEU B 154 9.03 -10.03 -9.33
CA LEU B 154 8.75 -9.87 -7.90
C LEU B 154 7.33 -10.31 -7.54
N PHE B 155 6.43 -10.27 -8.51
CA PHE B 155 5.05 -10.70 -8.27
C PHE B 155 4.91 -12.20 -8.38
N SER B 156 5.14 -12.90 -7.28
CA SER B 156 4.98 -14.34 -7.24
C SER B 156 3.51 -14.67 -6.92
N ALA B 157 2.68 -14.69 -7.96
CA ALA B 157 1.27 -14.99 -7.80
C ALA B 157 1.04 -16.48 -7.58
N SER B 158 2.10 -17.26 -7.72
CA SER B 158 2.02 -18.70 -7.58
C SER B 158 1.95 -19.12 -6.11
N ASP B 159 2.33 -18.20 -5.22
CA ASP B 159 2.27 -18.48 -3.78
C ASP B 159 0.86 -18.31 -3.25
N TYR B 160 -0.02 -17.76 -4.10
CA TYR B 160 -1.43 -17.71 -3.77
C TYR B 160 -2.00 -19.12 -3.82
N GLU B 161 -2.29 -19.67 -2.65
CA GLU B 161 -2.69 -21.05 -2.53
C GLU B 161 -4.13 -21.15 -2.05
N VAL B 162 -4.90 -22.03 -2.72
CA VAL B 162 -6.30 -22.23 -2.37
C VAL B 162 -6.44 -22.76 -0.94
N ALA B 163 -7.34 -22.15 -0.19
CA ALA B 163 -7.53 -22.51 1.21
C ALA B 163 -8.68 -23.50 1.37
N PRO B 164 -8.61 -24.37 2.39
CA PRO B 164 -9.63 -25.39 2.65
C PRO B 164 -10.96 -24.80 3.13
N PRO B 165 -12.05 -25.60 3.04
CA PRO B 165 -13.39 -25.17 3.46
C PRO B 165 -13.44 -24.54 4.86
N GLU B 166 -12.70 -25.12 5.81
CA GLU B 166 -12.72 -24.61 7.19
C GLU B 166 -12.12 -23.21 7.28
N TYR B 167 -11.28 -22.85 6.32
CA TYR B 167 -10.70 -21.51 6.27
C TYR B 167 -11.80 -20.49 5.97
N HIS B 168 -12.76 -20.89 5.16
CA HIS B 168 -13.88 -20.03 4.80
C HIS B 168 -14.76 -19.77 6.02
N ARG B 169 -14.77 -20.75 6.93
CA ARG B 169 -15.59 -20.68 8.12
C ARG B 169 -15.08 -19.62 9.10
N LYS B 170 -13.77 -19.58 9.30
CA LYS B 170 -13.21 -18.62 10.25
C LYS B 170 -13.02 -17.25 9.62
N ALA B 171 -13.78 -16.99 8.56
CA ALA B 171 -13.83 -15.68 7.92
C ALA B 171 -15.17 -15.01 8.20
N VAL B 172 -16.12 -15.80 8.70
CA VAL B 172 -17.47 -15.33 8.92
C VAL B 172 -17.93 -15.64 10.35
N SER A 1 -2.40 9.02 21.71
CA SER A 1 -2.59 10.37 22.30
C SER A 1 -1.24 10.98 22.64
N ASN A 2 -1.15 12.30 22.57
CA ASN A 2 0.14 13.00 22.76
C ASN A 2 0.55 13.01 24.23
N ALA A 3 -0.23 12.35 25.07
CA ALA A 3 0.14 12.16 26.47
C ALA A 3 0.91 10.84 26.64
N GLY A 4 0.95 10.05 25.57
CA GLY A 4 1.63 8.77 25.62
C GLY A 4 2.18 8.35 24.28
N ARG A 5 1.32 7.83 23.41
CA ARG A 5 1.72 7.35 22.09
C ARG A 5 1.38 8.36 21.00
N GLN A 6 2.40 8.83 20.30
CA GLN A 6 2.21 9.79 19.22
C GLN A 6 1.79 9.06 17.94
N VAL A 7 1.26 9.80 16.99
CA VAL A 7 0.78 9.21 15.75
C VAL A 7 1.79 9.42 14.63
N PRO A 8 1.89 8.48 13.68
CA PRO A 8 2.82 8.58 12.55
C PRO A 8 2.35 9.58 11.50
N SER A 9 2.68 10.85 11.71
CA SER A 9 2.28 11.90 10.79
C SER A 9 3.19 13.11 10.94
N LYS A 10 3.32 13.60 12.16
CA LYS A 10 4.06 14.83 12.45
C LYS A 10 5.56 14.52 12.59
N VAL A 11 5.98 13.40 12.02
CA VAL A 11 7.38 13.03 12.01
C VAL A 11 7.90 12.98 10.57
N ILE A 12 7.22 12.19 9.74
CA ILE A 12 7.59 12.05 8.34
C ILE A 12 7.21 13.31 7.58
N TRP A 13 5.95 13.67 7.70
CA TRP A 13 5.40 14.78 6.96
C TRP A 13 5.83 16.08 7.59
N ASP A 14 6.53 15.99 8.71
CA ASP A 14 7.11 17.17 9.34
C ASP A 14 8.33 17.62 8.54
N HIS A 15 9.04 16.64 7.99
CA HIS A 15 10.16 16.92 7.11
C HIS A 15 9.64 17.37 5.76
N LEU A 16 8.67 16.60 5.24
CA LEU A 16 8.05 16.94 3.96
C LEU A 16 7.37 18.32 4.05
N SER A 17 6.89 18.68 5.24
CA SER A 17 6.22 19.95 5.44
C SER A 17 7.21 21.08 5.59
N THR A 18 8.25 20.87 6.39
CA THR A 18 9.19 21.94 6.66
C THR A 18 9.96 22.34 5.40
N MET A 19 10.22 21.38 4.51
CA MET A 19 10.95 21.68 3.28
C MET A 19 10.05 22.29 2.21
N TYR A 20 8.76 22.00 2.27
CA TYR A 20 7.82 22.45 1.25
C TYR A 20 6.87 23.51 1.79
N ASP A 21 7.03 23.84 3.07
CA ASP A 21 6.13 24.76 3.77
C ASP A 21 4.72 24.18 3.82
N MET A 22 4.63 22.85 3.79
CA MET A 22 3.34 22.18 3.93
C MET A 22 2.92 22.15 5.39
N GLN A 23 3.79 22.67 6.25
CA GLN A 23 3.51 22.77 7.67
C GLN A 23 2.11 23.32 7.86
N ALA A 24 1.86 24.46 7.23
CA ALA A 24 0.56 25.11 7.22
C ALA A 24 -0.57 24.11 6.99
N LEU A 25 -0.48 23.39 5.87
CA LEU A 25 -1.54 22.50 5.44
C LEU A 25 -1.70 21.32 6.40
N HIS A 26 -0.62 20.92 7.06
CA HIS A 26 -0.67 19.78 7.97
C HIS A 26 -1.07 20.19 9.37
N GLU A 27 -0.89 21.46 9.68
CA GLU A 27 -1.38 21.99 10.94
C GLU A 27 -2.89 22.08 10.87
N SER A 28 -3.40 22.27 9.66
CA SER A 28 -4.83 22.22 9.39
C SER A 28 -5.28 20.77 9.23
N GLU A 29 -4.53 20.02 8.43
CA GLU A 29 -4.86 18.63 8.11
C GLU A 29 -3.80 17.68 8.65
N ILE A 30 -4.07 17.18 9.86
CA ILE A 30 -3.21 16.19 10.49
C ILE A 30 -3.69 14.79 10.13
N LEU A 31 -2.82 13.79 10.22
CA LEU A 31 -3.20 12.41 9.93
C LEU A 31 -2.99 11.49 11.14
N PRO A 32 -3.83 11.63 12.17
CA PRO A 32 -3.91 10.66 13.26
C PRO A 32 -5.15 9.77 13.14
N PHE A 33 -5.96 10.02 12.12
CA PHE A 33 -7.27 9.42 12.02
C PHE A 33 -7.20 8.02 11.44
N PRO A 34 -7.91 7.08 12.08
CA PRO A 34 -8.04 5.71 11.61
C PRO A 34 -9.25 5.57 10.68
N ASN A 35 -9.59 4.34 10.36
CA ASN A 35 -10.75 4.06 9.54
C ASN A 35 -11.35 2.73 9.96
N PRO A 36 -12.69 2.60 9.93
CA PRO A 36 -13.38 1.38 10.33
C PRO A 36 -13.04 0.21 9.40
N GLU A 37 -13.00 -0.99 9.96
CA GLU A 37 -12.72 -2.18 9.17
C GLU A 37 -13.80 -2.40 8.12
N ARG A 38 -13.44 -2.13 6.88
CA ARG A 38 -14.34 -2.34 5.76
C ARG A 38 -13.84 -3.49 4.93
N ASN A 39 -14.13 -3.48 3.64
CA ASN A 39 -13.58 -4.49 2.75
C ASN A 39 -12.96 -3.84 1.53
N PHE A 40 -11.89 -4.44 1.04
CA PHE A 40 -11.25 -3.94 -0.16
C PHE A 40 -11.93 -4.53 -1.38
N VAL A 41 -12.68 -3.70 -2.09
CA VAL A 41 -13.26 -4.11 -3.36
C VAL A 41 -12.53 -3.40 -4.49
N LEU A 42 -11.88 -4.17 -5.34
CA LEU A 42 -11.13 -3.63 -6.47
C LEU A 42 -12.09 -2.85 -7.38
N PRO A 43 -11.78 -1.57 -7.65
CA PRO A 43 -12.58 -0.73 -8.53
C PRO A 43 -12.92 -1.45 -9.83
N GLU A 44 -14.21 -1.66 -10.05
CA GLU A 44 -14.69 -2.46 -11.16
C GLU A 44 -14.32 -1.85 -12.51
N GLU A 45 -14.06 -0.55 -12.53
CA GLU A 45 -13.64 0.12 -13.75
C GLU A 45 -12.30 -0.43 -14.21
N ILE A 46 -11.44 -0.72 -13.25
CA ILE A 46 -10.13 -1.30 -13.54
C ILE A 46 -10.27 -2.76 -13.95
N ILE A 47 -11.09 -3.49 -13.19
CA ILE A 47 -11.37 -4.89 -13.51
C ILE A 47 -11.90 -5.01 -14.94
N GLN A 48 -12.96 -4.26 -15.23
CA GLN A 48 -13.58 -4.29 -16.55
C GLN A 48 -12.64 -3.78 -17.62
N GLU A 49 -11.76 -2.84 -17.26
CA GLU A 49 -10.78 -2.30 -18.21
C GLU A 49 -9.79 -3.37 -18.65
N VAL A 50 -9.43 -4.25 -17.72
CA VAL A 50 -8.54 -5.36 -18.03
C VAL A 50 -9.28 -6.43 -18.84
N ARG A 51 -10.53 -6.66 -18.46
CA ARG A 51 -11.36 -7.67 -19.10
C ARG A 51 -11.72 -7.27 -20.53
N GLU A 52 -12.42 -6.15 -20.65
CA GLU A 52 -12.95 -5.71 -21.94
C GLU A 52 -12.94 -4.18 -22.01
N GLY A 53 -11.87 -3.59 -21.50
CA GLY A 53 -11.75 -2.15 -21.46
C GLY A 53 -11.33 -1.58 -22.79
N LYS A 54 -12.26 -1.54 -23.72
CA LYS A 54 -12.01 -1.05 -25.05
C LYS A 54 -13.20 -0.19 -25.50
N SER B 1 -16.16 21.06 -4.56
CA SER B 1 -17.24 20.23 -3.98
C SER B 1 -17.04 18.75 -4.29
N ASN B 2 -17.01 18.40 -5.57
CA ASN B 2 -16.76 17.02 -5.99
C ASN B 2 -15.27 16.73 -5.95
N ALA B 3 -14.87 15.82 -5.08
CA ALA B 3 -13.47 15.50 -4.92
C ALA B 3 -13.25 13.99 -4.97
N GLU B 4 -12.93 13.50 -6.15
CA GLU B 4 -12.65 12.09 -6.35
C GLU B 4 -11.25 11.91 -6.92
N VAL B 5 -10.28 11.65 -6.04
CA VAL B 5 -8.92 11.47 -6.48
C VAL B 5 -8.72 10.05 -7.01
N LYS B 6 -8.92 9.89 -8.31
CA LYS B 6 -8.73 8.61 -8.95
C LYS B 6 -7.29 8.46 -9.42
N VAL B 7 -6.54 7.64 -8.70
CA VAL B 7 -5.12 7.45 -8.96
C VAL B 7 -4.91 6.74 -10.29
N LYS B 8 -4.01 7.29 -11.10
CA LYS B 8 -3.71 6.72 -12.40
C LYS B 8 -2.78 5.52 -12.23
N ILE B 9 -3.31 4.34 -12.52
CA ILE B 9 -2.55 3.11 -12.38
C ILE B 9 -1.96 2.70 -13.71
N PRO B 10 -0.67 2.34 -13.74
CA PRO B 10 0.00 1.86 -14.95
C PRO B 10 -0.69 0.62 -15.52
N GLU B 11 -0.81 0.57 -16.83
CA GLU B 11 -1.48 -0.55 -17.51
C GLU B 11 -0.79 -1.87 -17.19
N GLU B 12 0.47 -1.80 -16.77
CA GLU B 12 1.24 -3.00 -16.44
C GLU B 12 0.71 -3.67 -15.18
N LEU B 13 0.32 -2.87 -14.20
CA LEU B 13 -0.03 -3.39 -12.87
C LEU B 13 -1.51 -3.75 -12.77
N LYS B 14 -2.30 -3.29 -13.74
CA LYS B 14 -3.73 -3.56 -13.74
C LYS B 14 -4.03 -5.06 -13.89
N PRO B 15 -3.37 -5.79 -14.82
CA PRO B 15 -3.50 -7.25 -14.91
C PRO B 15 -3.14 -7.93 -13.59
N TRP B 16 -2.10 -7.43 -12.93
CA TRP B 16 -1.68 -7.97 -11.64
C TRP B 16 -2.77 -7.78 -10.60
N LEU B 17 -3.40 -6.61 -10.60
CA LEU B 17 -4.48 -6.31 -9.67
C LEU B 17 -5.63 -7.30 -9.84
N VAL B 18 -6.06 -7.48 -11.08
CA VAL B 18 -7.17 -8.38 -11.38
C VAL B 18 -6.77 -9.83 -11.15
N ASP B 19 -5.49 -10.13 -11.37
CA ASP B 19 -4.97 -11.46 -11.12
C ASP B 19 -5.04 -11.78 -9.63
N ASP B 20 -4.54 -10.83 -8.83
CA ASP B 20 -4.60 -10.93 -7.37
C ASP B 20 -6.05 -11.05 -6.89
N TRP B 21 -6.90 -10.17 -7.40
CA TRP B 21 -8.31 -10.17 -7.07
C TRP B 21 -8.94 -11.53 -7.38
N ASP B 22 -8.66 -12.03 -8.58
CA ASP B 22 -9.20 -13.31 -9.03
C ASP B 22 -8.77 -14.44 -8.10
N LEU B 23 -7.50 -14.42 -7.71
CA LEU B 23 -6.94 -15.44 -6.83
C LEU B 23 -7.69 -15.49 -5.50
N ILE B 24 -7.89 -14.33 -4.90
CA ILE B 24 -8.55 -14.25 -3.60
C ILE B 24 -10.03 -14.59 -3.70
N THR B 25 -10.74 -13.88 -4.54
CA THR B 25 -12.19 -13.96 -4.58
C THR B 25 -12.70 -15.20 -5.30
N ARG B 26 -12.21 -15.43 -6.51
CA ARG B 26 -12.78 -16.45 -7.38
C ARG B 26 -12.05 -17.78 -7.20
N GLN B 27 -10.74 -17.74 -7.11
CA GLN B 27 -9.94 -18.96 -6.95
C GLN B 27 -9.94 -19.47 -5.52
N LYS B 28 -10.27 -18.57 -4.57
CA LYS B 28 -10.31 -18.91 -3.16
C LYS B 28 -8.91 -19.31 -2.65
N GLN B 29 -7.90 -18.65 -3.20
CA GLN B 29 -6.52 -18.95 -2.83
C GLN B 29 -5.95 -17.81 -2.00
N LEU B 30 -5.36 -18.15 -0.87
CA LEU B 30 -4.90 -17.14 0.08
C LEU B 30 -3.39 -17.17 0.26
N PHE B 31 -2.81 -16.00 0.44
CA PHE B 31 -1.39 -15.85 0.70
C PHE B 31 -1.13 -15.95 2.20
N TYR B 32 -1.03 -17.18 2.72
CA TYR B 32 -0.80 -17.35 4.14
C TYR B 32 0.60 -17.90 4.42
N LEU B 33 1.58 -17.00 4.41
CA LEU B 33 2.98 -17.34 4.70
C LEU B 33 3.82 -16.07 4.58
N PRO B 34 4.97 -16.00 5.29
CA PRO B 34 5.88 -14.87 5.19
C PRO B 34 6.64 -14.87 3.86
N ALA B 35 6.31 -13.91 3.00
CA ALA B 35 6.95 -13.79 1.69
C ALA B 35 8.41 -13.38 1.81
N LYS B 36 9.19 -13.68 0.78
CA LYS B 36 10.61 -13.31 0.77
C LYS B 36 10.79 -11.88 0.29
N LYS B 37 10.13 -11.54 -0.82
CA LYS B 37 10.15 -10.17 -1.31
C LYS B 37 8.90 -9.45 -0.82
N ASN B 38 9.00 -8.90 0.37
CA ASN B 38 7.87 -8.29 1.05
C ASN B 38 7.85 -6.78 0.87
N VAL B 39 6.78 -6.15 1.33
CA VAL B 39 6.60 -4.70 1.19
C VAL B 39 7.79 -3.92 1.77
N ASP B 40 8.16 -4.26 3.01
CA ASP B 40 9.31 -3.63 3.66
C ASP B 40 10.57 -3.82 2.83
N SER B 41 10.74 -5.03 2.31
CA SER B 41 11.87 -5.35 1.45
C SER B 41 11.86 -4.47 0.20
N ILE B 42 10.66 -4.27 -0.35
CA ILE B 42 10.51 -3.41 -1.53
C ILE B 42 10.91 -1.97 -1.21
N LEU B 43 10.40 -1.48 -0.09
CA LEU B 43 10.71 -0.12 0.36
C LEU B 43 12.21 0.05 0.59
N GLU B 44 12.80 -0.92 1.26
CA GLU B 44 14.23 -0.91 1.54
C GLU B 44 15.02 -0.99 0.23
N ASP B 45 14.58 -1.88 -0.65
CA ASP B 45 15.22 -2.10 -1.94
C ASP B 45 15.17 -0.84 -2.80
N TYR B 46 13.99 -0.21 -2.83
CA TYR B 46 13.81 1.04 -3.56
C TYR B 46 14.72 2.13 -3.00
N ALA B 47 14.79 2.22 -1.68
CA ALA B 47 15.64 3.20 -1.01
C ALA B 47 17.10 2.99 -1.42
N ASN B 48 17.54 1.73 -1.36
CA ASN B 48 18.91 1.39 -1.76
C ASN B 48 19.18 1.80 -3.19
N TYR B 49 18.22 1.50 -4.07
CA TYR B 49 18.36 1.79 -5.49
C TYR B 49 18.66 3.27 -5.74
N LYS B 50 17.92 4.13 -5.08
CA LYS B 50 18.07 5.58 -5.27
C LYS B 50 19.36 6.08 -4.61
N LYS B 51 19.65 5.56 -3.42
CA LYS B 51 20.76 6.04 -2.60
C LYS B 51 22.10 5.50 -3.07
N SER B 52 22.14 4.23 -3.46
CA SER B 52 23.38 3.60 -3.89
C SER B 52 23.91 4.26 -5.17
N ARG B 53 22.99 4.80 -5.97
CA ARG B 53 23.37 5.49 -7.19
C ARG B 53 23.59 6.97 -6.93
N GLY B 54 23.00 7.48 -5.85
CA GLY B 54 23.10 8.89 -5.54
C GLY B 54 22.54 9.74 -6.67
N ASN B 55 21.38 9.33 -7.17
CA ASN B 55 20.77 9.96 -8.34
C ASN B 55 20.45 11.43 -8.06
N THR B 56 20.06 11.72 -6.83
CA THR B 56 19.82 13.11 -6.42
C THR B 56 20.01 13.22 -4.91
N ASP B 57 20.79 14.20 -4.47
CA ASP B 57 21.13 14.34 -3.05
C ASP B 57 19.92 14.77 -2.23
N ASN B 58 19.21 15.79 -2.74
CA ASN B 58 18.01 16.28 -2.06
C ASN B 58 16.88 15.28 -2.16
N LYS B 59 17.04 14.29 -3.02
CA LYS B 59 16.03 13.27 -3.20
C LYS B 59 16.23 12.15 -2.18
N GLU B 60 17.43 12.07 -1.60
CA GLU B 60 17.76 11.01 -0.66
C GLU B 60 16.87 11.06 0.58
N TYR B 61 16.80 12.20 1.24
CA TYR B 61 15.97 12.33 2.43
C TYR B 61 14.49 12.27 2.05
N ALA B 62 14.20 12.60 0.80
CA ALA B 62 12.85 12.49 0.28
C ALA B 62 12.46 11.01 0.17
N VAL B 63 13.35 10.20 -0.37
CA VAL B 63 13.15 8.75 -0.42
C VAL B 63 12.90 8.20 0.97
N ASN B 64 13.78 8.60 1.89
CA ASN B 64 13.72 8.15 3.28
C ASN B 64 12.33 8.40 3.88
N GLU B 65 11.86 9.64 3.70
CA GLU B 65 10.55 10.03 4.19
C GLU B 65 9.43 9.29 3.46
N VAL B 66 9.47 9.27 2.14
CA VAL B 66 8.41 8.62 1.36
C VAL B 66 8.31 7.13 1.70
N VAL B 67 9.46 6.47 1.81
CA VAL B 67 9.50 5.05 2.19
C VAL B 67 8.84 4.85 3.56
N ALA B 68 9.24 5.64 4.54
CA ALA B 68 8.66 5.57 5.87
C ALA B 68 7.17 5.88 5.82
N GLY B 69 6.82 6.88 5.01
CA GLY B 69 5.44 7.28 4.86
C GLY B 69 4.56 6.20 4.27
N ILE B 70 5.03 5.58 3.20
CA ILE B 70 4.30 4.49 2.56
C ILE B 70 4.05 3.36 3.56
N LYS B 71 5.07 3.05 4.34
CA LYS B 71 4.95 2.01 5.37
C LYS B 71 3.84 2.33 6.35
N GLU B 72 3.85 3.56 6.89
CA GLU B 72 2.84 3.96 7.87
C GLU B 72 1.47 4.08 7.21
N TYR B 73 1.42 4.69 6.03
CA TYR B 73 0.18 4.81 5.27
C TYR B 73 -0.44 3.44 5.03
N PHE B 74 0.40 2.49 4.65
CA PHE B 74 -0.03 1.11 4.42
C PHE B 74 -0.60 0.51 5.71
N ASN B 75 0.12 0.73 6.81
CA ASN B 75 -0.25 0.18 8.11
C ASN B 75 -1.61 0.70 8.57
N VAL B 76 -1.81 2.02 8.50
CA VAL B 76 -3.03 2.67 9.01
C VAL B 76 -4.29 2.07 8.40
N MET B 77 -4.25 1.72 7.12
CA MET B 77 -5.47 1.34 6.41
C MET B 77 -5.52 -0.12 5.98
N LEU B 78 -4.39 -0.83 6.00
CA LEU B 78 -4.36 -2.21 5.53
C LEU B 78 -5.26 -3.12 6.37
N GLY B 79 -5.02 -3.12 7.67
CA GLY B 79 -5.69 -4.05 8.55
C GLY B 79 -7.17 -3.76 8.72
N THR B 80 -7.61 -2.64 8.17
CA THR B 80 -8.99 -2.23 8.32
C THR B 80 -9.76 -2.26 6.99
N GLN B 81 -9.29 -1.53 5.99
CA GLN B 81 -10.07 -1.36 4.76
C GLN B 81 -9.38 -2.00 3.54
N LEU B 82 -8.11 -2.32 3.68
CA LEU B 82 -7.33 -2.80 2.53
C LEU B 82 -7.23 -4.32 2.50
N LEU B 83 -8.08 -4.99 3.26
CA LEU B 83 -8.04 -6.44 3.33
C LEU B 83 -9.43 -7.00 3.09
N TYR B 84 -9.50 -8.10 2.34
CA TYR B 84 -10.78 -8.74 2.04
C TYR B 84 -11.31 -9.49 3.24
N LYS B 85 -12.63 -9.73 3.26
CA LYS B 85 -13.26 -10.44 4.36
C LYS B 85 -12.85 -11.91 4.38
N PHE B 86 -12.30 -12.37 3.25
CA PHE B 86 -11.81 -13.74 3.15
C PHE B 86 -10.34 -13.80 3.58
N GLU B 87 -9.74 -12.63 3.78
CA GLU B 87 -8.35 -12.55 4.20
C GLU B 87 -8.24 -12.22 5.69
N ARG B 88 -9.38 -12.03 6.32
CA ARG B 88 -9.41 -11.80 7.77
C ARG B 88 -8.89 -13.02 8.54
N PRO B 89 -9.31 -14.26 8.17
CA PRO B 89 -8.78 -15.48 8.77
C PRO B 89 -7.26 -15.56 8.72
N GLN B 90 -6.66 -15.28 7.56
CA GLN B 90 -5.22 -15.38 7.42
C GLN B 90 -4.53 -14.28 8.23
N TYR B 91 -5.18 -13.13 8.35
CA TYR B 91 -4.67 -12.05 9.19
C TYR B 91 -4.49 -12.56 10.62
N ALA B 92 -5.53 -13.21 11.14
CA ALA B 92 -5.49 -13.74 12.49
C ALA B 92 -4.55 -14.95 12.57
N GLU B 93 -4.65 -15.84 11.60
CA GLU B 93 -3.85 -17.07 11.57
C GLU B 93 -2.36 -16.73 11.55
N ILE B 94 -1.96 -15.85 10.64
CA ILE B 94 -0.56 -15.43 10.55
C ILE B 94 -0.13 -14.70 11.82
N LEU B 95 -0.94 -13.75 12.27
CA LEU B 95 -0.59 -12.91 13.41
C LEU B 95 -0.44 -13.75 14.69
N ALA B 96 -1.29 -14.77 14.85
CA ALA B 96 -1.26 -15.60 16.04
C ALA B 96 -0.17 -16.67 15.95
N ASP B 97 -0.02 -17.28 14.78
CA ASP B 97 0.95 -18.36 14.60
C ASP B 97 2.36 -17.79 14.47
N HIS B 98 2.47 -16.68 13.76
CA HIS B 98 3.77 -16.06 13.52
C HIS B 98 3.82 -14.65 14.06
N PRO B 99 4.21 -14.48 15.34
CA PRO B 99 4.46 -13.16 15.91
C PRO B 99 5.78 -12.59 15.41
N ASP B 100 6.52 -13.44 14.70
CA ASP B 100 7.81 -13.10 14.15
C ASP B 100 7.67 -12.46 12.77
N ALA B 101 6.43 -12.31 12.32
CA ALA B 101 6.17 -11.79 10.99
C ALA B 101 5.57 -10.39 11.05
N PRO B 102 6.35 -9.37 10.66
CA PRO B 102 5.86 -8.00 10.55
C PRO B 102 4.78 -7.87 9.47
N MET B 103 3.88 -6.91 9.64
CA MET B 103 2.77 -6.71 8.71
C MET B 103 3.28 -6.39 7.32
N SER B 104 4.32 -5.57 7.24
CA SER B 104 4.89 -5.15 5.97
C SER B 104 5.73 -6.28 5.34
N GLN B 105 5.76 -7.43 5.99
CA GLN B 105 6.53 -8.56 5.50
C GLN B 105 5.63 -9.67 4.97
N VAL B 106 4.93 -10.34 5.87
CA VAL B 106 4.22 -11.58 5.55
C VAL B 106 3.31 -11.49 4.32
N TYR B 107 2.52 -10.43 4.21
CA TYR B 107 1.49 -10.36 3.17
C TYR B 107 2.06 -10.16 1.77
N GLY B 108 3.38 -10.02 1.69
CA GLY B 108 4.06 -10.02 0.41
C GLY B 108 3.83 -8.76 -0.40
N ALA B 109 4.34 -8.79 -1.63
CA ALA B 109 4.30 -7.64 -2.53
C ALA B 109 2.89 -7.37 -3.11
N PRO B 110 2.17 -8.39 -3.64
CA PRO B 110 0.88 -8.17 -4.33
C PRO B 110 -0.12 -7.35 -3.52
N HIS B 111 -0.09 -7.50 -2.20
CA HIS B 111 -1.05 -6.79 -1.34
C HIS B 111 -0.74 -5.29 -1.26
N LEU B 112 0.48 -4.90 -1.64
CA LEU B 112 0.90 -3.50 -1.60
C LEU B 112 0.20 -2.70 -2.69
N LEU B 113 -0.09 -3.34 -3.81
CA LEU B 113 -0.70 -2.67 -4.96
C LEU B 113 -2.07 -2.11 -4.62
N ARG B 114 -2.72 -2.74 -3.66
CA ARG B 114 -4.07 -2.34 -3.26
C ARG B 114 -4.07 -0.96 -2.61
N LEU B 115 -2.94 -0.58 -2.02
CA LEU B 115 -2.81 0.68 -1.31
C LEU B 115 -3.03 1.86 -2.26
N PHE B 116 -2.53 1.72 -3.48
CA PHE B 116 -2.52 2.82 -4.43
C PHE B 116 -3.93 3.20 -4.89
N VAL B 117 -4.85 2.24 -4.88
CA VAL B 117 -6.21 2.51 -5.37
C VAL B 117 -7.15 2.93 -4.23
N ARG B 118 -6.67 2.84 -3.00
CA ARG B 118 -7.49 3.23 -1.86
C ARG B 118 -7.00 4.55 -1.25
N ILE B 119 -5.69 4.80 -1.35
CA ILE B 119 -5.11 6.02 -0.77
C ILE B 119 -5.73 7.27 -1.38
N GLY B 120 -6.05 7.21 -2.67
CA GLY B 120 -6.67 8.35 -3.34
C GLY B 120 -8.04 8.65 -2.80
N ALA B 121 -8.73 7.62 -2.34
CA ALA B 121 -10.07 7.77 -1.79
C ALA B 121 -10.03 8.44 -0.42
N MET B 122 -9.10 8.00 0.41
CA MET B 122 -8.97 8.53 1.76
C MET B 122 -8.42 9.96 1.72
N LEU B 123 -7.57 10.23 0.74
CA LEU B 123 -7.00 11.56 0.57
C LEU B 123 -8.05 12.55 0.05
N ALA B 124 -9.15 12.02 -0.46
CA ALA B 124 -10.23 12.87 -0.97
C ALA B 124 -11.02 13.48 0.18
N TYR B 125 -10.81 12.97 1.39
CA TYR B 125 -11.52 13.47 2.56
C TYR B 125 -10.68 14.52 3.29
N THR B 126 -9.46 14.73 2.83
CA THR B 126 -8.59 15.73 3.45
C THR B 126 -8.15 16.76 2.39
N PRO B 127 -8.59 18.02 2.54
CA PRO B 127 -8.27 19.08 1.57
C PRO B 127 -6.78 19.45 1.56
N LEU B 128 -5.99 18.67 0.84
CA LEU B 128 -4.58 18.98 0.62
C LEU B 128 -4.44 19.89 -0.59
N ASP B 129 -3.33 20.62 -0.65
CA ASP B 129 -3.10 21.56 -1.74
C ASP B 129 -2.79 20.80 -3.03
N GLU B 130 -2.85 21.51 -4.15
CA GLU B 130 -2.61 20.90 -5.45
C GLU B 130 -1.17 20.40 -5.56
N LYS B 131 -0.22 21.28 -5.28
CA LYS B 131 1.19 20.96 -5.43
C LYS B 131 1.63 19.88 -4.45
N SER B 132 1.06 19.88 -3.26
CA SER B 132 1.37 18.84 -2.27
C SER B 132 0.82 17.49 -2.72
N LEU B 133 -0.35 17.50 -3.35
CA LEU B 133 -0.94 16.28 -3.88
C LEU B 133 -0.09 15.79 -5.04
N ALA B 134 0.35 16.74 -5.88
CA ALA B 134 1.23 16.43 -6.99
C ALA B 134 2.54 15.84 -6.49
N LEU B 135 3.02 16.33 -5.34
CA LEU B 135 4.20 15.78 -4.71
C LEU B 135 4.03 14.30 -4.43
N LEU B 136 2.99 13.97 -3.68
CA LEU B 136 2.76 12.60 -3.26
C LEU B 136 2.59 11.71 -4.48
N LEU B 137 1.79 12.16 -5.45
CA LEU B 137 1.54 11.39 -6.65
C LEU B 137 2.81 11.21 -7.48
N ASN B 138 3.66 12.22 -7.50
CA ASN B 138 4.92 12.17 -8.24
C ASN B 138 5.84 11.10 -7.67
N TYR B 139 6.11 11.21 -6.38
CA TYR B 139 6.98 10.26 -5.69
C TYR B 139 6.35 8.88 -5.68
N LEU B 140 5.03 8.84 -5.51
CA LEU B 140 4.29 7.58 -5.54
C LEU B 140 4.47 6.91 -6.90
N HIS B 141 4.40 7.70 -7.96
CA HIS B 141 4.55 7.17 -9.32
C HIS B 141 5.98 6.78 -9.63
N ASP B 142 6.94 7.39 -8.94
CA ASP B 142 8.34 7.00 -9.12
C ASP B 142 8.58 5.64 -8.47
N PHE B 143 8.06 5.49 -7.26
CA PHE B 143 8.10 4.20 -6.55
C PHE B 143 7.30 3.16 -7.33
N LEU B 144 6.14 3.58 -7.83
CA LEU B 144 5.28 2.71 -8.62
C LEU B 144 5.95 2.34 -9.93
N LYS B 145 6.72 3.28 -10.48
CA LYS B 145 7.52 3.05 -11.68
C LYS B 145 8.55 1.95 -11.42
N TYR B 146 9.15 2.00 -10.23
CA TYR B 146 10.13 1.00 -9.83
C TYR B 146 9.47 -0.37 -9.71
N LEU B 147 8.24 -0.38 -9.20
CA LEU B 147 7.47 -1.61 -9.10
C LEU B 147 7.13 -2.14 -10.47
N ALA B 148 6.67 -1.25 -11.34
CA ALA B 148 6.28 -1.62 -12.70
C ALA B 148 7.44 -2.27 -13.45
N LYS B 149 8.61 -1.68 -13.33
CA LYS B 149 9.79 -2.13 -14.06
C LYS B 149 10.19 -3.56 -13.66
N ASN B 150 9.99 -3.91 -12.40
CA ASN B 150 10.47 -5.19 -11.89
C ASN B 150 9.30 -6.12 -11.58
N SER B 151 8.09 -5.70 -11.93
CA SER B 151 6.87 -6.39 -11.53
C SER B 151 6.88 -7.88 -11.90
N ALA B 152 7.33 -8.18 -13.11
CA ALA B 152 7.33 -9.55 -13.62
C ALA B 152 8.09 -10.52 -12.71
N THR B 153 9.09 -10.02 -12.01
CA THR B 153 9.89 -10.86 -11.14
C THR B 153 9.75 -10.43 -9.68
N LEU B 154 8.78 -9.57 -9.42
CA LEU B 154 8.61 -8.99 -8.10
C LEU B 154 7.40 -9.60 -7.40
N PHE B 155 6.25 -9.50 -8.03
CA PHE B 155 5.00 -9.96 -7.41
C PHE B 155 4.82 -11.46 -7.59
N SER B 156 4.99 -12.21 -6.50
CA SER B 156 4.83 -13.65 -6.54
C SER B 156 3.38 -14.04 -6.22
N ALA B 157 2.61 -14.26 -7.27
CA ALA B 157 1.23 -14.75 -7.12
C ALA B 157 1.21 -16.23 -6.78
N SER B 158 2.36 -16.88 -6.92
CA SER B 158 2.48 -18.33 -6.75
C SER B 158 2.22 -18.75 -5.30
N ASP B 159 2.43 -17.84 -4.36
CA ASP B 159 2.29 -18.15 -2.94
C ASP B 159 0.83 -18.14 -2.50
N TYR B 160 -0.06 -17.75 -3.40
CA TYR B 160 -1.49 -17.82 -3.13
C TYR B 160 -1.95 -19.28 -3.26
N GLU B 161 -2.12 -19.93 -2.12
CA GLU B 161 -2.46 -21.34 -2.08
C GLU B 161 -3.95 -21.53 -1.81
N VAL B 162 -4.52 -22.58 -2.39
CA VAL B 162 -5.95 -22.85 -2.32
C VAL B 162 -6.42 -23.03 -0.87
N ALA B 163 -7.52 -22.36 -0.53
CA ALA B 163 -8.14 -22.54 0.77
C ALA B 163 -9.40 -23.40 0.64
N PRO B 164 -9.32 -24.65 1.12
CA PRO B 164 -10.45 -25.60 1.05
C PRO B 164 -11.58 -25.21 2.01
N PRO B 165 -12.78 -25.82 1.86
CA PRO B 165 -13.93 -25.57 2.74
C PRO B 165 -13.56 -25.68 4.22
N GLU B 166 -12.65 -26.59 4.53
CA GLU B 166 -12.10 -26.76 5.86
C GLU B 166 -11.57 -25.42 6.40
N TYR B 167 -10.90 -24.67 5.54
CA TYR B 167 -10.32 -23.39 5.92
C TYR B 167 -11.40 -22.33 6.00
N HIS B 168 -12.44 -22.47 5.17
CA HIS B 168 -13.55 -21.52 5.15
C HIS B 168 -14.32 -21.56 6.46
N ARG B 169 -14.37 -22.75 7.07
CA ARG B 169 -15.09 -22.94 8.32
C ARG B 169 -14.57 -22.05 9.43
N LYS B 170 -13.27 -21.83 9.44
CA LYS B 170 -12.66 -21.01 10.48
C LYS B 170 -12.35 -19.61 9.95
N ALA B 171 -12.77 -19.35 8.71
CA ALA B 171 -12.54 -18.06 8.08
C ALA B 171 -13.43 -16.99 8.70
N VAL B 172 -14.62 -17.40 9.10
CA VAL B 172 -15.56 -16.49 9.73
C VAL B 172 -15.86 -16.95 11.16
N SER A 1 9.26 9.63 32.51
CA SER A 1 8.24 8.94 31.69
C SER A 1 7.79 9.84 30.55
N ASN A 2 7.56 9.23 29.39
CA ASN A 2 7.06 9.95 28.23
C ASN A 2 5.73 9.37 27.79
N ALA A 3 5.02 10.07 26.93
CA ALA A 3 3.70 9.65 26.49
C ALA A 3 3.57 9.74 24.97
N GLY A 4 2.92 8.74 24.39
CA GLY A 4 2.72 8.72 22.95
C GLY A 4 1.68 9.74 22.52
N ARG A 5 1.65 10.01 21.23
CA ARG A 5 0.74 11.01 20.69
C ARG A 5 -0.31 10.36 19.78
N GLN A 6 0.06 10.18 18.52
CA GLN A 6 -0.81 9.58 17.52
C GLN A 6 0.07 8.87 16.49
N VAL A 7 -0.45 8.66 15.30
CA VAL A 7 0.37 8.19 14.20
C VAL A 7 1.42 9.24 13.86
N PRO A 8 2.63 8.81 13.48
CA PRO A 8 3.78 9.71 13.22
C PRO A 8 3.59 10.64 12.02
N SER A 9 2.62 11.54 12.13
CA SER A 9 2.36 12.51 11.07
C SER A 9 3.18 13.78 11.29
N LYS A 10 3.73 13.95 12.48
CA LYS A 10 4.49 15.14 12.81
C LYS A 10 5.99 14.90 12.65
N VAL A 11 6.36 13.80 12.01
CA VAL A 11 7.75 13.52 11.72
C VAL A 11 7.98 13.46 10.21
N ILE A 12 7.38 12.48 9.56
CA ILE A 12 7.56 12.28 8.14
C ILE A 12 7.01 13.45 7.35
N TRP A 13 5.71 13.70 7.54
CA TRP A 13 5.01 14.72 6.80
C TRP A 13 5.42 16.09 7.27
N ASP A 14 5.98 16.16 8.46
CA ASP A 14 6.51 17.41 8.98
C ASP A 14 7.65 17.89 8.09
N HIS A 15 8.64 17.01 7.92
CA HIS A 15 9.79 17.31 7.07
C HIS A 15 9.32 17.55 5.63
N LEU A 16 8.44 16.67 5.17
CA LEU A 16 7.83 16.77 3.84
C LEU A 16 7.15 18.13 3.66
N SER A 17 6.65 18.67 4.76
CA SER A 17 5.95 19.93 4.73
C SER A 17 6.90 21.13 4.86
N THR A 18 7.85 21.04 5.76
CA THR A 18 8.73 22.18 6.06
C THR A 18 9.55 22.59 4.85
N MET A 19 10.05 21.62 4.11
CA MET A 19 10.87 21.91 2.93
C MET A 19 10.04 22.49 1.78
N TYR A 20 8.73 22.64 2.00
CA TYR A 20 7.83 23.09 0.94
C TYR A 20 6.85 24.16 1.45
N ASP A 21 7.01 24.54 2.72
CA ASP A 21 6.03 25.41 3.42
C ASP A 21 4.68 24.72 3.55
N MET A 22 4.62 23.46 3.16
CA MET A 22 3.39 22.69 3.19
C MET A 22 3.00 22.39 4.64
N GLN A 23 3.86 22.81 5.56
CA GLN A 23 3.63 22.65 6.99
C GLN A 23 2.28 23.21 7.38
N ALA A 24 1.90 24.33 6.75
CA ALA A 24 0.60 24.93 6.95
C ALA A 24 -0.51 23.92 6.72
N LEU A 25 -0.34 23.14 5.67
CA LEU A 25 -1.36 22.22 5.20
C LEU A 25 -1.45 20.99 6.09
N HIS A 26 -0.31 20.43 6.48
CA HIS A 26 -0.30 19.21 7.29
C HIS A 26 -0.69 19.52 8.74
N GLU A 27 -0.57 20.78 9.13
CA GLU A 27 -1.04 21.21 10.44
C GLU A 27 -2.56 21.37 10.41
N SER A 28 -3.06 21.85 9.28
CA SER A 28 -4.50 21.95 9.08
C SER A 28 -5.12 20.56 8.98
N GLU A 29 -4.54 19.73 8.13
CA GLU A 29 -5.07 18.41 7.87
C GLU A 29 -4.10 17.33 8.34
N ILE A 30 -4.29 16.87 9.56
CA ILE A 30 -3.48 15.79 10.13
C ILE A 30 -4.15 14.44 9.82
N LEU A 31 -3.36 13.38 9.77
CA LEU A 31 -3.86 12.03 9.50
C LEU A 31 -4.81 11.59 10.61
N PRO A 32 -6.12 11.57 10.32
CA PRO A 32 -7.16 11.32 11.31
C PRO A 32 -7.81 9.94 11.20
N PHE A 33 -7.35 9.14 10.25
CA PHE A 33 -8.05 7.93 9.86
C PHE A 33 -8.31 6.98 11.02
N PRO A 34 -9.59 6.82 11.39
CA PRO A 34 -10.02 5.83 12.38
C PRO A 34 -10.08 4.44 11.75
N ASN A 35 -10.13 4.45 10.41
CA ASN A 35 -10.12 3.25 9.57
C ASN A 35 -11.01 2.12 10.10
N PRO A 36 -12.28 2.12 9.68
CA PRO A 36 -13.22 1.06 10.05
C PRO A 36 -12.99 -0.22 9.24
N GLU A 37 -13.30 -1.36 9.85
CA GLU A 37 -13.12 -2.66 9.20
C GLU A 37 -14.11 -2.82 8.04
N ARG A 38 -13.60 -2.67 6.82
CA ARG A 38 -14.43 -2.81 5.63
C ARG A 38 -13.79 -3.81 4.68
N ASN A 39 -14.42 -4.03 3.54
CA ASN A 39 -13.82 -4.85 2.49
C ASN A 39 -12.93 -3.97 1.61
N PHE A 40 -11.88 -4.56 1.05
CA PHE A 40 -10.99 -3.80 0.16
C PHE A 40 -11.72 -3.38 -1.11
N VAL A 41 -12.56 -4.29 -1.61
CA VAL A 41 -13.35 -4.11 -2.83
C VAL A 41 -12.60 -3.39 -3.95
N LEU A 42 -11.96 -4.17 -4.81
CA LEU A 42 -11.23 -3.65 -5.95
C LEU A 42 -12.16 -2.81 -6.83
N PRO A 43 -11.73 -1.58 -7.19
CA PRO A 43 -12.50 -0.68 -8.04
C PRO A 43 -12.99 -1.37 -9.32
N GLU A 44 -14.31 -1.45 -9.45
CA GLU A 44 -14.96 -2.17 -10.54
C GLU A 44 -14.64 -1.53 -11.90
N GLU A 45 -14.30 -0.25 -11.89
CA GLU A 45 -13.98 0.45 -13.13
C GLU A 45 -12.71 -0.10 -13.76
N ILE A 46 -11.76 -0.47 -12.91
CA ILE A 46 -10.53 -1.10 -13.37
C ILE A 46 -10.82 -2.50 -13.85
N ILE A 47 -11.68 -3.20 -13.12
CA ILE A 47 -12.08 -4.56 -13.46
C ILE A 47 -12.66 -4.63 -14.86
N GLN A 48 -13.61 -3.74 -15.15
CA GLN A 48 -14.26 -3.74 -16.47
C GLN A 48 -13.30 -3.24 -17.56
N GLU A 49 -12.43 -2.30 -17.23
CA GLU A 49 -11.46 -1.77 -18.18
C GLU A 49 -10.48 -2.86 -18.63
N VAL A 50 -10.11 -3.73 -17.70
CA VAL A 50 -9.18 -4.82 -17.99
C VAL A 50 -9.86 -5.96 -18.73
N ARG A 51 -10.95 -6.45 -18.16
CA ARG A 51 -11.61 -7.65 -18.68
C ARG A 51 -12.25 -7.41 -20.05
N GLU A 52 -12.91 -6.27 -20.20
CA GLU A 52 -13.58 -5.96 -21.45
C GLU A 52 -12.76 -4.99 -22.28
N GLY A 53 -11.52 -4.74 -21.85
CA GLY A 53 -10.62 -3.91 -22.61
C GLY A 53 -9.91 -4.73 -23.68
N LYS A 54 -10.69 -5.22 -24.62
CA LYS A 54 -10.19 -6.13 -25.64
C LYS A 54 -9.85 -5.36 -26.90
N SER B 1 -17.94 21.25 -5.91
CA SER B 1 -17.91 19.77 -5.92
C SER B 1 -16.63 19.27 -6.58
N ASN B 2 -15.73 18.74 -5.76
CA ASN B 2 -14.47 18.21 -6.27
C ASN B 2 -14.52 16.68 -6.32
N ALA B 3 -14.09 16.12 -7.43
CA ALA B 3 -14.10 14.68 -7.61
C ALA B 3 -12.95 14.03 -6.85
N GLU B 4 -13.01 12.72 -6.70
CA GLU B 4 -11.98 11.98 -5.98
C GLU B 4 -10.81 11.69 -6.91
N VAL B 5 -9.61 11.72 -6.34
CA VAL B 5 -8.39 11.47 -7.10
C VAL B 5 -8.26 9.99 -7.43
N LYS B 6 -8.34 9.67 -8.71
CA LYS B 6 -8.22 8.29 -9.16
C LYS B 6 -6.76 7.91 -9.29
N VAL B 7 -6.38 6.81 -8.65
CA VAL B 7 -5.01 6.33 -8.71
C VAL B 7 -4.76 5.66 -10.05
N LYS B 8 -4.05 6.35 -10.93
CA LYS B 8 -3.73 5.81 -12.23
C LYS B 8 -2.63 4.76 -12.11
N ILE B 9 -3.05 3.50 -12.13
CA ILE B 9 -2.13 2.38 -12.13
C ILE B 9 -1.72 2.06 -13.55
N PRO B 10 -0.41 1.87 -13.81
CA PRO B 10 0.09 1.48 -15.14
C PRO B 10 -0.70 0.33 -15.73
N GLU B 11 -0.98 0.40 -17.04
CA GLU B 11 -1.82 -0.58 -17.71
C GLU B 11 -1.22 -1.99 -17.60
N GLU B 12 0.07 -2.04 -17.29
CA GLU B 12 0.78 -3.31 -17.12
C GLU B 12 0.32 -4.05 -15.87
N LEU B 13 0.07 -3.30 -14.80
CA LEU B 13 -0.22 -3.90 -13.49
C LEU B 13 -1.73 -4.05 -13.26
N LYS B 14 -2.52 -3.51 -14.16
CA LYS B 14 -3.97 -3.59 -14.04
C LYS B 14 -4.50 -5.03 -14.11
N PRO B 15 -4.05 -5.84 -15.10
CA PRO B 15 -4.42 -7.27 -15.17
C PRO B 15 -4.10 -8.00 -13.87
N TRP B 16 -2.99 -7.61 -13.22
CA TRP B 16 -2.58 -8.21 -11.96
C TRP B 16 -3.57 -7.87 -10.85
N LEU B 17 -4.04 -6.63 -10.84
CA LEU B 17 -5.02 -6.19 -9.86
C LEU B 17 -6.30 -7.02 -9.96
N VAL B 18 -6.81 -7.13 -11.18
CA VAL B 18 -8.01 -7.91 -11.42
C VAL B 18 -7.77 -9.38 -11.15
N ASP B 19 -6.56 -9.85 -11.42
CA ASP B 19 -6.20 -11.25 -11.19
C ASP B 19 -6.15 -11.55 -9.70
N ASP B 20 -5.54 -10.65 -8.92
CA ASP B 20 -5.50 -10.79 -7.46
C ASP B 20 -6.91 -10.88 -6.88
N TRP B 21 -7.78 -9.97 -7.32
CA TRP B 21 -9.18 -9.98 -6.92
C TRP B 21 -9.87 -11.27 -7.37
N ASP B 22 -9.56 -11.70 -8.59
CA ASP B 22 -10.13 -12.92 -9.17
C ASP B 22 -9.67 -14.15 -8.39
N LEU B 23 -8.42 -14.12 -7.93
CA LEU B 23 -7.87 -15.20 -7.13
C LEU B 23 -8.63 -15.34 -5.80
N ILE B 24 -8.84 -14.21 -5.13
CA ILE B 24 -9.53 -14.23 -3.84
C ILE B 24 -11.00 -14.63 -4.00
N THR B 25 -11.66 -14.07 -5.00
CA THR B 25 -13.09 -14.26 -5.17
C THR B 25 -13.44 -15.63 -5.76
N ARG B 26 -12.90 -15.95 -6.91
CA ARG B 26 -13.27 -17.17 -7.61
C ARG B 26 -12.36 -18.35 -7.24
N GLN B 27 -11.05 -18.16 -7.39
CA GLN B 27 -10.09 -19.25 -7.15
C GLN B 27 -10.06 -19.63 -5.67
N LYS B 28 -10.47 -18.71 -4.81
CA LYS B 28 -10.47 -18.92 -3.35
C LYS B 28 -9.04 -19.06 -2.84
N GLN B 29 -8.10 -18.52 -3.60
CA GLN B 29 -6.70 -18.60 -3.23
C GLN B 29 -6.32 -17.45 -2.32
N LEU B 30 -5.92 -17.77 -1.11
CA LEU B 30 -5.62 -16.77 -0.11
C LEU B 30 -4.12 -16.76 0.18
N PHE B 31 -3.59 -15.60 0.49
CA PHE B 31 -2.17 -15.44 0.70
C PHE B 31 -1.84 -15.61 2.19
N TYR B 32 -1.69 -16.85 2.63
CA TYR B 32 -1.31 -17.12 4.00
C TYR B 32 0.11 -17.67 4.07
N LEU B 33 1.06 -16.76 4.06
CA LEU B 33 2.48 -17.09 4.12
C LEU B 33 3.27 -15.79 4.16
N PRO B 34 4.47 -15.80 4.78
CA PRO B 34 5.33 -14.63 4.80
C PRO B 34 6.25 -14.59 3.58
N ALA B 35 6.00 -13.63 2.70
CA ALA B 35 6.75 -13.50 1.46
C ALA B 35 8.19 -13.07 1.71
N LYS B 36 9.04 -13.29 0.72
CA LYS B 36 10.45 -12.90 0.81
C LYS B 36 10.67 -11.55 0.15
N LYS B 37 10.02 -11.33 -0.99
CA LYS B 37 10.01 -10.01 -1.60
C LYS B 37 8.77 -9.26 -1.12
N ASN B 38 8.97 -8.45 -0.09
CA ASN B 38 7.87 -7.82 0.60
C ASN B 38 7.98 -6.31 0.58
N VAL B 39 7.11 -5.66 1.35
CA VAL B 39 7.05 -4.20 1.40
C VAL B 39 8.38 -3.63 1.87
N ASP B 40 8.90 -4.17 2.96
CA ASP B 40 10.13 -3.66 3.56
C ASP B 40 11.30 -3.79 2.60
N SER B 41 11.42 -4.97 2.02
CA SER B 41 12.48 -5.25 1.06
C SER B 41 12.43 -4.29 -0.13
N ILE B 42 11.23 -4.06 -0.65
CA ILE B 42 11.07 -3.18 -1.81
C ILE B 42 11.33 -1.72 -1.42
N LEU B 43 10.94 -1.36 -0.20
CA LEU B 43 11.22 -0.03 0.33
C LEU B 43 12.71 0.23 0.36
N GLU B 44 13.47 -0.72 0.91
CA GLU B 44 14.91 -0.59 0.99
C GLU B 44 15.55 -0.69 -0.38
N ASP B 45 14.99 -1.55 -1.23
CA ASP B 45 15.45 -1.66 -2.62
C ASP B 45 15.37 -0.31 -3.32
N TYR B 46 14.23 0.34 -3.16
CA TYR B 46 14.02 1.67 -3.72
C TYR B 46 14.96 2.67 -3.07
N ALA B 47 15.06 2.62 -1.74
CA ALA B 47 15.92 3.51 -0.99
C ALA B 47 17.36 3.40 -1.45
N ASN B 48 17.88 2.17 -1.48
CA ASN B 48 19.26 1.94 -1.86
C ASN B 48 19.49 2.34 -3.32
N TYR B 49 18.47 2.14 -4.15
CA TYR B 49 18.55 2.52 -5.55
C TYR B 49 18.78 4.01 -5.72
N LYS B 50 17.95 4.82 -5.07
CA LYS B 50 18.06 6.27 -5.19
C LYS B 50 19.33 6.81 -4.55
N LYS B 51 19.70 6.24 -3.41
CA LYS B 51 20.83 6.75 -2.63
C LYS B 51 22.17 6.39 -3.28
N SER B 52 22.13 5.52 -4.28
CA SER B 52 23.35 5.13 -4.99
C SER B 52 23.39 5.77 -6.39
N ARG B 53 22.42 6.64 -6.68
CA ARG B 53 22.33 7.30 -7.98
C ARG B 53 23.29 8.49 -8.07
N GLY B 54 24.01 8.74 -6.99
CA GLY B 54 24.97 9.83 -6.97
C GLY B 54 24.86 10.64 -5.71
N ASN B 55 25.21 11.92 -5.80
CA ASN B 55 25.15 12.81 -4.64
C ASN B 55 23.70 13.21 -4.38
N THR B 56 23.00 12.35 -3.66
CA THR B 56 21.57 12.53 -3.44
C THR B 56 21.27 12.71 -1.96
N ASP B 57 22.25 13.23 -1.21
CA ASP B 57 22.12 13.40 0.23
C ASP B 57 20.86 14.16 0.62
N ASN B 58 20.51 15.19 -0.13
CA ASN B 58 19.33 16.00 0.20
C ASN B 58 18.04 15.33 -0.26
N LYS B 59 18.17 14.24 -1.02
CA LYS B 59 17.01 13.50 -1.48
C LYS B 59 16.85 12.19 -0.71
N GLU B 60 17.95 11.63 -0.22
CA GLU B 60 17.91 10.42 0.57
C GLU B 60 17.14 10.69 1.86
N TYR B 61 17.25 11.93 2.31
CA TYR B 61 16.45 12.45 3.42
C TYR B 61 14.96 12.29 3.10
N ALA B 62 14.56 12.71 1.90
CA ALA B 62 13.18 12.59 1.47
C ALA B 62 12.79 11.14 1.25
N VAL B 63 13.70 10.38 0.63
CA VAL B 63 13.49 8.94 0.42
C VAL B 63 13.23 8.24 1.74
N ASN B 64 14.09 8.52 2.72
CA ASN B 64 13.98 7.94 4.05
C ASN B 64 12.61 8.23 4.64
N GLU B 65 12.17 9.47 4.52
CA GLU B 65 10.85 9.87 5.00
C GLU B 65 9.76 9.08 4.27
N VAL B 66 9.79 9.12 2.93
CA VAL B 66 8.75 8.47 2.14
C VAL B 66 8.68 6.97 2.42
N VAL B 67 9.84 6.33 2.54
CA VAL B 67 9.91 4.91 2.89
C VAL B 67 9.20 4.64 4.21
N ALA B 68 9.55 5.44 5.22
CA ALA B 68 8.91 5.34 6.52
C ALA B 68 7.43 5.63 6.43
N GLY B 69 7.09 6.62 5.61
CA GLY B 69 5.70 7.01 5.41
C GLY B 69 4.87 5.90 4.80
N ILE B 70 5.43 5.22 3.81
CA ILE B 70 4.74 4.10 3.18
C ILE B 70 4.50 3.00 4.19
N LYS B 71 5.48 2.74 5.05
CA LYS B 71 5.33 1.76 6.12
C LYS B 71 4.15 2.11 7.03
N GLU B 72 4.12 3.36 7.49
CA GLU B 72 3.08 3.81 8.40
C GLU B 72 1.71 3.82 7.71
N TYR B 73 1.66 4.33 6.49
CA TYR B 73 0.43 4.40 5.72
C TYR B 73 -0.09 3.01 5.37
N PHE B 74 0.84 2.07 5.21
CA PHE B 74 0.47 0.69 4.92
C PHE B 74 -0.22 0.06 6.14
N ASN B 75 0.39 0.22 7.30
CA ASN B 75 -0.12 -0.42 8.52
C ASN B 75 -1.37 0.27 9.08
N VAL B 76 -1.57 1.55 8.77
CA VAL B 76 -2.72 2.26 9.31
C VAL B 76 -4.03 1.75 8.71
N MET B 77 -3.97 1.27 7.46
CA MET B 77 -5.19 0.84 6.77
C MET B 77 -5.11 -0.61 6.29
N LEU B 78 -4.08 -1.33 6.73
CA LEU B 78 -3.84 -2.67 6.21
C LEU B 78 -4.96 -3.65 6.59
N GLY B 79 -5.13 -3.88 7.88
CA GLY B 79 -6.04 -4.92 8.33
C GLY B 79 -7.49 -4.56 8.15
N THR B 80 -7.80 -3.27 8.19
CA THR B 80 -9.18 -2.83 8.18
C THR B 80 -9.66 -2.40 6.80
N GLN B 81 -8.73 -2.11 5.88
CA GLN B 81 -9.13 -1.55 4.60
C GLN B 81 -8.51 -2.28 3.41
N LEU B 82 -7.30 -2.78 3.55
CA LEU B 82 -6.60 -3.43 2.44
C LEU B 82 -6.90 -4.92 2.41
N LEU B 83 -7.57 -5.41 3.43
CA LEU B 83 -7.88 -6.82 3.54
C LEU B 83 -9.33 -7.10 3.18
N TYR B 84 -9.57 -8.30 2.66
CA TYR B 84 -10.93 -8.77 2.44
C TYR B 84 -11.41 -9.50 3.69
N LYS B 85 -12.72 -9.74 3.79
CA LYS B 85 -13.27 -10.40 4.97
C LYS B 85 -12.85 -11.87 4.96
N PHE B 86 -12.68 -12.40 3.76
CA PHE B 86 -12.21 -13.77 3.56
C PHE B 86 -10.71 -13.85 3.82
N GLU B 87 -10.08 -12.69 3.92
CA GLU B 87 -8.63 -12.60 4.06
C GLU B 87 -8.23 -12.43 5.52
N ARG B 88 -9.20 -12.04 6.35
CA ARG B 88 -8.99 -11.96 7.80
C ARG B 88 -8.36 -13.24 8.39
N PRO B 89 -8.86 -14.45 8.03
CA PRO B 89 -8.28 -15.73 8.49
C PRO B 89 -6.75 -15.78 8.42
N GLN B 90 -6.18 -15.40 7.27
CA GLN B 90 -4.74 -15.51 7.08
C GLN B 90 -4.00 -14.49 7.94
N TYR B 91 -4.65 -13.36 8.22
CA TYR B 91 -4.08 -12.34 9.09
C TYR B 91 -3.88 -12.91 10.48
N ALA B 92 -4.94 -13.50 11.03
CA ALA B 92 -4.89 -14.11 12.35
C ALA B 92 -3.95 -15.31 12.37
N GLU B 93 -3.95 -16.05 11.27
CA GLU B 93 -3.10 -17.22 11.14
C GLU B 93 -1.62 -16.85 11.17
N ILE B 94 -1.22 -15.95 10.28
CA ILE B 94 0.18 -15.50 10.23
C ILE B 94 0.57 -14.79 11.52
N LEU B 95 -0.39 -14.08 12.12
CA LEU B 95 -0.15 -13.37 13.37
C LEU B 95 0.19 -14.35 14.49
N ALA B 96 -0.49 -15.49 14.49
CA ALA B 96 -0.23 -16.53 15.49
C ALA B 96 0.97 -17.39 15.11
N ASP B 97 1.15 -17.57 13.81
CA ASP B 97 2.25 -18.40 13.30
C ASP B 97 3.59 -17.67 13.44
N HIS B 98 3.55 -16.35 13.25
CA HIS B 98 4.75 -15.53 13.39
C HIS B 98 4.43 -14.27 14.18
N PRO B 99 4.49 -14.35 15.51
CA PRO B 99 4.23 -13.20 16.39
C PRO B 99 5.33 -12.16 16.33
N ASP B 100 6.46 -12.56 15.77
CA ASP B 100 7.65 -11.70 15.73
C ASP B 100 7.84 -11.09 14.35
N ALA B 101 6.85 -11.26 13.49
CA ALA B 101 6.97 -10.80 12.11
C ALA B 101 6.14 -9.55 11.86
N PRO B 102 6.74 -8.54 11.20
CA PRO B 102 6.03 -7.35 10.74
C PRO B 102 5.07 -7.69 9.61
N MET B 103 3.90 -7.08 9.60
CA MET B 103 2.87 -7.44 8.63
C MET B 103 3.29 -7.02 7.21
N SER B 104 4.05 -5.95 7.12
CA SER B 104 4.56 -5.49 5.84
C SER B 104 5.57 -6.50 5.26
N GLN B 105 6.10 -7.34 6.14
CA GLN B 105 7.10 -8.32 5.77
C GLN B 105 6.47 -9.62 5.30
N VAL B 106 5.24 -9.87 5.73
CA VAL B 106 4.58 -11.12 5.42
C VAL B 106 3.68 -11.00 4.18
N TYR B 107 3.08 -9.83 3.98
CA TYR B 107 2.08 -9.66 2.94
C TYR B 107 2.67 -9.60 1.53
N GLY B 108 3.96 -9.34 1.44
CA GLY B 108 4.63 -9.40 0.15
C GLY B 108 4.29 -8.25 -0.77
N ALA B 109 4.82 -8.31 -1.99
CA ALA B 109 4.60 -7.29 -3.01
C ALA B 109 3.14 -7.17 -3.47
N PRO B 110 2.42 -8.29 -3.72
CA PRO B 110 1.02 -8.23 -4.18
C PRO B 110 0.13 -7.31 -3.33
N HIS B 111 0.36 -7.32 -2.02
CA HIS B 111 -0.44 -6.53 -1.11
C HIS B 111 0.04 -5.09 -1.05
N LEU B 112 1.29 -4.86 -1.46
CA LEU B 112 1.83 -3.51 -1.53
C LEU B 112 1.10 -2.73 -2.62
N LEU B 113 0.80 -3.42 -3.71
CA LEU B 113 0.11 -2.82 -4.84
C LEU B 113 -1.30 -2.37 -4.45
N ARG B 114 -1.97 -3.17 -3.62
CA ARG B 114 -3.31 -2.83 -3.14
C ARG B 114 -3.30 -1.50 -2.40
N LEU B 115 -2.20 -1.26 -1.67
CA LEU B 115 -2.03 -0.03 -0.92
C LEU B 115 -2.16 1.17 -1.86
N PHE B 116 -1.39 1.15 -2.94
CA PHE B 116 -1.39 2.26 -3.90
C PHE B 116 -2.78 2.50 -4.47
N VAL B 117 -3.49 1.41 -4.75
CA VAL B 117 -4.79 1.49 -5.37
C VAL B 117 -5.81 2.25 -4.51
N ARG B 118 -5.83 1.97 -3.21
CA ARG B 118 -6.87 2.53 -2.36
C ARG B 118 -6.36 3.70 -1.53
N ILE B 119 -5.04 3.90 -1.46
CA ILE B 119 -4.48 4.98 -0.67
C ILE B 119 -4.94 6.34 -1.23
N GLY B 120 -4.95 6.47 -2.55
CA GLY B 120 -5.39 7.70 -3.17
C GLY B 120 -6.85 7.96 -2.95
N ALA B 121 -7.64 6.90 -2.89
CA ALA B 121 -9.07 7.01 -2.66
C ALA B 121 -9.35 7.54 -1.26
N MET B 122 -8.57 7.08 -0.30
CA MET B 122 -8.72 7.51 1.09
C MET B 122 -8.13 8.90 1.28
N LEU B 123 -7.03 9.16 0.61
CA LEU B 123 -6.38 10.46 0.67
C LEU B 123 -7.22 11.53 0.00
N ALA B 124 -8.15 11.11 -0.86
CA ALA B 124 -9.06 12.03 -1.52
C ALA B 124 -9.99 12.70 -0.52
N TYR B 125 -10.09 12.11 0.67
CA TYR B 125 -10.91 12.67 1.73
C TYR B 125 -10.10 13.67 2.56
N THR B 126 -8.83 13.83 2.20
CA THR B 126 -7.97 14.80 2.86
C THR B 126 -7.72 15.98 1.93
N PRO B 127 -8.25 17.16 2.27
CA PRO B 127 -8.15 18.34 1.41
C PRO B 127 -6.75 18.95 1.38
N LEU B 128 -5.90 18.40 0.53
CA LEU B 128 -4.56 18.94 0.32
C LEU B 128 -4.55 19.84 -0.91
N ASP B 129 -3.46 20.59 -1.07
CA ASP B 129 -3.33 21.48 -2.23
C ASP B 129 -2.98 20.65 -3.46
N GLU B 130 -3.12 21.25 -4.63
CA GLU B 130 -2.84 20.57 -5.87
C GLU B 130 -1.33 20.33 -6.00
N LYS B 131 -0.54 21.28 -5.54
CA LYS B 131 0.93 21.13 -5.57
C LYS B 131 1.37 20.11 -4.53
N SER B 132 0.68 20.11 -3.40
CA SER B 132 0.88 19.12 -2.35
C SER B 132 0.57 17.72 -2.90
N LEU B 133 -0.55 17.61 -3.59
CA LEU B 133 -0.96 16.37 -4.20
C LEU B 133 0.06 15.92 -5.23
N ALA B 134 0.54 16.88 -6.03
CA ALA B 134 1.57 16.62 -7.04
C ALA B 134 2.81 15.99 -6.41
N LEU B 135 3.23 16.52 -5.26
CA LEU B 135 4.36 15.95 -4.53
C LEU B 135 4.10 14.50 -4.17
N LEU B 136 2.98 14.27 -3.51
CA LEU B 136 2.64 12.94 -3.02
C LEU B 136 2.46 11.96 -4.17
N LEU B 137 1.80 12.41 -5.24
CA LEU B 137 1.57 11.56 -6.41
C LEU B 137 2.89 11.28 -7.13
N ASN B 138 3.82 12.24 -7.09
CA ASN B 138 5.13 12.06 -7.71
C ASN B 138 5.90 10.93 -7.04
N TYR B 139 6.09 11.04 -5.73
CA TYR B 139 6.80 10.00 -4.99
C TYR B 139 6.05 8.67 -5.08
N LEU B 140 4.73 8.75 -5.10
CA LEU B 140 3.88 7.57 -5.22
C LEU B 140 4.14 6.87 -6.55
N HIS B 141 4.05 7.62 -7.64
CA HIS B 141 4.22 7.06 -8.97
C HIS B 141 5.68 6.76 -9.28
N ASP B 142 6.59 7.44 -8.60
CA ASP B 142 8.02 7.17 -8.77
C ASP B 142 8.38 5.84 -8.12
N PHE B 143 7.86 5.60 -6.93
CA PHE B 143 8.05 4.32 -6.25
C PHE B 143 7.36 3.22 -7.03
N LEU B 144 6.14 3.52 -7.50
CA LEU B 144 5.36 2.59 -8.29
C LEU B 144 6.06 2.32 -9.63
N LYS B 145 6.76 3.33 -10.14
CA LYS B 145 7.56 3.18 -11.33
C LYS B 145 8.64 2.13 -11.12
N TYR B 146 9.36 2.24 -10.01
CA TYR B 146 10.38 1.26 -9.65
C TYR B 146 9.74 -0.12 -9.46
N LEU B 147 8.57 -0.12 -8.83
CA LEU B 147 7.83 -1.36 -8.58
C LEU B 147 7.50 -2.05 -9.89
N ALA B 148 6.91 -1.29 -10.81
CA ALA B 148 6.54 -1.80 -12.12
C ALA B 148 7.77 -2.24 -12.93
N LYS B 149 8.86 -1.52 -12.73
CA LYS B 149 10.10 -1.75 -13.48
C LYS B 149 10.67 -3.14 -13.20
N ASN B 150 10.39 -3.69 -12.03
CA ASN B 150 10.91 -4.99 -11.65
C ASN B 150 9.76 -5.94 -11.31
N SER B 151 8.57 -5.56 -11.73
CA SER B 151 7.33 -6.26 -11.36
C SER B 151 7.41 -7.78 -11.54
N ALA B 152 8.06 -8.21 -12.62
CA ALA B 152 8.09 -9.63 -12.99
C ALA B 152 8.84 -10.48 -11.97
N THR B 153 9.66 -9.86 -11.14
CA THR B 153 10.40 -10.60 -10.13
C THR B 153 9.89 -10.26 -8.72
N LEU B 154 8.87 -9.42 -8.66
CA LEU B 154 8.34 -8.98 -7.37
C LEU B 154 7.01 -9.66 -7.07
N PHE B 155 6.05 -9.50 -7.97
CA PHE B 155 4.71 -10.03 -7.76
C PHE B 155 4.65 -11.53 -8.00
N SER B 156 4.74 -12.29 -6.93
CA SER B 156 4.65 -13.73 -7.01
C SER B 156 3.26 -14.20 -6.55
N ALA B 157 2.35 -14.32 -7.51
CA ALA B 157 0.98 -14.75 -7.22
C ALA B 157 0.92 -16.26 -6.96
N SER B 158 2.08 -16.91 -7.09
CA SER B 158 2.17 -18.35 -6.98
C SER B 158 1.99 -18.83 -5.53
N ASP B 159 2.11 -17.93 -4.57
CA ASP B 159 1.98 -18.30 -3.17
C ASP B 159 0.54 -18.22 -2.71
N TYR B 160 -0.36 -17.85 -3.63
CA TYR B 160 -1.79 -17.84 -3.33
C TYR B 160 -2.33 -19.26 -3.35
N GLU B 161 -2.58 -19.80 -2.17
CA GLU B 161 -3.07 -21.15 -2.04
C GLU B 161 -4.58 -21.18 -1.92
N VAL B 162 -5.21 -22.13 -2.59
CA VAL B 162 -6.65 -22.26 -2.56
C VAL B 162 -7.11 -22.75 -1.17
N ALA B 163 -7.97 -21.98 -0.55
CA ALA B 163 -8.49 -22.30 0.77
C ALA B 163 -9.74 -23.16 0.66
N PRO B 164 -9.67 -24.40 1.17
CA PRO B 164 -10.80 -25.35 1.15
C PRO B 164 -11.89 -24.95 2.15
N PRO B 165 -13.07 -25.60 2.09
CA PRO B 165 -14.25 -25.26 2.91
C PRO B 165 -13.96 -25.18 4.41
N GLU B 166 -13.04 -26.01 4.89
CA GLU B 166 -12.73 -26.04 6.32
C GLU B 166 -11.90 -24.83 6.74
N TYR B 167 -11.14 -24.27 5.81
CA TYR B 167 -10.41 -23.04 6.07
C TYR B 167 -11.38 -21.86 6.07
N HIS B 168 -12.45 -21.99 5.30
CA HIS B 168 -13.49 -20.97 5.23
C HIS B 168 -14.20 -20.82 6.57
N ARG B 169 -14.18 -21.89 7.37
CA ARG B 169 -14.90 -21.91 8.65
C ARG B 169 -14.45 -20.79 9.58
N LYS B 170 -13.21 -20.34 9.46
CA LYS B 170 -12.72 -19.25 10.31
C LYS B 170 -12.78 -17.92 9.57
N ALA B 171 -13.47 -17.90 8.43
CA ALA B 171 -13.67 -16.69 7.67
C ALA B 171 -15.07 -16.13 7.92
N VAL B 172 -15.76 -16.74 8.87
CA VAL B 172 -17.11 -16.31 9.23
C VAL B 172 -17.08 -15.43 10.45
N SER A 1 5.04 5.01 25.32
CA SER A 1 4.37 4.68 26.58
C SER A 1 3.13 3.83 26.31
N ASN A 2 2.05 4.47 25.89
CA ASN A 2 0.82 3.76 25.55
C ASN A 2 0.99 3.07 24.20
N ALA A 3 1.69 3.75 23.29
CA ALA A 3 1.95 3.20 21.97
C ALA A 3 3.45 2.96 21.80
N GLY A 4 3.80 2.02 20.94
CA GLY A 4 5.20 1.73 20.68
C GLY A 4 5.68 2.31 19.36
N ARG A 5 4.72 2.71 18.54
CA ARG A 5 5.02 3.27 17.24
C ARG A 5 4.27 4.58 17.05
N GLN A 6 4.91 5.56 16.42
CA GLN A 6 4.31 6.87 16.26
C GLN A 6 3.61 7.00 14.91
N VAL A 7 2.74 8.00 14.81
CA VAL A 7 1.97 8.22 13.60
C VAL A 7 2.80 8.93 12.53
N PRO A 8 2.73 8.44 11.27
CA PRO A 8 3.49 8.98 10.13
C PRO A 8 3.33 10.49 9.99
N SER A 9 2.19 10.99 10.41
CA SER A 9 1.82 12.38 10.23
C SER A 9 2.80 13.35 10.89
N LYS A 10 3.38 12.96 12.02
CA LYS A 10 4.27 13.88 12.75
C LYS A 10 5.68 13.32 12.91
N VAL A 11 5.93 12.14 12.36
CA VAL A 11 7.27 11.58 12.39
C VAL A 11 7.94 11.72 11.02
N ILE A 12 7.16 11.52 9.97
CA ILE A 12 7.67 11.57 8.61
C ILE A 12 7.25 12.88 7.94
N TRP A 13 5.95 13.10 7.90
CA TRP A 13 5.38 14.22 7.18
C TRP A 13 5.72 15.53 7.87
N ASP A 14 6.26 15.45 9.08
CA ASP A 14 6.70 16.63 9.78
C ASP A 14 7.93 17.22 9.09
N HIS A 15 8.80 16.32 8.64
CA HIS A 15 9.98 16.71 7.86
C HIS A 15 9.53 17.16 6.46
N LEU A 16 8.75 16.28 5.83
CA LEU A 16 8.26 16.51 4.47
C LEU A 16 7.54 17.85 4.36
N SER A 17 6.89 18.26 5.45
CA SER A 17 6.12 19.49 5.44
C SER A 17 6.97 20.70 5.81
N THR A 18 7.86 20.56 6.79
CA THR A 18 8.64 21.70 7.28
C THR A 18 9.59 22.20 6.20
N MET A 19 10.02 21.32 5.30
CA MET A 19 10.91 21.71 4.22
C MET A 19 10.14 22.43 3.10
N TYR A 20 8.83 22.53 3.25
CA TYR A 20 7.98 23.05 2.19
C TYR A 20 7.02 24.12 2.71
N ASP A 21 7.03 24.32 4.03
CA ASP A 21 5.99 25.08 4.73
C ASP A 21 4.64 24.40 4.58
N MET A 22 4.68 23.14 4.17
CA MET A 22 3.50 22.32 4.00
C MET A 22 2.96 21.91 5.37
N GLN A 23 3.70 22.30 6.40
CA GLN A 23 3.30 22.13 7.79
C GLN A 23 1.85 22.57 7.96
N ALA A 24 1.62 23.85 7.72
CA ALA A 24 0.30 24.45 7.80
C ALA A 24 -0.74 23.62 7.04
N LEU A 25 -0.37 23.27 5.83
CA LEU A 25 -1.27 22.57 4.90
C LEU A 25 -1.70 21.24 5.49
N HIS A 26 -0.71 20.46 5.89
CA HIS A 26 -0.92 19.10 6.33
C HIS A 26 -1.34 19.03 7.80
N GLU A 27 -1.08 20.07 8.57
CA GLU A 27 -1.50 20.10 9.97
C GLU A 27 -2.94 20.58 10.10
N SER A 28 -3.41 21.30 9.09
CA SER A 28 -4.81 21.69 9.06
C SER A 28 -5.68 20.48 8.72
N GLU A 29 -5.17 19.63 7.84
CA GLU A 29 -5.87 18.41 7.46
C GLU A 29 -4.94 17.21 7.58
N ILE A 30 -4.97 16.58 8.75
CA ILE A 30 -4.09 15.46 9.06
C ILE A 30 -4.82 14.13 8.83
N LEU A 31 -4.07 13.05 8.74
CA LEU A 31 -4.66 11.72 8.60
C LEU A 31 -4.26 10.82 9.79
N PRO A 32 -4.81 11.07 10.99
CA PRO A 32 -4.68 10.19 12.13
C PRO A 32 -6.00 9.48 12.45
N PHE A 33 -6.98 9.62 11.55
CA PHE A 33 -8.32 9.12 11.79
C PHE A 33 -8.42 7.63 11.44
N PRO A 34 -8.99 6.84 12.36
CA PRO A 34 -9.18 5.41 12.15
C PRO A 34 -10.40 5.12 11.29
N ASN A 35 -10.15 4.66 10.07
CA ASN A 35 -11.25 4.27 9.19
C ASN A 35 -11.72 2.87 9.56
N PRO A 36 -13.04 2.69 9.72
CA PRO A 36 -13.63 1.44 10.21
C PRO A 36 -13.22 0.22 9.39
N GLU A 37 -13.00 -0.89 10.08
CA GLU A 37 -12.64 -2.16 9.44
C GLU A 37 -13.73 -2.57 8.45
N ARG A 38 -13.33 -2.78 7.21
CA ARG A 38 -14.26 -3.10 6.14
C ARG A 38 -13.56 -3.86 5.03
N ASN A 39 -14.29 -4.13 3.95
CA ASN A 39 -13.72 -4.83 2.80
C ASN A 39 -13.10 -3.83 1.83
N PHE A 40 -12.10 -4.28 1.09
CA PHE A 40 -11.37 -3.43 0.16
C PHE A 40 -12.18 -3.10 -1.08
N VAL A 41 -12.79 -4.15 -1.64
CA VAL A 41 -13.53 -4.12 -2.92
C VAL A 41 -12.78 -3.38 -4.05
N LEU A 42 -12.42 -4.13 -5.07
CA LEU A 42 -11.68 -3.59 -6.21
C LEU A 42 -12.60 -2.72 -7.07
N PRO A 43 -12.19 -1.48 -7.36
CA PRO A 43 -12.94 -0.56 -8.22
C PRO A 43 -13.27 -1.19 -9.58
N GLU A 44 -14.52 -1.03 -9.99
CA GLU A 44 -15.01 -1.61 -11.22
C GLU A 44 -14.29 -1.06 -12.45
N GLU A 45 -13.75 0.15 -12.32
CA GLU A 45 -13.08 0.80 -13.44
C GLU A 45 -11.84 0.02 -13.85
N ILE A 46 -11.22 -0.63 -12.87
CA ILE A 46 -10.04 -1.45 -13.12
C ILE A 46 -10.45 -2.76 -13.76
N ILE A 47 -11.51 -3.36 -13.23
CA ILE A 47 -12.03 -4.61 -13.76
C ILE A 47 -12.49 -4.44 -15.20
N GLN A 48 -13.15 -3.32 -15.46
CA GLN A 48 -13.61 -3.01 -16.81
C GLN A 48 -12.43 -2.65 -17.71
N GLU A 49 -11.47 -1.90 -17.16
CA GLU A 49 -10.26 -1.53 -17.89
C GLU A 49 -9.59 -2.76 -18.50
N VAL A 50 -9.53 -3.82 -17.70
CA VAL A 50 -8.87 -5.05 -18.11
C VAL A 50 -9.76 -5.90 -19.02
N ARG A 51 -10.97 -6.17 -18.58
CA ARG A 51 -11.83 -7.14 -19.26
C ARG A 51 -12.52 -6.54 -20.48
N GLU A 52 -12.83 -5.25 -20.44
CA GLU A 52 -13.56 -4.61 -21.53
C GLU A 52 -13.00 -3.22 -21.80
N GLY A 53 -11.69 -3.15 -21.99
CA GLY A 53 -11.07 -1.90 -22.33
C GLY A 53 -10.64 -1.88 -23.78
N LYS A 54 -11.11 -2.89 -24.52
CA LYS A 54 -10.74 -3.08 -25.92
C LYS A 54 -9.25 -3.37 -26.00
N SER B 1 -15.98 21.56 -1.77
CA SER B 1 -16.66 20.40 -2.38
C SER B 1 -15.68 19.23 -2.54
N ASN B 2 -14.41 19.48 -2.19
CA ASN B 2 -13.35 18.47 -2.30
C ASN B 2 -13.09 18.10 -3.75
N ALA B 3 -12.24 17.09 -3.95
CA ALA B 3 -11.92 16.60 -5.26
C ALA B 3 -11.55 15.13 -5.17
N GLU B 4 -12.15 14.30 -6.01
CA GLU B 4 -11.86 12.88 -5.99
C GLU B 4 -10.48 12.62 -6.57
N VAL B 5 -9.54 12.31 -5.71
CA VAL B 5 -8.19 12.00 -6.14
C VAL B 5 -8.15 10.64 -6.81
N LYS B 6 -8.38 10.63 -8.12
CA LYS B 6 -8.38 9.41 -8.88
C LYS B 6 -6.96 9.09 -9.32
N VAL B 7 -6.27 8.32 -8.49
CA VAL B 7 -4.91 7.92 -8.80
C VAL B 7 -4.89 7.00 -10.01
N LYS B 8 -4.15 7.41 -11.03
CA LYS B 8 -4.03 6.61 -12.24
C LYS B 8 -3.11 5.44 -11.97
N ILE B 9 -3.69 4.28 -11.74
CA ILE B 9 -2.91 3.07 -11.58
C ILE B 9 -2.48 2.58 -12.95
N PRO B 10 -1.16 2.42 -13.17
CA PRO B 10 -0.61 2.02 -14.46
C PRO B 10 -1.32 0.79 -15.03
N GLU B 11 -1.73 0.89 -16.29
CA GLU B 11 -2.43 -0.21 -16.96
C GLU B 11 -1.54 -1.44 -17.06
N GLU B 12 -0.25 -1.23 -16.86
CA GLU B 12 0.71 -2.32 -16.80
C GLU B 12 0.37 -3.27 -15.65
N LEU B 13 -0.14 -2.70 -14.56
CA LEU B 13 -0.46 -3.47 -13.36
C LEU B 13 -1.97 -3.69 -13.24
N LYS B 14 -2.72 -3.25 -14.25
CA LYS B 14 -4.17 -3.43 -14.26
C LYS B 14 -4.56 -4.91 -14.25
N PRO B 15 -4.01 -5.73 -15.18
CA PRO B 15 -4.28 -7.17 -15.19
C PRO B 15 -3.86 -7.84 -13.89
N TRP B 16 -2.77 -7.34 -13.30
CA TRP B 16 -2.27 -7.86 -12.03
C TRP B 16 -3.30 -7.65 -10.92
N LEU B 17 -3.84 -6.43 -10.86
CA LEU B 17 -4.87 -6.09 -9.87
C LEU B 17 -6.08 -7.02 -9.99
N VAL B 18 -6.59 -7.15 -11.21
CA VAL B 18 -7.75 -7.98 -11.45
C VAL B 18 -7.43 -9.46 -11.22
N ASP B 19 -6.22 -9.87 -11.58
CA ASP B 19 -5.80 -11.25 -11.37
C ASP B 19 -5.70 -11.57 -9.88
N ASP B 20 -5.06 -10.67 -9.13
CA ASP B 20 -4.94 -10.83 -7.67
C ASP B 20 -6.32 -10.88 -7.04
N TRP B 21 -7.19 -9.96 -7.46
CA TRP B 21 -8.58 -9.93 -7.03
C TRP B 21 -9.27 -11.24 -7.37
N ASP B 22 -9.01 -11.73 -8.58
CA ASP B 22 -9.56 -12.99 -9.06
C ASP B 22 -9.05 -14.16 -8.23
N LEU B 23 -7.77 -14.11 -7.88
CA LEU B 23 -7.14 -15.15 -7.08
C LEU B 23 -7.86 -15.32 -5.75
N ILE B 24 -8.18 -14.21 -5.10
CA ILE B 24 -8.87 -14.27 -3.82
C ILE B 24 -10.34 -14.68 -3.99
N THR B 25 -11.02 -14.06 -4.94
CA THR B 25 -12.46 -14.24 -5.08
C THR B 25 -12.83 -15.55 -5.79
N ARG B 26 -12.44 -15.68 -7.04
CA ARG B 26 -12.84 -16.82 -7.85
C ARG B 26 -11.95 -18.02 -7.60
N GLN B 27 -10.65 -17.80 -7.60
CA GLN B 27 -9.69 -18.89 -7.41
C GLN B 27 -9.70 -19.37 -5.96
N LYS B 28 -9.97 -18.42 -5.06
CA LYS B 28 -10.00 -18.68 -3.63
C LYS B 28 -8.64 -19.16 -3.13
N GLN B 29 -7.60 -18.70 -3.81
CA GLN B 29 -6.23 -18.97 -3.41
C GLN B 29 -5.81 -17.92 -2.39
N LEU B 30 -5.72 -18.32 -1.14
CA LEU B 30 -5.46 -17.36 -0.08
C LEU B 30 -3.97 -17.24 0.19
N PHE B 31 -3.53 -16.03 0.47
CA PHE B 31 -2.13 -15.77 0.74
C PHE B 31 -1.86 -15.93 2.24
N TYR B 32 -1.66 -17.16 2.67
CA TYR B 32 -1.35 -17.43 4.07
C TYR B 32 0.09 -17.92 4.23
N LEU B 33 1.00 -16.96 4.28
CA LEU B 33 2.42 -17.23 4.36
C LEU B 33 3.19 -15.92 4.44
N PRO B 34 4.37 -15.91 5.07
CA PRO B 34 5.22 -14.73 5.14
C PRO B 34 5.98 -14.50 3.83
N ALA B 35 5.65 -13.41 3.14
CA ALA B 35 6.34 -13.07 1.91
C ALA B 35 7.79 -12.66 2.19
N LYS B 36 8.73 -13.46 1.70
CA LYS B 36 10.14 -13.19 1.91
C LYS B 36 10.58 -11.98 1.09
N LYS B 37 9.83 -11.69 0.04
CA LYS B 37 9.96 -10.43 -0.67
C LYS B 37 8.99 -9.42 -0.07
N ASN B 38 9.39 -8.81 1.03
CA ASN B 38 8.48 -8.00 1.83
C ASN B 38 8.60 -6.52 1.52
N VAL B 39 7.69 -5.74 2.11
CA VAL B 39 7.62 -4.30 1.88
C VAL B 39 8.93 -3.61 2.23
N ASP B 40 9.50 -3.97 3.37
CA ASP B 40 10.73 -3.34 3.85
C ASP B 40 11.86 -3.47 2.84
N SER B 41 12.09 -4.68 2.34
CA SER B 41 13.18 -4.93 1.42
C SER B 41 12.93 -4.26 0.07
N ILE B 42 11.68 -4.28 -0.39
CA ILE B 42 11.34 -3.65 -1.66
C ILE B 42 11.52 -2.14 -1.58
N LEU B 43 11.05 -1.56 -0.48
CA LEU B 43 11.21 -0.12 -0.26
C LEU B 43 12.68 0.24 -0.12
N GLU B 44 13.43 -0.58 0.60
CA GLU B 44 14.86 -0.35 0.80
C GLU B 44 15.60 -0.43 -0.52
N ASP B 45 15.25 -1.43 -1.32
CA ASP B 45 15.84 -1.63 -2.64
C ASP B 45 15.62 -0.39 -3.50
N TYR B 46 14.38 0.08 -3.54
CA TYR B 46 14.03 1.30 -4.26
C TYR B 46 14.77 2.50 -3.68
N ALA B 47 14.78 2.58 -2.35
CA ALA B 47 15.42 3.69 -1.66
C ALA B 47 16.89 3.79 -2.02
N ASN B 48 17.62 2.71 -1.82
CA ASN B 48 19.05 2.68 -2.07
C ASN B 48 19.37 2.92 -3.54
N TYR B 49 18.50 2.44 -4.43
CA TYR B 49 18.66 2.67 -5.85
C TYR B 49 18.65 4.16 -6.17
N LYS B 50 17.72 4.89 -5.57
CA LYS B 50 17.60 6.34 -5.82
C LYS B 50 18.80 7.08 -5.26
N LYS B 51 19.31 6.60 -4.13
CA LYS B 51 20.41 7.27 -3.44
C LYS B 51 21.73 7.07 -4.17
N SER B 52 22.14 5.82 -4.31
CA SER B 52 23.46 5.49 -4.83
C SER B 52 23.54 5.69 -6.34
N ARG B 53 22.42 6.03 -6.96
CA ARG B 53 22.41 6.34 -8.39
C ARG B 53 23.21 7.60 -8.67
N GLY B 54 23.01 8.61 -7.84
CA GLY B 54 23.70 9.87 -8.02
C GLY B 54 23.79 10.66 -6.74
N ASN B 55 25.01 10.90 -6.29
CA ASN B 55 25.24 11.62 -5.03
C ASN B 55 24.65 13.03 -5.09
N THR B 56 23.52 13.20 -4.43
CA THR B 56 22.88 14.51 -4.36
C THR B 56 22.43 14.77 -2.92
N ASP B 57 22.79 15.94 -2.41
CA ASP B 57 22.55 16.30 -1.01
C ASP B 57 21.06 16.36 -0.69
N ASN B 58 20.24 16.68 -1.68
CA ASN B 58 18.81 16.84 -1.47
C ASN B 58 18.06 15.57 -1.87
N LYS B 59 18.79 14.47 -1.99
CA LYS B 59 18.21 13.24 -2.50
C LYS B 59 18.00 12.21 -1.40
N GLU B 60 19.05 11.97 -0.61
CA GLU B 60 19.06 10.87 0.35
C GLU B 60 17.93 10.98 1.37
N TYR B 61 17.76 12.16 1.97
CA TYR B 61 16.75 12.34 3.00
C TYR B 61 15.35 12.32 2.38
N ALA B 62 15.23 12.82 1.16
CA ALA B 62 13.95 12.84 0.46
C ALA B 62 13.44 11.42 0.25
N VAL B 63 14.30 10.57 -0.30
CA VAL B 63 13.95 9.17 -0.52
C VAL B 63 13.62 8.48 0.80
N ASN B 64 14.46 8.69 1.80
CA ASN B 64 14.31 8.03 3.09
C ASN B 64 12.95 8.32 3.71
N GLU B 65 12.61 9.60 3.83
CA GLU B 65 11.33 10.00 4.41
C GLU B 65 10.16 9.42 3.61
N VAL B 66 10.20 9.58 2.29
CA VAL B 66 9.12 9.09 1.43
C VAL B 66 8.93 7.58 1.59
N VAL B 67 10.03 6.84 1.56
CA VAL B 67 9.98 5.39 1.73
C VAL B 67 9.36 5.01 3.07
N ALA B 68 9.84 5.63 4.14
CA ALA B 68 9.30 5.39 5.48
C ALA B 68 7.82 5.72 5.52
N GLY B 69 7.46 6.81 4.84
CA GLY B 69 6.09 7.24 4.78
C GLY B 69 5.18 6.23 4.11
N ILE B 70 5.61 5.72 2.96
CA ILE B 70 4.83 4.74 2.21
C ILE B 70 4.57 3.50 3.08
N LYS B 71 5.60 3.04 3.77
CA LYS B 71 5.49 1.85 4.60
C LYS B 71 4.49 2.07 5.74
N GLU B 72 4.62 3.19 6.43
CA GLU B 72 3.76 3.49 7.57
C GLU B 72 2.34 3.84 7.12
N TYR B 73 2.23 4.39 5.92
CA TYR B 73 0.92 4.67 5.33
C TYR B 73 0.20 3.37 5.02
N PHE B 74 0.96 2.43 4.47
CA PHE B 74 0.44 1.10 4.19
C PHE B 74 0.01 0.44 5.49
N ASN B 75 0.82 0.58 6.53
CA ASN B 75 0.55 -0.02 7.83
C ASN B 75 -0.76 0.48 8.43
N VAL B 76 -0.91 1.81 8.50
CA VAL B 76 -2.07 2.41 9.17
C VAL B 76 -3.38 2.16 8.43
N MET B 77 -3.29 1.86 7.13
CA MET B 77 -4.47 1.69 6.30
C MET B 77 -4.75 0.22 5.99
N LEU B 78 -3.78 -0.63 6.29
CA LEU B 78 -3.86 -2.05 5.93
C LEU B 78 -4.91 -2.80 6.74
N GLY B 79 -4.75 -2.81 8.06
CA GLY B 79 -5.59 -3.61 8.92
C GLY B 79 -7.04 -3.14 8.98
N THR B 80 -7.32 -2.02 8.37
CA THR B 80 -8.65 -1.45 8.44
C THR B 80 -9.47 -1.71 7.18
N GLN B 81 -8.99 -1.26 6.02
CA GLN B 81 -9.80 -1.30 4.80
C GLN B 81 -9.11 -2.01 3.64
N LEU B 82 -7.85 -2.40 3.79
CA LEU B 82 -7.14 -3.02 2.69
C LEU B 82 -7.30 -4.54 2.69
N LEU B 83 -8.08 -5.04 3.64
CA LEU B 83 -8.27 -6.48 3.78
C LEU B 83 -9.75 -6.83 3.75
N TYR B 84 -10.10 -7.83 2.95
CA TYR B 84 -11.46 -8.35 2.92
C TYR B 84 -11.76 -9.09 4.23
N LYS B 85 -12.98 -9.56 4.40
CA LYS B 85 -13.27 -10.43 5.53
C LYS B 85 -12.63 -11.80 5.31
N PHE B 86 -12.26 -12.07 4.06
CA PHE B 86 -11.57 -13.30 3.71
C PHE B 86 -10.06 -13.12 3.95
N GLU B 87 -9.64 -11.87 4.10
CA GLU B 87 -8.24 -11.54 4.36
C GLU B 87 -8.00 -11.40 5.86
N ARG B 88 -9.05 -11.62 6.64
CA ARG B 88 -8.95 -11.51 8.08
C ARG B 88 -8.41 -12.80 8.73
N PRO B 89 -8.87 -14.01 8.30
CA PRO B 89 -8.33 -15.28 8.80
C PRO B 89 -6.82 -15.37 8.67
N GLN B 90 -6.29 -14.97 7.51
CA GLN B 90 -4.85 -15.03 7.28
C GLN B 90 -4.12 -14.08 8.24
N TYR B 91 -4.71 -12.92 8.48
CA TYR B 91 -4.15 -11.96 9.42
C TYR B 91 -4.03 -12.57 10.81
N ALA B 92 -5.13 -13.13 11.30
CA ALA B 92 -5.15 -13.72 12.63
C ALA B 92 -4.26 -14.96 12.69
N GLU B 93 -4.32 -15.78 11.65
CA GLU B 93 -3.55 -17.02 11.60
C GLU B 93 -2.05 -16.72 11.58
N ILE B 94 -1.62 -15.85 10.67
CA ILE B 94 -0.22 -15.48 10.59
C ILE B 94 0.25 -14.80 11.87
N LEU B 95 -0.57 -13.91 12.42
CA LEU B 95 -0.23 -13.18 13.63
C LEU B 95 -0.08 -14.11 14.82
N ALA B 96 -0.94 -15.12 14.90
CA ALA B 96 -0.89 -16.07 16.01
C ALA B 96 0.22 -17.08 15.83
N ASP B 97 0.34 -17.61 14.61
CA ASP B 97 1.35 -18.64 14.32
C ASP B 97 2.74 -18.04 14.29
N HIS B 98 2.84 -16.82 13.77
CA HIS B 98 4.12 -16.12 13.69
C HIS B 98 4.02 -14.79 14.43
N PRO B 99 4.28 -14.80 15.75
CA PRO B 99 4.14 -13.60 16.59
C PRO B 99 5.19 -12.54 16.29
N ASP B 100 6.20 -12.92 15.52
CA ASP B 100 7.29 -12.00 15.19
C ASP B 100 7.25 -11.65 13.69
N ALA B 101 6.08 -11.84 13.09
CA ALA B 101 5.89 -11.53 11.69
C ALA B 101 5.28 -10.13 11.53
N PRO B 102 6.08 -9.17 11.03
CA PRO B 102 5.59 -7.82 10.75
C PRO B 102 4.59 -7.80 9.61
N MET B 103 3.62 -6.90 9.68
CA MET B 103 2.59 -6.77 8.65
C MET B 103 3.22 -6.51 7.28
N SER B 104 4.33 -5.79 7.27
CA SER B 104 5.02 -5.46 6.03
C SER B 104 5.76 -6.68 5.47
N GLN B 105 5.99 -7.66 6.33
CA GLN B 105 6.68 -8.87 5.93
C GLN B 105 5.73 -9.84 5.23
N VAL B 106 4.75 -10.31 5.99
CA VAL B 106 3.85 -11.37 5.54
C VAL B 106 3.10 -11.02 4.24
N TYR B 107 2.54 -9.81 4.16
CA TYR B 107 1.67 -9.46 3.04
C TYR B 107 2.46 -9.22 1.76
N GLY B 108 3.68 -8.73 1.90
CA GLY B 108 4.55 -8.55 0.75
C GLY B 108 4.03 -7.56 -0.29
N ALA B 109 4.56 -7.67 -1.50
CA ALA B 109 4.22 -6.76 -2.59
C ALA B 109 2.76 -6.90 -3.07
N PRO B 110 2.23 -8.14 -3.26
CA PRO B 110 0.84 -8.32 -3.73
C PRO B 110 -0.16 -7.48 -2.95
N HIS B 111 -0.07 -7.51 -1.63
CA HIS B 111 -0.99 -6.76 -0.79
C HIS B 111 -0.54 -5.29 -0.66
N LEU B 112 0.73 -5.04 -0.95
CA LEU B 112 1.27 -3.68 -0.92
C LEU B 112 0.58 -2.84 -1.99
N LEU B 113 0.43 -3.44 -3.18
CA LEU B 113 -0.16 -2.75 -4.33
C LEU B 113 -1.59 -2.28 -4.02
N ARG B 114 -2.26 -2.98 -3.12
CA ARG B 114 -3.63 -2.65 -2.73
C ARG B 114 -3.71 -1.25 -2.14
N LEU B 115 -2.64 -0.83 -1.47
CA LEU B 115 -2.60 0.48 -0.81
C LEU B 115 -2.74 1.60 -1.83
N PHE B 116 -2.03 1.47 -2.94
CA PHE B 116 -1.97 2.54 -3.95
C PHE B 116 -3.33 2.77 -4.59
N VAL B 117 -4.14 1.73 -4.62
CA VAL B 117 -5.46 1.80 -5.24
C VAL B 117 -6.45 2.53 -4.34
N ARG B 118 -6.33 2.34 -3.04
CA ARG B 118 -7.33 2.83 -2.10
C ARG B 118 -6.86 4.11 -1.40
N ILE B 119 -5.59 4.47 -1.57
CA ILE B 119 -5.05 5.66 -0.92
C ILE B 119 -5.68 6.93 -1.51
N GLY B 120 -5.90 6.92 -2.82
CA GLY B 120 -6.50 8.07 -3.49
C GLY B 120 -7.95 8.25 -3.08
N ALA B 121 -8.61 7.14 -2.76
CA ALA B 121 -10.00 7.17 -2.32
C ALA B 121 -10.14 7.94 -1.02
N MET B 122 -9.19 7.72 -0.12
CA MET B 122 -9.19 8.36 1.19
C MET B 122 -8.86 9.84 1.06
N LEU B 123 -7.95 10.15 0.15
CA LEU B 123 -7.51 11.52 -0.07
C LEU B 123 -8.54 12.30 -0.86
N ALA B 124 -9.60 11.63 -1.30
CA ALA B 124 -10.74 12.30 -1.90
C ALA B 124 -11.61 12.90 -0.79
N TYR B 125 -11.56 12.27 0.38
CA TYR B 125 -12.31 12.74 1.54
C TYR B 125 -11.48 13.78 2.29
N THR B 126 -10.17 13.62 2.26
CA THR B 126 -9.26 14.60 2.84
C THR B 126 -8.19 14.98 1.82
N PRO B 127 -8.50 15.94 0.94
CA PRO B 127 -7.59 16.37 -0.12
C PRO B 127 -6.68 17.52 0.29
N LEU B 128 -5.39 17.27 0.26
CA LEU B 128 -4.40 18.29 0.58
C LEU B 128 -4.24 19.26 -0.59
N ASP B 129 -3.25 20.15 -0.48
CA ASP B 129 -3.00 21.15 -1.51
C ASP B 129 -2.59 20.48 -2.82
N GLU B 130 -2.67 21.20 -3.93
CA GLU B 130 -2.46 20.58 -5.25
C GLU B 130 -1.00 20.20 -5.47
N LYS B 131 -0.09 21.10 -5.16
CA LYS B 131 1.34 20.80 -5.20
C LYS B 131 1.73 19.75 -4.17
N SER B 132 1.00 19.73 -3.06
CA SER B 132 1.20 18.72 -2.03
C SER B 132 0.83 17.34 -2.60
N LEU B 133 -0.35 17.28 -3.22
CA LEU B 133 -0.81 16.05 -3.86
C LEU B 133 0.15 15.67 -4.98
N ALA B 134 0.63 16.68 -5.71
CA ALA B 134 1.60 16.48 -6.78
C ALA B 134 2.84 15.76 -6.27
N LEU B 135 3.35 16.21 -5.12
CA LEU B 135 4.49 15.57 -4.48
C LEU B 135 4.21 14.09 -4.22
N LEU B 136 3.12 13.84 -3.51
CA LEU B 136 2.71 12.48 -3.15
C LEU B 136 2.53 11.62 -4.39
N LEU B 137 1.80 12.16 -5.37
CA LEU B 137 1.47 11.42 -6.59
C LEU B 137 2.71 11.21 -7.46
N ASN B 138 3.63 12.18 -7.43
CA ASN B 138 4.86 12.10 -8.20
C ASN B 138 5.71 10.92 -7.75
N TYR B 139 6.03 10.88 -6.46
CA TYR B 139 6.81 9.78 -5.91
C TYR B 139 6.01 8.49 -5.94
N LEU B 140 4.70 8.62 -5.84
CA LEU B 140 3.80 7.47 -5.92
C LEU B 140 3.96 6.76 -7.26
N HIS B 141 3.89 7.53 -8.34
CA HIS B 141 3.98 6.96 -9.69
C HIS B 141 5.38 6.47 -10.00
N ASP B 142 6.39 7.16 -9.49
CA ASP B 142 7.77 6.72 -9.68
C ASP B 142 7.98 5.36 -9.05
N PHE B 143 7.43 5.18 -7.86
CA PHE B 143 7.52 3.91 -7.16
C PHE B 143 6.67 2.86 -7.85
N LEU B 144 5.47 3.25 -8.30
CA LEU B 144 4.59 2.35 -9.06
C LEU B 144 5.28 1.85 -10.33
N LYS B 145 6.00 2.75 -10.98
CA LYS B 145 6.78 2.42 -12.16
C LYS B 145 7.84 1.38 -11.81
N TYR B 146 8.52 1.61 -10.69
CA TYR B 146 9.56 0.71 -10.22
C TYR B 146 8.97 -0.66 -9.88
N LEU B 147 7.78 -0.65 -9.30
CA LEU B 147 7.08 -1.89 -8.95
C LEU B 147 6.73 -2.68 -10.21
N ALA B 148 6.16 -1.99 -11.20
CA ALA B 148 5.76 -2.62 -12.44
C ALA B 148 6.97 -3.14 -13.20
N LYS B 149 8.07 -2.41 -13.10
CA LYS B 149 9.31 -2.76 -13.79
C LYS B 149 9.84 -4.11 -13.33
N ASN B 150 10.08 -4.24 -12.04
CA ASN B 150 10.68 -5.45 -11.49
C ASN B 150 9.62 -6.36 -10.87
N SER B 151 8.40 -6.22 -11.37
CA SER B 151 7.24 -6.91 -10.81
C SER B 151 7.43 -8.42 -10.70
N ALA B 152 8.21 -8.99 -11.63
CA ALA B 152 8.42 -10.43 -11.67
C ALA B 152 9.07 -10.96 -10.39
N THR B 153 9.90 -10.13 -9.75
CA THR B 153 10.58 -10.53 -8.53
C THR B 153 9.95 -9.83 -7.32
N LEU B 154 8.77 -9.26 -7.53
CA LEU B 154 8.05 -8.57 -6.47
C LEU B 154 6.76 -9.29 -6.13
N PHE B 155 5.88 -9.42 -7.11
CA PHE B 155 4.57 -10.01 -6.90
C PHE B 155 4.62 -11.52 -6.98
N SER B 156 4.77 -12.16 -5.83
CA SER B 156 4.80 -13.61 -5.76
C SER B 156 3.38 -14.16 -5.77
N ALA B 157 2.81 -14.27 -6.98
CA ALA B 157 1.44 -14.75 -7.14
C ALA B 157 1.36 -16.27 -6.92
N SER B 158 2.49 -16.94 -7.05
CA SER B 158 2.52 -18.39 -6.93
C SER B 158 2.47 -18.82 -5.47
N ASP B 159 2.52 -17.85 -4.56
CA ASP B 159 2.42 -18.14 -3.13
C ASP B 159 0.96 -18.22 -2.71
N TYR B 160 0.07 -17.82 -3.61
CA TYR B 160 -1.36 -17.92 -3.37
C TYR B 160 -1.80 -19.37 -3.50
N GLU B 161 -2.18 -19.96 -2.37
CA GLU B 161 -2.55 -21.36 -2.34
C GLU B 161 -4.04 -21.52 -2.08
N VAL B 162 -4.68 -22.37 -2.87
CA VAL B 162 -6.12 -22.62 -2.76
C VAL B 162 -6.54 -22.85 -1.31
N ALA B 163 -7.41 -21.98 -0.81
CA ALA B 163 -7.90 -22.09 0.56
C ALA B 163 -9.05 -23.09 0.65
N PRO B 164 -8.82 -24.19 1.39
CA PRO B 164 -9.81 -25.27 1.53
C PRO B 164 -11.13 -24.79 2.13
N PRO B 165 -12.25 -25.45 1.79
CA PRO B 165 -13.57 -25.14 2.34
C PRO B 165 -13.57 -25.13 3.87
N GLU B 166 -12.83 -26.06 4.47
CA GLU B 166 -12.75 -26.15 5.91
C GLU B 166 -11.92 -24.99 6.48
N TYR B 167 -11.17 -24.34 5.63
CA TYR B 167 -10.46 -23.12 6.02
C TYR B 167 -11.43 -21.95 5.99
N HIS B 168 -12.41 -22.04 5.09
CA HIS B 168 -13.39 -20.98 4.92
C HIS B 168 -14.33 -20.88 6.12
N ARG B 169 -14.57 -22.02 6.78
CA ARG B 169 -15.49 -22.04 7.92
C ARG B 169 -14.90 -21.31 9.12
N LYS B 170 -13.58 -21.19 9.16
CA LYS B 170 -12.93 -20.45 10.24
C LYS B 170 -12.54 -19.06 9.73
N ALA B 171 -13.01 -18.74 8.54
CA ALA B 171 -12.79 -17.44 7.94
C ALA B 171 -14.02 -16.56 8.14
N VAL B 172 -15.03 -17.13 8.80
CA VAL B 172 -16.25 -16.41 9.10
C VAL B 172 -16.15 -15.77 10.47
N SER A 1 9.40 -3.25 21.43
CA SER A 1 8.89 -2.33 20.39
C SER A 1 8.25 -1.12 21.03
N ASN A 2 8.93 0.02 20.95
CA ASN A 2 8.38 1.28 21.44
C ASN A 2 8.31 2.29 20.31
N ALA A 3 7.58 3.38 20.52
CA ALA A 3 7.46 4.40 19.49
C ALA A 3 8.55 5.46 19.65
N GLY A 4 8.36 6.36 20.61
CA GLY A 4 9.31 7.43 20.80
C GLY A 4 8.66 8.78 20.64
N ARG A 5 8.29 9.13 19.41
CA ARG A 5 7.65 10.40 19.11
C ARG A 5 6.15 10.22 18.95
N GLN A 6 5.71 8.96 19.06
CA GLN A 6 4.30 8.58 19.07
C GLN A 6 3.65 8.73 17.70
N VAL A 7 3.40 9.96 17.29
CA VAL A 7 2.69 10.22 16.06
C VAL A 7 3.60 10.24 14.85
N PRO A 8 3.21 9.53 13.77
CA PRO A 8 3.96 9.50 12.52
C PRO A 8 3.80 10.80 11.72
N SER A 9 2.88 11.64 12.15
CA SER A 9 2.63 12.91 11.50
C SER A 9 3.84 13.84 11.66
N LYS A 10 4.24 14.08 12.89
CA LYS A 10 5.39 14.93 13.14
C LYS A 10 6.67 14.11 13.30
N VAL A 11 7.06 13.46 12.23
CA VAL A 11 8.34 12.74 12.16
C VAL A 11 8.72 12.53 10.69
N ILE A 12 7.77 12.03 9.91
CA ILE A 12 7.95 11.88 8.47
C ILE A 12 7.48 13.15 7.78
N TRP A 13 6.19 13.43 7.98
CA TRP A 13 5.57 14.59 7.39
C TRP A 13 6.09 15.85 8.08
N ASP A 14 6.92 15.65 9.10
CA ASP A 14 7.64 16.73 9.75
C ASP A 14 8.54 17.43 8.74
N HIS A 15 9.41 16.65 8.11
CA HIS A 15 10.33 17.19 7.12
C HIS A 15 9.57 17.50 5.84
N LEU A 16 8.69 16.58 5.45
CA LEU A 16 7.90 16.76 4.24
C LEU A 16 7.08 18.04 4.28
N SER A 17 6.69 18.46 5.49
CA SER A 17 5.90 19.66 5.62
C SER A 17 6.77 20.91 5.60
N THR A 18 7.79 20.95 6.45
CA THR A 18 8.61 22.14 6.59
C THR A 18 9.29 22.53 5.27
N MET A 19 9.76 21.55 4.49
CA MET A 19 10.51 21.84 3.27
C MET A 19 9.61 22.32 2.14
N TYR A 20 8.31 22.38 2.38
CA TYR A 20 7.35 22.78 1.35
C TYR A 20 6.33 23.77 1.90
N ASP A 21 6.43 24.05 3.21
CA ASP A 21 5.41 24.80 3.93
C ASP A 21 4.08 24.05 3.89
N MET A 22 4.19 22.75 3.65
CA MET A 22 3.05 21.85 3.63
C MET A 22 2.52 21.65 5.05
N GLN A 23 3.23 22.26 6.01
CA GLN A 23 2.84 22.26 7.42
C GLN A 23 1.38 22.64 7.56
N ALA A 24 1.05 23.80 7.01
CA ALA A 24 -0.31 24.34 7.03
C ALA A 24 -1.31 23.30 6.58
N LEU A 25 -0.98 22.61 5.50
CA LEU A 25 -1.90 21.70 4.85
C LEU A 25 -2.05 20.42 5.69
N HIS A 26 -1.02 20.09 6.46
CA HIS A 26 -1.07 18.92 7.33
C HIS A 26 -1.72 19.25 8.66
N GLU A 27 -1.71 20.52 9.02
CA GLU A 27 -2.44 20.98 10.20
C GLU A 27 -3.93 20.91 9.93
N SER A 28 -4.30 21.16 8.68
CA SER A 28 -5.69 21.01 8.26
C SER A 28 -6.01 19.55 7.93
N GLU A 29 -5.04 18.84 7.36
CA GLU A 29 -5.25 17.46 6.94
C GLU A 29 -4.26 16.52 7.64
N ILE A 30 -4.69 15.94 8.74
CA ILE A 30 -3.91 14.93 9.44
C ILE A 30 -4.47 13.55 9.09
N LEU A 31 -3.76 12.48 9.43
CA LEU A 31 -4.19 11.13 9.02
C LEU A 31 -4.49 10.15 10.16
N PRO A 32 -4.73 10.60 11.41
CA PRO A 32 -4.79 9.68 12.51
C PRO A 32 -6.21 9.17 12.77
N PHE A 33 -7.10 9.48 11.85
CA PHE A 33 -8.51 9.13 11.97
C PHE A 33 -8.70 7.63 12.12
N PRO A 34 -9.75 7.23 12.87
CA PRO A 34 -10.05 5.81 13.11
C PRO A 34 -10.24 5.02 11.84
N ASN A 35 -9.45 3.97 11.68
CA ASN A 35 -9.55 3.09 10.53
C ASN A 35 -10.28 1.81 10.91
N PRO A 36 -11.55 1.70 10.50
CA PRO A 36 -12.39 0.53 10.81
C PRO A 36 -12.13 -0.62 9.84
N GLU A 37 -12.55 -1.82 10.24
CA GLU A 37 -12.46 -2.99 9.38
C GLU A 37 -13.41 -2.85 8.21
N ARG A 38 -12.85 -2.60 7.04
CA ARG A 38 -13.62 -2.40 5.82
C ARG A 38 -13.03 -3.26 4.71
N ASN A 39 -13.88 -4.05 4.07
CA ASN A 39 -13.43 -4.96 3.03
C ASN A 39 -12.91 -4.17 1.83
N PHE A 40 -11.65 -4.38 1.52
CA PHE A 40 -11.03 -3.74 0.35
C PHE A 40 -11.76 -4.15 -0.92
N VAL A 41 -12.21 -3.15 -1.67
CA VAL A 41 -12.87 -3.39 -2.93
C VAL A 41 -12.05 -2.82 -4.07
N LEU A 42 -12.14 -3.44 -5.23
CA LEU A 42 -11.42 -2.98 -6.41
C LEU A 42 -12.38 -2.27 -7.35
N PRO A 43 -12.11 -1.00 -7.68
CA PRO A 43 -12.94 -0.21 -8.60
C PRO A 43 -13.28 -0.97 -9.87
N GLU A 44 -14.57 -1.12 -10.13
CA GLU A 44 -15.07 -1.91 -11.25
C GLU A 44 -14.54 -1.40 -12.58
N GLU A 45 -14.28 -0.10 -12.65
CA GLU A 45 -13.83 0.51 -13.90
C GLU A 45 -12.44 0.01 -14.27
N ILE A 46 -11.65 -0.33 -13.26
CA ILE A 46 -10.32 -0.87 -13.48
C ILE A 46 -10.43 -2.33 -13.89
N ILE A 47 -11.36 -3.04 -13.26
CA ILE A 47 -11.64 -4.42 -13.61
C ILE A 47 -12.09 -4.51 -15.06
N GLN A 48 -13.11 -3.73 -15.40
CA GLN A 48 -13.64 -3.69 -16.76
C GLN A 48 -12.57 -3.25 -17.75
N GLU A 49 -11.73 -2.30 -17.34
CA GLU A 49 -10.63 -1.82 -18.18
C GLU A 49 -9.75 -2.99 -18.63
N VAL A 50 -9.31 -3.77 -17.65
CA VAL A 50 -8.39 -4.88 -17.91
C VAL A 50 -9.08 -6.00 -18.68
N ARG A 51 -10.30 -6.35 -18.29
CA ARG A 51 -11.02 -7.41 -18.96
C ARG A 51 -11.34 -7.03 -20.40
N GLU A 52 -11.58 -5.74 -20.63
CA GLU A 52 -11.83 -5.26 -21.98
C GLU A 52 -10.52 -5.17 -22.75
N GLY A 53 -9.44 -4.89 -22.04
CA GLY A 53 -8.12 -4.85 -22.66
C GLY A 53 -7.93 -3.64 -23.53
N LYS A 54 -8.41 -2.50 -23.05
CA LYS A 54 -8.32 -1.26 -23.79
C LYS A 54 -7.41 -0.26 -23.07
N SER B 1 -17.85 14.72 -5.46
CA SER B 1 -17.68 15.61 -4.29
C SER B 1 -16.20 15.77 -3.96
N ASN B 2 -15.71 17.00 -4.02
CA ASN B 2 -14.29 17.29 -3.89
C ASN B 2 -13.52 16.59 -5.01
N ALA B 3 -12.23 16.41 -4.82
CA ALA B 3 -11.42 15.70 -5.79
C ALA B 3 -11.15 14.28 -5.33
N GLU B 4 -12.03 13.35 -5.72
CA GLU B 4 -11.80 11.95 -5.43
C GLU B 4 -10.56 11.47 -6.15
N VAL B 5 -9.50 11.20 -5.38
CA VAL B 5 -8.22 10.85 -5.94
C VAL B 5 -8.24 9.44 -6.53
N LYS B 6 -8.47 9.37 -7.83
CA LYS B 6 -8.39 8.10 -8.54
C LYS B 6 -7.01 7.96 -9.14
N VAL B 7 -6.13 7.30 -8.39
CA VAL B 7 -4.73 7.18 -8.77
C VAL B 7 -4.56 6.30 -10.00
N LYS B 8 -4.03 6.90 -11.07
CA LYS B 8 -3.71 6.14 -12.27
C LYS B 8 -2.61 5.12 -11.99
N ILE B 9 -2.99 3.86 -12.05
CA ILE B 9 -2.05 2.76 -11.92
C ILE B 9 -1.41 2.49 -13.29
N PRO B 10 -0.07 2.27 -13.32
CA PRO B 10 0.66 1.95 -14.55
C PRO B 10 -0.07 0.93 -15.43
N GLU B 11 0.06 1.13 -16.74
CA GLU B 11 -0.67 0.35 -17.76
C GLU B 11 -0.67 -1.15 -17.46
N GLU B 12 0.49 -1.78 -17.62
CA GLU B 12 0.59 -3.23 -17.47
C GLU B 12 0.63 -3.66 -16.00
N LEU B 13 0.35 -2.72 -15.10
CA LEU B 13 0.27 -3.04 -13.69
C LEU B 13 -1.19 -3.30 -13.31
N LYS B 14 -2.10 -2.70 -14.07
CA LYS B 14 -3.54 -2.87 -13.87
C LYS B 14 -3.96 -4.35 -13.78
N PRO B 15 -3.52 -5.22 -14.74
CA PRO B 15 -3.84 -6.65 -14.72
C PRO B 15 -3.50 -7.32 -13.40
N TRP B 16 -2.47 -6.84 -12.72
CA TRP B 16 -2.05 -7.43 -11.46
C TRP B 16 -3.05 -7.11 -10.36
N LEU B 17 -3.58 -5.89 -10.37
CA LEU B 17 -4.63 -5.50 -9.43
C LEU B 17 -5.85 -6.39 -9.60
N VAL B 18 -6.31 -6.53 -10.84
CA VAL B 18 -7.49 -7.33 -11.13
C VAL B 18 -7.21 -8.80 -10.85
N ASP B 19 -6.01 -9.25 -11.16
CA ASP B 19 -5.63 -10.64 -10.93
C ASP B 19 -5.65 -10.97 -9.44
N ASP B 20 -5.06 -10.10 -8.64
CA ASP B 20 -5.04 -10.27 -7.17
C ASP B 20 -6.47 -10.39 -6.64
N TRP B 21 -7.32 -9.45 -7.05
CA TRP B 21 -8.74 -9.47 -6.71
C TRP B 21 -9.38 -10.79 -7.16
N ASP B 22 -9.08 -11.19 -8.38
CA ASP B 22 -9.65 -12.41 -8.96
C ASP B 22 -9.15 -13.64 -8.21
N LEU B 23 -7.91 -13.59 -7.75
CA LEU B 23 -7.34 -14.68 -6.96
C LEU B 23 -8.18 -14.93 -5.72
N ILE B 24 -8.40 -13.88 -4.94
CA ILE B 24 -9.15 -13.99 -3.68
C ILE B 24 -10.60 -14.39 -3.93
N THR B 25 -11.27 -13.66 -4.82
CA THR B 25 -12.71 -13.81 -5.00
C THR B 25 -13.08 -15.02 -5.86
N ARG B 26 -12.40 -15.19 -6.99
CA ARG B 26 -12.79 -16.20 -7.97
C ARG B 26 -12.14 -17.55 -7.69
N GLN B 27 -10.82 -17.57 -7.58
CA GLN B 27 -10.11 -18.84 -7.38
C GLN B 27 -10.04 -19.24 -5.91
N LYS B 28 -10.33 -18.28 -5.02
CA LYS B 28 -10.27 -18.52 -3.57
C LYS B 28 -8.84 -18.78 -3.12
N GLN B 29 -7.88 -18.31 -3.90
CA GLN B 29 -6.48 -18.42 -3.56
C GLN B 29 -6.12 -17.36 -2.54
N LEU B 30 -5.77 -17.79 -1.34
CA LEU B 30 -5.56 -16.87 -0.24
C LEU B 30 -4.08 -16.82 0.15
N PHE B 31 -3.62 -15.64 0.50
CA PHE B 31 -2.25 -15.43 0.92
C PHE B 31 -2.12 -15.69 2.43
N TYR B 32 -1.77 -16.92 2.78
CA TYR B 32 -1.54 -17.26 4.18
C TYR B 32 -0.18 -17.94 4.34
N LEU B 33 0.86 -17.12 4.45
CA LEU B 33 2.22 -17.61 4.58
C LEU B 33 3.16 -16.44 4.87
N PRO B 34 4.28 -16.70 5.57
CA PRO B 34 5.29 -15.68 5.81
C PRO B 34 6.16 -15.43 4.58
N ALA B 35 6.00 -14.27 3.97
CA ALA B 35 6.75 -13.93 2.78
C ALA B 35 8.11 -13.36 3.14
N LYS B 36 9.16 -13.95 2.59
CA LYS B 36 10.52 -13.48 2.80
C LYS B 36 10.76 -12.21 1.97
N LYS B 37 10.02 -12.08 0.88
CA LYS B 37 10.00 -10.85 0.12
C LYS B 37 9.04 -9.87 0.78
N ASN B 38 9.52 -9.20 1.81
CA ASN B 38 8.69 -8.29 2.58
C ASN B 38 8.73 -6.89 1.96
N VAL B 39 7.90 -6.00 2.48
CA VAL B 39 7.78 -4.67 1.91
C VAL B 39 9.07 -3.87 2.09
N ASP B 40 9.70 -4.04 3.24
CA ASP B 40 10.85 -3.23 3.62
C ASP B 40 12.04 -3.47 2.69
N SER B 41 12.28 -4.72 2.31
CA SER B 41 13.37 -5.04 1.39
C SER B 41 13.14 -4.37 0.03
N ILE B 42 11.88 -4.28 -0.38
CA ILE B 42 11.54 -3.62 -1.62
C ILE B 42 11.70 -2.12 -1.48
N LEU B 43 11.21 -1.60 -0.35
CA LEU B 43 11.31 -0.18 -0.05
C LEU B 43 12.77 0.28 -0.08
N GLU B 44 13.62 -0.43 0.65
CA GLU B 44 15.02 -0.04 0.76
C GLU B 44 15.75 -0.30 -0.55
N ASP B 45 15.36 -1.34 -1.27
CA ASP B 45 15.98 -1.65 -2.56
C ASP B 45 15.74 -0.50 -3.53
N TYR B 46 14.49 -0.06 -3.60
CA TYR B 46 14.13 1.10 -4.40
C TYR B 46 14.85 2.35 -3.88
N ALA B 47 14.90 2.48 -2.56
CA ALA B 47 15.55 3.60 -1.92
C ALA B 47 17.01 3.70 -2.35
N ASN B 48 17.75 2.61 -2.17
CA ASN B 48 19.16 2.56 -2.51
C ASN B 48 19.36 2.80 -4.01
N TYR B 49 18.40 2.34 -4.81
CA TYR B 49 18.42 2.57 -6.25
C TYR B 49 18.45 4.07 -6.56
N LYS B 50 17.67 4.84 -5.81
CA LYS B 50 17.59 6.29 -6.02
C LYS B 50 18.82 6.99 -5.46
N LYS B 51 19.44 6.38 -4.46
CA LYS B 51 20.62 6.96 -3.81
C LYS B 51 21.87 6.65 -4.63
N SER B 52 21.84 5.56 -5.38
CA SER B 52 22.97 5.15 -6.20
C SER B 52 22.88 5.78 -7.60
N ARG B 53 22.08 6.84 -7.72
CA ARG B 53 21.95 7.56 -8.99
C ARG B 53 23.10 8.55 -9.15
N GLY B 54 23.91 8.65 -8.12
CA GLY B 54 25.05 9.55 -8.13
C GLY B 54 25.17 10.27 -6.81
N ASN B 55 26.07 11.25 -6.74
CA ASN B 55 26.23 12.04 -5.53
C ASN B 55 25.18 13.14 -5.49
N THR B 56 23.99 12.77 -5.03
CA THR B 56 22.91 13.73 -4.92
C THR B 56 22.32 13.72 -3.50
N ASP B 57 22.85 14.61 -2.69
CA ASP B 57 22.51 14.67 -1.26
C ASP B 57 21.07 15.08 -1.05
N ASN B 58 20.56 15.93 -1.93
CA ASN B 58 19.24 16.53 -1.78
C ASN B 58 18.12 15.51 -1.99
N LYS B 59 18.46 14.31 -2.42
CA LYS B 59 17.44 13.31 -2.73
C LYS B 59 17.37 12.21 -1.67
N GLU B 60 18.46 12.00 -0.95
CA GLU B 60 18.54 10.89 0.00
C GLU B 60 17.43 10.94 1.04
N TYR B 61 17.35 12.04 1.79
CA TYR B 61 16.38 12.16 2.87
C TYR B 61 14.96 12.05 2.34
N ALA B 62 14.72 12.58 1.14
CA ALA B 62 13.40 12.53 0.52
C ALA B 62 12.98 11.09 0.29
N VAL B 63 13.88 10.30 -0.30
CA VAL B 63 13.62 8.88 -0.54
C VAL B 63 13.48 8.14 0.79
N ASN B 64 14.36 8.45 1.72
CA ASN B 64 14.40 7.76 3.00
C ASN B 64 13.08 7.86 3.74
N GLU B 65 12.54 9.07 3.86
CA GLU B 65 11.33 9.27 4.62
C GLU B 65 10.08 8.92 3.82
N VAL B 66 10.14 9.01 2.49
CA VAL B 66 9.00 8.58 1.68
C VAL B 66 8.82 7.07 1.84
N VAL B 67 9.94 6.38 1.86
CA VAL B 67 9.98 4.94 2.14
C VAL B 67 9.38 4.64 3.52
N ALA B 68 9.84 5.39 4.52
CA ALA B 68 9.33 5.26 5.88
C ALA B 68 7.83 5.53 5.91
N GLY B 69 7.42 6.62 5.26
CA GLY B 69 6.02 6.99 5.21
C GLY B 69 5.15 5.91 4.58
N ILE B 70 5.65 5.28 3.54
CA ILE B 70 4.95 4.19 2.88
C ILE B 70 4.71 3.04 3.86
N LYS B 71 5.76 2.63 4.55
CA LYS B 71 5.66 1.51 5.47
C LYS B 71 4.75 1.84 6.65
N GLU B 72 4.84 3.06 7.16
CA GLU B 72 4.01 3.48 8.27
C GLU B 72 2.54 3.57 7.84
N TYR B 73 2.29 4.24 6.71
CA TYR B 73 0.94 4.35 6.18
C TYR B 73 0.35 2.96 5.93
N PHE B 74 1.19 2.08 5.41
CA PHE B 74 0.81 0.69 5.17
C PHE B 74 0.38 0.04 6.48
N ASN B 75 1.23 0.14 7.50
CA ASN B 75 0.97 -0.49 8.78
C ASN B 75 -0.33 0.02 9.42
N VAL B 76 -0.65 1.29 9.16
CA VAL B 76 -1.88 1.89 9.69
C VAL B 76 -3.13 1.34 9.00
N MET B 77 -3.13 1.41 7.67
CA MET B 77 -4.36 1.19 6.92
C MET B 77 -4.52 -0.25 6.43
N LEU B 78 -3.40 -0.96 6.24
CA LEU B 78 -3.42 -2.34 5.72
C LEU B 78 -4.29 -3.24 6.60
N GLY B 79 -4.14 -3.10 7.91
CA GLY B 79 -4.76 -4.01 8.83
C GLY B 79 -6.26 -4.11 8.72
N THR B 80 -6.92 -3.00 8.42
CA THR B 80 -8.38 -2.97 8.45
C THR B 80 -9.01 -2.58 7.11
N GLN B 81 -8.29 -1.82 6.28
CA GLN B 81 -8.90 -1.21 5.10
C GLN B 81 -8.34 -1.78 3.79
N LEU B 82 -7.24 -2.49 3.87
CA LEU B 82 -6.57 -2.99 2.67
C LEU B 82 -6.72 -4.50 2.53
N LEU B 83 -7.64 -5.08 3.26
CA LEU B 83 -7.82 -6.53 3.23
C LEU B 83 -9.26 -6.89 2.87
N TYR B 84 -9.42 -8.05 2.25
CA TYR B 84 -10.74 -8.60 1.98
C TYR B 84 -11.28 -9.28 3.23
N LYS B 85 -12.57 -9.55 3.25
CA LYS B 85 -13.19 -10.21 4.40
C LYS B 85 -12.68 -11.65 4.48
N PHE B 86 -12.27 -12.18 3.34
CA PHE B 86 -11.75 -13.53 3.25
C PHE B 86 -10.31 -13.58 3.76
N GLU B 87 -9.73 -12.41 4.03
CA GLU B 87 -8.37 -12.32 4.51
C GLU B 87 -8.32 -12.13 6.02
N ARG B 88 -9.48 -12.12 6.65
CA ARG B 88 -9.55 -12.04 8.10
C ARG B 88 -9.01 -13.32 8.76
N PRO B 89 -9.39 -14.53 8.28
CA PRO B 89 -8.85 -15.79 8.80
C PRO B 89 -7.32 -15.87 8.68
N GLN B 90 -6.78 -15.43 7.53
CA GLN B 90 -5.34 -15.49 7.32
C GLN B 90 -4.62 -14.44 8.16
N TYR B 91 -5.31 -13.35 8.45
CA TYR B 91 -4.77 -12.34 9.36
C TYR B 91 -4.55 -12.98 10.72
N ALA B 92 -5.55 -13.68 11.21
CA ALA B 92 -5.44 -14.40 12.47
C ALA B 92 -4.43 -15.54 12.36
N GLU B 93 -4.38 -16.17 11.20
CA GLU B 93 -3.44 -17.26 10.94
C GLU B 93 -2.01 -16.82 11.17
N ILE B 94 -1.58 -15.79 10.44
CA ILE B 94 -0.20 -15.31 10.53
C ILE B 94 0.04 -14.62 11.87
N LEU B 95 -0.95 -13.90 12.37
CA LEU B 95 -0.83 -13.20 13.63
C LEU B 95 -0.60 -14.18 14.78
N ALA B 96 -1.31 -15.30 14.75
CA ALA B 96 -1.18 -16.32 15.78
C ALA B 96 0.09 -17.14 15.57
N ASP B 97 0.43 -17.38 14.32
CA ASP B 97 1.62 -18.17 13.99
C ASP B 97 2.88 -17.39 14.26
N HIS B 98 2.80 -16.07 14.11
CA HIS B 98 3.95 -15.21 14.30
C HIS B 98 3.64 -14.01 15.18
N PRO B 99 3.98 -14.10 16.46
CA PRO B 99 3.99 -12.94 17.35
C PRO B 99 5.31 -12.19 17.24
N ASP B 100 6.21 -12.74 16.42
CA ASP B 100 7.55 -12.21 16.24
C ASP B 100 7.63 -11.28 15.04
N ALA B 101 6.66 -11.37 14.16
CA ALA B 101 6.72 -10.64 12.90
C ALA B 101 5.62 -9.59 12.81
N PRO B 102 6.00 -8.34 12.46
CA PRO B 102 5.03 -7.26 12.22
C PRO B 102 4.13 -7.56 11.03
N MET B 103 2.86 -7.19 11.16
CA MET B 103 1.86 -7.43 10.10
C MET B 103 2.30 -6.79 8.78
N SER B 104 2.88 -5.59 8.87
CA SER B 104 3.28 -4.84 7.69
C SER B 104 4.42 -5.52 6.94
N GLN B 105 5.09 -6.45 7.60
CA GLN B 105 6.21 -7.15 6.99
C GLN B 105 5.73 -8.33 6.14
N VAL B 106 4.79 -9.09 6.69
CA VAL B 106 4.40 -10.39 6.13
C VAL B 106 3.63 -10.27 4.82
N TYR B 107 2.78 -9.26 4.71
CA TYR B 107 1.86 -9.16 3.57
C TYR B 107 2.59 -8.82 2.26
N GLY B 108 3.81 -8.30 2.38
CA GLY B 108 4.70 -8.15 1.25
C GLY B 108 4.16 -7.30 0.10
N ALA B 109 4.74 -7.54 -1.08
CA ALA B 109 4.49 -6.73 -2.28
C ALA B 109 3.03 -6.75 -2.74
N PRO B 110 2.37 -7.92 -2.89
CA PRO B 110 0.98 -8.00 -3.40
C PRO B 110 0.04 -7.05 -2.67
N HIS B 111 0.22 -6.92 -1.36
CA HIS B 111 -0.65 -6.09 -0.56
C HIS B 111 -0.24 -4.61 -0.62
N LEU B 112 1.03 -4.35 -0.93
CA LEU B 112 1.50 -2.99 -1.17
C LEU B 112 0.76 -2.40 -2.36
N LEU B 113 0.57 -3.22 -3.38
CA LEU B 113 -0.03 -2.83 -4.64
C LEU B 113 -1.43 -2.24 -4.43
N ARG B 114 -2.11 -2.70 -3.39
CA ARG B 114 -3.48 -2.25 -3.12
C ARG B 114 -3.51 -0.85 -2.50
N LEU B 115 -2.43 -0.50 -1.79
CA LEU B 115 -2.38 0.75 -1.04
C LEU B 115 -2.61 1.94 -1.96
N PHE B 116 -1.92 1.92 -3.10
CA PHE B 116 -1.95 3.04 -4.05
C PHE B 116 -3.37 3.34 -4.51
N VAL B 117 -4.21 2.31 -4.52
CA VAL B 117 -5.58 2.46 -5.00
C VAL B 117 -6.50 2.92 -3.86
N ARG B 118 -6.35 2.30 -2.71
CA ARG B 118 -7.25 2.55 -1.59
C ARG B 118 -6.94 3.89 -0.93
N ILE B 119 -5.69 4.32 -1.00
CA ILE B 119 -5.28 5.56 -0.38
C ILE B 119 -5.95 6.76 -1.06
N GLY B 120 -6.22 6.64 -2.36
CA GLY B 120 -6.86 7.71 -3.09
C GLY B 120 -8.30 7.91 -2.66
N ALA B 121 -8.94 6.82 -2.25
CA ALA B 121 -10.32 6.89 -1.75
C ALA B 121 -10.36 7.66 -0.44
N MET B 122 -9.31 7.53 0.34
CA MET B 122 -9.23 8.19 1.63
C MET B 122 -8.88 9.66 1.46
N LEU B 123 -7.91 9.93 0.57
CA LEU B 123 -7.48 11.30 0.30
C LEU B 123 -8.55 12.07 -0.46
N ALA B 124 -9.59 11.36 -0.88
CA ALA B 124 -10.75 12.02 -1.47
C ALA B 124 -11.50 12.82 -0.42
N TYR B 125 -11.44 12.34 0.83
CA TYR B 125 -12.08 13.01 1.95
C TYR B 125 -11.05 13.79 2.76
N THR B 126 -9.79 13.42 2.59
CA THR B 126 -8.68 14.14 3.21
C THR B 126 -7.74 14.67 2.12
N PRO B 127 -8.11 15.77 1.48
CA PRO B 127 -7.41 16.29 0.32
C PRO B 127 -6.35 17.35 0.64
N LEU B 128 -5.15 17.12 0.14
CA LEU B 128 -4.09 18.12 0.21
C LEU B 128 -4.23 19.06 -0.98
N ASP B 129 -3.36 20.07 -1.05
CA ASP B 129 -3.41 20.99 -2.17
C ASP B 129 -2.99 20.28 -3.45
N GLU B 130 -3.36 20.85 -4.58
CA GLU B 130 -3.11 20.23 -5.88
C GLU B 130 -1.62 20.06 -6.13
N LYS B 131 -0.84 21.06 -5.72
CA LYS B 131 0.61 21.03 -5.85
C LYS B 131 1.20 19.88 -5.02
N SER B 132 0.66 19.70 -3.82
CA SER B 132 1.12 18.66 -2.92
C SER B 132 0.70 17.29 -3.43
N LEU B 133 -0.55 17.18 -3.89
CA LEU B 133 -1.03 15.95 -4.50
C LEU B 133 -0.12 15.54 -5.64
N ALA B 134 0.19 16.51 -6.48
CA ALA B 134 1.09 16.31 -7.62
C ALA B 134 2.44 15.74 -7.18
N LEU B 135 3.05 16.33 -6.16
CA LEU B 135 4.36 15.88 -5.72
C LEU B 135 4.26 14.50 -5.04
N LEU B 136 3.18 14.29 -4.30
CA LEU B 136 2.93 13.01 -3.64
C LEU B 136 2.75 11.91 -4.68
N LEU B 137 1.87 12.16 -5.65
CA LEU B 137 1.62 11.20 -6.72
C LEU B 137 2.87 11.03 -7.59
N ASN B 138 3.69 12.06 -7.67
CA ASN B 138 4.96 11.97 -8.38
C ASN B 138 5.84 10.89 -7.77
N TYR B 139 6.06 10.98 -6.47
CA TYR B 139 6.85 9.98 -5.75
C TYR B 139 6.14 8.64 -5.72
N LEU B 140 4.82 8.70 -5.58
CA LEU B 140 4.00 7.50 -5.57
C LEU B 140 4.15 6.75 -6.90
N HIS B 141 4.13 7.49 -8.00
CA HIS B 141 4.26 6.91 -9.32
C HIS B 141 5.71 6.55 -9.63
N ASP B 142 6.64 7.18 -8.91
CA ASP B 142 8.05 6.84 -9.06
C ASP B 142 8.29 5.45 -8.47
N PHE B 143 7.70 5.21 -7.31
CA PHE B 143 7.79 3.90 -6.67
C PHE B 143 6.99 2.87 -7.46
N LEU B 144 5.83 3.28 -7.98
CA LEU B 144 5.03 2.44 -8.85
C LEU B 144 5.80 2.13 -10.13
N LYS B 145 6.58 3.10 -10.60
CA LYS B 145 7.46 2.92 -11.74
C LYS B 145 8.42 1.76 -11.48
N TYR B 146 9.05 1.76 -10.30
CA TYR B 146 9.94 0.66 -9.92
C TYR B 146 9.17 -0.67 -9.90
N LEU B 147 8.01 -0.65 -9.25
CA LEU B 147 7.19 -1.85 -9.11
C LEU B 147 6.77 -2.40 -10.47
N ALA B 148 6.34 -1.53 -11.36
CA ALA B 148 5.87 -1.94 -12.68
C ALA B 148 7.02 -2.33 -13.59
N LYS B 149 8.18 -1.73 -13.36
CA LYS B 149 9.36 -1.97 -14.19
C LYS B 149 9.84 -3.41 -14.06
N ASN B 150 9.83 -3.93 -12.84
CA ASN B 150 10.29 -5.28 -12.58
C ASN B 150 9.15 -6.17 -12.11
N SER B 151 7.92 -5.73 -12.39
CA SER B 151 6.72 -6.39 -11.91
C SER B 151 6.66 -7.87 -12.25
N ALA B 152 7.10 -8.22 -13.46
CA ALA B 152 7.01 -9.59 -13.95
C ALA B 152 7.65 -10.60 -13.00
N THR B 153 8.74 -10.19 -12.34
CA THR B 153 9.43 -11.07 -11.42
C THR B 153 9.37 -10.55 -9.99
N LEU B 154 8.65 -9.44 -9.80
CA LEU B 154 8.54 -8.82 -8.49
C LEU B 154 7.33 -9.37 -7.75
N PHE B 155 6.16 -9.26 -8.37
CA PHE B 155 4.93 -9.71 -7.76
C PHE B 155 4.70 -11.20 -8.02
N SER B 156 4.73 -11.99 -6.97
CA SER B 156 4.54 -13.42 -7.09
C SER B 156 3.16 -13.83 -6.56
N ALA B 157 2.23 -14.04 -7.48
CA ALA B 157 0.90 -14.53 -7.13
C ALA B 157 0.95 -16.02 -6.80
N SER B 158 2.13 -16.60 -6.95
CA SER B 158 2.34 -18.02 -6.70
C SER B 158 2.08 -18.39 -5.25
N ASP B 159 2.20 -17.40 -4.36
CA ASP B 159 2.04 -17.62 -2.92
C ASP B 159 0.58 -17.71 -2.54
N TYR B 160 -0.30 -17.26 -3.43
CA TYR B 160 -1.74 -17.38 -3.21
C TYR B 160 -2.20 -18.81 -3.46
N GLU B 161 -2.50 -19.52 -2.39
CA GLU B 161 -2.91 -20.91 -2.48
C GLU B 161 -4.40 -21.05 -2.20
N VAL B 162 -5.06 -21.94 -2.94
CA VAL B 162 -6.50 -22.12 -2.81
C VAL B 162 -6.88 -22.51 -1.39
N ALA B 163 -7.72 -21.72 -0.76
CA ALA B 163 -8.18 -22.00 0.58
C ALA B 163 -9.40 -22.92 0.52
N PRO B 164 -9.28 -24.14 1.06
CA PRO B 164 -10.36 -25.13 1.01
C PRO B 164 -11.61 -24.68 1.78
N PRO B 165 -12.77 -25.31 1.49
CA PRO B 165 -14.02 -25.01 2.18
C PRO B 165 -13.89 -25.15 3.69
N GLU B 166 -12.99 -26.03 4.11
CA GLU B 166 -12.74 -26.27 5.53
C GLU B 166 -12.04 -25.06 6.16
N TYR B 167 -11.29 -24.33 5.36
CA TYR B 167 -10.60 -23.14 5.83
C TYR B 167 -11.60 -21.99 5.99
N HIS B 168 -12.66 -22.04 5.19
CA HIS B 168 -13.74 -21.06 5.27
C HIS B 168 -14.36 -21.04 6.66
N ARG B 169 -14.28 -22.18 7.35
CA ARG B 169 -14.86 -22.33 8.68
C ARG B 169 -14.27 -21.36 9.70
N LYS B 170 -13.12 -20.78 9.38
CA LYS B 170 -12.46 -19.83 10.28
C LYS B 170 -12.83 -18.39 9.92
N ALA B 171 -13.79 -18.24 9.01
CA ALA B 171 -14.26 -16.93 8.59
C ALA B 171 -15.78 -16.91 8.51
N VAL B 172 -16.32 -17.92 7.84
CA VAL B 172 -17.76 -18.07 7.64
C VAL B 172 -18.33 -16.89 6.86
N SER A 1 6.62 17.97 28.96
CA SER A 1 7.05 17.48 27.63
C SER A 1 7.52 18.64 26.76
N ASN A 2 8.54 18.38 25.95
CA ASN A 2 9.07 19.40 25.05
C ASN A 2 9.06 18.90 23.61
N ALA A 3 8.63 17.67 23.43
CA ALA A 3 8.44 17.09 22.11
C ALA A 3 6.97 16.93 21.80
N GLY A 4 6.58 17.22 20.57
CA GLY A 4 5.17 17.18 20.21
C GLY A 4 4.72 15.81 19.75
N ARG A 5 4.16 15.03 20.66
CA ARG A 5 3.64 13.71 20.33
C ARG A 5 2.12 13.76 20.26
N GLN A 6 1.55 13.06 19.28
CA GLN A 6 0.10 13.08 19.09
C GLN A 6 -0.32 11.98 18.11
N VAL A 7 0.31 11.95 16.94
CA VAL A 7 -0.04 11.00 15.91
C VAL A 7 1.23 10.45 15.25
N PRO A 8 1.15 9.24 14.66
CA PRO A 8 2.28 8.62 13.96
C PRO A 8 2.75 9.47 12.78
N SER A 9 1.85 10.28 12.25
CA SER A 9 2.14 11.14 11.12
C SER A 9 3.15 12.25 11.49
N LYS A 10 3.41 12.41 12.78
CA LYS A 10 4.31 13.46 13.25
C LYS A 10 5.77 13.02 13.27
N VAL A 11 6.05 11.82 12.78
CA VAL A 11 7.43 11.35 12.69
C VAL A 11 7.99 11.56 11.28
N ILE A 12 7.20 11.18 10.28
CA ILE A 12 7.65 11.23 8.89
C ILE A 12 7.32 12.58 8.28
N TRP A 13 6.03 12.92 8.33
CA TRP A 13 5.53 14.10 7.68
C TRP A 13 6.01 15.35 8.39
N ASP A 14 6.65 15.17 9.53
CA ASP A 14 7.27 16.27 10.24
C ASP A 14 8.48 16.74 9.44
N HIS A 15 9.27 15.77 8.96
CA HIS A 15 10.42 16.07 8.11
C HIS A 15 9.92 16.60 6.77
N LEU A 16 9.02 15.83 6.16
CA LEU A 16 8.46 16.14 4.86
C LEU A 16 7.87 17.55 4.84
N SER A 17 7.30 17.97 5.96
CA SER A 17 6.65 19.27 6.01
C SER A 17 7.62 20.38 6.36
N THR A 18 8.49 20.16 7.34
CA THR A 18 9.39 21.21 7.81
C THR A 18 10.37 21.63 6.72
N MET A 19 10.64 20.72 5.77
CA MET A 19 11.53 21.04 4.66
C MET A 19 10.82 21.89 3.61
N TYR A 20 9.51 22.07 3.78
CA TYR A 20 8.69 22.66 2.73
C TYR A 20 7.74 23.72 3.30
N ASP A 21 7.72 23.86 4.62
CA ASP A 21 6.71 24.66 5.33
C ASP A 21 5.33 24.08 5.09
N MET A 22 5.31 22.78 4.82
CA MET A 22 4.08 22.03 4.62
C MET A 22 3.37 21.84 5.95
N GLN A 23 4.00 22.31 7.02
CA GLN A 23 3.44 22.25 8.36
C GLN A 23 2.02 22.78 8.34
N ALA A 24 1.89 24.05 7.97
CA ALA A 24 0.61 24.73 7.84
C ALA A 24 -0.39 23.88 7.06
N LEU A 25 0.10 23.25 6.01
CA LEU A 25 -0.75 22.55 5.07
C LEU A 25 -1.32 21.27 5.68
N HIS A 26 -0.54 20.60 6.51
CA HIS A 26 -1.01 19.39 7.18
C HIS A 26 -1.69 19.73 8.50
N GLU A 27 -1.59 20.98 8.92
CA GLU A 27 -2.30 21.45 10.10
C GLU A 27 -3.76 21.70 9.76
N SER A 28 -4.00 22.21 8.56
CA SER A 28 -5.36 22.40 8.08
C SER A 28 -6.02 21.07 7.76
N GLU A 29 -5.21 20.08 7.38
CA GLU A 29 -5.72 18.76 7.08
C GLU A 29 -4.86 17.70 7.77
N ILE A 30 -5.30 17.30 8.96
CA ILE A 30 -4.55 16.37 9.79
C ILE A 30 -4.75 14.93 9.29
N LEU A 31 -3.74 14.08 9.51
CA LEU A 31 -3.81 12.69 9.07
C LEU A 31 -3.80 11.77 10.29
N PRO A 32 -4.98 11.50 10.88
CA PRO A 32 -5.12 10.57 12.00
C PRO A 32 -5.55 9.16 11.57
N PHE A 33 -6.41 9.11 10.56
CA PHE A 33 -7.02 7.87 10.07
C PHE A 33 -7.90 7.19 11.11
N PRO A 34 -9.16 7.65 11.21
CA PRO A 34 -10.17 6.96 12.00
C PRO A 34 -10.92 5.96 11.11
N ASN A 35 -10.18 4.97 10.63
CA ASN A 35 -10.69 4.05 9.63
C ASN A 35 -11.10 2.71 10.26
N PRO A 36 -12.37 2.32 10.14
CA PRO A 36 -12.86 1.01 10.57
C PRO A 36 -12.58 -0.06 9.52
N GLU A 37 -13.30 -1.18 9.62
CA GLU A 37 -13.19 -2.23 8.61
C GLU A 37 -13.89 -1.80 7.34
N ARG A 38 -13.13 -1.26 6.41
CA ARG A 38 -13.68 -0.82 5.14
C ARG A 38 -13.42 -1.87 4.08
N ASN A 39 -14.47 -2.54 3.64
CA ASN A 39 -14.35 -3.57 2.62
C ASN A 39 -13.74 -3.01 1.33
N PHE A 40 -12.49 -3.36 1.08
CA PHE A 40 -11.83 -2.95 -0.15
C PHE A 40 -12.44 -3.67 -1.35
N VAL A 41 -13.20 -2.94 -2.14
CA VAL A 41 -13.73 -3.46 -3.37
C VAL A 41 -12.97 -2.84 -4.53
N LEU A 42 -12.25 -3.67 -5.29
CA LEU A 42 -11.51 -3.20 -6.45
C LEU A 42 -12.44 -2.46 -7.40
N PRO A 43 -12.09 -1.23 -7.80
CA PRO A 43 -12.89 -0.41 -8.71
C PRO A 43 -13.29 -1.17 -9.97
N GLU A 44 -14.58 -1.14 -10.30
CA GLU A 44 -15.12 -1.90 -11.42
C GLU A 44 -14.48 -1.48 -12.73
N GLU A 45 -14.07 -0.23 -12.81
CA GLU A 45 -13.49 0.31 -14.04
C GLU A 45 -12.20 -0.42 -14.39
N ILE A 46 -11.45 -0.81 -13.36
CA ILE A 46 -10.21 -1.53 -13.55
C ILE A 46 -10.50 -2.97 -13.94
N ILE A 47 -11.43 -3.59 -13.20
CA ILE A 47 -11.82 -4.97 -13.45
C ILE A 47 -12.31 -5.12 -14.89
N GLN A 48 -13.21 -4.24 -15.28
CA GLN A 48 -13.77 -4.25 -16.62
C GLN A 48 -12.71 -3.98 -17.67
N GLU A 49 -11.83 -3.02 -17.40
CA GLU A 49 -10.76 -2.67 -18.35
C GLU A 49 -9.86 -3.86 -18.62
N VAL A 50 -9.65 -4.70 -17.61
CA VAL A 50 -8.81 -5.87 -17.76
C VAL A 50 -9.55 -7.02 -18.41
N ARG A 51 -10.70 -7.36 -17.86
CA ARG A 51 -11.42 -8.57 -18.28
C ARG A 51 -12.25 -8.33 -19.54
N GLU A 52 -12.85 -7.17 -19.65
CA GLU A 52 -13.70 -6.85 -20.80
C GLU A 52 -13.04 -5.81 -21.69
N GLY A 53 -11.84 -5.40 -21.32
CA GLY A 53 -11.15 -4.35 -22.05
C GLY A 53 -10.42 -4.86 -23.28
N LYS A 54 -11.16 -5.47 -24.17
CA LYS A 54 -10.60 -5.93 -25.44
C LYS A 54 -11.18 -5.09 -26.57
N SER B 1 -13.40 21.58 -3.79
CA SER B 1 -14.54 21.11 -2.97
C SER B 1 -14.54 19.59 -2.88
N ASN B 2 -14.86 18.94 -3.99
CA ASN B 2 -14.89 17.48 -4.03
C ASN B 2 -14.20 17.01 -5.30
N ALA B 3 -12.98 16.51 -5.17
CA ALA B 3 -12.21 16.05 -6.31
C ALA B 3 -11.57 14.70 -6.03
N GLU B 4 -12.22 13.64 -6.50
CA GLU B 4 -11.69 12.30 -6.36
C GLU B 4 -10.37 12.17 -7.10
N VAL B 5 -9.28 12.08 -6.35
CA VAL B 5 -7.95 11.92 -6.94
C VAL B 5 -7.86 10.63 -7.74
N LYS B 6 -7.81 10.76 -9.05
CA LYS B 6 -7.80 9.61 -9.93
C LYS B 6 -6.36 9.15 -10.16
N VAL B 7 -5.92 8.21 -9.34
CA VAL B 7 -4.57 7.68 -9.45
C VAL B 7 -4.44 6.81 -10.69
N LYS B 8 -3.56 7.22 -11.59
CA LYS B 8 -3.30 6.46 -12.80
C LYS B 8 -2.40 5.28 -12.51
N ILE B 9 -2.97 4.09 -12.62
CA ILE B 9 -2.23 2.86 -12.44
C ILE B 9 -1.77 2.32 -13.78
N PRO B 10 -0.48 2.00 -13.92
CA PRO B 10 0.08 1.44 -15.15
C PRO B 10 -0.76 0.29 -15.70
N GLU B 11 -0.95 0.28 -17.01
CA GLU B 11 -1.80 -0.72 -17.65
C GLU B 11 -1.23 -2.13 -17.52
N GLU B 12 0.06 -2.22 -17.30
CA GLU B 12 0.71 -3.51 -17.08
C GLU B 12 0.47 -4.01 -15.65
N LEU B 13 -0.03 -3.13 -14.79
CA LEU B 13 -0.33 -3.51 -13.41
C LEU B 13 -1.82 -3.79 -13.22
N LYS B 14 -2.62 -3.37 -14.20
CA LYS B 14 -4.07 -3.59 -14.16
C LYS B 14 -4.40 -5.08 -14.01
N PRO B 15 -3.82 -5.97 -14.87
CA PRO B 15 -4.05 -7.42 -14.79
C PRO B 15 -3.76 -7.97 -13.40
N TRP B 16 -2.69 -7.47 -12.78
CA TRP B 16 -2.31 -7.94 -11.44
C TRP B 16 -3.37 -7.57 -10.41
N LEU B 17 -3.91 -6.37 -10.52
CA LEU B 17 -4.95 -5.91 -9.61
C LEU B 17 -6.18 -6.82 -9.68
N VAL B 18 -6.63 -7.09 -10.88
CA VAL B 18 -7.81 -7.91 -11.09
C VAL B 18 -7.51 -9.39 -10.79
N ASP B 19 -6.28 -9.81 -11.07
CA ASP B 19 -5.87 -11.19 -10.82
C ASP B 19 -5.82 -11.47 -9.33
N ASP B 20 -5.27 -10.52 -8.58
CA ASP B 20 -5.25 -10.58 -7.11
C ASP B 20 -6.68 -10.67 -6.57
N TRP B 21 -7.52 -9.76 -7.03
CA TRP B 21 -8.93 -9.74 -6.66
C TRP B 21 -9.60 -11.07 -7.01
N ASP B 22 -9.31 -11.57 -8.21
CA ASP B 22 -9.86 -12.84 -8.69
C ASP B 22 -9.42 -14.00 -7.80
N LEU B 23 -8.14 -13.99 -7.43
CA LEU B 23 -7.58 -15.01 -6.56
C LEU B 23 -8.30 -15.06 -5.22
N ILE B 24 -8.64 -13.90 -4.69
CA ILE B 24 -9.32 -13.82 -3.41
C ILE B 24 -10.80 -14.19 -3.52
N THR B 25 -11.49 -13.60 -4.47
CA THR B 25 -12.95 -13.74 -4.56
C THR B 25 -13.37 -15.08 -5.18
N ARG B 26 -12.97 -15.30 -6.43
CA ARG B 26 -13.40 -16.47 -7.17
C ARG B 26 -12.67 -17.73 -6.73
N GLN B 27 -11.34 -17.68 -6.80
CA GLN B 27 -10.53 -18.85 -6.52
C GLN B 27 -10.36 -19.09 -5.03
N LYS B 28 -10.53 -18.03 -4.25
CA LYS B 28 -10.52 -18.10 -2.79
C LYS B 28 -9.20 -18.66 -2.26
N GLN B 29 -8.11 -18.24 -2.89
CA GLN B 29 -6.77 -18.63 -2.46
C GLN B 29 -6.16 -17.51 -1.64
N LEU B 30 -5.50 -17.86 -0.54
CA LEU B 30 -5.10 -16.87 0.44
C LEU B 30 -3.59 -16.91 0.69
N PHE B 31 -3.02 -15.77 1.01
CA PHE B 31 -1.60 -15.67 1.28
C PHE B 31 -1.37 -15.45 2.77
N TYR B 32 -1.22 -16.54 3.50
CA TYR B 32 -0.96 -16.45 4.93
C TYR B 32 0.38 -17.09 5.27
N LEU B 33 1.43 -16.29 5.08
CA LEU B 33 2.81 -16.68 5.39
C LEU B 33 3.73 -15.53 5.03
N PRO B 34 4.85 -15.39 5.72
CA PRO B 34 5.81 -14.32 5.42
C PRO B 34 6.71 -14.67 4.22
N ALA B 35 6.50 -13.97 3.12
CA ALA B 35 7.30 -14.20 1.92
C ALA B 35 8.68 -13.58 2.03
N LYS B 36 9.60 -14.01 1.16
CA LYS B 36 10.95 -13.47 1.14
C LYS B 36 10.98 -12.15 0.38
N LYS B 37 10.36 -12.13 -0.79
CA LYS B 37 10.16 -10.89 -1.51
C LYS B 37 8.83 -10.30 -1.10
N ASN B 38 8.89 -9.39 -0.14
CA ASN B 38 7.69 -8.84 0.47
C ASN B 38 7.70 -7.33 0.44
N VAL B 39 6.69 -6.71 1.06
CA VAL B 39 6.54 -5.25 1.06
C VAL B 39 7.79 -4.55 1.57
N ASP B 40 8.33 -5.03 2.69
CA ASP B 40 9.47 -4.38 3.32
C ASP B 40 10.71 -4.52 2.43
N SER B 41 10.88 -5.72 1.88
CA SER B 41 12.00 -6.01 1.03
C SER B 41 11.95 -5.16 -0.25
N ILE B 42 10.75 -4.97 -0.79
CA ILE B 42 10.57 -4.14 -1.98
C ILE B 42 10.87 -2.68 -1.68
N LEU B 43 10.37 -2.21 -0.53
CA LEU B 43 10.64 -0.84 -0.12
C LEU B 43 12.14 -0.63 0.11
N GLU B 44 12.78 -1.60 0.77
CA GLU B 44 14.21 -1.56 0.96
C GLU B 44 14.93 -1.56 -0.38
N ASP B 45 14.54 -2.51 -1.24
CA ASP B 45 15.12 -2.65 -2.58
C ASP B 45 15.07 -1.32 -3.33
N TYR B 46 13.88 -0.72 -3.38
CA TYR B 46 13.67 0.55 -4.05
C TYR B 46 14.44 1.69 -3.37
N ALA B 47 14.25 1.85 -2.07
CA ALA B 47 14.90 2.93 -1.33
C ALA B 47 16.41 2.83 -1.41
N ASN B 48 16.90 1.60 -1.37
CA ASN B 48 18.33 1.32 -1.40
C ASN B 48 18.90 1.72 -2.75
N TYR B 49 18.16 1.47 -3.83
CA TYR B 49 18.62 1.86 -5.16
C TYR B 49 18.63 3.38 -5.30
N LYS B 50 17.65 4.06 -4.69
CA LYS B 50 17.60 5.52 -4.72
C LYS B 50 18.76 6.12 -3.93
N LYS B 51 19.07 5.50 -2.81
CA LYS B 51 20.16 5.96 -1.93
C LYS B 51 21.51 5.50 -2.43
N SER B 52 21.50 4.58 -3.39
CA SER B 52 22.73 3.99 -3.90
C SER B 52 23.42 4.94 -4.89
N ARG B 53 22.91 6.17 -4.97
CA ARG B 53 23.47 7.16 -5.87
C ARG B 53 24.55 7.99 -5.15
N GLY B 54 24.92 7.56 -3.96
CA GLY B 54 26.08 8.10 -3.28
C GLY B 54 25.76 9.20 -2.28
N ASN B 55 25.16 10.28 -2.77
CA ASN B 55 24.93 11.46 -1.94
C ASN B 55 23.51 11.48 -1.40
N THR B 56 23.19 12.57 -0.72
CA THR B 56 21.82 12.84 -0.30
C THR B 56 21.41 14.22 -0.80
N ASP B 57 21.05 14.28 -2.07
CA ASP B 57 20.75 15.54 -2.72
C ASP B 57 19.32 15.96 -2.48
N ASN B 58 18.38 15.14 -2.92
CA ASN B 58 16.97 15.46 -2.79
C ASN B 58 16.14 14.20 -2.64
N LYS B 59 16.21 13.34 -3.64
CA LYS B 59 15.37 12.15 -3.70
C LYS B 59 15.74 11.15 -2.62
N GLU B 60 16.97 11.26 -2.14
CA GLU B 60 17.50 10.31 -1.16
C GLU B 60 16.78 10.45 0.18
N TYR B 61 16.77 11.64 0.75
CA TYR B 61 16.11 11.85 2.04
C TYR B 61 14.60 11.91 1.85
N ALA B 62 14.17 12.38 0.68
CA ALA B 62 12.75 12.42 0.36
C ALA B 62 12.20 11.00 0.30
N VAL B 63 12.90 10.12 -0.42
CA VAL B 63 12.46 8.74 -0.55
C VAL B 63 12.58 8.03 0.80
N ASN B 64 13.55 8.46 1.60
CA ASN B 64 13.71 7.95 2.95
C ASN B 64 12.40 8.11 3.72
N GLU B 65 11.87 9.32 3.69
CA GLU B 65 10.63 9.62 4.38
C GLU B 65 9.43 9.01 3.64
N VAL B 66 9.43 9.08 2.31
CA VAL B 66 8.33 8.51 1.52
C VAL B 66 8.18 7.02 1.79
N VAL B 67 9.29 6.30 1.76
CA VAL B 67 9.28 4.85 1.97
C VAL B 67 8.88 4.52 3.41
N ALA B 68 9.39 5.29 4.37
CA ALA B 68 8.95 5.16 5.75
C ALA B 68 7.46 5.44 5.85
N GLY B 69 7.02 6.43 5.08
CA GLY B 69 5.61 6.78 5.01
C GLY B 69 4.77 5.67 4.45
N ILE B 70 5.26 5.03 3.39
CA ILE B 70 4.59 3.89 2.81
C ILE B 70 4.38 2.79 3.84
N LYS B 71 5.42 2.56 4.63
CA LYS B 71 5.40 1.54 5.67
C LYS B 71 4.27 1.81 6.67
N GLU B 72 4.23 3.03 7.19
CA GLU B 72 3.24 3.40 8.19
C GLU B 72 1.85 3.52 7.57
N TYR B 73 1.76 4.20 6.42
CA TYR B 73 0.50 4.38 5.70
C TYR B 73 -0.14 3.03 5.40
N PHE B 74 0.70 2.09 4.99
CA PHE B 74 0.25 0.74 4.69
C PHE B 74 -0.30 0.08 5.94
N ASN B 75 0.49 0.09 7.02
CA ASN B 75 0.13 -0.56 8.27
C ASN B 75 -1.24 -0.08 8.79
N VAL B 76 -1.43 1.24 8.81
CA VAL B 76 -2.63 1.83 9.39
C VAL B 76 -3.90 1.33 8.68
N MET B 77 -3.89 1.30 7.36
CA MET B 77 -5.11 0.95 6.64
C MET B 77 -5.05 -0.41 5.96
N LEU B 78 -4.02 -1.20 6.27
CA LEU B 78 -3.92 -2.56 5.76
C LEU B 78 -4.95 -3.43 6.48
N GLY B 79 -4.81 -3.52 7.79
CA GLY B 79 -5.68 -4.37 8.58
C GLY B 79 -7.09 -3.82 8.71
N THR B 80 -7.31 -2.61 8.22
CA THR B 80 -8.61 -1.99 8.30
C THR B 80 -9.38 -2.08 6.97
N GLN B 81 -8.77 -1.63 5.87
CA GLN B 81 -9.49 -1.63 4.59
C GLN B 81 -8.77 -2.44 3.51
N LEU B 82 -7.46 -2.31 3.41
CA LEU B 82 -6.70 -2.90 2.30
C LEU B 82 -6.79 -4.42 2.30
N LEU B 83 -7.17 -5.00 3.43
CA LEU B 83 -7.30 -6.43 3.54
C LEU B 83 -8.76 -6.84 3.44
N TYR B 84 -9.05 -7.81 2.59
CA TYR B 84 -10.42 -8.31 2.42
C TYR B 84 -10.91 -9.00 3.69
N LYS B 85 -12.21 -9.25 3.76
CA LYS B 85 -12.77 -9.95 4.92
C LYS B 85 -12.32 -11.40 4.91
N PHE B 86 -12.20 -11.96 3.72
CA PHE B 86 -11.75 -13.33 3.57
C PHE B 86 -10.23 -13.44 3.81
N GLU B 87 -9.57 -12.30 3.98
CA GLU B 87 -8.15 -12.32 4.29
C GLU B 87 -7.92 -12.00 5.76
N ARG B 88 -9.01 -11.76 6.49
CA ARG B 88 -8.92 -11.48 7.92
C ARG B 88 -8.34 -12.68 8.68
N PRO B 89 -8.72 -13.94 8.33
CA PRO B 89 -8.05 -15.12 8.87
C PRO B 89 -6.52 -15.06 8.70
N GLN B 90 -6.07 -14.57 7.54
CA GLN B 90 -4.63 -14.41 7.27
C GLN B 90 -4.01 -13.51 8.34
N TYR B 91 -4.64 -12.37 8.56
CA TYR B 91 -4.18 -11.39 9.53
C TYR B 91 -4.12 -11.99 10.92
N ALA B 92 -5.26 -12.50 11.38
CA ALA B 92 -5.36 -13.07 12.73
C ALA B 92 -4.37 -14.22 12.91
N GLU B 93 -4.20 -15.01 11.88
CA GLU B 93 -3.32 -16.16 11.92
C GLU B 93 -1.85 -15.71 12.04
N ILE B 94 -1.39 -14.95 11.07
CA ILE B 94 0.00 -14.49 11.06
C ILE B 94 0.31 -13.66 12.31
N LEU B 95 -0.58 -12.74 12.63
CA LEU B 95 -0.38 -11.81 13.74
C LEU B 95 -0.27 -12.56 15.07
N ALA B 96 -1.23 -13.44 15.34
CA ALA B 96 -1.29 -14.11 16.63
C ALA B 96 -0.30 -15.27 16.71
N ASP B 97 -0.11 -15.98 15.61
CA ASP B 97 0.77 -17.14 15.59
C ASP B 97 2.23 -16.69 15.59
N HIS B 98 2.50 -15.55 14.95
CA HIS B 98 3.86 -15.03 14.87
C HIS B 98 3.84 -13.53 15.16
N PRO B 99 3.75 -13.15 16.44
CA PRO B 99 3.50 -11.76 16.84
C PRO B 99 4.72 -10.85 16.68
N ASP B 100 5.82 -11.38 16.20
CA ASP B 100 7.05 -10.61 16.07
C ASP B 100 7.30 -10.25 14.61
N ALA B 101 6.31 -10.49 13.77
CA ALA B 101 6.42 -10.19 12.35
C ALA B 101 5.55 -8.99 11.99
N PRO B 102 6.16 -7.90 11.50
CA PRO B 102 5.43 -6.70 11.09
C PRO B 102 4.47 -7.00 9.94
N MET B 103 3.22 -6.59 10.10
CA MET B 103 2.18 -6.89 9.12
C MET B 103 2.39 -6.08 7.86
N SER B 104 3.08 -4.95 8.02
CA SER B 104 3.45 -4.10 6.91
C SER B 104 4.51 -4.77 6.03
N GLN B 105 4.99 -5.92 6.47
CA GLN B 105 6.05 -6.63 5.77
C GLN B 105 5.57 -7.95 5.16
N VAL B 106 4.93 -8.79 5.99
CA VAL B 106 4.70 -10.20 5.66
C VAL B 106 3.85 -10.42 4.40
N TYR B 107 3.05 -9.43 4.01
CA TYR B 107 2.00 -9.65 3.01
C TYR B 107 2.52 -9.66 1.56
N GLY B 108 3.81 -9.87 1.39
CA GLY B 108 4.36 -10.12 0.06
C GLY B 108 4.22 -8.94 -0.89
N ALA B 109 4.47 -9.20 -2.17
CA ALA B 109 4.41 -8.17 -3.20
C ALA B 109 2.97 -7.76 -3.56
N PRO B 110 2.08 -8.71 -3.92
CA PRO B 110 0.75 -8.40 -4.46
C PRO B 110 -0.08 -7.45 -3.59
N HIS B 111 0.01 -7.63 -2.27
CA HIS B 111 -0.80 -6.82 -1.36
C HIS B 111 -0.35 -5.35 -1.35
N LEU B 112 0.89 -5.11 -1.75
CA LEU B 112 1.44 -3.76 -1.77
C LEU B 112 0.83 -2.94 -2.90
N LEU B 113 0.41 -3.62 -3.97
CA LEU B 113 -0.11 -2.95 -5.15
C LEU B 113 -1.47 -2.30 -4.87
N ARG B 114 -2.21 -2.87 -3.92
CA ARG B 114 -3.51 -2.34 -3.55
C ARG B 114 -3.40 -0.95 -2.92
N LEU B 115 -2.23 -0.65 -2.37
CA LEU B 115 -1.99 0.60 -1.65
C LEU B 115 -2.29 1.80 -2.56
N PHE B 116 -1.66 1.81 -3.73
CA PHE B 116 -1.75 2.94 -4.65
C PHE B 116 -3.18 3.13 -5.17
N VAL B 117 -3.92 2.05 -5.23
CA VAL B 117 -5.28 2.08 -5.75
C VAL B 117 -6.24 2.72 -4.74
N ARG B 118 -6.18 2.24 -3.51
CA ARG B 118 -7.13 2.68 -2.50
C ARG B 118 -6.69 3.96 -1.80
N ILE B 119 -5.39 4.28 -1.86
CA ILE B 119 -4.89 5.51 -1.25
C ILE B 119 -5.50 6.73 -1.94
N GLY B 120 -5.74 6.60 -3.26
CA GLY B 120 -6.36 7.67 -4.01
C GLY B 120 -7.75 7.99 -3.52
N ALA B 121 -8.49 6.95 -3.14
CA ALA B 121 -9.82 7.12 -2.58
C ALA B 121 -9.72 7.73 -1.18
N MET B 122 -8.73 7.27 -0.44
CA MET B 122 -8.51 7.68 0.94
C MET B 122 -8.22 9.17 1.05
N LEU B 123 -7.26 9.66 0.27
CA LEU B 123 -6.91 11.07 0.29
C LEU B 123 -7.87 11.90 -0.57
N ALA B 124 -8.80 11.22 -1.23
CA ALA B 124 -9.88 11.92 -1.92
C ALA B 124 -10.89 12.44 -0.88
N TYR B 125 -11.00 11.71 0.22
CA TYR B 125 -11.81 12.15 1.35
C TYR B 125 -11.01 13.13 2.20
N THR B 126 -9.70 13.12 1.97
CA THR B 126 -8.77 13.91 2.77
C THR B 126 -7.84 14.71 1.87
N PRO B 127 -8.35 15.80 1.26
CA PRO B 127 -7.60 16.58 0.29
C PRO B 127 -6.74 17.67 0.93
N LEU B 128 -5.43 17.53 0.79
CA LEU B 128 -4.51 18.55 1.28
C LEU B 128 -4.25 19.58 0.19
N ASP B 129 -3.17 20.34 0.34
CA ASP B 129 -2.80 21.35 -0.65
C ASP B 129 -2.45 20.68 -1.98
N GLU B 130 -2.60 21.42 -3.06
CA GLU B 130 -2.42 20.88 -4.40
C GLU B 130 -0.98 20.44 -4.61
N LYS B 131 -0.05 21.27 -4.16
CA LYS B 131 1.37 21.01 -4.33
C LYS B 131 1.82 19.82 -3.49
N SER B 132 1.24 19.71 -2.29
CA SER B 132 1.50 18.58 -1.42
C SER B 132 1.04 17.28 -2.09
N LEU B 133 -0.18 17.32 -2.62
CA LEU B 133 -0.73 16.19 -3.35
C LEU B 133 0.13 15.84 -4.55
N ALA B 134 0.45 16.86 -5.34
CA ALA B 134 1.26 16.70 -6.54
C ALA B 134 2.57 15.98 -6.25
N LEU B 135 3.34 16.48 -5.29
CA LEU B 135 4.64 15.89 -4.99
C LEU B 135 4.49 14.49 -4.40
N LEU B 136 3.42 14.28 -3.65
CA LEU B 136 3.14 12.98 -3.08
C LEU B 136 2.85 11.97 -4.19
N LEU B 137 1.90 12.31 -5.04
CA LEU B 137 1.53 11.45 -6.16
C LEU B 137 2.72 11.23 -7.09
N ASN B 138 3.59 12.23 -7.17
CA ASN B 138 4.80 12.15 -7.98
C ASN B 138 5.72 11.04 -7.46
N TYR B 139 6.06 11.08 -6.18
CA TYR B 139 6.94 10.07 -5.59
C TYR B 139 6.26 8.70 -5.56
N LEU B 140 4.95 8.70 -5.34
CA LEU B 140 4.18 7.47 -5.39
C LEU B 140 4.25 6.84 -6.78
N HIS B 141 4.25 7.69 -7.81
CA HIS B 141 4.30 7.21 -9.19
C HIS B 141 5.73 6.84 -9.58
N ASP B 142 6.71 7.44 -8.94
CA ASP B 142 8.10 7.09 -9.19
C ASP B 142 8.35 5.65 -8.76
N PHE B 143 7.90 5.33 -7.55
CA PHE B 143 8.00 3.98 -7.03
C PHE B 143 7.08 3.04 -7.80
N LEU B 144 5.89 3.52 -8.12
CA LEU B 144 4.93 2.73 -8.89
C LEU B 144 5.49 2.40 -10.27
N LYS B 145 6.22 3.36 -10.83
CA LYS B 145 6.92 3.17 -12.10
C LYS B 145 7.96 2.06 -11.97
N TYR B 146 8.78 2.16 -10.93
CA TYR B 146 9.80 1.16 -10.64
C TYR B 146 9.17 -0.22 -10.44
N LEU B 147 8.11 -0.24 -9.64
CA LEU B 147 7.40 -1.47 -9.32
C LEU B 147 6.80 -2.10 -10.58
N ALA B 148 6.32 -1.27 -11.49
CA ALA B 148 5.70 -1.74 -12.72
C ALA B 148 6.75 -2.17 -13.74
N LYS B 149 7.86 -1.44 -13.79
CA LYS B 149 8.88 -1.70 -14.79
C LYS B 149 9.58 -3.04 -14.53
N ASN B 150 9.74 -3.38 -13.26
CA ASN B 150 10.38 -4.63 -12.89
C ASN B 150 9.35 -5.70 -12.53
N SER B 151 8.07 -5.34 -12.66
CA SER B 151 6.95 -6.19 -12.26
C SER B 151 7.06 -7.61 -12.82
N ALA B 152 7.43 -7.74 -14.10
CA ALA B 152 7.51 -9.04 -14.76
C ALA B 152 8.50 -9.96 -14.06
N THR B 153 9.45 -9.38 -13.35
CA THR B 153 10.45 -10.15 -12.62
C THR B 153 10.32 -9.91 -11.11
N LEU B 154 9.20 -9.35 -10.70
CA LEU B 154 9.00 -8.96 -9.31
C LEU B 154 7.75 -9.62 -8.74
N PHE B 155 6.62 -9.39 -9.39
CA PHE B 155 5.34 -9.93 -8.93
C PHE B 155 5.20 -11.40 -9.30
N SER B 156 4.40 -12.11 -8.51
CA SER B 156 4.11 -13.51 -8.78
C SER B 156 2.71 -13.85 -8.29
N ALA B 157 1.90 -14.43 -9.17
CA ALA B 157 0.57 -14.88 -8.79
C ALA B 157 0.65 -16.13 -7.93
N SER B 158 1.71 -16.90 -8.15
CA SER B 158 1.95 -18.12 -7.39
C SER B 158 2.48 -17.80 -5.99
N ASP B 159 2.33 -16.55 -5.60
CA ASP B 159 2.72 -16.09 -4.26
C ASP B 159 1.66 -16.53 -3.25
N TYR B 160 0.42 -16.57 -3.70
CA TYR B 160 -0.70 -16.96 -2.85
C TYR B 160 -0.76 -18.47 -2.66
N GLU B 161 -1.21 -18.87 -1.48
CA GLU B 161 -1.32 -20.29 -1.12
C GLU B 161 -2.74 -20.77 -1.36
N VAL B 162 -2.88 -22.04 -1.73
CA VAL B 162 -4.18 -22.62 -1.97
C VAL B 162 -4.91 -22.87 -0.66
N ALA B 163 -5.84 -21.99 -0.33
CA ALA B 163 -6.57 -22.11 0.92
C ALA B 163 -7.64 -23.18 0.82
N PRO B 164 -7.48 -24.29 1.57
CA PRO B 164 -8.40 -25.42 1.53
C PRO B 164 -9.77 -25.05 2.11
N PRO B 165 -10.82 -25.78 1.73
CA PRO B 165 -12.19 -25.53 2.23
C PRO B 165 -12.25 -25.62 3.75
N GLU B 166 -11.38 -26.44 4.32
CA GLU B 166 -11.31 -26.59 5.77
C GLU B 166 -10.77 -25.31 6.41
N TYR B 167 -9.94 -24.59 5.68
CA TYR B 167 -9.42 -23.30 6.16
C TYR B 167 -10.50 -22.25 6.04
N HIS B 168 -11.34 -22.39 5.02
CA HIS B 168 -12.44 -21.46 4.77
C HIS B 168 -13.43 -21.48 5.93
N ARG B 169 -13.50 -22.62 6.61
CA ARG B 169 -14.44 -22.82 7.71
C ARG B 169 -14.28 -21.78 8.82
N LYS B 170 -13.04 -21.36 9.09
CA LYS B 170 -12.81 -20.41 10.16
C LYS B 170 -12.92 -18.98 9.64
N ALA B 171 -13.11 -18.85 8.34
CA ALA B 171 -13.17 -17.54 7.71
C ALA B 171 -14.61 -17.13 7.42
N VAL B 172 -15.45 -18.11 7.09
CA VAL B 172 -16.84 -17.83 6.74
C VAL B 172 -17.67 -17.52 7.98
N SER A 1 -13.98 0.50 14.39
CA SER A 1 -13.29 -0.35 15.40
C SER A 1 -12.10 -1.04 14.75
N ASN A 2 -11.24 -1.64 15.59
CA ASN A 2 -10.02 -2.33 15.13
C ASN A 2 -9.03 -1.32 14.58
N ALA A 3 -8.12 -0.89 15.44
CA ALA A 3 -7.13 0.11 15.08
C ALA A 3 -5.82 -0.17 15.81
N GLY A 4 -4.82 -0.58 15.06
CA GLY A 4 -3.52 -0.86 15.63
C GLY A 4 -2.82 0.40 16.06
N ARG A 5 -2.52 0.52 17.36
CA ARG A 5 -1.85 1.69 17.88
C ARG A 5 -0.38 1.70 17.50
N GLN A 6 -0.09 2.34 16.37
CA GLN A 6 1.26 2.43 15.83
C GLN A 6 1.50 3.84 15.31
N VAL A 7 2.54 4.02 14.52
CA VAL A 7 2.78 5.31 13.87
C VAL A 7 1.95 5.39 12.59
N PRO A 8 1.09 6.42 12.48
CA PRO A 8 0.17 6.56 11.36
C PRO A 8 0.79 7.23 10.14
N SER A 9 0.81 8.56 10.12
CA SER A 9 1.33 9.29 8.98
C SER A 9 1.92 10.64 9.38
N LYS A 10 1.26 11.36 10.28
CA LYS A 10 1.73 12.67 10.71
C LYS A 10 3.15 12.61 11.30
N VAL A 11 3.54 11.44 11.77
CA VAL A 11 4.89 11.23 12.29
C VAL A 11 5.93 11.33 11.17
N ILE A 12 5.53 10.96 9.97
CA ILE A 12 6.42 10.93 8.82
C ILE A 12 6.32 12.25 8.07
N TRP A 13 5.08 12.68 7.88
CA TRP A 13 4.80 13.90 7.17
C TRP A 13 5.22 15.10 8.01
N ASP A 14 5.62 14.83 9.25
CA ASP A 14 6.25 15.85 10.08
C ASP A 14 7.51 16.36 9.39
N HIS A 15 8.36 15.42 8.99
CA HIS A 15 9.61 15.76 8.31
C HIS A 15 9.29 16.23 6.90
N LEU A 16 8.40 15.48 6.22
CA LEU A 16 8.02 15.80 4.85
C LEU A 16 7.45 17.21 4.75
N SER A 17 6.86 17.69 5.84
CA SER A 17 6.24 19.00 5.82
C SER A 17 7.22 20.10 6.25
N THR A 18 8.02 19.84 7.27
CA THR A 18 8.93 20.85 7.78
C THR A 18 10.03 21.17 6.78
N MET A 19 10.27 20.27 5.83
CA MET A 19 11.23 20.51 4.77
C MET A 19 10.63 21.43 3.70
N TYR A 20 9.33 21.70 3.80
CA TYR A 20 8.61 22.31 2.69
C TYR A 20 7.56 23.31 3.19
N ASP A 21 7.61 23.62 4.48
CA ASP A 21 6.57 24.45 5.14
C ASP A 21 5.18 23.88 4.97
N MET A 22 5.11 22.61 4.59
CA MET A 22 3.83 21.91 4.46
C MET A 22 3.22 21.68 5.84
N GLN A 23 3.98 22.08 6.86
CA GLN A 23 3.53 22.03 8.24
C GLN A 23 2.14 22.63 8.37
N ALA A 24 1.99 23.87 7.94
CA ALA A 24 0.72 24.59 7.99
C ALA A 24 -0.38 23.75 7.32
N LEU A 25 -0.02 23.10 6.23
CA LEU A 25 -0.94 22.27 5.47
C LEU A 25 -1.51 21.16 6.34
N HIS A 26 -0.64 20.41 7.02
CA HIS A 26 -1.09 19.26 7.82
C HIS A 26 -1.62 19.71 9.18
N GLU A 27 -1.35 20.96 9.54
CA GLU A 27 -1.88 21.51 10.79
C GLU A 27 -3.27 22.06 10.56
N SER A 28 -3.62 22.28 9.30
CA SER A 28 -5.00 22.56 8.92
C SER A 28 -5.70 21.25 8.58
N GLU A 29 -5.13 20.54 7.63
CA GLU A 29 -5.70 19.27 7.20
C GLU A 29 -4.98 18.13 7.90
N ILE A 30 -5.46 17.81 9.09
CA ILE A 30 -4.87 16.77 9.91
C ILE A 30 -5.12 15.39 9.29
N LEU A 31 -4.10 14.54 9.32
CA LEU A 31 -4.23 13.16 8.85
C LEU A 31 -4.71 12.29 10.00
N PRO A 32 -6.00 11.96 10.02
CA PRO A 32 -6.62 11.21 11.10
C PRO A 32 -6.69 9.71 10.84
N PHE A 33 -7.46 9.32 9.82
CA PHE A 33 -7.70 7.93 9.46
C PHE A 33 -8.37 7.16 10.59
N PRO A 34 -9.70 6.97 10.50
CA PRO A 34 -10.45 6.12 11.42
C PRO A 34 -10.23 4.65 11.10
N ASN A 35 -9.77 4.40 9.87
CA ASN A 35 -9.46 3.06 9.36
C ASN A 35 -10.46 1.99 9.85
N PRO A 36 -11.73 2.10 9.46
CA PRO A 36 -12.80 1.20 9.91
C PRO A 36 -12.76 -0.16 9.20
N GLU A 37 -13.30 -1.18 9.87
CA GLU A 37 -13.33 -2.54 9.32
C GLU A 37 -14.29 -2.63 8.14
N ARG A 38 -13.84 -3.29 7.08
CA ARG A 38 -14.68 -3.56 5.94
C ARG A 38 -13.99 -4.53 4.99
N ASN A 39 -14.48 -4.61 3.76
CA ASN A 39 -13.85 -5.44 2.75
C ASN A 39 -13.22 -4.56 1.66
N PHE A 40 -12.09 -5.00 1.13
CA PHE A 40 -11.43 -4.29 0.05
C PHE A 40 -12.20 -4.50 -1.25
N VAL A 41 -12.87 -3.47 -1.71
CA VAL A 41 -13.57 -3.52 -2.97
C VAL A 41 -12.68 -2.97 -4.08
N LEU A 42 -12.37 -3.81 -5.04
CA LEU A 42 -11.57 -3.39 -6.19
C LEU A 42 -12.44 -2.57 -7.12
N PRO A 43 -11.98 -1.37 -7.51
CA PRO A 43 -12.72 -0.50 -8.44
C PRO A 43 -13.24 -1.25 -9.65
N GLU A 44 -14.55 -1.21 -9.83
CA GLU A 44 -15.24 -1.98 -10.85
C GLU A 44 -14.74 -1.65 -12.25
N GLU A 45 -14.33 -0.41 -12.46
CA GLU A 45 -13.91 0.04 -13.78
C GLU A 45 -12.57 -0.56 -14.17
N ILE A 46 -11.78 -0.92 -13.17
CA ILE A 46 -10.50 -1.57 -13.41
C ILE A 46 -10.72 -3.03 -13.78
N ILE A 47 -11.68 -3.66 -13.10
CA ILE A 47 -12.03 -5.04 -13.37
C ILE A 47 -12.51 -5.19 -14.82
N GLN A 48 -13.43 -4.31 -15.22
CA GLN A 48 -13.97 -4.36 -16.57
C GLN A 48 -12.98 -3.83 -17.59
N GLU A 49 -12.06 -2.97 -17.14
CA GLU A 49 -10.96 -2.51 -17.99
C GLU A 49 -10.16 -3.69 -18.52
N VAL A 50 -9.69 -4.51 -17.59
CA VAL A 50 -8.81 -5.61 -17.91
C VAL A 50 -9.56 -6.75 -18.58
N ARG A 51 -10.71 -7.11 -18.01
CA ARG A 51 -11.43 -8.31 -18.43
C ARG A 51 -12.36 -8.03 -19.61
N GLU A 52 -12.24 -6.85 -20.19
CA GLU A 52 -12.97 -6.52 -21.41
C GLU A 52 -12.20 -7.02 -22.62
N GLY A 53 -10.97 -6.56 -22.75
CA GLY A 53 -10.15 -6.94 -23.88
C GLY A 53 -8.81 -6.24 -23.87
N LYS A 54 -8.02 -6.51 -22.84
CA LYS A 54 -6.68 -5.95 -22.74
C LYS A 54 -5.65 -7.07 -22.66
N SER B 1 -16.28 4.90 -13.01
CA SER B 1 -15.58 5.75 -13.99
C SER B 1 -14.62 6.69 -13.25
N ASN B 2 -13.95 7.57 -13.99
CA ASN B 2 -12.97 8.47 -13.42
C ASN B 2 -13.64 9.51 -12.54
N ALA B 3 -13.22 9.55 -11.28
CA ALA B 3 -13.77 10.46 -10.28
C ALA B 3 -12.97 10.35 -9.00
N GLU B 4 -13.03 11.41 -8.18
CA GLU B 4 -12.34 11.46 -6.89
C GLU B 4 -10.82 11.48 -7.10
N VAL B 5 -10.09 11.76 -6.02
CA VAL B 5 -8.63 11.75 -6.07
C VAL B 5 -8.13 10.33 -6.29
N LYS B 6 -7.63 10.06 -7.48
CA LYS B 6 -7.17 8.72 -7.82
C LYS B 6 -5.83 8.75 -8.51
N VAL B 7 -4.92 7.92 -8.05
CA VAL B 7 -3.63 7.78 -8.69
C VAL B 7 -3.80 7.01 -9.99
N LYS B 8 -3.52 7.68 -11.10
CA LYS B 8 -3.68 7.06 -12.41
C LYS B 8 -2.75 5.85 -12.55
N ILE B 9 -3.35 4.67 -12.56
CA ILE B 9 -2.61 3.42 -12.65
C ILE B 9 -2.45 2.99 -14.10
N PRO B 10 -1.22 2.70 -14.54
CA PRO B 10 -0.96 2.15 -15.88
C PRO B 10 -1.69 0.83 -16.08
N GLU B 11 -2.21 0.60 -17.28
CA GLU B 11 -3.01 -0.59 -17.55
C GLU B 11 -2.22 -1.88 -17.37
N GLU B 12 -0.90 -1.77 -17.36
CA GLU B 12 -0.03 -2.92 -17.11
C GLU B 12 -0.28 -3.50 -15.71
N LEU B 13 -0.51 -2.62 -14.74
CA LEU B 13 -0.62 -3.04 -13.35
C LEU B 13 -2.06 -3.39 -12.98
N LYS B 14 -2.99 -3.07 -13.87
CA LYS B 14 -4.40 -3.30 -13.60
C LYS B 14 -4.76 -4.80 -13.54
N PRO B 15 -4.31 -5.64 -14.51
CA PRO B 15 -4.62 -7.07 -14.49
C PRO B 15 -4.18 -7.76 -13.21
N TRP B 16 -3.05 -7.34 -12.67
CA TRP B 16 -2.51 -7.93 -11.46
C TRP B 16 -3.41 -7.60 -10.26
N LEU B 17 -3.99 -6.41 -10.28
CA LEU B 17 -4.95 -5.99 -9.26
C LEU B 17 -6.19 -6.87 -9.32
N VAL B 18 -6.69 -7.07 -10.53
CA VAL B 18 -7.90 -7.86 -10.75
C VAL B 18 -7.64 -9.33 -10.50
N ASP B 19 -6.41 -9.77 -10.78
CA ASP B 19 -6.03 -11.16 -10.57
C ASP B 19 -6.00 -11.49 -9.09
N ASP B 20 -5.45 -10.57 -8.29
CA ASP B 20 -5.46 -10.69 -6.84
C ASP B 20 -6.89 -10.78 -6.33
N TRP B 21 -7.73 -9.85 -6.80
CA TRP B 21 -9.16 -9.86 -6.49
C TRP B 21 -9.78 -11.21 -6.85
N ASP B 22 -9.50 -11.68 -8.06
CA ASP B 22 -10.08 -12.93 -8.55
C ASP B 22 -9.60 -14.11 -7.71
N LEU B 23 -8.32 -14.09 -7.35
CA LEU B 23 -7.73 -15.16 -6.55
C LEU B 23 -8.44 -15.29 -5.20
N ILE B 24 -8.71 -14.17 -4.57
CA ILE B 24 -9.34 -14.19 -3.26
C ILE B 24 -10.84 -14.50 -3.36
N THR B 25 -11.50 -13.93 -4.36
CA THR B 25 -12.95 -14.03 -4.45
C THR B 25 -13.42 -15.27 -5.22
N ARG B 26 -12.91 -15.46 -6.44
CA ARG B 26 -13.34 -16.56 -7.28
C ARG B 26 -12.53 -17.82 -7.02
N GLN B 27 -11.20 -17.70 -7.09
CA GLN B 27 -10.34 -18.85 -6.94
C GLN B 27 -10.38 -19.38 -5.50
N LYS B 28 -10.59 -18.46 -4.56
CA LYS B 28 -10.69 -18.77 -3.13
C LYS B 28 -9.34 -19.23 -2.58
N GLN B 29 -8.27 -18.78 -3.21
CA GLN B 29 -6.94 -19.03 -2.69
C GLN B 29 -6.51 -17.82 -1.86
N LEU B 30 -5.66 -18.03 -0.88
CA LEU B 30 -5.37 -16.96 0.05
C LEU B 30 -3.87 -16.81 0.29
N PHE B 31 -3.46 -15.58 0.53
CA PHE B 31 -2.06 -15.29 0.79
C PHE B 31 -1.82 -15.19 2.29
N TYR B 32 -1.62 -16.36 2.92
CA TYR B 32 -1.35 -16.42 4.35
C TYR B 32 0.00 -17.10 4.60
N LEU B 33 1.06 -16.30 4.54
CA LEU B 33 2.42 -16.83 4.63
C LEU B 33 3.43 -15.69 4.67
N PRO B 34 4.65 -15.96 5.18
CA PRO B 34 5.75 -14.98 5.17
C PRO B 34 6.36 -14.83 3.78
N ALA B 35 6.15 -13.68 3.17
CA ALA B 35 6.65 -13.42 1.82
C ALA B 35 8.15 -13.12 1.85
N LYS B 36 8.82 -13.43 0.74
CA LYS B 36 10.24 -13.18 0.61
C LYS B 36 10.49 -11.82 -0.03
N LYS B 37 9.81 -11.54 -1.12
CA LYS B 37 9.85 -10.22 -1.73
C LYS B 37 8.72 -9.39 -1.14
N ASN B 38 8.90 -9.03 0.12
CA ASN B 38 7.84 -8.39 0.88
C ASN B 38 7.96 -6.87 0.82
N VAL B 39 6.86 -6.20 1.18
CA VAL B 39 6.75 -4.73 1.10
C VAL B 39 7.98 -4.03 1.69
N ASP B 40 8.28 -4.35 2.95
CA ASP B 40 9.42 -3.75 3.65
C ASP B 40 10.71 -3.93 2.84
N SER B 41 10.94 -5.14 2.35
CA SER B 41 12.15 -5.44 1.61
C SER B 41 12.14 -4.78 0.23
N ILE B 42 10.96 -4.60 -0.35
CA ILE B 42 10.83 -3.97 -1.65
C ILE B 42 11.09 -2.47 -1.54
N LEU B 43 10.54 -1.85 -0.50
CA LEU B 43 10.77 -0.43 -0.28
C LEU B 43 12.21 -0.17 0.11
N GLU B 44 12.79 -1.13 0.82
CA GLU B 44 14.22 -1.08 1.14
C GLU B 44 15.04 -1.24 -0.13
N ASP B 45 14.63 -2.19 -0.96
CA ASP B 45 15.23 -2.42 -2.28
C ASP B 45 15.14 -1.14 -3.12
N TYR B 46 13.98 -0.48 -3.05
CA TYR B 46 13.76 0.78 -3.73
C TYR B 46 14.65 1.89 -3.15
N ALA B 47 14.75 1.93 -1.82
CA ALA B 47 15.62 2.88 -1.15
C ALA B 47 17.06 2.75 -1.64
N ASN B 48 17.53 1.50 -1.71
CA ASN B 48 18.87 1.22 -2.20
C ASN B 48 19.03 1.70 -3.63
N TYR B 49 18.00 1.49 -4.45
CA TYR B 49 18.02 1.93 -5.84
C TYR B 49 18.27 3.43 -5.93
N LYS B 50 17.55 4.21 -5.14
CA LYS B 50 17.69 5.65 -5.12
C LYS B 50 19.08 6.09 -4.66
N LYS B 51 19.63 5.37 -3.69
CA LYS B 51 20.95 5.70 -3.16
C LYS B 51 22.05 5.29 -4.12
N SER B 52 21.78 4.28 -4.94
CA SER B 52 22.76 3.78 -5.90
C SER B 52 22.78 4.63 -7.16
N ARG B 53 22.05 5.74 -7.15
CA ARG B 53 22.04 6.65 -8.29
C ARG B 53 23.25 7.58 -8.24
N GLY B 54 23.88 7.67 -7.08
CA GLY B 54 25.06 8.49 -6.94
C GLY B 54 24.94 9.52 -5.84
N ASN B 55 24.69 10.77 -6.23
CA ASN B 55 24.60 11.87 -5.28
C ASN B 55 23.37 11.71 -4.40
N THR B 56 23.62 11.33 -3.17
CA THR B 56 22.57 11.14 -2.19
C THR B 56 22.93 11.81 -0.87
N ASP B 57 22.83 13.12 -0.86
CA ASP B 57 23.09 13.89 0.35
C ASP B 57 21.81 14.59 0.79
N ASN B 58 21.17 15.25 -0.16
CA ASN B 58 19.89 15.90 0.10
C ASN B 58 18.75 14.97 -0.28
N LYS B 59 19.10 13.72 -0.54
CA LYS B 59 18.14 12.71 -0.97
C LYS B 59 17.87 11.72 0.16
N GLU B 60 18.78 11.68 1.13
CA GLU B 60 18.72 10.71 2.22
C GLU B 60 17.41 10.81 2.99
N TYR B 61 17.14 11.97 3.57
CA TYR B 61 15.92 12.17 4.35
C TYR B 61 14.68 12.00 3.46
N ALA B 62 14.82 12.35 2.19
CA ALA B 62 13.73 12.26 1.24
C ALA B 62 13.30 10.80 1.05
N VAL B 63 14.26 9.96 0.71
CA VAL B 63 14.01 8.54 0.50
C VAL B 63 13.43 7.91 1.76
N ASN B 64 14.03 8.24 2.92
CA ASN B 64 13.59 7.69 4.19
C ASN B 64 12.11 7.97 4.43
N GLU B 65 11.70 9.22 4.28
CA GLU B 65 10.32 9.61 4.56
C GLU B 65 9.35 8.95 3.60
N VAL B 66 9.73 8.83 2.34
CA VAL B 66 8.85 8.20 1.37
C VAL B 66 8.69 6.70 1.66
N VAL B 67 9.82 6.03 1.89
CA VAL B 67 9.81 4.60 2.20
C VAL B 67 9.06 4.33 3.49
N ALA B 68 9.44 5.03 4.56
CA ALA B 68 8.77 4.90 5.85
C ALA B 68 7.30 5.28 5.72
N GLY B 69 7.06 6.35 4.96
CA GLY B 69 5.71 6.82 4.73
C GLY B 69 4.81 5.74 4.17
N ILE B 70 5.25 5.10 3.09
CA ILE B 70 4.47 4.07 2.45
C ILE B 70 4.19 2.92 3.41
N LYS B 71 5.21 2.52 4.18
CA LYS B 71 5.06 1.40 5.12
C LYS B 71 4.01 1.69 6.19
N GLU B 72 4.14 2.83 6.87
CA GLU B 72 3.25 3.12 7.99
C GLU B 72 1.86 3.50 7.49
N TYR B 73 1.81 4.23 6.37
CA TYR B 73 0.55 4.59 5.73
C TYR B 73 -0.22 3.32 5.38
N PHE B 74 0.53 2.31 4.98
CA PHE B 74 -0.01 1.00 4.67
C PHE B 74 -0.58 0.36 5.93
N ASN B 75 0.19 0.39 7.01
CA ASN B 75 -0.20 -0.20 8.29
C ASN B 75 -1.57 0.28 8.76
N VAL B 76 -1.80 1.58 8.64
CA VAL B 76 -2.99 2.23 9.18
C VAL B 76 -4.29 1.51 8.80
N MET B 77 -4.59 1.43 7.51
CA MET B 77 -5.90 0.94 7.07
C MET B 77 -5.81 -0.26 6.14
N LEU B 78 -4.68 -0.94 6.11
CA LEU B 78 -4.53 -2.14 5.31
C LEU B 78 -5.47 -3.23 5.83
N GLY B 79 -5.39 -3.52 7.13
CA GLY B 79 -6.12 -4.63 7.70
C GLY B 79 -7.61 -4.36 7.86
N THR B 80 -8.02 -3.14 7.58
CA THR B 80 -9.40 -2.75 7.77
C THR B 80 -10.08 -2.34 6.46
N GLN B 81 -9.51 -1.36 5.78
CA GLN B 81 -10.13 -0.81 4.58
C GLN B 81 -9.58 -1.43 3.30
N LEU B 82 -8.46 -2.13 3.43
CA LEU B 82 -7.80 -2.70 2.26
C LEU B 82 -7.71 -4.22 2.35
N LEU B 83 -8.60 -4.82 3.12
CA LEU B 83 -8.54 -6.24 3.36
C LEU B 83 -9.89 -6.90 3.06
N TYR B 84 -9.85 -8.05 2.40
CA TYR B 84 -11.05 -8.82 2.14
C TYR B 84 -11.49 -9.54 3.42
N LYS B 85 -12.77 -9.86 3.52
CA LYS B 85 -13.27 -10.57 4.69
C LYS B 85 -12.71 -11.99 4.75
N PHE B 86 -12.39 -12.54 3.58
CA PHE B 86 -11.83 -13.88 3.50
C PHE B 86 -10.40 -13.90 4.04
N GLU B 87 -9.73 -12.76 4.03
CA GLU B 87 -8.36 -12.69 4.51
C GLU B 87 -8.28 -11.97 5.86
N ARG B 88 -9.44 -11.68 6.44
CA ARG B 88 -9.49 -11.18 7.81
C ARG B 88 -8.96 -12.24 8.79
N PRO B 89 -9.39 -13.52 8.67
CA PRO B 89 -8.77 -14.61 9.43
C PRO B 89 -7.30 -14.79 9.08
N GLN B 90 -6.93 -14.39 7.86
CA GLN B 90 -5.54 -14.44 7.42
C GLN B 90 -4.72 -13.41 8.18
N TYR B 91 -5.28 -12.22 8.36
CA TYR B 91 -4.66 -11.18 9.17
C TYR B 91 -4.40 -11.72 10.56
N ALA B 92 -5.43 -12.29 11.17
CA ALA B 92 -5.33 -12.88 12.49
C ALA B 92 -4.32 -14.03 12.49
N GLU B 93 -4.35 -14.81 11.42
CA GLU B 93 -3.48 -15.97 11.25
C GLU B 93 -2.01 -15.58 11.45
N ILE B 94 -1.55 -14.66 10.61
CA ILE B 94 -0.16 -14.26 10.63
C ILE B 94 0.15 -13.45 11.89
N LEU B 95 -0.77 -12.58 12.29
CA LEU B 95 -0.58 -11.71 13.44
C LEU B 95 -0.45 -12.51 14.73
N ALA B 96 -1.22 -13.57 14.85
CA ALA B 96 -1.20 -14.40 16.04
C ALA B 96 -0.05 -15.41 16.01
N ASP B 97 0.30 -15.86 14.80
CA ASP B 97 1.37 -16.83 14.64
C ASP B 97 2.73 -16.16 14.76
N HIS B 98 2.85 -14.97 14.18
CA HIS B 98 4.09 -14.21 14.24
C HIS B 98 3.82 -12.81 14.79
N PRO B 99 3.67 -12.68 16.12
CA PRO B 99 3.33 -11.40 16.75
C PRO B 99 4.51 -10.43 16.78
N ASP B 100 5.66 -10.88 16.29
CA ASP B 100 6.85 -10.05 16.26
C ASP B 100 7.15 -9.61 14.83
N ALA B 101 6.27 -9.97 13.91
CA ALA B 101 6.45 -9.63 12.51
C ALA B 101 5.73 -8.35 12.16
N PRO B 102 6.44 -7.38 11.57
CA PRO B 102 5.85 -6.12 11.13
C PRO B 102 4.87 -6.32 9.99
N MET B 103 3.72 -5.66 10.07
CA MET B 103 2.68 -5.81 9.05
C MET B 103 3.13 -5.17 7.74
N SER B 104 4.04 -4.21 7.85
CA SER B 104 4.62 -3.55 6.69
C SER B 104 5.51 -4.52 5.92
N GLN B 105 5.84 -5.64 6.57
CA GLN B 105 6.77 -6.59 6.01
C GLN B 105 6.06 -7.80 5.42
N VAL B 106 5.52 -8.63 6.30
CA VAL B 106 5.17 -10.01 5.97
C VAL B 106 4.05 -10.16 4.92
N TYR B 107 3.36 -9.08 4.59
CA TYR B 107 2.19 -9.17 3.73
C TYR B 107 2.52 -9.28 2.24
N GLY B 108 3.79 -9.14 1.89
CA GLY B 108 4.22 -9.42 0.53
C GLY B 108 3.84 -8.34 -0.48
N ALA B 109 4.42 -8.46 -1.67
CA ALA B 109 4.16 -7.52 -2.77
C ALA B 109 2.69 -7.48 -3.21
N PRO B 110 2.01 -8.66 -3.36
CA PRO B 110 0.58 -8.70 -3.74
C PRO B 110 -0.29 -7.66 -3.03
N HIS B 111 -0.10 -7.52 -1.72
CA HIS B 111 -0.94 -6.62 -0.93
C HIS B 111 -0.49 -5.18 -1.06
N LEU B 112 0.68 -4.96 -1.63
CA LEU B 112 1.25 -3.62 -1.78
C LEU B 112 0.54 -2.89 -2.93
N LEU B 113 0.35 -3.60 -4.05
CA LEU B 113 -0.15 -2.99 -5.27
C LEU B 113 -1.58 -2.46 -5.09
N ARG B 114 -2.38 -3.13 -4.26
CA ARG B 114 -3.77 -2.74 -4.07
C ARG B 114 -3.89 -1.43 -3.28
N LEU B 115 -2.80 -1.02 -2.65
CA LEU B 115 -2.79 0.20 -1.85
C LEU B 115 -3.04 1.43 -2.75
N PHE B 116 -2.44 1.42 -3.92
CA PHE B 116 -2.46 2.58 -4.81
C PHE B 116 -3.87 2.96 -5.27
N VAL B 117 -4.74 1.97 -5.42
CA VAL B 117 -6.07 2.23 -5.98
C VAL B 117 -7.01 2.83 -4.94
N ARG B 118 -6.68 2.70 -3.66
CA ARG B 118 -7.56 3.19 -2.60
C ARG B 118 -6.90 4.25 -1.74
N ILE B 119 -5.59 4.42 -1.87
CA ILE B 119 -4.89 5.46 -1.12
C ILE B 119 -5.40 6.84 -1.53
N GLY B 120 -5.77 6.97 -2.81
CA GLY B 120 -6.30 8.23 -3.30
C GLY B 120 -7.61 8.60 -2.65
N ALA B 121 -8.41 7.58 -2.32
CA ALA B 121 -9.69 7.80 -1.65
C ALA B 121 -9.46 8.43 -0.30
N MET B 122 -8.46 7.93 0.41
CA MET B 122 -8.10 8.46 1.71
C MET B 122 -7.48 9.84 1.57
N LEU B 123 -6.75 10.05 0.46
CA LEU B 123 -6.15 11.35 0.18
C LEU B 123 -7.21 12.39 -0.13
N ALA B 124 -8.38 11.93 -0.56
CA ALA B 124 -9.50 12.82 -0.85
C ALA B 124 -10.04 13.44 0.44
N TYR B 125 -9.77 12.78 1.56
CA TYR B 125 -10.22 13.27 2.85
C TYR B 125 -9.18 14.21 3.46
N THR B 126 -8.06 14.37 2.76
CA THR B 126 -7.02 15.28 3.20
C THR B 126 -6.53 16.12 2.02
N PRO B 127 -7.21 17.26 1.76
CA PRO B 127 -6.90 18.13 0.63
C PRO B 127 -5.59 18.88 0.81
N LEU B 128 -4.57 18.48 0.08
CA LEU B 128 -3.27 19.13 0.17
C LEU B 128 -3.03 20.06 -1.00
N ASP B 129 -1.98 20.88 -0.89
CA ASP B 129 -1.66 21.88 -1.91
C ASP B 129 -1.20 21.22 -3.20
N GLU B 130 -1.21 21.97 -4.28
CA GLU B 130 -0.83 21.45 -5.59
C GLU B 130 0.65 21.09 -5.61
N LYS B 131 1.46 21.84 -4.88
CA LYS B 131 2.89 21.56 -4.80
C LYS B 131 3.14 20.30 -3.98
N SER B 132 2.34 20.13 -2.94
CA SER B 132 2.38 18.92 -2.13
C SER B 132 1.99 17.72 -2.98
N LEU B 133 0.85 17.82 -3.65
CA LEU B 133 0.37 16.79 -4.55
C LEU B 133 1.42 16.45 -5.59
N ALA B 134 1.99 17.49 -6.18
CA ALA B 134 3.06 17.35 -7.17
C ALA B 134 4.17 16.43 -6.68
N LEU B 135 4.73 16.72 -5.50
CA LEU B 135 5.83 15.92 -4.98
C LEU B 135 5.35 14.54 -4.51
N LEU B 136 4.12 14.48 -4.02
CA LEU B 136 3.53 13.21 -3.62
C LEU B 136 3.40 12.28 -4.81
N LEU B 137 2.78 12.77 -5.88
CA LEU B 137 2.62 12.00 -7.10
C LEU B 137 3.97 11.72 -7.75
N ASN B 138 4.92 12.63 -7.52
CA ASN B 138 6.28 12.46 -7.98
C ASN B 138 6.85 11.14 -7.47
N TYR B 139 6.97 11.03 -6.15
CA TYR B 139 7.52 9.84 -5.52
C TYR B 139 6.62 8.62 -5.75
N LEU B 140 5.32 8.84 -5.59
CA LEU B 140 4.36 7.74 -5.68
C LEU B 140 4.33 7.11 -7.07
N HIS B 141 4.32 7.94 -8.11
CA HIS B 141 4.32 7.43 -9.47
C HIS B 141 5.69 6.90 -9.85
N ASP B 142 6.74 7.43 -9.22
CA ASP B 142 8.09 6.94 -9.45
C ASP B 142 8.22 5.51 -8.95
N PHE B 143 7.69 5.25 -7.76
CA PHE B 143 7.70 3.91 -7.19
C PHE B 143 6.74 3.00 -7.95
N LEU B 144 5.61 3.55 -8.37
CA LEU B 144 4.65 2.80 -9.17
C LEU B 144 5.27 2.40 -10.50
N LYS B 145 6.06 3.32 -11.05
CA LYS B 145 6.85 3.06 -12.25
C LYS B 145 7.86 1.95 -11.99
N TYR B 146 8.47 1.98 -10.81
CA TYR B 146 9.45 0.98 -10.41
C TYR B 146 8.80 -0.41 -10.34
N LEU B 147 7.55 -0.46 -9.85
CA LEU B 147 6.80 -1.71 -9.80
C LEU B 147 6.46 -2.18 -11.20
N ALA B 148 5.95 -1.28 -12.02
CA ALA B 148 5.58 -1.62 -13.39
C ALA B 148 6.78 -2.04 -14.21
N LYS B 149 7.93 -1.43 -13.91
CA LYS B 149 9.17 -1.70 -14.63
C LYS B 149 9.56 -3.18 -14.53
N ASN B 150 9.40 -3.75 -13.34
CA ASN B 150 9.83 -5.11 -13.08
C ASN B 150 8.64 -6.04 -12.85
N SER B 151 7.44 -5.54 -13.14
CA SER B 151 6.19 -6.22 -12.80
C SER B 151 6.18 -7.70 -13.20
N ALA B 152 6.62 -8.00 -14.42
CA ALA B 152 6.57 -9.37 -14.93
C ALA B 152 7.43 -10.32 -14.08
N THR B 153 8.50 -9.79 -13.52
CA THR B 153 9.40 -10.56 -12.68
C THR B 153 9.28 -10.16 -11.22
N LEU B 154 8.20 -9.44 -10.90
CA LEU B 154 7.99 -8.94 -9.56
C LEU B 154 6.73 -9.56 -8.97
N PHE B 155 5.61 -9.33 -9.64
CA PHE B 155 4.33 -9.88 -9.18
C PHE B 155 4.19 -11.32 -9.64
N SER B 156 4.49 -12.24 -8.75
CA SER B 156 4.41 -13.65 -9.06
C SER B 156 3.44 -14.33 -8.10
N ALA B 157 2.37 -14.89 -8.63
CA ALA B 157 1.32 -15.51 -7.82
C ALA B 157 1.75 -16.84 -7.22
N SER B 158 3.04 -17.16 -7.33
CA SER B 158 3.56 -18.43 -6.85
C SER B 158 3.62 -18.50 -5.32
N ASP B 159 3.56 -17.35 -4.66
CA ASP B 159 3.60 -17.32 -3.19
C ASP B 159 2.20 -17.38 -2.60
N TYR B 160 1.19 -17.12 -3.43
CA TYR B 160 -0.19 -17.36 -3.03
C TYR B 160 -0.37 -18.82 -2.66
N GLU B 161 -1.01 -19.08 -1.53
CA GLU B 161 -1.15 -20.45 -1.06
C GLU B 161 -2.56 -20.95 -1.30
N VAL B 162 -2.65 -22.21 -1.71
CA VAL B 162 -3.92 -22.86 -1.92
C VAL B 162 -4.61 -23.08 -0.57
N ALA B 163 -5.82 -22.56 -0.45
CA ALA B 163 -6.57 -22.67 0.79
C ALA B 163 -7.46 -23.90 0.78
N PRO B 164 -7.17 -24.89 1.65
CA PRO B 164 -7.97 -26.10 1.76
C PRO B 164 -9.36 -25.81 2.32
N PRO B 165 -10.36 -26.66 2.02
CA PRO B 165 -11.72 -26.50 2.52
C PRO B 165 -11.76 -26.42 4.05
N GLU B 166 -10.84 -27.12 4.69
CA GLU B 166 -10.76 -27.15 6.14
C GLU B 166 -10.32 -25.80 6.69
N TYR B 167 -9.57 -25.04 5.89
CA TYR B 167 -9.11 -23.72 6.28
C TYR B 167 -10.30 -22.77 6.36
N HIS B 168 -11.29 -22.99 5.48
CA HIS B 168 -12.50 -22.17 5.47
C HIS B 168 -13.27 -22.32 6.77
N ARG B 169 -13.11 -23.46 7.42
CA ARG B 169 -13.81 -23.75 8.67
C ARG B 169 -13.44 -22.74 9.76
N LYS B 170 -12.23 -22.22 9.70
CA LYS B 170 -11.77 -21.26 10.69
C LYS B 170 -11.64 -19.87 10.06
N ALA B 171 -12.09 -19.78 8.82
CA ALA B 171 -12.07 -18.52 8.09
C ALA B 171 -13.46 -17.87 8.08
N VAL B 172 -14.39 -18.55 8.76
CA VAL B 172 -15.76 -18.07 8.84
C VAL B 172 -16.09 -17.68 10.28
N SER A 1 -5.83 4.53 22.64
CA SER A 1 -6.32 5.91 22.79
C SER A 1 -5.65 6.81 21.77
N ASN A 2 -6.43 7.67 21.10
CA ASN A 2 -5.90 8.54 20.07
C ASN A 2 -4.96 9.61 20.64
N ALA A 3 -5.17 9.97 21.91
CA ALA A 3 -4.31 10.94 22.57
C ALA A 3 -3.03 10.27 23.06
N GLY A 4 -3.03 8.95 23.04
CA GLY A 4 -1.86 8.19 23.43
C GLY A 4 -1.28 7.46 22.24
N ARG A 5 -1.33 8.11 21.10
CA ARG A 5 -0.84 7.54 19.86
C ARG A 5 -0.08 8.59 19.06
N GLN A 6 1.22 8.41 18.95
CA GLN A 6 2.03 9.31 18.15
C GLN A 6 1.85 9.03 16.68
N VAL A 7 1.36 10.01 15.96
CA VAL A 7 1.07 9.86 14.55
C VAL A 7 2.33 10.04 13.69
N PRO A 8 2.53 9.15 12.70
CA PRO A 8 3.64 9.26 11.75
C PRO A 8 3.50 10.51 10.89
N SER A 9 2.31 11.06 10.91
CA SER A 9 1.97 12.27 10.17
C SER A 9 2.80 13.46 10.63
N LYS A 10 3.38 13.36 11.83
CA LYS A 10 4.17 14.46 12.36
C LYS A 10 5.61 14.01 12.61
N VAL A 11 6.01 12.90 11.99
CA VAL A 11 7.39 12.43 12.08
C VAL A 11 8.01 12.34 10.70
N ILE A 12 7.25 11.84 9.73
CA ILE A 12 7.71 11.75 8.35
C ILE A 12 7.30 13.01 7.61
N TRP A 13 6.01 13.25 7.64
CA TRP A 13 5.43 14.41 6.99
C TRP A 13 5.88 15.67 7.70
N ASP A 14 6.50 15.48 8.86
CA ASP A 14 7.13 16.58 9.58
C ASP A 14 8.14 17.29 8.70
N HIS A 15 9.16 16.56 8.28
CA HIS A 15 10.20 17.12 7.43
C HIS A 15 9.63 17.41 6.06
N LEU A 16 8.88 16.45 5.51
CA LEU A 16 8.31 16.58 4.17
C LEU A 16 7.49 17.86 4.04
N SER A 17 6.88 18.31 5.14
CA SER A 17 6.03 19.49 5.09
C SER A 17 6.78 20.76 5.49
N THR A 18 7.57 20.69 6.55
CA THR A 18 8.21 21.88 7.10
C THR A 18 9.26 22.45 6.13
N MET A 19 9.79 21.59 5.27
CA MET A 19 10.76 22.03 4.25
C MET A 19 10.06 22.75 3.11
N TYR A 20 8.73 22.73 3.14
CA TYR A 20 7.94 23.21 2.01
C TYR A 20 6.83 24.14 2.49
N ASP A 21 6.82 24.43 3.78
CA ASP A 21 5.73 25.18 4.44
C ASP A 21 4.40 24.43 4.32
N MET A 22 4.46 23.18 3.87
CA MET A 22 3.28 22.33 3.79
C MET A 22 2.86 21.89 5.20
N GLN A 23 3.68 22.25 6.17
CA GLN A 23 3.39 21.94 7.56
C GLN A 23 2.05 22.50 7.97
N ALA A 24 1.78 23.75 7.58
CA ALA A 24 0.50 24.40 7.89
C ALA A 24 -0.66 23.58 7.34
N LEU A 25 -0.41 22.97 6.19
CA LEU A 25 -1.41 22.16 5.50
C LEU A 25 -1.70 20.90 6.29
N HIS A 26 -0.67 20.33 6.90
CA HIS A 26 -0.83 19.12 7.70
C HIS A 26 -1.22 19.43 9.14
N GLU A 27 -0.98 20.67 9.56
CA GLU A 27 -1.38 21.09 10.89
C GLU A 27 -2.86 21.45 10.91
N SER A 28 -3.41 21.74 9.75
CA SER A 28 -4.85 21.85 9.60
C SER A 28 -5.44 20.50 9.25
N GLU A 29 -4.88 19.89 8.22
CA GLU A 29 -5.32 18.59 7.75
C GLU A 29 -4.37 17.49 8.24
N ILE A 30 -4.63 17.02 9.44
CA ILE A 30 -3.80 16.00 10.05
C ILE A 30 -4.23 14.61 9.55
N LEU A 31 -3.34 13.63 9.66
CA LEU A 31 -3.64 12.27 9.27
C LEU A 31 -3.89 11.44 10.53
N PRO A 32 -5.17 11.30 10.93
CA PRO A 32 -5.57 10.51 12.09
C PRO A 32 -6.34 9.25 11.72
N PHE A 33 -6.25 8.85 10.43
CA PHE A 33 -7.16 7.89 9.80
C PHE A 33 -7.70 6.82 10.75
N PRO A 34 -8.93 7.05 11.27
CA PRO A 34 -9.62 6.10 12.11
C PRO A 34 -10.42 5.11 11.28
N ASN A 35 -9.76 4.60 10.24
CA ASN A 35 -10.41 3.74 9.27
C ASN A 35 -10.98 2.49 9.94
N PRO A 36 -12.26 2.19 9.70
CA PRO A 36 -12.96 1.10 10.35
C PRO A 36 -12.68 -0.26 9.70
N GLU A 37 -12.96 -1.32 10.43
CA GLU A 37 -12.76 -2.68 9.93
C GLU A 37 -13.87 -3.06 8.98
N ARG A 38 -13.51 -3.18 7.71
CA ARG A 38 -14.48 -3.50 6.67
C ARG A 38 -13.86 -4.46 5.66
N ASN A 39 -14.53 -4.65 4.53
CA ASN A 39 -14.02 -5.52 3.49
C ASN A 39 -13.54 -4.71 2.29
N PHE A 40 -12.40 -5.08 1.76
CA PHE A 40 -11.86 -4.44 0.56
C PHE A 40 -12.45 -5.09 -0.68
N VAL A 41 -12.93 -4.25 -1.59
CA VAL A 41 -13.38 -4.73 -2.88
C VAL A 41 -12.65 -3.97 -3.97
N LEU A 42 -11.98 -4.70 -4.84
CA LEU A 42 -11.26 -4.10 -5.96
C LEU A 42 -12.19 -3.22 -6.78
N PRO A 43 -11.78 -1.97 -7.06
CA PRO A 43 -12.56 -1.04 -7.88
C PRO A 43 -13.01 -1.71 -9.18
N GLU A 44 -14.32 -1.85 -9.33
CA GLU A 44 -14.91 -2.58 -10.45
C GLU A 44 -14.53 -1.98 -11.79
N GLU A 45 -14.15 -0.70 -11.79
CA GLU A 45 -13.77 -0.04 -13.03
C GLU A 45 -12.46 -0.61 -13.55
N ILE A 46 -11.61 -1.05 -12.64
CA ILE A 46 -10.32 -1.65 -12.99
C ILE A 46 -10.54 -3.08 -13.45
N ILE A 47 -11.50 -3.76 -12.82
CA ILE A 47 -11.86 -5.11 -13.22
C ILE A 47 -12.29 -5.12 -14.68
N GLN A 48 -13.29 -4.31 -15.01
CA GLN A 48 -13.78 -4.22 -16.37
C GLN A 48 -12.73 -3.57 -17.27
N GLU A 49 -11.85 -2.77 -16.67
CA GLU A 49 -10.73 -2.16 -17.39
C GLU A 49 -9.85 -3.23 -18.01
N VAL A 50 -9.61 -4.29 -17.26
CA VAL A 50 -8.76 -5.38 -17.71
C VAL A 50 -9.55 -6.41 -18.52
N ARG A 51 -10.67 -6.84 -17.96
CA ARG A 51 -11.46 -7.92 -18.54
C ARG A 51 -11.90 -7.62 -19.97
N GLU A 52 -12.57 -6.49 -20.16
CA GLU A 52 -13.13 -6.15 -21.47
C GLU A 52 -12.41 -4.95 -22.08
N GLY A 53 -11.48 -4.37 -21.32
CA GLY A 53 -10.76 -3.20 -21.79
C GLY A 53 -9.55 -3.57 -22.65
N LYS A 54 -9.80 -4.35 -23.68
CA LYS A 54 -8.77 -4.76 -24.61
C LYS A 54 -9.32 -4.79 -26.03
N SER B 1 -20.54 14.30 -5.36
CA SER B 1 -20.34 15.50 -4.52
C SER B 1 -18.95 15.52 -3.90
N ASN B 2 -18.47 14.35 -3.48
CA ASN B 2 -17.17 14.25 -2.84
C ASN B 2 -16.08 14.04 -3.89
N ALA B 3 -14.97 14.74 -3.71
CA ALA B 3 -13.86 14.65 -4.64
C ALA B 3 -12.82 13.65 -4.14
N GLU B 4 -12.98 12.41 -4.58
CA GLU B 4 -12.03 11.35 -4.22
C GLU B 4 -10.91 11.31 -5.24
N VAL B 5 -9.67 11.38 -4.75
CA VAL B 5 -8.51 11.43 -5.63
C VAL B 5 -8.33 10.12 -6.41
N LYS B 6 -8.58 10.19 -7.71
CA LYS B 6 -8.44 9.04 -8.56
C LYS B 6 -7.03 8.95 -9.13
N VAL B 7 -6.23 8.06 -8.57
CA VAL B 7 -4.87 7.86 -9.02
C VAL B 7 -4.85 6.93 -10.23
N LYS B 8 -4.04 7.28 -11.22
CA LYS B 8 -3.90 6.45 -12.41
C LYS B 8 -3.03 5.25 -12.11
N ILE B 9 -3.65 4.08 -12.02
CA ILE B 9 -2.94 2.84 -11.75
C ILE B 9 -2.28 2.33 -13.03
N PRO B 10 -0.98 1.99 -12.95
CA PRO B 10 -0.22 1.47 -14.09
C PRO B 10 -0.98 0.37 -14.83
N GLU B 11 -1.20 0.60 -16.12
CA GLU B 11 -2.02 -0.28 -16.94
C GLU B 11 -1.42 -1.69 -17.07
N GLU B 12 -0.11 -1.78 -16.86
CA GLU B 12 0.56 -3.07 -16.91
C GLU B 12 0.31 -3.86 -15.62
N LEU B 13 0.01 -3.14 -14.55
CA LEU B 13 -0.16 -3.75 -13.24
C LEU B 13 -1.64 -4.00 -12.92
N LYS B 14 -2.51 -3.49 -13.78
CA LYS B 14 -3.95 -3.71 -13.63
C LYS B 14 -4.31 -5.21 -13.63
N PRO B 15 -3.77 -6.01 -14.58
CA PRO B 15 -4.01 -7.46 -14.60
C PRO B 15 -3.74 -8.12 -13.26
N TRP B 16 -2.65 -7.75 -12.60
CA TRP B 16 -2.29 -8.31 -11.31
C TRP B 16 -3.36 -8.01 -10.27
N LEU B 17 -3.93 -6.82 -10.34
CA LEU B 17 -5.01 -6.43 -9.44
C LEU B 17 -6.21 -7.34 -9.59
N VAL B 18 -6.62 -7.54 -10.84
CA VAL B 18 -7.77 -8.39 -11.13
C VAL B 18 -7.45 -9.86 -10.85
N ASP B 19 -6.19 -10.25 -11.04
CA ASP B 19 -5.76 -11.61 -10.75
C ASP B 19 -5.79 -11.89 -9.26
N ASP B 20 -5.26 -10.96 -8.46
CA ASP B 20 -5.33 -11.08 -6.99
C ASP B 20 -6.78 -11.24 -6.55
N TRP B 21 -7.63 -10.38 -7.10
CA TRP B 21 -9.07 -10.43 -6.83
C TRP B 21 -9.67 -11.77 -7.25
N ASP B 22 -9.32 -12.21 -8.46
CA ASP B 22 -9.84 -13.46 -9.01
C ASP B 22 -9.36 -14.66 -8.19
N LEU B 23 -8.10 -14.60 -7.76
CA LEU B 23 -7.53 -15.66 -6.92
C LEU B 23 -8.31 -15.81 -5.63
N ILE B 24 -8.58 -14.69 -4.97
CA ILE B 24 -9.30 -14.71 -3.69
C ILE B 24 -10.75 -15.15 -3.90
N THR B 25 -11.44 -14.48 -4.80
CA THR B 25 -12.87 -14.69 -4.99
C THR B 25 -13.18 -16.03 -5.65
N ARG B 26 -12.59 -16.28 -6.81
CA ARG B 26 -12.91 -17.46 -7.59
C ARG B 26 -12.15 -18.68 -7.12
N GLN B 27 -10.83 -18.61 -7.23
CA GLN B 27 -9.97 -19.77 -7.10
C GLN B 27 -9.68 -20.11 -5.64
N LYS B 28 -10.08 -19.21 -4.75
CA LYS B 28 -9.92 -19.40 -3.30
C LYS B 28 -8.46 -19.55 -2.92
N GLN B 29 -7.58 -18.92 -3.69
CA GLN B 29 -6.15 -18.93 -3.41
C GLN B 29 -5.78 -17.65 -2.68
N LEU B 30 -5.26 -17.79 -1.48
CA LEU B 30 -4.97 -16.64 -0.65
C LEU B 30 -3.49 -16.57 -0.30
N PHE B 31 -2.93 -15.39 -0.37
CA PHE B 31 -1.56 -15.17 0.06
C PHE B 31 -1.55 -14.82 1.55
N TYR B 32 -1.58 -15.85 2.40
CA TYR B 32 -1.55 -15.66 3.85
C TYR B 32 -0.44 -16.49 4.47
N LEU B 33 0.76 -15.94 4.48
CA LEU B 33 1.95 -16.64 4.96
C LEU B 33 3.10 -15.65 5.12
N PRO B 34 4.15 -16.02 5.87
CA PRO B 34 5.33 -15.18 6.01
C PRO B 34 6.06 -15.02 4.69
N ALA B 35 5.98 -13.81 4.13
CA ALA B 35 6.58 -13.54 2.84
C ALA B 35 8.08 -13.33 2.97
N LYS B 36 8.81 -13.77 1.96
CA LYS B 36 10.24 -13.57 1.90
C LYS B 36 10.56 -12.47 0.90
N LYS B 37 9.54 -12.06 0.17
CA LYS B 37 9.64 -11.00 -0.80
C LYS B 37 8.47 -10.04 -0.62
N ASN B 38 8.66 -9.00 0.17
CA ASN B 38 7.56 -8.12 0.53
C ASN B 38 7.79 -6.70 0.04
N VAL B 39 6.85 -5.82 0.36
CA VAL B 39 6.92 -4.41 0.00
C VAL B 39 8.13 -3.72 0.62
N ASP B 40 8.42 -4.04 1.86
CA ASP B 40 9.55 -3.43 2.55
C ASP B 40 10.86 -3.72 1.82
N SER B 41 10.99 -4.94 1.31
CA SER B 41 12.16 -5.32 0.53
C SER B 41 12.23 -4.45 -0.73
N ILE B 42 11.06 -4.17 -1.30
CA ILE B 42 10.95 -3.29 -2.46
C ILE B 42 11.36 -1.86 -2.08
N LEU B 43 10.78 -1.37 -0.98
CA LEU B 43 11.09 -0.04 -0.46
C LEU B 43 12.58 0.09 -0.20
N GLU B 44 13.15 -0.95 0.42
CA GLU B 44 14.57 -0.97 0.76
C GLU B 44 15.44 -0.84 -0.50
N ASP B 45 15.15 -1.66 -1.51
CA ASP B 45 15.92 -1.63 -2.74
C ASP B 45 15.71 -0.31 -3.46
N TYR B 46 14.45 0.14 -3.51
CA TYR B 46 14.13 1.41 -4.15
C TYR B 46 14.85 2.57 -3.47
N ALA B 47 14.89 2.54 -2.13
CA ALA B 47 15.56 3.57 -1.36
C ALA B 47 17.03 3.67 -1.73
N ASN B 48 17.70 2.52 -1.75
CA ASN B 48 19.11 2.47 -2.10
C ASN B 48 19.31 2.70 -3.60
N TYR B 49 18.29 2.36 -4.38
CA TYR B 49 18.32 2.57 -5.82
C TYR B 49 18.42 4.06 -6.14
N LYS B 50 17.65 4.87 -5.42
CA LYS B 50 17.69 6.32 -5.60
C LYS B 50 19.05 6.87 -5.18
N LYS B 51 19.60 6.31 -4.10
CA LYS B 51 20.87 6.74 -3.57
C LYS B 51 22.01 6.35 -4.51
N SER B 52 22.00 5.10 -4.94
CA SER B 52 23.07 4.55 -5.75
C SER B 52 22.92 4.97 -7.22
N ARG B 53 21.89 5.75 -7.50
CA ARG B 53 21.68 6.25 -8.85
C ARG B 53 22.31 7.63 -9.01
N GLY B 54 22.80 8.16 -7.90
CA GLY B 54 23.44 9.45 -7.90
C GLY B 54 24.27 9.65 -6.67
N ASN B 55 24.05 10.75 -5.95
CA ASN B 55 24.72 10.99 -4.69
C ASN B 55 23.75 11.64 -3.72
N THR B 56 23.36 10.89 -2.70
CA THR B 56 22.36 11.35 -1.76
C THR B 56 22.94 12.19 -0.64
N ASP B 57 23.18 13.46 -0.95
CA ASP B 57 23.60 14.43 0.06
C ASP B 57 22.38 14.89 0.83
N ASN B 58 21.44 15.47 0.09
CA ASN B 58 20.23 16.04 0.67
C ASN B 58 18.98 15.32 0.15
N LYS B 59 19.21 14.31 -0.68
CA LYS B 59 18.09 13.53 -1.23
C LYS B 59 17.84 12.27 -0.40
N GLU B 60 18.80 11.93 0.46
CA GLU B 60 18.74 10.65 1.18
C GLU B 60 17.53 10.56 2.10
N TYR B 61 17.38 11.54 2.99
CA TYR B 61 16.29 11.50 3.96
C TYR B 61 14.94 11.52 3.23
N ALA B 62 14.88 12.27 2.13
CA ALA B 62 13.66 12.36 1.34
C ALA B 62 13.23 11.00 0.83
N VAL B 63 14.19 10.23 0.30
CA VAL B 63 13.91 8.89 -0.20
C VAL B 63 13.37 8.00 0.92
N ASN B 64 14.06 8.00 2.06
CA ASN B 64 13.69 7.15 3.18
C ASN B 64 12.33 7.56 3.76
N GLU B 65 12.06 8.86 3.81
CA GLU B 65 10.79 9.34 4.33
C GLU B 65 9.65 8.88 3.44
N VAL B 66 9.84 8.90 2.13
CA VAL B 66 8.81 8.43 1.21
C VAL B 66 8.53 6.93 1.42
N VAL B 67 9.59 6.12 1.45
CA VAL B 67 9.42 4.68 1.63
C VAL B 67 8.88 4.35 3.02
N ALA B 68 9.25 5.16 4.01
CA ALA B 68 8.71 5.02 5.35
C ALA B 68 7.23 5.41 5.38
N GLY B 69 6.91 6.49 4.69
CA GLY B 69 5.54 6.92 4.57
C GLY B 69 4.66 5.87 3.92
N ILE B 70 5.17 5.24 2.87
CA ILE B 70 4.47 4.15 2.21
C ILE B 70 4.25 3.00 3.18
N LYS B 71 5.28 2.69 3.96
CA LYS B 71 5.19 1.63 4.98
C LYS B 71 4.09 1.94 5.98
N GLU B 72 4.01 3.18 6.43
CA GLU B 72 3.00 3.61 7.38
C GLU B 72 1.62 3.63 6.73
N TYR B 73 1.52 4.28 5.57
CA TYR B 73 0.26 4.35 4.82
C TYR B 73 -0.31 2.96 4.57
N PHE B 74 0.58 2.03 4.23
CA PHE B 74 0.22 0.63 4.01
C PHE B 74 -0.33 0.02 5.30
N ASN B 75 0.39 0.24 6.40
CA ASN B 75 0.07 -0.40 7.68
C ASN B 75 -1.25 0.12 8.29
N VAL B 76 -1.54 1.41 8.09
CA VAL B 76 -2.69 2.04 8.72
C VAL B 76 -4.01 1.35 8.34
N MET B 77 -4.20 1.07 7.07
CA MET B 77 -5.51 0.59 6.61
C MET B 77 -5.45 -0.76 5.89
N LEU B 78 -4.33 -1.47 5.96
CA LEU B 78 -4.19 -2.73 5.22
C LEU B 78 -5.11 -3.81 5.79
N GLY B 79 -4.91 -4.17 7.05
CA GLY B 79 -5.65 -5.29 7.63
C GLY B 79 -7.04 -4.89 8.08
N THR B 80 -7.32 -3.61 8.02
CA THR B 80 -8.60 -3.08 8.49
C THR B 80 -9.55 -2.76 7.34
N GLN B 81 -9.02 -2.18 6.27
CA GLN B 81 -9.86 -1.74 5.16
C GLN B 81 -9.45 -2.41 3.85
N LEU B 82 -8.14 -2.53 3.63
CA LEU B 82 -7.60 -3.08 2.38
C LEU B 82 -7.55 -4.60 2.40
N LEU B 83 -8.43 -5.23 3.15
CA LEU B 83 -8.43 -6.67 3.28
C LEU B 83 -9.80 -7.26 2.96
N TYR B 84 -9.81 -8.36 2.19
CA TYR B 84 -11.07 -9.00 1.81
C TYR B 84 -11.66 -9.78 2.98
N LYS B 85 -12.95 -10.09 2.86
CA LYS B 85 -13.64 -10.93 3.85
C LYS B 85 -12.91 -12.27 3.99
N PHE B 86 -12.51 -12.82 2.85
CA PHE B 86 -11.82 -14.10 2.81
C PHE B 86 -10.47 -14.03 3.53
N GLU B 87 -9.96 -12.80 3.69
CA GLU B 87 -8.65 -12.60 4.29
C GLU B 87 -8.76 -12.17 5.75
N ARG B 88 -9.97 -12.07 6.28
CA ARG B 88 -10.15 -11.76 7.69
C ARG B 88 -9.56 -12.88 8.56
N PRO B 89 -9.84 -14.18 8.23
CA PRO B 89 -9.16 -15.31 8.87
C PRO B 89 -7.64 -15.24 8.69
N GLN B 90 -7.19 -14.64 7.59
CA GLN B 90 -5.76 -14.43 7.35
C GLN B 90 -5.18 -13.54 8.43
N TYR B 91 -5.84 -12.40 8.65
CA TYR B 91 -5.40 -11.46 9.67
C TYR B 91 -5.31 -12.15 11.01
N ALA B 92 -6.34 -12.92 11.34
CA ALA B 92 -6.35 -13.70 12.59
C ALA B 92 -5.23 -14.74 12.60
N GLU B 93 -5.11 -15.49 11.50
CA GLU B 93 -4.12 -16.54 11.38
C GLU B 93 -2.70 -16.00 11.55
N ILE B 94 -2.36 -15.03 10.72
CA ILE B 94 -1.01 -14.44 10.72
C ILE B 94 -0.71 -13.78 12.06
N LEU B 95 -1.67 -13.01 12.57
CA LEU B 95 -1.49 -12.26 13.82
C LEU B 95 -1.23 -13.20 14.99
N ALA B 96 -1.92 -14.34 15.00
CA ALA B 96 -1.81 -15.29 16.10
C ALA B 96 -0.60 -16.20 15.94
N ASP B 97 -0.42 -16.75 14.74
CA ASP B 97 0.65 -17.71 14.49
C ASP B 97 2.01 -17.01 14.45
N HIS B 98 2.01 -15.75 14.01
CA HIS B 98 3.25 -14.98 13.94
C HIS B 98 3.05 -13.59 14.55
N PRO B 99 3.04 -13.50 15.89
CA PRO B 99 2.89 -12.22 16.59
C PRO B 99 4.20 -11.43 16.61
N ASP B 100 5.20 -12.00 15.98
CA ASP B 100 6.53 -11.40 15.92
C ASP B 100 6.76 -10.73 14.58
N ALA B 101 5.83 -10.89 13.66
CA ALA B 101 5.98 -10.35 12.31
C ALA B 101 5.12 -9.12 12.09
N PRO B 102 5.73 -7.98 11.74
CA PRO B 102 5.00 -6.75 11.40
C PRO B 102 4.12 -6.95 10.17
N MET B 103 3.03 -6.20 10.10
CA MET B 103 2.04 -6.38 9.04
C MET B 103 2.59 -5.95 7.69
N SER B 104 3.32 -4.84 7.67
CA SER B 104 3.96 -4.38 6.44
C SER B 104 5.07 -5.34 6.00
N GLN B 105 5.42 -6.25 6.89
CA GLN B 105 6.46 -7.23 6.63
C GLN B 105 5.88 -8.52 6.08
N VAL B 106 4.99 -9.13 6.84
CA VAL B 106 4.51 -10.47 6.55
C VAL B 106 3.61 -10.54 5.31
N TYR B 107 2.84 -9.48 5.04
CA TYR B 107 1.80 -9.54 4.00
C TYR B 107 2.37 -9.47 2.58
N GLY B 108 3.68 -9.38 2.45
CA GLY B 108 4.32 -9.53 1.16
C GLY B 108 4.10 -8.38 0.21
N ALA B 109 4.65 -8.54 -0.99
CA ALA B 109 4.56 -7.54 -2.05
C ALA B 109 3.17 -7.45 -2.70
N PRO B 110 2.54 -8.59 -3.11
CA PRO B 110 1.26 -8.60 -3.83
C PRO B 110 0.19 -7.69 -3.22
N HIS B 111 0.16 -7.58 -1.89
CA HIS B 111 -0.87 -6.78 -1.22
C HIS B 111 -0.60 -5.28 -1.36
N LEU B 112 0.59 -4.92 -1.81
CA LEU B 112 0.98 -3.51 -1.94
C LEU B 112 0.20 -2.80 -3.05
N LEU B 113 -0.08 -3.52 -4.12
CA LEU B 113 -0.79 -2.93 -5.27
C LEU B 113 -2.18 -2.43 -4.87
N ARG B 114 -2.76 -3.08 -3.88
CA ARG B 114 -4.09 -2.73 -3.42
C ARG B 114 -4.07 -1.47 -2.55
N LEU B 115 -2.88 -1.08 -2.13
CA LEU B 115 -2.69 0.16 -1.36
C LEU B 115 -2.90 1.35 -2.28
N PHE B 116 -2.35 1.26 -3.49
CA PHE B 116 -2.38 2.37 -4.43
C PHE B 116 -3.78 2.64 -4.94
N VAL B 117 -4.57 1.58 -5.11
CA VAL B 117 -5.90 1.72 -5.70
C VAL B 117 -6.90 2.35 -4.74
N ARG B 118 -6.51 2.48 -3.47
CA ARG B 118 -7.44 3.00 -2.47
C ARG B 118 -6.86 4.21 -1.75
N ILE B 119 -5.54 4.41 -1.86
CA ILE B 119 -4.89 5.51 -1.16
C ILE B 119 -5.41 6.86 -1.63
N GLY B 120 -5.75 6.95 -2.91
CA GLY B 120 -6.28 8.19 -3.45
C GLY B 120 -7.60 8.59 -2.81
N ALA B 121 -8.45 7.61 -2.57
CA ALA B 121 -9.75 7.85 -1.95
C ALA B 121 -9.58 8.32 -0.51
N MET B 122 -8.56 7.77 0.15
CA MET B 122 -8.28 8.11 1.53
C MET B 122 -7.64 9.50 1.63
N LEU B 123 -6.92 9.88 0.58
CA LEU B 123 -6.26 11.18 0.51
C LEU B 123 -7.29 12.32 0.48
N ALA B 124 -8.54 11.98 0.21
CA ALA B 124 -9.62 12.97 0.19
C ALA B 124 -9.83 13.57 1.58
N TYR B 125 -9.33 12.87 2.60
CA TYR B 125 -9.48 13.34 3.97
C TYR B 125 -8.22 14.08 4.44
N THR B 126 -7.30 14.28 3.52
CA THR B 126 -6.12 15.10 3.79
C THR B 126 -5.79 15.97 2.58
N PRO B 127 -6.59 17.02 2.36
CA PRO B 127 -6.42 17.92 1.21
C PRO B 127 -5.23 18.85 1.36
N LEU B 128 -4.24 18.65 0.52
CA LEU B 128 -3.05 19.48 0.52
C LEU B 128 -3.09 20.49 -0.63
N ASP B 129 -2.00 21.21 -0.83
CA ASP B 129 -1.90 22.13 -1.96
C ASP B 129 -1.90 21.35 -3.26
N GLU B 130 -2.26 22.00 -4.35
CA GLU B 130 -2.12 21.43 -5.68
C GLU B 130 -0.69 20.94 -5.89
N LYS B 131 0.26 21.79 -5.50
CA LYS B 131 1.68 21.46 -5.62
C LYS B 131 2.08 20.36 -4.67
N SER B 132 1.55 20.39 -3.46
CA SER B 132 1.92 19.43 -2.43
C SER B 132 1.32 18.05 -2.71
N LEU B 133 0.09 18.04 -3.22
CA LEU B 133 -0.53 16.79 -3.64
C LEU B 133 0.23 16.22 -4.83
N ALA B 134 0.65 17.12 -5.71
CA ALA B 134 1.49 16.75 -6.85
C ALA B 134 2.80 16.13 -6.37
N LEU B 135 3.36 16.68 -5.28
CA LEU B 135 4.55 16.11 -4.65
C LEU B 135 4.32 14.65 -4.30
N LEU B 136 3.26 14.38 -3.56
CA LEU B 136 2.92 13.03 -3.14
C LEU B 136 2.73 12.14 -4.37
N LEU B 137 1.93 12.59 -5.31
CA LEU B 137 1.62 11.82 -6.52
C LEU B 137 2.85 11.64 -7.40
N ASN B 138 3.77 12.60 -7.36
CA ASN B 138 4.99 12.54 -8.17
C ASN B 138 5.90 11.41 -7.69
N TYR B 139 6.20 11.42 -6.39
CA TYR B 139 7.05 10.39 -5.82
C TYR B 139 6.35 9.03 -5.86
N LEU B 140 5.03 9.06 -5.74
CA LEU B 140 4.23 7.84 -5.87
C LEU B 140 4.38 7.28 -7.29
N HIS B 141 4.35 8.17 -8.28
CA HIS B 141 4.52 7.77 -9.67
C HIS B 141 5.93 7.27 -9.94
N ASP B 142 6.91 7.92 -9.33
CA ASP B 142 8.30 7.50 -9.47
C ASP B 142 8.49 6.10 -8.91
N PHE B 143 7.85 5.85 -7.78
CA PHE B 143 7.89 4.53 -7.15
C PHE B 143 7.15 3.51 -8.01
N LEU B 144 5.96 3.88 -8.49
CA LEU B 144 5.19 3.01 -9.38
C LEU B 144 5.96 2.71 -10.66
N LYS B 145 6.75 3.69 -11.09
CA LYS B 145 7.63 3.53 -12.24
C LYS B 145 8.62 2.40 -11.98
N TYR B 146 9.32 2.49 -10.86
CA TYR B 146 10.25 1.45 -10.45
C TYR B 146 9.51 0.12 -10.27
N LEU B 147 8.35 0.20 -9.61
CA LEU B 147 7.53 -0.95 -9.33
C LEU B 147 7.17 -1.69 -10.63
N ALA B 148 6.81 -0.92 -11.65
CA ALA B 148 6.42 -1.48 -12.94
C ALA B 148 7.62 -1.99 -13.73
N LYS B 149 8.78 -1.38 -13.50
CA LYS B 149 9.99 -1.78 -14.22
C LYS B 149 10.41 -3.18 -13.80
N ASN B 150 10.48 -3.43 -12.50
CA ASN B 150 10.92 -4.72 -11.99
C ASN B 150 9.75 -5.66 -11.77
N SER B 151 8.56 -5.23 -12.17
CA SER B 151 7.33 -5.97 -11.91
C SER B 151 7.38 -7.38 -12.51
N ALA B 152 8.12 -7.53 -13.62
CA ALA B 152 8.24 -8.82 -14.29
C ALA B 152 8.79 -9.90 -13.35
N THR B 153 9.64 -9.50 -12.42
CA THR B 153 10.20 -10.42 -11.45
C THR B 153 9.76 -10.04 -10.03
N LEU B 154 8.84 -9.09 -9.95
CA LEU B 154 8.46 -8.52 -8.67
C LEU B 154 7.36 -9.35 -8.02
N PHE B 155 6.23 -9.45 -8.71
CA PHE B 155 5.07 -10.15 -8.19
C PHE B 155 5.02 -11.56 -8.73
N SER B 156 4.46 -12.47 -7.95
CA SER B 156 4.32 -13.85 -8.34
C SER B 156 3.04 -14.46 -7.75
N ALA B 157 2.15 -14.88 -8.63
CA ALA B 157 0.87 -15.44 -8.21
C ALA B 157 1.03 -16.85 -7.66
N SER B 158 2.16 -17.47 -7.95
CA SER B 158 2.43 -18.84 -7.53
C SER B 158 2.75 -18.92 -6.04
N ASP B 159 2.74 -17.78 -5.36
CA ASP B 159 3.01 -17.73 -3.93
C ASP B 159 1.72 -17.88 -3.13
N TYR B 160 0.59 -17.71 -3.79
CA TYR B 160 -0.70 -17.83 -3.15
C TYR B 160 -1.00 -19.29 -2.80
N GLU B 161 -1.48 -19.52 -1.59
CA GLU B 161 -1.79 -20.88 -1.15
C GLU B 161 -3.28 -21.16 -1.33
N VAL B 162 -3.61 -22.35 -1.81
CA VAL B 162 -4.99 -22.76 -1.92
C VAL B 162 -5.59 -22.95 -0.53
N ALA B 163 -6.56 -22.13 -0.19
CA ALA B 163 -7.17 -22.18 1.14
C ALA B 163 -8.06 -23.41 1.28
N PRO B 164 -7.73 -24.28 2.24
CA PRO B 164 -8.48 -25.52 2.48
C PRO B 164 -9.89 -25.25 3.01
N PRO B 165 -10.80 -26.23 2.87
CA PRO B 165 -12.17 -26.13 3.41
C PRO B 165 -12.19 -25.82 4.90
N GLU B 166 -11.22 -26.37 5.63
CA GLU B 166 -11.07 -26.09 7.05
C GLU B 166 -10.88 -24.59 7.27
N TYR B 167 -10.05 -23.98 6.43
CA TYR B 167 -9.81 -22.54 6.50
C TYR B 167 -11.10 -21.78 6.16
N HIS B 168 -11.91 -22.37 5.28
CA HIS B 168 -13.19 -21.78 4.91
C HIS B 168 -14.15 -21.74 6.10
N ARG B 169 -14.06 -22.74 6.97
CA ARG B 169 -14.96 -22.86 8.11
C ARG B 169 -14.77 -21.68 9.06
N LYS B 170 -13.56 -21.16 9.14
CA LYS B 170 -13.25 -20.06 10.03
C LYS B 170 -13.14 -18.75 9.25
N ALA B 171 -13.58 -18.77 8.01
CA ALA B 171 -13.52 -17.60 7.15
C ALA B 171 -14.85 -16.85 7.16
N VAL B 172 -15.77 -17.30 8.00
CA VAL B 172 -17.06 -16.66 8.11
C VAL B 172 -17.15 -15.87 9.41
N SER A 1 9.09 7.26 29.89
CA SER A 1 9.23 5.93 29.27
C SER A 1 10.40 5.93 28.29
N ASN A 2 10.99 4.75 28.09
CA ASN A 2 12.11 4.62 27.16
C ASN A 2 11.65 4.88 25.73
N ALA A 3 10.40 4.50 25.45
CA ALA A 3 9.78 4.81 24.17
C ALA A 3 8.87 6.02 24.33
N GLY A 4 9.27 7.13 23.74
CA GLY A 4 8.53 8.35 23.90
C GLY A 4 8.64 9.25 22.69
N ARG A 5 7.66 9.14 21.79
CA ARG A 5 7.63 9.98 20.61
C ARG A 5 6.22 10.49 20.37
N GLN A 6 6.12 11.54 19.57
CA GLN A 6 4.83 12.11 19.22
C GLN A 6 4.18 11.30 18.10
N VAL A 7 3.03 11.75 17.63
CA VAL A 7 2.32 11.08 16.54
C VAL A 7 3.19 11.00 15.27
N PRO A 8 3.08 9.88 14.54
CA PRO A 8 3.94 9.60 13.38
C PRO A 8 3.75 10.57 12.21
N SER A 9 2.80 11.48 12.32
CA SER A 9 2.58 12.47 11.28
C SER A 9 3.73 13.48 11.23
N LYS A 10 4.37 13.70 12.37
CA LYS A 10 5.43 14.68 12.45
C LYS A 10 6.81 14.02 12.57
N VAL A 11 6.91 12.77 12.14
CA VAL A 11 8.20 12.10 12.04
C VAL A 11 8.63 12.01 10.58
N ILE A 12 7.66 12.13 9.69
CA ILE A 12 7.89 12.02 8.25
C ILE A 12 7.44 13.28 7.53
N TRP A 13 6.15 13.55 7.61
CA TRP A 13 5.55 14.66 6.89
C TRP A 13 5.94 15.97 7.54
N ASP A 14 6.65 15.87 8.66
CA ASP A 14 7.27 17.03 9.29
C ASP A 14 8.26 17.66 8.32
N HIS A 15 9.16 16.84 7.79
CA HIS A 15 10.14 17.30 6.84
C HIS A 15 9.48 17.56 5.50
N LEU A 16 8.63 16.62 5.08
CA LEU A 16 7.91 16.72 3.82
C LEU A 16 7.15 18.04 3.72
N SER A 17 6.69 18.54 4.86
CA SER A 17 5.91 19.77 4.86
C SER A 17 6.81 21.00 5.03
N THR A 18 7.83 20.90 5.88
CA THR A 18 8.66 22.04 6.19
C THR A 18 9.47 22.50 4.97
N MET A 19 9.77 21.56 4.07
CA MET A 19 10.53 21.88 2.87
C MET A 19 9.62 22.47 1.79
N TYR A 20 8.32 22.56 2.09
CA TYR A 20 7.35 23.01 1.10
C TYR A 20 6.38 24.01 1.70
N ASP A 21 6.60 24.37 2.97
CA ASP A 21 5.65 25.18 3.76
C ASP A 21 4.29 24.51 3.85
N MET A 22 4.26 23.23 3.51
CA MET A 22 3.05 22.43 3.53
C MET A 22 2.63 22.13 4.97
N GLN A 23 3.45 22.58 5.92
CA GLN A 23 3.16 22.47 7.34
C GLN A 23 1.74 22.96 7.61
N ALA A 24 1.44 24.15 7.10
CA ALA A 24 0.11 24.75 7.19
C ALA A 24 -0.98 23.75 6.80
N LEU A 25 -0.74 23.06 5.70
CA LEU A 25 -1.70 22.16 5.11
C LEU A 25 -1.85 20.90 5.94
N HIS A 26 -0.80 20.52 6.67
CA HIS A 26 -0.84 19.35 7.53
C HIS A 26 -1.37 19.69 8.91
N GLU A 27 -1.38 20.97 9.23
CA GLU A 27 -2.03 21.43 10.44
C GLU A 27 -3.53 21.44 10.20
N SER A 28 -3.91 21.74 8.97
CA SER A 28 -5.30 21.62 8.55
C SER A 28 -5.66 20.15 8.41
N GLU A 29 -4.79 19.40 7.76
CA GLU A 29 -5.01 17.98 7.52
C GLU A 29 -3.90 17.14 8.16
N ILE A 30 -4.18 16.70 9.37
CA ILE A 30 -3.25 15.86 10.12
C ILE A 30 -3.44 14.40 9.71
N LEU A 31 -2.60 13.50 10.21
CA LEU A 31 -2.76 12.07 9.94
C LEU A 31 -3.16 11.34 11.23
N PRO A 32 -4.44 11.44 11.62
CA PRO A 32 -4.99 10.73 12.77
C PRO A 32 -5.94 9.62 12.35
N PHE A 33 -5.82 9.20 11.09
CA PHE A 33 -6.83 8.38 10.41
C PHE A 33 -7.46 7.31 11.30
N PRO A 34 -8.71 7.55 11.73
CA PRO A 34 -9.52 6.57 12.44
C PRO A 34 -10.19 5.64 11.42
N ASN A 35 -9.36 4.98 10.64
CA ASN A 35 -9.80 4.14 9.54
C ASN A 35 -10.71 3.03 10.04
N PRO A 36 -11.96 2.98 9.54
CA PRO A 36 -12.92 1.96 9.92
C PRO A 36 -12.74 0.66 9.14
N GLU A 37 -13.54 -0.34 9.48
CA GLU A 37 -13.50 -1.61 8.79
C GLU A 37 -14.22 -1.51 7.46
N ARG A 38 -13.52 -1.80 6.39
CA ARG A 38 -14.11 -1.75 5.06
C ARG A 38 -13.55 -2.85 4.19
N ASN A 39 -14.37 -3.87 3.95
CA ASN A 39 -13.96 -5.00 3.10
C ASN A 39 -13.59 -4.50 1.72
N PHE A 40 -12.31 -4.62 1.39
CA PHE A 40 -11.81 -4.13 0.12
C PHE A 40 -12.47 -4.86 -1.05
N VAL A 41 -13.08 -4.09 -1.93
CA VAL A 41 -13.61 -4.64 -3.16
C VAL A 41 -12.97 -3.94 -4.35
N LEU A 42 -12.21 -4.71 -5.13
CA LEU A 42 -11.52 -4.18 -6.30
C LEU A 42 -12.53 -3.53 -7.25
N PRO A 43 -12.30 -2.23 -7.58
CA PRO A 43 -13.18 -1.47 -8.48
C PRO A 43 -13.48 -2.20 -9.78
N GLU A 44 -14.76 -2.35 -10.07
CA GLU A 44 -15.21 -3.16 -11.20
C GLU A 44 -14.85 -2.50 -12.53
N GLU A 45 -14.53 -1.22 -12.50
CA GLU A 45 -14.15 -0.49 -13.70
C GLU A 45 -12.80 -0.99 -14.19
N ILE A 46 -11.91 -1.30 -13.25
CA ILE A 46 -10.59 -1.81 -13.56
C ILE A 46 -10.71 -3.22 -14.12
N ILE A 47 -11.57 -4.01 -13.49
CA ILE A 47 -11.80 -5.39 -13.90
C ILE A 47 -12.20 -5.46 -15.37
N GLN A 48 -13.18 -4.64 -15.74
CA GLN A 48 -13.67 -4.61 -17.11
C GLN A 48 -12.64 -4.00 -18.06
N GLU A 49 -11.93 -2.97 -17.59
CA GLU A 49 -10.92 -2.30 -18.41
C GLU A 49 -9.78 -3.26 -18.76
N VAL A 50 -9.47 -4.17 -17.84
CA VAL A 50 -8.41 -5.15 -18.07
C VAL A 50 -8.92 -6.34 -18.89
N ARG A 51 -9.97 -6.97 -18.40
CA ARG A 51 -10.45 -8.22 -18.99
C ARG A 51 -11.12 -7.99 -20.35
N GLU A 52 -11.78 -6.86 -20.52
CA GLU A 52 -12.46 -6.57 -21.77
C GLU A 52 -12.31 -5.11 -22.17
N GLY A 53 -11.09 -4.60 -22.03
CA GLY A 53 -10.81 -3.22 -22.36
C GLY A 53 -10.63 -2.99 -23.85
N LYS A 54 -11.57 -3.49 -24.63
CA LYS A 54 -11.54 -3.32 -26.07
C LYS A 54 -12.68 -2.39 -26.51
N SER B 1 -15.98 21.41 -9.51
CA SER B 1 -15.89 20.01 -9.05
C SER B 1 -14.43 19.60 -8.91
N ASN B 2 -14.04 19.24 -7.69
CA ASN B 2 -12.69 18.73 -7.44
C ASN B 2 -12.58 17.31 -7.97
N ALA B 3 -13.71 16.61 -7.94
CA ALA B 3 -13.84 15.24 -8.43
C ALA B 3 -13.08 14.27 -7.56
N GLU B 4 -13.31 12.99 -7.80
CA GLU B 4 -12.54 11.94 -7.15
C GLU B 4 -11.24 11.75 -7.90
N VAL B 5 -10.12 11.99 -7.23
CA VAL B 5 -8.82 11.84 -7.85
C VAL B 5 -8.55 10.37 -8.14
N LYS B 6 -8.86 9.95 -9.35
CA LYS B 6 -8.64 8.57 -9.76
C LYS B 6 -7.15 8.36 -9.99
N VAL B 7 -6.50 7.69 -9.06
CA VAL B 7 -5.07 7.44 -9.16
C VAL B 7 -4.79 6.49 -10.31
N LYS B 8 -4.19 7.01 -11.37
CA LYS B 8 -3.84 6.21 -12.53
C LYS B 8 -2.81 5.15 -12.17
N ILE B 9 -3.29 3.94 -11.98
CA ILE B 9 -2.44 2.79 -11.77
C ILE B 9 -1.86 2.37 -13.12
N PRO B 10 -0.55 2.08 -13.19
CA PRO B 10 0.09 1.62 -14.43
C PRO B 10 -0.72 0.53 -15.11
N GLU B 11 -0.88 0.66 -16.43
CA GLU B 11 -1.74 -0.22 -17.21
C GLU B 11 -1.32 -1.68 -17.09
N GLU B 12 -0.03 -1.91 -16.83
CA GLU B 12 0.49 -3.27 -16.72
C GLU B 12 0.27 -3.82 -15.30
N LEU B 13 0.02 -2.94 -14.35
CA LEU B 13 -0.16 -3.33 -12.96
C LEU B 13 -1.63 -3.54 -12.65
N LYS B 14 -2.49 -2.99 -13.51
CA LYS B 14 -3.93 -3.17 -13.37
C LYS B 14 -4.35 -4.65 -13.45
N PRO B 15 -3.84 -5.44 -14.43
CA PRO B 15 -4.12 -6.88 -14.50
C PRO B 15 -3.81 -7.60 -13.19
N TRP B 16 -2.75 -7.15 -12.51
CA TRP B 16 -2.37 -7.76 -11.24
C TRP B 16 -3.41 -7.46 -10.16
N LEU B 17 -3.95 -6.26 -10.18
CA LEU B 17 -5.00 -5.87 -9.23
C LEU B 17 -6.26 -6.71 -9.46
N VAL B 18 -6.65 -6.83 -10.71
CA VAL B 18 -7.81 -7.63 -11.08
C VAL B 18 -7.57 -9.11 -10.79
N ASP B 19 -6.33 -9.54 -10.97
CA ASP B 19 -5.96 -10.92 -10.70
C ASP B 19 -5.99 -11.19 -9.19
N ASP B 20 -5.44 -10.28 -8.40
CA ASP B 20 -5.46 -10.39 -6.93
C ASP B 20 -6.91 -10.51 -6.44
N TRP B 21 -7.76 -9.64 -6.96
CA TRP B 21 -9.20 -9.71 -6.69
C TRP B 21 -9.76 -11.08 -7.08
N ASP B 22 -9.40 -11.51 -8.28
CA ASP B 22 -9.85 -12.79 -8.83
C ASP B 22 -9.39 -13.95 -7.96
N LEU B 23 -8.15 -13.88 -7.50
CA LEU B 23 -7.57 -14.92 -6.66
C LEU B 23 -8.36 -15.08 -5.37
N ILE B 24 -8.52 -13.99 -4.62
CA ILE B 24 -9.18 -14.03 -3.33
C ILE B 24 -10.65 -14.42 -3.45
N THR B 25 -11.40 -13.65 -4.23
CA THR B 25 -12.85 -13.79 -4.25
C THR B 25 -13.32 -14.90 -5.19
N ARG B 26 -12.85 -14.89 -6.43
CA ARG B 26 -13.34 -15.81 -7.44
C ARG B 26 -12.77 -17.21 -7.26
N GLN B 27 -11.44 -17.31 -7.22
CA GLN B 27 -10.78 -18.61 -7.10
C GLN B 27 -10.77 -19.11 -5.65
N LYS B 28 -11.10 -18.22 -4.72
CA LYS B 28 -11.16 -18.56 -3.29
C LYS B 28 -9.77 -18.94 -2.77
N GLN B 29 -8.77 -18.25 -3.27
CA GLN B 29 -7.39 -18.49 -2.85
C GLN B 29 -7.01 -17.52 -1.75
N LEU B 30 -6.17 -17.97 -0.84
CA LEU B 30 -5.68 -17.12 0.24
C LEU B 30 -4.18 -17.24 0.37
N PHE B 31 -3.53 -16.09 0.46
CA PHE B 31 -2.08 -16.03 0.58
C PHE B 31 -1.67 -16.26 2.04
N TYR B 32 -1.58 -17.52 2.44
CA TYR B 32 -1.18 -17.82 3.82
C TYR B 32 0.26 -18.32 3.89
N LEU B 33 1.18 -17.36 3.90
CA LEU B 33 2.59 -17.63 4.05
C LEU B 33 3.31 -16.31 4.35
N PRO B 34 4.49 -16.36 4.96
CA PRO B 34 5.29 -15.18 5.18
C PRO B 34 6.25 -14.91 4.03
N ALA B 35 5.98 -13.87 3.26
CA ALA B 35 6.83 -13.47 2.16
C ALA B 35 8.20 -13.04 2.68
N LYS B 36 9.25 -13.58 2.08
CA LYS B 36 10.61 -13.31 2.52
C LYS B 36 11.21 -12.11 1.79
N LYS B 37 10.45 -11.57 0.84
CA LYS B 37 10.78 -10.31 0.21
C LYS B 37 9.66 -9.32 0.56
N ASN B 38 9.86 -8.57 1.64
CA ASN B 38 8.79 -7.79 2.24
C ASN B 38 8.75 -6.35 1.71
N VAL B 39 7.76 -5.61 2.20
CA VAL B 39 7.55 -4.22 1.79
C VAL B 39 8.75 -3.34 2.13
N ASP B 40 9.30 -3.51 3.33
CA ASP B 40 10.39 -2.66 3.79
C ASP B 40 11.65 -2.91 2.96
N SER B 41 11.81 -4.16 2.54
CA SER B 41 12.91 -4.55 1.66
C SER B 41 12.74 -3.90 0.29
N ILE B 42 11.50 -3.87 -0.20
CA ILE B 42 11.20 -3.20 -1.47
C ILE B 42 11.50 -1.72 -1.36
N LEU B 43 11.13 -1.15 -0.22
CA LEU B 43 11.41 0.24 0.07
C LEU B 43 12.90 0.49 0.18
N GLU B 44 13.60 -0.42 0.84
CA GLU B 44 15.05 -0.36 1.00
C GLU B 44 15.73 -0.50 -0.36
N ASP B 45 15.21 -1.40 -1.19
CA ASP B 45 15.68 -1.54 -2.56
C ASP B 45 15.47 -0.26 -3.34
N TYR B 46 14.29 0.33 -3.19
CA TYR B 46 13.99 1.61 -3.81
C TYR B 46 14.95 2.69 -3.33
N ALA B 47 15.20 2.72 -2.03
CA ALA B 47 16.13 3.67 -1.45
C ALA B 47 17.51 3.50 -2.05
N ASN B 48 18.00 2.26 -2.05
CA ASN B 48 19.29 1.95 -2.65
C ASN B 48 19.34 2.37 -4.10
N TYR B 49 18.25 2.11 -4.82
CA TYR B 49 18.15 2.45 -6.23
C TYR B 49 18.36 3.95 -6.45
N LYS B 50 17.72 4.77 -5.62
CA LYS B 50 17.83 6.22 -5.77
C LYS B 50 19.18 6.72 -5.27
N LYS B 51 19.65 6.17 -4.17
CA LYS B 51 20.88 6.64 -3.54
C LYS B 51 22.12 6.23 -4.33
N SER B 52 22.15 4.99 -4.81
CA SER B 52 23.33 4.45 -5.49
C SER B 52 23.60 5.17 -6.82
N ARG B 53 22.59 5.91 -7.29
CA ARG B 53 22.74 6.70 -8.51
C ARG B 53 23.72 7.85 -8.31
N GLY B 54 23.87 8.29 -7.06
CA GLY B 54 24.75 9.38 -6.77
C GLY B 54 25.35 9.28 -5.37
N ASN B 55 25.63 10.41 -4.77
CA ASN B 55 26.17 10.45 -3.42
C ASN B 55 25.41 11.47 -2.58
N THR B 56 24.20 11.79 -3.02
CA THR B 56 23.39 12.80 -2.35
C THR B 56 22.86 12.31 -1.02
N ASP B 57 23.49 12.75 0.05
CA ASP B 57 23.10 12.37 1.40
C ASP B 57 22.18 13.43 2.01
N ASN B 58 22.32 14.66 1.52
CA ASN B 58 21.59 15.78 2.07
C ASN B 58 20.11 15.69 1.70
N LYS B 59 19.81 14.89 0.68
CA LYS B 59 18.43 14.71 0.25
C LYS B 59 17.94 13.31 0.60
N GLU B 60 18.69 12.60 1.45
CA GLU B 60 18.29 11.26 1.88
C GLU B 60 16.95 11.29 2.60
N TYR B 61 16.68 12.40 3.29
CA TYR B 61 15.46 12.53 4.08
C TYR B 61 14.23 12.26 3.22
N ALA B 62 14.24 12.79 2.00
CA ALA B 62 13.11 12.64 1.09
C ALA B 62 12.79 11.17 0.87
N VAL B 63 13.79 10.41 0.45
CA VAL B 63 13.62 8.98 0.26
C VAL B 63 13.25 8.30 1.58
N ASN B 64 13.96 8.69 2.64
CA ASN B 64 13.79 8.10 3.96
C ASN B 64 12.35 8.21 4.46
N GLU B 65 11.79 9.41 4.42
CA GLU B 65 10.46 9.65 4.98
C GLU B 65 9.36 9.20 4.02
N VAL B 66 9.64 9.18 2.72
CA VAL B 66 8.69 8.63 1.77
C VAL B 66 8.63 7.11 1.93
N VAL B 67 9.80 6.49 2.01
CA VAL B 67 9.90 5.06 2.28
C VAL B 67 9.19 4.70 3.59
N ALA B 68 9.54 5.40 4.66
CA ALA B 68 8.90 5.18 5.95
C ALA B 68 7.42 5.49 5.87
N GLY B 69 7.09 6.60 5.21
CA GLY B 69 5.71 7.03 5.09
C GLY B 69 4.85 6.03 4.36
N ILE B 70 5.36 5.43 3.30
CA ILE B 70 4.65 4.38 2.59
C ILE B 70 4.37 3.21 3.53
N LYS B 71 5.38 2.84 4.31
CA LYS B 71 5.22 1.77 5.28
C LYS B 71 4.20 2.15 6.36
N GLU B 72 4.26 3.38 6.84
CA GLU B 72 3.30 3.87 7.83
C GLU B 72 1.89 3.85 7.25
N TYR B 73 1.73 4.42 6.05
CA TYR B 73 0.44 4.47 5.37
C TYR B 73 -0.11 3.08 5.15
N PHE B 74 0.77 2.15 4.83
CA PHE B 74 0.39 0.75 4.61
C PHE B 74 -0.16 0.14 5.89
N ASN B 75 0.53 0.39 7.01
CA ASN B 75 0.16 -0.20 8.30
C ASN B 75 -1.16 0.38 8.82
N VAL B 76 -1.36 1.68 8.62
CA VAL B 76 -2.60 2.34 9.07
C VAL B 76 -3.81 1.79 8.30
N MET B 77 -3.56 1.39 7.05
CA MET B 77 -4.63 0.92 6.18
C MET B 77 -4.80 -0.59 6.28
N LEU B 78 -3.74 -1.28 6.69
CA LEU B 78 -3.65 -2.74 6.61
C LEU B 78 -4.82 -3.45 7.27
N GLY B 79 -4.99 -3.26 8.57
CA GLY B 79 -5.94 -4.05 9.32
C GLY B 79 -7.37 -3.57 9.20
N THR B 80 -7.58 -2.45 8.53
CA THR B 80 -8.90 -1.85 8.48
C THR B 80 -9.63 -2.07 7.15
N GLN B 81 -9.04 -1.61 6.06
CA GLN B 81 -9.70 -1.73 4.75
C GLN B 81 -8.75 -2.21 3.66
N LEU B 82 -7.51 -2.54 4.01
CA LEU B 82 -6.54 -3.00 3.03
C LEU B 82 -6.78 -4.47 2.72
N LEU B 83 -7.10 -5.25 3.75
CA LEU B 83 -7.31 -6.67 3.59
C LEU B 83 -8.78 -6.98 3.33
N TYR B 84 -9.04 -8.07 2.63
CA TYR B 84 -10.38 -8.58 2.47
C TYR B 84 -10.86 -9.16 3.79
N LYS B 85 -12.17 -9.10 4.02
CA LYS B 85 -12.75 -9.71 5.23
C LYS B 85 -12.53 -11.22 5.19
N PHE B 86 -12.30 -11.74 3.99
CA PHE B 86 -12.07 -13.15 3.78
C PHE B 86 -10.63 -13.55 4.13
N GLU B 87 -9.72 -12.57 4.17
CA GLU B 87 -8.33 -12.89 4.46
C GLU B 87 -7.92 -12.40 5.85
N ARG B 88 -8.88 -11.94 6.64
CA ARG B 88 -8.61 -11.57 8.02
C ARG B 88 -8.33 -12.80 8.90
N PRO B 89 -8.98 -13.96 8.66
CA PRO B 89 -8.59 -15.22 9.29
C PRO B 89 -7.14 -15.56 9.00
N GLN B 90 -6.69 -15.17 7.80
CA GLN B 90 -5.32 -15.37 7.37
C GLN B 90 -4.40 -14.48 8.22
N TYR B 91 -4.82 -13.24 8.41
CA TYR B 91 -4.13 -12.30 9.28
C TYR B 91 -3.88 -12.92 10.66
N ALA B 92 -4.92 -13.51 11.24
CA ALA B 92 -4.82 -14.15 12.53
C ALA B 92 -3.95 -15.41 12.45
N GLU B 93 -4.01 -16.09 11.31
CA GLU B 93 -3.25 -17.32 11.09
C GLU B 93 -1.76 -17.04 11.17
N ILE B 94 -1.27 -16.17 10.30
CA ILE B 94 0.15 -15.88 10.25
C ILE B 94 0.61 -15.20 11.53
N LEU B 95 -0.19 -14.27 12.04
CA LEU B 95 0.18 -13.51 13.22
C LEU B 95 0.39 -14.42 14.43
N ALA B 96 -0.49 -15.39 14.61
CA ALA B 96 -0.41 -16.29 15.75
C ALA B 96 0.65 -17.37 15.54
N ASP B 97 0.72 -17.90 14.32
CA ASP B 97 1.63 -19.00 14.02
C ASP B 97 3.08 -18.50 13.89
N HIS B 98 3.24 -17.32 13.31
CA HIS B 98 4.57 -16.72 13.13
C HIS B 98 4.62 -15.38 13.86
N PRO B 99 4.79 -15.40 15.20
CA PRO B 99 4.69 -14.19 16.02
C PRO B 99 5.88 -13.24 15.90
N ASP B 100 6.86 -13.61 15.10
CA ASP B 100 8.04 -12.77 14.90
C ASP B 100 7.95 -12.02 13.58
N ALA B 101 6.96 -12.38 12.78
CA ALA B 101 6.84 -11.83 11.44
C ALA B 101 5.81 -10.69 11.39
N PRO B 102 6.23 -9.53 10.87
CA PRO B 102 5.35 -8.39 10.68
C PRO B 102 4.44 -8.55 9.46
N MET B 103 3.28 -7.90 9.49
CA MET B 103 2.33 -7.97 8.39
C MET B 103 2.89 -7.33 7.13
N SER B 104 3.72 -6.30 7.34
CA SER B 104 4.37 -5.60 6.23
C SER B 104 5.40 -6.51 5.57
N GLN B 105 5.61 -7.68 6.15
CA GLN B 105 6.53 -8.65 5.59
C GLN B 105 5.75 -9.76 4.86
N VAL B 106 4.89 -10.42 5.61
CA VAL B 106 4.24 -11.64 5.14
C VAL B 106 3.35 -11.40 3.92
N TYR B 107 2.81 -10.20 3.78
CA TYR B 107 1.90 -9.89 2.68
C TYR B 107 2.66 -9.48 1.42
N GLY B 108 3.91 -9.09 1.60
CA GLY B 108 4.80 -8.81 0.48
C GLY B 108 4.29 -7.79 -0.53
N ALA B 109 4.81 -7.90 -1.74
CA ALA B 109 4.51 -6.95 -2.82
C ALA B 109 3.06 -7.00 -3.32
N PRO B 110 2.45 -8.21 -3.52
CA PRO B 110 1.06 -8.32 -3.99
C PRO B 110 0.09 -7.43 -3.21
N HIS B 111 0.25 -7.41 -1.89
CA HIS B 111 -0.62 -6.61 -1.04
C HIS B 111 -0.16 -5.14 -1.00
N LEU B 112 1.10 -4.91 -1.29
CA LEU B 112 1.65 -3.55 -1.36
C LEU B 112 0.98 -2.81 -2.53
N LEU B 113 0.85 -3.50 -3.66
CA LEU B 113 0.24 -2.92 -4.85
C LEU B 113 -1.20 -2.51 -4.59
N ARG B 114 -1.87 -3.24 -3.70
CA ARG B 114 -3.26 -2.97 -3.37
C ARG B 114 -3.37 -1.69 -2.53
N LEU B 115 -2.29 -1.32 -1.85
CA LEU B 115 -2.27 -0.13 -1.01
C LEU B 115 -2.53 1.11 -1.84
N PHE B 116 -2.04 1.09 -3.08
CA PHE B 116 -2.17 2.25 -3.97
C PHE B 116 -3.64 2.53 -4.30
N VAL B 117 -4.45 1.48 -4.35
CA VAL B 117 -5.88 1.64 -4.62
C VAL B 117 -6.59 2.18 -3.37
N ARG B 118 -6.02 1.88 -2.22
CA ARG B 118 -6.59 2.32 -0.95
C ARG B 118 -6.17 3.75 -0.62
N ILE B 119 -4.90 4.05 -0.85
CA ILE B 119 -4.37 5.37 -0.52
C ILE B 119 -5.06 6.45 -1.35
N GLY B 120 -5.45 6.11 -2.58
CA GLY B 120 -6.14 7.06 -3.42
C GLY B 120 -7.46 7.50 -2.83
N ALA B 121 -8.18 6.55 -2.24
CA ALA B 121 -9.45 6.83 -1.60
C ALA B 121 -9.27 7.74 -0.40
N MET B 122 -8.23 7.43 0.39
CA MET B 122 -7.94 8.19 1.60
C MET B 122 -7.51 9.62 1.24
N LEU B 123 -6.71 9.74 0.20
CA LEU B 123 -6.24 11.04 -0.28
C LEU B 123 -7.39 11.86 -0.84
N ALA B 124 -8.37 11.19 -1.44
CA ALA B 124 -9.55 11.86 -1.96
C ALA B 124 -10.34 12.53 -0.84
N TYR B 125 -10.26 11.94 0.35
CA TYR B 125 -10.95 12.48 1.51
C TYR B 125 -10.05 13.45 2.28
N THR B 126 -8.86 13.69 1.75
CA THR B 126 -7.91 14.60 2.39
C THR B 126 -7.63 15.80 1.48
N PRO B 127 -8.30 16.94 1.75
CA PRO B 127 -8.15 18.14 0.92
C PRO B 127 -6.79 18.82 1.08
N LEU B 128 -5.85 18.45 0.21
CA LEU B 128 -4.57 19.13 0.16
C LEU B 128 -4.53 20.10 -1.01
N ASP B 129 -3.44 20.84 -1.13
CA ASP B 129 -3.30 21.82 -2.21
C ASP B 129 -3.01 21.09 -3.53
N GLU B 130 -3.18 21.81 -4.63
CA GLU B 130 -3.00 21.24 -5.97
C GLU B 130 -1.60 20.67 -6.13
N LYS B 131 -0.60 21.49 -5.85
CA LYS B 131 0.79 21.10 -5.99
C LYS B 131 1.19 20.04 -4.96
N SER B 132 0.61 20.14 -3.78
CA SER B 132 0.87 19.17 -2.72
C SER B 132 0.38 17.79 -3.11
N LEU B 133 -0.84 17.73 -3.64
CA LEU B 133 -1.41 16.48 -4.11
C LEU B 133 -0.58 15.95 -5.29
N ALA B 134 -0.20 16.86 -6.17
CA ALA B 134 0.59 16.52 -7.35
C ALA B 134 1.93 15.89 -6.95
N LEU B 135 2.63 16.51 -6.00
CA LEU B 135 3.94 16.02 -5.59
C LEU B 135 3.80 14.67 -4.89
N LEU B 136 2.72 14.51 -4.13
CA LEU B 136 2.47 13.26 -3.41
C LEU B 136 2.24 12.13 -4.41
N LEU B 137 1.44 12.41 -5.43
CA LEU B 137 1.20 11.44 -6.49
C LEU B 137 2.44 11.25 -7.37
N ASN B 138 3.33 12.23 -7.33
CA ASN B 138 4.60 12.14 -8.05
C ASN B 138 5.48 11.08 -7.40
N TYR B 139 5.65 11.17 -6.08
CA TYR B 139 6.40 10.15 -5.35
C TYR B 139 5.76 8.79 -5.52
N LEU B 140 4.42 8.79 -5.46
CA LEU B 140 3.64 7.57 -5.62
C LEU B 140 3.94 6.90 -6.95
N HIS B 141 3.99 7.70 -8.02
CA HIS B 141 4.22 7.17 -9.36
C HIS B 141 5.69 6.83 -9.58
N ASP B 142 6.59 7.56 -8.94
CA ASP B 142 8.01 7.27 -9.03
C ASP B 142 8.30 5.90 -8.43
N PHE B 143 7.65 5.62 -7.31
CA PHE B 143 7.79 4.32 -6.66
C PHE B 143 7.09 3.24 -7.48
N LEU B 144 5.90 3.56 -7.99
CA LEU B 144 5.18 2.66 -8.89
C LEU B 144 6.03 2.34 -10.12
N LYS B 145 6.78 3.33 -10.56
CA LYS B 145 7.72 3.19 -11.66
C LYS B 145 8.78 2.14 -11.33
N TYR B 146 9.34 2.23 -10.13
CA TYR B 146 10.30 1.23 -9.67
C TYR B 146 9.65 -0.14 -9.58
N LEU B 147 8.42 -0.18 -9.06
CA LEU B 147 7.69 -1.42 -8.93
C LEU B 147 7.43 -2.06 -10.28
N ALA B 148 7.06 -1.23 -11.25
CA ALA B 148 6.77 -1.70 -12.59
C ALA B 148 8.04 -2.22 -13.28
N LYS B 149 9.17 -1.60 -12.97
CA LYS B 149 10.44 -1.98 -13.57
C LYS B 149 10.80 -3.43 -13.21
N ASN B 150 10.75 -3.74 -11.91
CA ASN B 150 11.12 -5.06 -11.42
C ASN B 150 9.86 -5.88 -11.09
N SER B 151 8.76 -5.53 -11.73
CA SER B 151 7.44 -6.11 -11.43
C SER B 151 7.46 -7.64 -11.39
N ALA B 152 8.18 -8.26 -12.32
CA ALA B 152 8.18 -9.72 -12.42
C ALA B 152 8.79 -10.36 -11.18
N THR B 153 9.79 -9.72 -10.61
CA THR B 153 10.45 -10.24 -9.41
C THR B 153 9.79 -9.71 -8.14
N LEU B 154 8.66 -9.03 -8.29
CA LEU B 154 7.95 -8.46 -7.14
C LEU B 154 6.66 -9.20 -6.86
N PHE B 155 5.74 -9.19 -7.81
CA PHE B 155 4.42 -9.73 -7.59
C PHE B 155 4.38 -11.22 -7.92
N SER B 156 4.37 -12.04 -6.88
CA SER B 156 4.24 -13.48 -7.05
C SER B 156 2.83 -13.93 -6.69
N ALA B 157 1.94 -13.87 -7.67
CA ALA B 157 0.55 -14.30 -7.47
C ALA B 157 0.47 -15.82 -7.45
N SER B 158 1.52 -16.46 -7.92
CA SER B 158 1.59 -17.92 -7.99
C SER B 158 1.56 -18.56 -6.59
N ASP B 159 1.79 -17.76 -5.55
CA ASP B 159 1.81 -18.28 -4.19
C ASP B 159 0.45 -18.16 -3.50
N TYR B 160 -0.54 -17.72 -4.25
CA TYR B 160 -1.91 -17.71 -3.76
C TYR B 160 -2.50 -19.11 -3.88
N GLU B 161 -2.67 -19.76 -2.74
CA GLU B 161 -3.16 -21.12 -2.71
C GLU B 161 -4.65 -21.15 -2.38
N VAL B 162 -5.39 -22.01 -3.06
CA VAL B 162 -6.83 -22.13 -2.86
C VAL B 162 -7.13 -22.50 -1.40
N ALA B 163 -8.09 -21.81 -0.81
CA ALA B 163 -8.51 -22.10 0.55
C ALA B 163 -9.71 -23.03 0.55
N PRO B 164 -9.53 -24.24 1.11
CA PRO B 164 -10.60 -25.25 1.15
C PRO B 164 -11.79 -24.80 1.98
N PRO B 165 -12.97 -25.41 1.75
CA PRO B 165 -14.20 -25.06 2.49
C PRO B 165 -14.02 -25.11 4.01
N GLU B 166 -13.14 -26.00 4.46
CA GLU B 166 -12.86 -26.14 5.89
C GLU B 166 -12.21 -24.87 6.43
N TYR B 167 -11.39 -24.22 5.61
CA TYR B 167 -10.75 -22.98 5.98
C TYR B 167 -11.79 -21.86 6.00
N HIS B 168 -12.77 -21.98 5.10
CA HIS B 168 -13.85 -20.99 4.99
C HIS B 168 -14.70 -20.97 6.25
N ARG B 169 -14.77 -22.10 6.95
CA ARG B 169 -15.56 -22.20 8.18
C ARG B 169 -15.06 -21.21 9.23
N LYS B 170 -13.76 -20.93 9.22
CA LYS B 170 -13.18 -19.98 10.15
C LYS B 170 -12.87 -18.67 9.44
N ALA B 171 -13.34 -18.53 8.21
CA ALA B 171 -13.00 -17.38 7.39
C ALA B 171 -14.21 -16.53 7.02
N VAL B 172 -15.38 -16.94 7.49
CA VAL B 172 -16.59 -16.18 7.20
C VAL B 172 -17.14 -15.55 8.48
N SER A 1 10.02 11.91 23.49
CA SER A 1 9.62 13.01 22.60
C SER A 1 9.89 12.66 21.15
N ASN A 2 8.87 12.19 20.45
CA ASN A 2 8.95 11.94 19.02
C ASN A 2 8.36 13.12 18.28
N ALA A 3 8.72 13.29 17.02
CA ALA A 3 8.32 14.47 16.27
C ALA A 3 6.87 14.41 15.82
N GLY A 4 5.95 14.68 16.74
CA GLY A 4 4.55 14.80 16.38
C GLY A 4 3.60 14.11 17.33
N ARG A 5 2.60 13.45 16.75
CA ARG A 5 1.49 12.88 17.49
C ARG A 5 1.45 11.36 17.28
N GLN A 6 2.48 10.85 16.60
CA GLN A 6 2.61 9.43 16.25
C GLN A 6 1.78 9.09 15.01
N VAL A 7 0.66 9.78 14.84
CA VAL A 7 -0.13 9.66 13.63
C VAL A 7 0.69 10.11 12.42
N PRO A 8 0.59 9.38 11.29
CA PRO A 8 1.42 9.59 10.10
C PRO A 8 1.61 11.06 9.71
N SER A 9 0.55 11.86 9.85
CA SER A 9 0.60 13.26 9.50
C SER A 9 1.63 14.02 10.34
N LYS A 10 1.74 13.65 11.61
CA LYS A 10 2.69 14.29 12.50
C LYS A 10 3.71 13.27 13.02
N VAL A 11 4.60 12.87 12.13
CA VAL A 11 5.72 11.99 12.45
C VAL A 11 6.54 11.77 11.18
N ILE A 12 5.84 11.45 10.10
CA ILE A 12 6.45 11.28 8.80
C ILE A 12 6.25 12.56 8.01
N TRP A 13 4.98 12.89 7.83
CA TRP A 13 4.59 14.04 7.05
C TRP A 13 4.93 15.32 7.79
N ASP A 14 5.35 15.19 9.04
CA ASP A 14 5.79 16.33 9.82
C ASP A 14 7.08 16.88 9.25
N HIS A 15 8.01 15.98 8.96
CA HIS A 15 9.27 16.35 8.33
C HIS A 15 9.04 16.69 6.87
N LEU A 16 8.30 15.82 6.19
CA LEU A 16 7.98 15.99 4.78
C LEU A 16 7.33 17.35 4.53
N SER A 17 6.57 17.83 5.51
CA SER A 17 5.86 19.08 5.35
C SER A 17 6.69 20.28 5.80
N THR A 18 7.43 20.14 6.89
CA THR A 18 8.18 21.26 7.44
C THR A 18 9.26 21.73 6.47
N MET A 19 9.77 20.80 5.64
CA MET A 19 10.77 21.16 4.63
C MET A 19 10.11 21.84 3.43
N TYR A 20 8.79 21.93 3.45
CA TYR A 20 8.03 22.44 2.32
C TYR A 20 7.06 23.53 2.75
N ASP A 21 7.06 23.84 4.06
CA ASP A 21 6.07 24.72 4.67
C ASP A 21 4.66 24.12 4.56
N MET A 22 4.64 22.83 4.25
CA MET A 22 3.40 22.07 4.12
C MET A 22 2.77 21.83 5.50
N GLN A 23 3.53 22.20 6.54
CA GLN A 23 3.06 22.10 7.92
C GLN A 23 1.74 22.82 8.08
N ALA A 24 1.66 24.02 7.50
CA ALA A 24 0.45 24.82 7.54
C ALA A 24 -0.76 24.01 7.08
N LEU A 25 -0.57 23.29 5.99
CA LEU A 25 -1.65 22.56 5.37
C LEU A 25 -1.95 21.29 6.17
N HIS A 26 -0.99 20.85 6.98
CA HIS A 26 -1.20 19.72 7.88
C HIS A 26 -1.73 20.19 9.22
N GLU A 27 -1.72 21.50 9.45
CA GLU A 27 -2.32 22.08 10.63
C GLU A 27 -3.82 22.23 10.40
N SER A 28 -4.17 22.58 9.17
CA SER A 28 -5.57 22.67 8.78
C SER A 28 -6.13 21.30 8.44
N GLU A 29 -5.44 20.58 7.57
CA GLU A 29 -5.85 19.26 7.13
C GLU A 29 -4.94 18.21 7.74
N ILE A 30 -5.33 17.72 8.89
CA ILE A 30 -4.57 16.70 9.61
C ILE A 30 -4.95 15.31 9.13
N LEU A 31 -3.96 14.42 9.02
CA LEU A 31 -4.20 13.04 8.64
C LEU A 31 -4.05 12.13 9.86
N PRO A 32 -5.16 11.84 10.55
CA PRO A 32 -5.17 10.93 11.69
C PRO A 32 -5.47 9.49 11.29
N PHE A 33 -6.32 9.34 10.29
CA PHE A 33 -6.83 8.04 9.85
C PHE A 33 -7.71 7.39 10.92
N PRO A 34 -9.03 7.49 10.75
CA PRO A 34 -9.98 6.71 11.53
C PRO A 34 -10.00 5.26 11.05
N ASN A 35 -9.64 5.11 9.77
CA ASN A 35 -9.52 3.82 9.08
C ASN A 35 -10.56 2.78 9.54
N PRO A 36 -11.83 2.96 9.15
CA PRO A 36 -12.90 2.03 9.49
C PRO A 36 -12.69 0.67 8.83
N GLU A 37 -12.98 -0.40 9.57
CA GLU A 37 -12.76 -1.75 9.06
C GLU A 37 -13.78 -2.10 7.98
N ARG A 38 -13.28 -2.26 6.77
CA ARG A 38 -14.10 -2.59 5.62
C ARG A 38 -13.28 -3.41 4.62
N ASN A 39 -13.71 -3.46 3.37
CA ASN A 39 -12.99 -4.23 2.36
C ASN A 39 -12.45 -3.36 1.25
N PHE A 40 -11.25 -3.70 0.80
CA PHE A 40 -10.59 -2.98 -0.28
C PHE A 40 -11.24 -3.30 -1.62
N VAL A 41 -11.75 -4.53 -1.74
CA VAL A 41 -12.32 -5.06 -2.99
C VAL A 41 -11.52 -4.64 -4.22
N LEU A 42 -12.17 -4.48 -5.35
CA LEU A 42 -11.50 -3.99 -6.55
C LEU A 42 -12.49 -3.23 -7.42
N PRO A 43 -12.14 -1.99 -7.82
CA PRO A 43 -12.96 -1.18 -8.72
C PRO A 43 -13.25 -1.90 -10.04
N GLU A 44 -14.53 -2.09 -10.32
CA GLU A 44 -14.95 -2.89 -11.47
C GLU A 44 -14.63 -2.22 -12.79
N GLU A 45 -14.39 -0.92 -12.78
CA GLU A 45 -14.01 -0.21 -14.01
C GLU A 45 -12.66 -0.71 -14.49
N ILE A 46 -11.76 -0.92 -13.54
CA ILE A 46 -10.44 -1.48 -13.83
C ILE A 46 -10.58 -2.92 -14.27
N ILE A 47 -11.43 -3.66 -13.56
CA ILE A 47 -11.69 -5.05 -13.89
C ILE A 47 -12.18 -5.20 -15.32
N GLN A 48 -13.23 -4.48 -15.66
CA GLN A 48 -13.83 -4.56 -16.99
C GLN A 48 -12.86 -4.12 -18.07
N GLU A 49 -12.03 -3.12 -17.78
CA GLU A 49 -11.04 -2.68 -18.74
C GLU A 49 -10.08 -3.82 -19.09
N VAL A 50 -9.60 -4.51 -18.06
CA VAL A 50 -8.67 -5.63 -18.26
C VAL A 50 -9.38 -6.82 -18.87
N ARG A 51 -10.59 -7.10 -18.41
CA ARG A 51 -11.35 -8.23 -18.91
C ARG A 51 -11.84 -7.98 -20.34
N GLU A 52 -11.73 -6.74 -20.79
CA GLU A 52 -12.03 -6.40 -22.17
C GLU A 52 -10.76 -6.44 -23.00
N GLY A 53 -9.64 -6.50 -22.32
CA GLY A 53 -8.36 -6.57 -22.99
C GLY A 53 -7.35 -5.63 -22.38
N LYS A 54 -7.06 -4.55 -23.10
CA LYS A 54 -6.06 -3.58 -22.70
C LYS A 54 -6.39 -2.21 -23.29
N SER B 1 -19.82 17.83 -2.30
CA SER B 1 -18.47 18.30 -2.68
C SER B 1 -17.50 17.12 -2.72
N ASN B 2 -17.06 16.76 -3.92
CA ASN B 2 -16.16 15.64 -4.07
C ASN B 2 -14.82 16.08 -4.67
N ALA B 3 -13.84 16.25 -3.81
CA ALA B 3 -12.49 16.59 -4.26
C ALA B 3 -11.72 15.31 -4.57
N GLU B 4 -12.17 14.59 -5.57
CA GLU B 4 -11.60 13.30 -5.92
C GLU B 4 -10.32 13.49 -6.74
N VAL B 5 -9.26 12.83 -6.31
CA VAL B 5 -8.01 12.87 -7.03
C VAL B 5 -7.86 11.60 -7.88
N LYS B 6 -7.76 11.79 -9.18
CA LYS B 6 -7.63 10.67 -10.10
C LYS B 6 -6.18 10.21 -10.16
N VAL B 7 -5.90 9.11 -9.48
CA VAL B 7 -4.57 8.54 -9.46
C VAL B 7 -4.35 7.71 -10.71
N LYS B 8 -3.40 8.14 -11.53
CA LYS B 8 -3.07 7.45 -12.76
C LYS B 8 -2.52 6.06 -12.44
N ILE B 9 -3.25 5.03 -12.87
CA ILE B 9 -2.86 3.66 -12.63
C ILE B 9 -2.22 3.06 -13.88
N PRO B 10 -1.02 2.49 -13.74
CA PRO B 10 -0.32 1.83 -14.84
C PRO B 10 -1.11 0.68 -15.42
N GLU B 11 -1.25 0.67 -16.73
CA GLU B 11 -2.07 -0.32 -17.44
C GLU B 11 -1.49 -1.71 -17.31
N GLU B 12 -0.17 -1.80 -17.10
CA GLU B 12 0.48 -3.10 -17.03
C GLU B 12 0.31 -3.75 -15.65
N LEU B 13 -0.08 -2.96 -14.66
CA LEU B 13 -0.30 -3.48 -13.31
C LEU B 13 -1.76 -3.84 -13.09
N LYS B 14 -2.61 -3.40 -14.00
CA LYS B 14 -4.04 -3.67 -13.91
C LYS B 14 -4.34 -5.17 -14.03
N PRO B 15 -3.74 -5.89 -15.00
CA PRO B 15 -3.90 -7.35 -15.11
C PRO B 15 -3.56 -8.06 -13.81
N TRP B 16 -2.52 -7.60 -13.13
CA TRP B 16 -2.12 -8.18 -11.85
C TRP B 16 -3.20 -8.00 -10.80
N LEU B 17 -3.81 -6.82 -10.78
CA LEU B 17 -4.89 -6.53 -9.85
C LEU B 17 -6.08 -7.45 -10.07
N VAL B 18 -6.47 -7.59 -11.33
CA VAL B 18 -7.59 -8.45 -11.68
C VAL B 18 -7.25 -9.92 -11.45
N ASP B 19 -5.98 -10.26 -11.66
CA ASP B 19 -5.52 -11.65 -11.48
C ASP B 19 -5.52 -12.01 -9.99
N ASP B 20 -5.02 -11.09 -9.17
CA ASP B 20 -5.03 -11.26 -7.72
C ASP B 20 -6.46 -11.43 -7.22
N TRP B 21 -7.30 -10.46 -7.56
CA TRP B 21 -8.72 -10.48 -7.17
C TRP B 21 -9.40 -11.75 -7.70
N ASP B 22 -9.02 -12.16 -8.90
CA ASP B 22 -9.53 -13.39 -9.51
C ASP B 22 -9.27 -14.58 -8.59
N LEU B 23 -8.01 -14.73 -8.20
CA LEU B 23 -7.59 -15.84 -7.34
C LEU B 23 -8.36 -15.83 -6.02
N ILE B 24 -8.57 -14.64 -5.47
CA ILE B 24 -9.22 -14.50 -4.17
C ILE B 24 -10.71 -14.83 -4.25
N THR B 25 -11.37 -14.40 -5.31
CA THR B 25 -12.83 -14.50 -5.39
C THR B 25 -13.31 -15.80 -6.04
N ARG B 26 -12.65 -16.23 -7.11
CA ARG B 26 -13.12 -17.37 -7.87
C ARG B 26 -12.72 -18.69 -7.22
N GLN B 27 -11.42 -18.93 -7.10
CA GLN B 27 -10.93 -20.13 -6.44
C GLN B 27 -10.95 -19.97 -4.92
N LYS B 28 -11.22 -18.74 -4.47
CA LYS B 28 -11.25 -18.40 -3.07
C LYS B 28 -9.97 -18.86 -2.38
N GLN B 29 -8.89 -18.17 -2.70
CA GLN B 29 -7.57 -18.51 -2.19
C GLN B 29 -7.06 -17.41 -1.27
N LEU B 30 -5.95 -17.68 -0.58
CA LEU B 30 -5.37 -16.70 0.33
C LEU B 30 -3.85 -16.74 0.30
N PHE B 31 -3.25 -15.76 0.94
CA PHE B 31 -1.80 -15.65 1.02
C PHE B 31 -1.36 -15.87 2.46
N TYR B 32 -1.24 -17.12 2.86
CA TYR B 32 -0.86 -17.46 4.22
C TYR B 32 0.54 -18.06 4.25
N LEU B 33 1.53 -17.19 4.26
CA LEU B 33 2.92 -17.61 4.26
C LEU B 33 3.81 -16.40 4.53
N PRO B 34 5.02 -16.61 5.04
CA PRO B 34 5.99 -15.53 5.20
C PRO B 34 6.57 -15.12 3.84
N ALA B 35 6.18 -13.94 3.37
CA ALA B 35 6.68 -13.44 2.10
C ALA B 35 8.16 -13.11 2.20
N LYS B 36 8.94 -13.66 1.29
CA LYS B 36 10.36 -13.37 1.24
C LYS B 36 10.58 -12.03 0.56
N LYS B 37 9.67 -11.66 -0.32
CA LYS B 37 9.65 -10.32 -0.87
C LYS B 37 8.72 -9.44 -0.05
N ASN B 38 9.25 -8.93 1.04
CA ASN B 38 8.51 -8.06 1.92
C ASN B 38 8.42 -6.66 1.31
N VAL B 39 7.62 -5.80 1.91
CA VAL B 39 7.50 -4.43 1.46
C VAL B 39 8.79 -3.67 1.78
N ASP B 40 9.45 -4.09 2.85
CA ASP B 40 10.63 -3.41 3.38
C ASP B 40 11.77 -3.36 2.35
N SER B 41 12.19 -4.53 1.89
CA SER B 41 13.32 -4.64 0.96
C SER B 41 13.02 -3.91 -0.35
N ILE B 42 11.76 -3.90 -0.74
CA ILE B 42 11.35 -3.23 -1.97
C ILE B 42 11.45 -1.71 -1.80
N LEU B 43 11.00 -1.24 -0.63
CA LEU B 43 11.11 0.18 -0.30
C LEU B 43 12.57 0.60 -0.15
N GLU B 44 13.34 -0.21 0.59
CA GLU B 44 14.75 0.08 0.82
C GLU B 44 15.52 0.11 -0.50
N ASP B 45 15.28 -0.88 -1.34
CA ASP B 45 15.97 -0.97 -2.63
C ASP B 45 15.64 0.24 -3.49
N TYR B 46 14.37 0.63 -3.49
CA TYR B 46 13.94 1.83 -4.20
C TYR B 46 14.60 3.07 -3.61
N ALA B 47 14.63 3.14 -2.28
CA ALA B 47 15.24 4.26 -1.59
C ALA B 47 16.69 4.45 -2.02
N ASN B 48 17.46 3.38 -1.92
CA ASN B 48 18.88 3.43 -2.26
C ASN B 48 19.07 3.58 -3.77
N TYR B 49 18.06 3.17 -4.53
CA TYR B 49 18.07 3.32 -5.99
C TYR B 49 18.16 4.79 -6.35
N LYS B 50 17.31 5.61 -5.74
CA LYS B 50 17.25 7.04 -6.03
C LYS B 50 18.54 7.74 -5.61
N LYS B 51 19.05 7.35 -4.46
CA LYS B 51 20.25 7.97 -3.89
C LYS B 51 21.46 7.68 -4.76
N SER B 52 21.58 6.44 -5.22
CA SER B 52 22.72 6.02 -6.02
C SER B 52 22.55 6.43 -7.48
N ARG B 53 21.34 6.81 -7.86
CA ARG B 53 21.06 7.23 -9.22
C ARG B 53 21.32 8.73 -9.36
N GLY B 54 21.48 9.41 -8.24
CA GLY B 54 21.70 10.83 -8.26
C GLY B 54 22.96 11.22 -7.51
N ASN B 55 23.14 12.51 -7.29
CA ASN B 55 24.30 13.03 -6.56
C ASN B 55 23.86 13.82 -5.34
N THR B 56 22.61 14.27 -5.35
CA THR B 56 22.06 15.04 -4.25
C THR B 56 21.93 14.20 -2.98
N ASP B 57 22.63 14.62 -1.93
CA ASP B 57 22.61 13.92 -0.65
C ASP B 57 21.28 14.15 0.07
N ASN B 58 20.63 15.26 -0.27
CA ASN B 58 19.35 15.63 0.33
C ASN B 58 18.26 14.61 0.04
N LYS B 59 18.50 13.74 -0.93
CA LYS B 59 17.53 12.71 -1.29
C LYS B 59 17.43 11.66 -0.18
N GLU B 60 18.46 11.59 0.66
CA GLU B 60 18.51 10.61 1.73
C GLU B 60 17.30 10.76 2.67
N TYR B 61 17.24 11.88 3.40
CA TYR B 61 16.17 12.07 4.37
C TYR B 61 14.82 12.22 3.68
N ALA B 62 14.83 12.80 2.48
CA ALA B 62 13.61 13.00 1.72
C ALA B 62 12.97 11.67 1.35
N VAL B 63 13.73 10.82 0.65
CA VAL B 63 13.23 9.52 0.26
C VAL B 63 12.92 8.67 1.48
N ASN B 64 13.79 8.75 2.50
CA ASN B 64 13.62 7.96 3.72
C ASN B 64 12.23 8.17 4.32
N GLU B 65 11.85 9.44 4.49
CA GLU B 65 10.52 9.75 5.01
C GLU B 65 9.44 9.25 4.08
N VAL B 66 9.67 9.38 2.77
CA VAL B 66 8.72 8.86 1.79
C VAL B 66 8.55 7.34 1.93
N VAL B 67 9.66 6.60 1.83
CA VAL B 67 9.59 5.14 1.87
C VAL B 67 9.13 4.62 3.23
N ALA B 68 9.60 5.22 4.31
CA ALA B 68 9.12 4.85 5.64
C ALA B 68 7.66 5.20 5.77
N GLY B 69 7.29 6.31 5.16
CA GLY B 69 5.90 6.71 5.11
C GLY B 69 5.05 5.70 4.37
N ILE B 70 5.58 5.16 3.28
CA ILE B 70 4.89 4.11 2.53
C ILE B 70 4.58 2.93 3.44
N LYS B 71 5.60 2.51 4.19
CA LYS B 71 5.46 1.39 5.10
C LYS B 71 4.38 1.65 6.14
N GLU B 72 4.45 2.79 6.81
CA GLU B 72 3.48 3.13 7.84
C GLU B 72 2.10 3.38 7.26
N TYR B 73 2.06 4.03 6.10
CA TYR B 73 0.79 4.29 5.41
C TYR B 73 0.08 2.97 5.13
N PHE B 74 0.88 1.97 4.79
CA PHE B 74 0.38 0.62 4.56
C PHE B 74 -0.07 -0.01 5.89
N ASN B 75 0.77 0.12 6.91
CA ASN B 75 0.53 -0.50 8.21
C ASN B 75 -0.72 0.05 8.91
N VAL B 76 -0.96 1.35 8.79
CA VAL B 76 -2.09 2.00 9.48
C VAL B 76 -3.43 1.37 9.05
N MET B 77 -3.64 1.24 7.75
CA MET B 77 -4.95 0.84 7.26
C MET B 77 -4.92 -0.49 6.53
N LEU B 78 -3.89 -1.29 6.76
CA LEU B 78 -3.80 -2.61 6.13
C LEU B 78 -4.93 -3.51 6.58
N GLY B 79 -4.97 -3.79 7.88
CA GLY B 79 -5.93 -4.72 8.43
C GLY B 79 -7.32 -4.14 8.53
N THR B 80 -7.45 -2.86 8.22
CA THR B 80 -8.72 -2.16 8.36
C THR B 80 -9.36 -1.82 7.02
N GLN B 81 -8.55 -1.48 6.02
CA GLN B 81 -9.11 -1.05 4.73
C GLN B 81 -8.45 -1.75 3.54
N LEU B 82 -7.18 -2.10 3.67
CA LEU B 82 -6.44 -2.66 2.54
C LEU B 82 -6.51 -4.18 2.51
N LEU B 83 -7.32 -4.75 3.39
CA LEU B 83 -7.41 -6.19 3.53
C LEU B 83 -8.81 -6.66 3.13
N TYR B 84 -8.91 -7.88 2.63
CA TYR B 84 -10.21 -8.45 2.30
C TYR B 84 -10.82 -9.15 3.51
N LYS B 85 -12.13 -9.34 3.49
CA LYS B 85 -12.85 -9.96 4.60
C LYS B 85 -12.43 -11.42 4.75
N PHE B 86 -12.10 -12.04 3.63
CA PHE B 86 -11.65 -13.43 3.63
C PHE B 86 -10.24 -13.53 4.21
N GLU B 87 -9.56 -12.40 4.33
CA GLU B 87 -8.19 -12.38 4.84
C GLU B 87 -8.16 -12.18 6.36
N ARG B 88 -9.33 -12.08 6.97
CA ARG B 88 -9.41 -11.95 8.43
C ARG B 88 -8.88 -13.19 9.15
N PRO B 89 -9.31 -14.41 8.75
CA PRO B 89 -8.71 -15.65 9.30
C PRO B 89 -7.23 -15.75 8.97
N GLN B 90 -6.88 -15.27 7.77
CA GLN B 90 -5.50 -15.22 7.32
C GLN B 90 -4.65 -14.38 8.28
N TYR B 91 -5.16 -13.21 8.63
CA TYR B 91 -4.52 -12.33 9.59
C TYR B 91 -4.30 -13.05 10.92
N ALA B 92 -5.38 -13.63 11.44
CA ALA B 92 -5.33 -14.33 12.72
C ALA B 92 -4.34 -15.49 12.69
N GLU B 93 -4.43 -16.30 11.64
CA GLU B 93 -3.55 -17.46 11.51
C GLU B 93 -2.10 -17.04 11.42
N ILE B 94 -1.79 -16.16 10.48
CA ILE B 94 -0.43 -15.71 10.26
C ILE B 94 0.17 -15.11 11.54
N LEU B 95 -0.61 -14.27 12.20
CA LEU B 95 -0.14 -13.57 13.40
C LEU B 95 0.15 -14.55 14.53
N ALA B 96 -0.68 -15.59 14.65
CA ALA B 96 -0.53 -16.56 15.72
C ALA B 96 0.51 -17.63 15.38
N ASP B 97 0.59 -17.98 14.10
CA ASP B 97 1.52 -19.01 13.65
C ASP B 97 2.94 -18.45 13.61
N HIS B 98 3.08 -17.26 13.05
CA HIS B 98 4.38 -16.61 12.94
C HIS B 98 4.36 -15.29 13.70
N PRO B 99 4.65 -15.32 15.00
CA PRO B 99 4.59 -14.13 15.86
C PRO B 99 5.73 -13.16 15.60
N ASP B 100 6.72 -13.61 14.83
CA ASP B 100 7.90 -12.79 14.56
C ASP B 100 7.80 -12.13 13.19
N ALA B 101 6.64 -12.27 12.55
CA ALA B 101 6.46 -11.76 11.20
C ALA B 101 5.72 -10.43 11.21
N PRO B 102 6.42 -9.34 10.89
CA PRO B 102 5.82 -8.01 10.79
C PRO B 102 4.78 -7.94 9.67
N MET B 103 3.91 -6.93 9.72
CA MET B 103 2.85 -6.77 8.74
C MET B 103 3.43 -6.52 7.36
N SER B 104 4.42 -5.64 7.29
CA SER B 104 5.07 -5.31 6.02
C SER B 104 5.91 -6.48 5.50
N GLN B 105 6.16 -7.45 6.37
CA GLN B 105 6.98 -8.60 6.03
C GLN B 105 6.15 -9.71 5.41
N VAL B 106 5.20 -10.22 6.17
CA VAL B 106 4.48 -11.44 5.81
C VAL B 106 3.54 -11.24 4.63
N TYR B 107 2.84 -10.11 4.58
CA TYR B 107 1.89 -9.86 3.51
C TYR B 107 2.63 -9.42 2.25
N GLY B 108 3.80 -8.85 2.46
CA GLY B 108 4.77 -8.64 1.39
C GLY B 108 4.27 -7.82 0.21
N ALA B 109 4.95 -8.03 -0.91
CA ALA B 109 4.74 -7.27 -2.14
C ALA B 109 3.30 -7.27 -2.67
N PRO B 110 2.65 -8.45 -2.83
CA PRO B 110 1.31 -8.54 -3.43
C PRO B 110 0.31 -7.56 -2.81
N HIS B 111 0.41 -7.35 -1.50
CA HIS B 111 -0.53 -6.50 -0.80
C HIS B 111 -0.18 -5.01 -0.91
N LEU B 112 1.03 -4.71 -1.38
CA LEU B 112 1.50 -3.33 -1.46
C LEU B 112 0.73 -2.55 -2.54
N LEU B 113 0.32 -3.24 -3.59
CA LEU B 113 -0.41 -2.60 -4.70
C LEU B 113 -1.73 -2.01 -4.19
N ARG B 114 -2.24 -2.57 -3.10
CA ARG B 114 -3.52 -2.14 -2.52
C ARG B 114 -3.54 -0.63 -2.24
N LEU B 115 -2.38 -0.05 -1.95
CA LEU B 115 -2.28 1.37 -1.65
C LEU B 115 -2.71 2.23 -2.84
N PHE B 116 -2.02 2.06 -3.95
CA PHE B 116 -2.14 2.98 -5.08
C PHE B 116 -3.52 2.97 -5.72
N VAL B 117 -4.25 1.88 -5.54
CA VAL B 117 -5.55 1.72 -6.18
C VAL B 117 -6.61 2.64 -5.56
N ARG B 118 -6.58 2.80 -4.23
CA ARG B 118 -7.60 3.57 -3.55
C ARG B 118 -7.03 4.55 -2.54
N ILE B 119 -5.74 4.88 -2.68
CA ILE B 119 -5.10 5.85 -1.81
C ILE B 119 -5.70 7.24 -2.02
N GLY B 120 -6.32 7.43 -3.18
CA GLY B 120 -6.96 8.69 -3.48
C GLY B 120 -8.16 8.98 -2.59
N ALA B 121 -8.73 7.92 -2.04
CA ALA B 121 -9.93 8.05 -1.20
C ALA B 121 -9.66 8.92 0.01
N MET B 122 -8.62 8.58 0.77
CA MET B 122 -8.29 9.30 1.98
C MET B 122 -7.60 10.63 1.67
N LEU B 123 -7.13 10.77 0.44
CA LEU B 123 -6.55 12.03 -0.01
C LEU B 123 -7.64 13.07 -0.23
N ALA B 124 -8.86 12.58 -0.47
CA ALA B 124 -10.01 13.45 -0.60
C ALA B 124 -10.49 13.92 0.76
N TYR B 125 -10.20 13.12 1.79
CA TYR B 125 -10.55 13.46 3.16
C TYR B 125 -9.45 14.26 3.82
N THR B 126 -8.26 14.25 3.20
CA THR B 126 -7.15 15.08 3.64
C THR B 126 -6.52 15.76 2.44
N PRO B 127 -7.18 16.80 1.91
CA PRO B 127 -6.75 17.50 0.71
C PRO B 127 -5.59 18.45 0.96
N LEU B 128 -4.43 18.14 0.40
CA LEU B 128 -3.27 19.00 0.52
C LEU B 128 -3.27 20.07 -0.57
N ASP B 129 -2.23 20.87 -0.61
CA ASP B 129 -2.09 21.89 -1.64
C ASP B 129 -1.73 21.22 -2.97
N GLU B 130 -1.87 21.97 -4.05
CA GLU B 130 -1.61 21.44 -5.39
C GLU B 130 -0.17 20.93 -5.50
N LYS B 131 0.77 21.80 -5.17
CA LYS B 131 2.18 21.46 -5.28
C LYS B 131 2.57 20.33 -4.34
N SER B 132 1.94 20.30 -3.18
CA SER B 132 2.19 19.25 -2.20
C SER B 132 1.65 17.90 -2.71
N LEU B 133 0.45 17.93 -3.27
CA LEU B 133 -0.15 16.73 -3.83
C LEU B 133 0.66 16.26 -5.03
N ALA B 134 1.09 17.22 -5.85
CA ALA B 134 1.88 16.93 -7.04
C ALA B 134 3.16 16.18 -6.68
N LEU B 135 3.87 16.65 -5.65
CA LEU B 135 5.11 16.00 -5.25
C LEU B 135 4.83 14.61 -4.68
N LEU B 136 3.72 14.50 -3.94
CA LEU B 136 3.31 13.22 -3.38
C LEU B 136 3.04 12.22 -4.49
N LEU B 137 2.23 12.63 -5.46
CA LEU B 137 1.92 11.79 -6.62
C LEU B 137 3.18 11.49 -7.40
N ASN B 138 4.08 12.47 -7.47
CA ASN B 138 5.35 12.31 -8.16
C ASN B 138 6.15 11.17 -7.54
N TYR B 139 6.29 11.20 -6.22
CA TYR B 139 6.97 10.13 -5.50
C TYR B 139 6.25 8.80 -5.67
N LEU B 140 4.93 8.83 -5.51
CA LEU B 140 4.10 7.63 -5.64
C LEU B 140 4.25 6.98 -7.01
N HIS B 141 4.13 7.80 -8.06
CA HIS B 141 4.20 7.29 -9.43
C HIS B 141 5.62 6.86 -9.79
N ASP B 142 6.61 7.48 -9.16
CA ASP B 142 8.00 7.13 -9.42
C ASP B 142 8.33 5.76 -8.81
N PHE B 143 7.90 5.56 -7.56
CA PHE B 143 8.05 4.27 -6.92
C PHE B 143 7.20 3.22 -7.63
N LEU B 144 6.02 3.63 -8.05
CA LEU B 144 5.10 2.76 -8.76
C LEU B 144 5.70 2.36 -10.11
N LYS B 145 6.48 3.26 -10.70
CA LYS B 145 7.24 2.98 -11.91
C LYS B 145 8.25 1.86 -11.66
N TYR B 146 9.01 2.00 -10.58
CA TYR B 146 9.95 0.96 -10.16
C TYR B 146 9.21 -0.35 -9.91
N LEU B 147 8.07 -0.25 -9.23
CA LEU B 147 7.26 -1.40 -8.87
C LEU B 147 6.75 -2.12 -10.13
N ALA B 148 6.22 -1.34 -11.07
CA ALA B 148 5.68 -1.88 -12.32
C ALA B 148 6.76 -2.54 -13.17
N LYS B 149 7.96 -1.96 -13.16
CA LYS B 149 9.05 -2.47 -13.98
C LYS B 149 9.49 -3.87 -13.52
N ASN B 150 9.53 -4.07 -12.22
CA ASN B 150 10.05 -5.32 -11.66
C ASN B 150 8.93 -6.31 -11.37
N SER B 151 7.71 -5.96 -11.80
CA SER B 151 6.51 -6.73 -11.45
C SER B 151 6.63 -8.22 -11.78
N ALA B 152 7.21 -8.52 -12.95
CA ALA B 152 7.35 -9.91 -13.40
C ALA B 152 8.09 -10.78 -12.39
N THR B 153 9.04 -10.18 -11.69
CA THR B 153 9.82 -10.91 -10.70
C THR B 153 9.54 -10.37 -9.30
N LEU B 154 8.36 -9.79 -9.13
CA LEU B 154 8.00 -9.16 -7.87
C LEU B 154 6.72 -9.76 -7.32
N PHE B 155 5.66 -9.70 -8.12
CA PHE B 155 4.36 -10.22 -7.72
C PHE B 155 4.28 -11.72 -8.03
N SER B 156 4.21 -12.52 -6.98
CA SER B 156 4.13 -13.97 -7.14
C SER B 156 2.72 -14.47 -6.78
N ALA B 157 1.92 -14.72 -7.81
CA ALA B 157 0.56 -15.23 -7.62
C ALA B 157 0.58 -16.71 -7.23
N SER B 158 1.74 -17.33 -7.35
CA SER B 158 1.89 -18.76 -7.09
C SER B 158 1.79 -19.08 -5.59
N ASP B 159 1.86 -18.04 -4.76
CA ASP B 159 1.80 -18.24 -3.31
C ASP B 159 0.36 -18.25 -2.82
N TYR B 160 -0.56 -17.76 -3.65
CA TYR B 160 -1.97 -17.81 -3.33
C TYR B 160 -2.48 -19.22 -3.50
N GLU B 161 -2.76 -19.89 -2.38
CA GLU B 161 -3.20 -21.27 -2.43
C GLU B 161 -4.66 -21.39 -1.99
N VAL B 162 -5.36 -22.37 -2.55
CA VAL B 162 -6.76 -22.59 -2.24
C VAL B 162 -6.94 -22.92 -0.76
N ALA B 163 -7.69 -22.07 -0.08
CA ALA B 163 -7.95 -22.25 1.34
C ALA B 163 -8.88 -23.44 1.55
N PRO B 164 -8.51 -24.37 2.45
CA PRO B 164 -9.32 -25.55 2.75
C PRO B 164 -10.69 -25.20 3.32
N PRO B 165 -11.65 -26.14 3.27
CA PRO B 165 -13.02 -25.92 3.78
C PRO B 165 -13.03 -25.47 5.23
N GLU B 166 -12.13 -26.02 6.04
CA GLU B 166 -12.04 -25.69 7.45
C GLU B 166 -11.52 -24.26 7.64
N TYR B 167 -10.83 -23.74 6.65
CA TYR B 167 -10.30 -22.39 6.70
C TYR B 167 -11.47 -21.41 6.63
N HIS B 168 -12.53 -21.84 5.98
CA HIS B 168 -13.75 -21.04 5.85
C HIS B 168 -14.48 -20.96 7.19
N ARG B 169 -14.30 -21.98 8.01
CA ARG B 169 -14.94 -22.04 9.32
C ARG B 169 -14.51 -20.88 10.21
N LYS B 170 -13.27 -20.43 10.03
CA LYS B 170 -12.76 -19.30 10.80
C LYS B 170 -12.77 -18.03 9.96
N ALA B 171 -13.52 -18.07 8.87
CA ALA B 171 -13.68 -16.92 7.99
C ALA B 171 -15.10 -16.38 8.09
N VAL B 172 -15.71 -16.60 9.24
CA VAL B 172 -17.09 -16.19 9.46
C VAL B 172 -17.15 -14.92 10.30
N SER A 1 6.96 -0.17 18.36
CA SER A 1 5.50 -0.08 18.60
C SER A 1 4.76 -0.85 17.52
N ASN A 2 3.43 -0.75 17.52
CA ASN A 2 2.60 -1.35 16.48
C ASN A 2 2.81 -0.58 15.17
N ALA A 3 3.12 0.70 15.33
CA ALA A 3 3.51 1.55 14.23
C ALA A 3 4.83 2.21 14.60
N GLY A 4 5.16 3.33 13.97
CA GLY A 4 6.34 4.08 14.36
C GLY A 4 6.26 4.54 15.81
N ARG A 5 5.55 5.62 16.05
CA ARG A 5 5.34 6.13 17.41
C ARG A 5 4.00 6.84 17.49
N GLN A 6 3.87 7.94 16.75
CA GLN A 6 2.65 8.71 16.71
C GLN A 6 2.18 8.85 15.27
N VAL A 7 1.14 9.66 15.05
CA VAL A 7 0.57 9.83 13.71
C VAL A 7 1.64 10.19 12.68
N PRO A 8 1.62 9.49 11.53
CA PRO A 8 2.60 9.66 10.44
C PRO A 8 2.70 11.12 9.97
N SER A 9 1.62 11.85 10.14
CA SER A 9 1.56 13.24 9.70
C SER A 9 2.55 14.12 10.45
N LYS A 10 2.93 13.71 11.67
CA LYS A 10 3.81 14.53 12.49
C LYS A 10 5.16 13.85 12.75
N VAL A 11 5.39 12.72 12.08
CA VAL A 11 6.68 12.03 12.23
C VAL A 11 7.41 11.95 10.89
N ILE A 12 6.65 11.78 9.82
CA ILE A 12 7.22 11.68 8.48
C ILE A 12 6.97 12.97 7.72
N TRP A 13 5.68 13.27 7.61
CA TRP A 13 5.23 14.43 6.87
C TRP A 13 5.66 15.70 7.59
N ASP A 14 6.21 15.53 8.78
CA ASP A 14 6.82 16.61 9.52
C ASP A 14 8.01 17.16 8.74
N HIS A 15 8.96 16.29 8.44
CA HIS A 15 10.13 16.67 7.66
C HIS A 15 9.71 17.08 6.27
N LEU A 16 8.89 16.25 5.64
CA LEU A 16 8.38 16.53 4.30
C LEU A 16 7.77 17.93 4.25
N SER A 17 7.09 18.31 5.32
CA SER A 17 6.39 19.58 5.35
C SER A 17 7.34 20.75 5.61
N THR A 18 8.34 20.56 6.45
CA THR A 18 9.29 21.64 6.71
C THR A 18 10.03 22.02 5.43
N MET A 19 10.21 21.03 4.58
CA MET A 19 10.84 21.22 3.28
C MET A 19 9.91 21.93 2.30
N TYR A 20 8.62 21.94 2.59
CA TYR A 20 7.61 22.33 1.60
C TYR A 20 6.56 23.29 2.18
N ASP A 21 6.85 23.84 3.36
CA ASP A 21 5.90 24.64 4.18
C ASP A 21 4.54 23.96 4.33
N MET A 22 4.51 22.67 4.04
CA MET A 22 3.32 21.85 4.17
C MET A 22 2.93 21.66 5.63
N GLN A 23 3.74 22.21 6.54
CA GLN A 23 3.48 22.14 7.97
C GLN A 23 2.08 22.65 8.25
N ALA A 24 1.84 23.91 7.87
CA ALA A 24 0.54 24.54 8.00
C ALA A 24 -0.55 23.66 7.39
N LEU A 25 -0.23 23.09 6.23
CA LEU A 25 -1.16 22.23 5.51
C LEU A 25 -1.57 21.00 6.34
N HIS A 26 -0.60 20.25 6.84
CA HIS A 26 -0.93 19.01 7.56
C HIS A 26 -1.44 19.29 8.96
N GLU A 27 -1.28 20.53 9.44
CA GLU A 27 -1.87 20.91 10.71
C GLU A 27 -3.33 21.25 10.50
N SER A 28 -3.66 21.71 9.31
CA SER A 28 -5.04 22.01 8.94
C SER A 28 -5.74 20.74 8.46
N GLU A 29 -4.95 19.81 7.95
CA GLU A 29 -5.45 18.52 7.51
C GLU A 29 -4.53 17.40 7.96
N ILE A 30 -4.85 16.83 9.11
CA ILE A 30 -4.06 15.74 9.67
C ILE A 30 -4.64 14.40 9.21
N LEU A 31 -3.85 13.33 9.28
CA LEU A 31 -4.34 12.01 8.94
C LEU A 31 -4.19 11.05 10.13
N PRO A 32 -4.97 11.26 11.21
CA PRO A 32 -5.03 10.35 12.34
C PRO A 32 -6.34 9.57 12.39
N PHE A 33 -7.20 9.80 11.41
CA PHE A 33 -8.55 9.26 11.44
C PHE A 33 -8.55 7.75 11.31
N PRO A 34 -9.21 7.06 12.25
CA PRO A 34 -9.38 5.61 12.20
C PRO A 34 -10.27 5.21 11.02
N ASN A 35 -9.70 4.49 10.08
CA ASN A 35 -10.42 4.06 8.90
C ASN A 35 -11.45 2.99 9.27
N PRO A 36 -12.68 3.12 8.76
CA PRO A 36 -13.74 2.13 9.00
C PRO A 36 -13.39 0.77 8.40
N GLU A 37 -13.72 -0.29 9.13
CA GLU A 37 -13.50 -1.64 8.64
C GLU A 37 -14.47 -1.95 7.51
N ARG A 38 -13.94 -2.29 6.37
CA ARG A 38 -14.75 -2.59 5.20
C ARG A 38 -14.07 -3.64 4.34
N ASN A 39 -14.83 -4.20 3.42
CA ASN A 39 -14.27 -5.14 2.46
C ASN A 39 -13.55 -4.38 1.36
N PHE A 40 -12.36 -4.83 1.03
CA PHE A 40 -11.59 -4.22 -0.03
C PHE A 40 -11.96 -4.82 -1.37
N VAL A 41 -12.63 -4.05 -2.20
CA VAL A 41 -12.92 -4.48 -3.55
C VAL A 41 -12.17 -3.60 -4.55
N LEU A 42 -11.48 -4.24 -5.47
CA LEU A 42 -10.76 -3.53 -6.52
C LEU A 42 -11.73 -2.75 -7.38
N PRO A 43 -11.41 -1.49 -7.70
CA PRO A 43 -12.25 -0.65 -8.56
C PRO A 43 -12.67 -1.37 -9.83
N GLU A 44 -13.98 -1.52 -10.01
CA GLU A 44 -14.55 -2.29 -11.11
C GLU A 44 -14.14 -1.70 -12.46
N GLU A 45 -13.85 -0.40 -12.47
CA GLU A 45 -13.44 0.27 -13.69
C GLU A 45 -12.15 -0.35 -14.22
N ILE A 46 -11.20 -0.58 -13.32
CA ILE A 46 -9.92 -1.18 -13.66
C ILE A 46 -10.07 -2.65 -14.03
N ILE A 47 -10.96 -3.32 -13.29
CA ILE A 47 -11.23 -4.73 -13.54
C ILE A 47 -11.67 -4.96 -14.98
N GLN A 48 -12.61 -4.14 -15.44
CA GLN A 48 -13.09 -4.24 -16.80
C GLN A 48 -12.07 -3.71 -17.79
N GLU A 49 -11.32 -2.67 -17.41
CA GLU A 49 -10.25 -2.15 -18.25
C GLU A 49 -9.26 -3.24 -18.64
N VAL A 50 -9.04 -4.15 -17.70
CA VAL A 50 -8.10 -5.23 -17.89
C VAL A 50 -8.75 -6.43 -18.58
N ARG A 51 -9.83 -6.91 -18.02
CA ARG A 51 -10.44 -8.15 -18.47
C ARG A 51 -11.27 -7.96 -19.73
N GLU A 52 -12.51 -7.52 -19.54
CA GLU A 52 -13.45 -7.38 -20.64
C GLU A 52 -13.38 -5.96 -21.22
N GLY A 53 -12.17 -5.44 -21.35
CA GLY A 53 -11.98 -4.11 -21.88
C GLY A 53 -11.67 -4.13 -23.35
N LYS A 54 -12.25 -5.09 -24.05
CA LYS A 54 -12.01 -5.26 -25.46
C LYS A 54 -13.18 -4.70 -26.26
N SER B 1 -21.43 16.07 -6.38
CA SER B 1 -20.94 14.91 -7.14
C SER B 1 -19.41 14.84 -7.07
N ASN B 2 -18.89 13.70 -6.63
CA ASN B 2 -17.45 13.53 -6.49
C ASN B 2 -17.07 12.05 -6.60
N ALA B 3 -15.79 11.81 -6.80
CA ALA B 3 -15.24 10.46 -6.90
C ALA B 3 -13.92 10.40 -6.17
N GLU B 4 -13.24 9.26 -6.24
CA GLU B 4 -11.94 9.12 -5.62
C GLU B 4 -10.87 9.67 -6.54
N VAL B 5 -9.75 10.09 -5.97
CA VAL B 5 -8.62 10.52 -6.77
C VAL B 5 -8.15 9.38 -7.65
N LYS B 6 -8.23 9.57 -8.96
CA LYS B 6 -7.95 8.50 -9.89
C LYS B 6 -6.45 8.27 -9.99
N VAL B 7 -5.94 7.43 -9.11
CA VAL B 7 -4.55 7.00 -9.18
C VAL B 7 -4.39 6.02 -10.33
N LYS B 8 -3.98 6.55 -11.47
CA LYS B 8 -3.85 5.73 -12.66
C LYS B 8 -2.67 4.79 -12.56
N ILE B 9 -2.98 3.55 -12.23
CA ILE B 9 -2.00 2.48 -12.15
C ILE B 9 -1.47 2.15 -13.54
N PRO B 10 -0.16 1.96 -13.69
CA PRO B 10 0.43 1.51 -14.95
C PRO B 10 -0.34 0.34 -15.55
N GLU B 11 -0.53 0.36 -16.85
CA GLU B 11 -1.39 -0.62 -17.50
C GLU B 11 -0.75 -1.99 -17.55
N GLU B 12 0.55 -2.05 -17.34
CA GLU B 12 1.25 -3.32 -17.21
C GLU B 12 1.13 -3.86 -15.79
N LEU B 13 0.65 -3.01 -14.89
CA LEU B 13 0.48 -3.39 -13.49
C LEU B 13 -0.99 -3.67 -13.19
N LYS B 14 -1.87 -3.13 -14.03
CA LYS B 14 -3.32 -3.34 -13.90
C LYS B 14 -3.71 -4.82 -13.88
N PRO B 15 -3.22 -5.66 -14.84
CA PRO B 15 -3.56 -7.08 -14.89
C PRO B 15 -3.26 -7.81 -13.58
N TRP B 16 -2.13 -7.47 -12.97
CA TRP B 16 -1.73 -8.09 -11.72
C TRP B 16 -2.72 -7.76 -10.61
N LEU B 17 -3.23 -6.54 -10.63
CA LEU B 17 -4.21 -6.11 -9.64
C LEU B 17 -5.49 -6.93 -9.77
N VAL B 18 -5.98 -7.03 -10.99
CA VAL B 18 -7.23 -7.74 -11.25
C VAL B 18 -7.08 -9.23 -11.02
N ASP B 19 -5.93 -9.79 -11.39
CA ASP B 19 -5.70 -11.22 -11.24
C ASP B 19 -5.54 -11.58 -9.76
N ASP B 20 -4.84 -10.72 -9.01
CA ASP B 20 -4.69 -10.93 -7.57
C ASP B 20 -6.05 -10.86 -6.89
N TRP B 21 -6.86 -9.88 -7.30
CA TRP B 21 -8.22 -9.75 -6.83
C TRP B 21 -9.02 -11.01 -7.17
N ASP B 22 -8.84 -11.50 -8.38
CA ASP B 22 -9.47 -12.74 -8.83
C ASP B 22 -9.03 -13.92 -7.96
N LEU B 23 -7.73 -13.96 -7.67
CA LEU B 23 -7.17 -15.01 -6.83
C LEU B 23 -7.82 -15.03 -5.45
N ILE B 24 -8.07 -13.85 -4.89
CA ILE B 24 -8.64 -13.75 -3.55
C ILE B 24 -10.16 -14.02 -3.56
N THR B 25 -10.87 -13.31 -4.42
CA THR B 25 -12.34 -13.36 -4.41
C THR B 25 -12.89 -14.57 -5.15
N ARG B 26 -12.46 -14.75 -6.38
CA ARG B 26 -12.96 -15.82 -7.22
C ARG B 26 -12.31 -17.15 -6.86
N GLN B 27 -11.00 -17.23 -7.02
CA GLN B 27 -10.25 -18.47 -6.79
C GLN B 27 -10.20 -18.82 -5.30
N LYS B 28 -10.21 -17.77 -4.47
CA LYS B 28 -10.13 -17.93 -3.01
C LYS B 28 -8.81 -18.58 -2.61
N GLN B 29 -7.75 -18.18 -3.30
CA GLN B 29 -6.40 -18.62 -2.98
C GLN B 29 -5.69 -17.50 -2.24
N LEU B 30 -5.26 -17.78 -1.02
CA LEU B 30 -4.65 -16.76 -0.18
C LEU B 30 -3.14 -16.93 -0.11
N PHE B 31 -2.49 -15.97 0.53
CA PHE B 31 -1.04 -15.97 0.66
C PHE B 31 -0.68 -15.84 2.14
N TYR B 32 -0.72 -16.94 2.85
CA TYR B 32 -0.45 -16.94 4.28
C TYR B 32 0.91 -17.56 4.58
N LEU B 33 1.93 -16.73 4.46
CA LEU B 33 3.30 -17.09 4.76
C LEU B 33 4.10 -15.81 4.79
N PRO B 34 5.26 -15.79 5.45
CA PRO B 34 6.11 -14.62 5.45
C PRO B 34 6.98 -14.56 4.20
N ALA B 35 6.68 -13.62 3.32
CA ALA B 35 7.39 -13.49 2.07
C ALA B 35 8.80 -12.94 2.29
N LYS B 36 9.75 -13.46 1.53
CA LYS B 36 11.11 -12.97 1.60
C LYS B 36 11.24 -11.70 0.78
N LYS B 37 10.36 -11.56 -0.19
CA LYS B 37 10.24 -10.32 -0.91
C LYS B 37 9.12 -9.49 -0.30
N ASN B 38 9.44 -8.88 0.84
CA ASN B 38 8.44 -8.19 1.64
C ASN B 38 8.34 -6.73 1.26
N VAL B 39 7.31 -6.06 1.78
CA VAL B 39 7.05 -4.66 1.47
C VAL B 39 8.25 -3.78 1.82
N ASP B 40 8.94 -4.11 2.90
CA ASP B 40 10.10 -3.36 3.31
C ASP B 40 11.21 -3.43 2.26
N SER B 41 11.38 -4.61 1.67
CA SER B 41 12.40 -4.79 0.65
C SER B 41 12.00 -4.11 -0.65
N ILE B 42 10.69 -3.97 -0.88
CA ILE B 42 10.20 -3.24 -2.05
C ILE B 42 10.62 -1.79 -1.92
N LEU B 43 10.44 -1.27 -0.72
CA LEU B 43 10.82 0.10 -0.39
C LEU B 43 12.34 0.22 -0.40
N GLU B 44 13.02 -0.86 -0.03
CA GLU B 44 14.47 -0.90 -0.05
C GLU B 44 14.98 -0.87 -1.50
N ASP B 45 14.22 -1.50 -2.40
CA ASP B 45 14.53 -1.41 -3.83
C ASP B 45 14.46 0.03 -4.28
N TYR B 46 13.38 0.70 -3.89
CA TYR B 46 13.20 2.11 -4.16
C TYR B 46 14.34 2.92 -3.56
N ALA B 47 14.72 2.59 -2.34
CA ALA B 47 15.83 3.24 -1.65
C ALA B 47 17.13 3.03 -2.42
N ASN B 48 17.44 1.78 -2.73
CA ASN B 48 18.65 1.43 -3.48
C ASN B 48 18.70 2.19 -4.81
N TYR B 49 17.55 2.26 -5.47
CA TYR B 49 17.44 2.94 -6.76
C TYR B 49 17.77 4.43 -6.63
N LYS B 50 17.29 5.05 -5.56
CA LYS B 50 17.50 6.48 -5.35
C LYS B 50 18.89 6.76 -4.79
N LYS B 51 19.33 5.94 -3.84
CA LYS B 51 20.60 6.18 -3.16
C LYS B 51 21.80 5.92 -4.06
N SER B 52 21.60 5.13 -5.12
CA SER B 52 22.65 4.91 -6.09
C SER B 52 22.75 6.10 -7.04
N ARG B 53 21.74 6.96 -6.99
CA ARG B 53 21.67 8.15 -7.82
C ARG B 53 21.68 9.40 -6.96
N GLY B 54 21.99 9.22 -5.68
CA GLY B 54 22.04 10.30 -4.74
C GLY B 54 23.03 10.06 -3.64
N ASN B 55 24.27 10.51 -3.85
CA ASN B 55 25.35 10.28 -2.90
C ASN B 55 25.37 11.35 -1.81
N THR B 56 24.30 12.12 -1.72
CA THR B 56 24.23 13.22 -0.78
C THR B 56 23.32 12.88 0.40
N ASP B 57 23.92 12.76 1.58
CA ASP B 57 23.18 12.51 2.82
C ASP B 57 22.17 13.63 3.08
N ASN B 58 22.50 14.82 2.62
CA ASN B 58 21.63 15.98 2.76
C ASN B 58 20.29 15.76 2.04
N LYS B 59 20.31 14.89 1.04
CA LYS B 59 19.10 14.60 0.25
C LYS B 59 18.59 13.19 0.56
N GLU B 60 19.37 12.45 1.34
CA GLU B 60 19.06 11.06 1.68
C GLU B 60 17.80 10.96 2.52
N TYR B 61 17.57 11.97 3.36
CA TYR B 61 16.45 11.96 4.30
C TYR B 61 15.13 11.82 3.56
N ALA B 62 15.05 12.41 2.37
CA ALA B 62 13.84 12.37 1.57
C ALA B 62 13.48 10.93 1.22
N VAL B 63 14.48 10.16 0.85
CA VAL B 63 14.28 8.74 0.55
C VAL B 63 13.85 8.02 1.82
N ASN B 64 14.59 8.26 2.89
CA ASN B 64 14.37 7.60 4.17
C ASN B 64 12.93 7.83 4.64
N GLU B 65 12.50 9.08 4.67
CA GLU B 65 11.18 9.40 5.20
C GLU B 65 10.07 8.90 4.28
N VAL B 66 10.22 9.04 2.96
CA VAL B 66 9.19 8.56 2.04
C VAL B 66 9.04 7.05 2.14
N VAL B 67 10.16 6.35 2.28
CA VAL B 67 10.13 4.90 2.47
C VAL B 67 9.32 4.53 3.71
N ALA B 68 9.66 5.16 4.84
CA ALA B 68 8.94 4.95 6.08
C ALA B 68 7.49 5.42 5.97
N GLY B 69 7.29 6.48 5.19
CA GLY B 69 5.97 7.02 4.97
C GLY B 69 5.04 6.02 4.32
N ILE B 70 5.53 5.35 3.29
CA ILE B 70 4.75 4.30 2.64
C ILE B 70 4.48 3.15 3.61
N LYS B 71 5.49 2.84 4.42
CA LYS B 71 5.36 1.79 5.43
C LYS B 71 4.24 2.13 6.42
N GLU B 72 4.28 3.34 6.98
CA GLU B 72 3.29 3.76 7.96
C GLU B 72 1.92 3.94 7.31
N TYR B 73 1.92 4.39 6.05
CA TYR B 73 0.68 4.56 5.29
C TYR B 73 -0.01 3.21 5.12
N PHE B 74 0.78 2.20 4.77
CA PHE B 74 0.28 0.85 4.59
C PHE B 74 -0.15 0.27 5.94
N ASN B 75 0.53 0.70 6.99
CA ASN B 75 0.27 0.24 8.36
C ASN B 75 -1.11 0.68 8.85
N VAL B 76 -1.38 1.98 8.75
CA VAL B 76 -2.57 2.57 9.38
C VAL B 76 -3.88 2.04 8.78
N MET B 77 -3.88 1.70 7.50
CA MET B 77 -5.13 1.32 6.83
C MET B 77 -5.15 -0.13 6.36
N LEU B 78 -4.17 -0.92 6.79
CA LEU B 78 -4.09 -2.32 6.37
C LEU B 78 -5.26 -3.11 6.94
N GLY B 79 -5.34 -3.18 8.26
CA GLY B 79 -6.31 -4.04 8.90
C GLY B 79 -7.72 -3.49 8.88
N THR B 80 -7.85 -2.26 8.39
CA THR B 80 -9.13 -1.61 8.35
C THR B 80 -9.76 -1.73 6.97
N GLN B 81 -9.05 -1.31 5.93
CA GLN B 81 -9.60 -1.28 4.59
C GLN B 81 -8.84 -2.19 3.62
N LEU B 82 -7.51 -2.09 3.63
CA LEU B 82 -6.69 -2.74 2.61
C LEU B 82 -6.83 -4.26 2.62
N LEU B 83 -6.96 -4.82 3.81
CA LEU B 83 -7.07 -6.27 3.94
C LEU B 83 -8.47 -6.73 3.56
N TYR B 84 -8.53 -7.64 2.59
CA TYR B 84 -9.81 -8.21 2.15
C TYR B 84 -10.54 -8.86 3.33
N LYS B 85 -11.84 -9.04 3.20
CA LYS B 85 -12.63 -9.64 4.26
C LYS B 85 -12.31 -11.13 4.37
N PHE B 86 -11.95 -11.74 3.25
CA PHE B 86 -11.56 -13.14 3.23
C PHE B 86 -10.12 -13.29 3.73
N GLU B 87 -9.37 -12.19 3.73
CA GLU B 87 -7.99 -12.23 4.20
C GLU B 87 -7.91 -11.87 5.68
N ARG B 88 -9.05 -11.67 6.31
CA ARG B 88 -9.10 -11.36 7.74
C ARG B 88 -8.65 -12.56 8.58
N PRO B 89 -9.20 -13.78 8.32
CA PRO B 89 -8.73 -14.99 8.99
C PRO B 89 -7.28 -15.30 8.62
N GLN B 90 -6.84 -14.77 7.48
CA GLN B 90 -5.47 -14.93 7.03
C GLN B 90 -4.52 -14.21 7.99
N TYR B 91 -4.85 -12.96 8.28
CA TYR B 91 -4.14 -12.17 9.26
C TYR B 91 -4.14 -12.89 10.61
N ALA B 92 -5.33 -13.35 11.00
CA ALA B 92 -5.50 -14.05 12.26
C ALA B 92 -4.59 -15.27 12.36
N GLU B 93 -4.53 -16.05 11.28
CA GLU B 93 -3.73 -17.27 11.26
C GLU B 93 -2.24 -16.94 11.43
N ILE B 94 -1.71 -16.11 10.56
CA ILE B 94 -0.30 -15.74 10.60
C ILE B 94 0.07 -15.15 11.96
N LEU B 95 -0.73 -14.20 12.43
CA LEU B 95 -0.44 -13.48 13.67
C LEU B 95 -0.52 -14.42 14.88
N ALA B 96 -1.52 -15.28 14.90
CA ALA B 96 -1.74 -16.19 16.03
C ALA B 96 -0.70 -17.29 16.06
N ASP B 97 -0.33 -17.79 14.89
CA ASP B 97 0.61 -18.90 14.81
C ASP B 97 2.05 -18.41 14.91
N HIS B 98 2.31 -17.24 14.34
CA HIS B 98 3.66 -16.70 14.31
C HIS B 98 3.68 -15.27 14.83
N PRO B 99 3.97 -15.10 16.14
CA PRO B 99 4.13 -13.77 16.74
C PRO B 99 5.45 -13.12 16.33
N ASP B 100 6.21 -13.84 15.50
CA ASP B 100 7.50 -13.35 15.03
C ASP B 100 7.40 -12.88 13.59
N ALA B 101 6.18 -12.83 13.08
CA ALA B 101 5.96 -12.48 11.69
C ALA B 101 5.36 -11.08 11.54
N PRO B 102 6.16 -10.13 11.06
CA PRO B 102 5.70 -8.78 10.77
C PRO B 102 4.82 -8.75 9.52
N MET B 103 3.72 -8.03 9.58
CA MET B 103 2.77 -7.98 8.48
C MET B 103 3.34 -7.26 7.27
N SER B 104 4.32 -6.39 7.50
CA SER B 104 5.03 -5.72 6.42
C SER B 104 5.93 -6.70 5.68
N GLN B 105 6.07 -7.90 6.23
CA GLN B 105 6.88 -8.93 5.61
C GLN B 105 6.00 -9.99 4.95
N VAL B 106 5.16 -10.61 5.75
CA VAL B 106 4.37 -11.77 5.31
C VAL B 106 3.55 -11.50 4.05
N TYR B 107 2.92 -10.33 3.96
CA TYR B 107 2.01 -10.04 2.86
C TYR B 107 2.74 -9.84 1.53
N GLY B 108 4.03 -9.52 1.61
CA GLY B 108 4.83 -9.36 0.40
C GLY B 108 4.38 -8.21 -0.48
N ALA B 109 4.89 -8.19 -1.71
CA ALA B 109 4.65 -7.11 -2.66
C ALA B 109 3.17 -6.98 -3.09
N PRO B 110 2.51 -8.08 -3.54
CA PRO B 110 1.13 -8.01 -4.07
C PRO B 110 0.15 -7.28 -3.15
N HIS B 111 0.38 -7.37 -1.85
CA HIS B 111 -0.52 -6.76 -0.89
C HIS B 111 -0.25 -5.28 -0.70
N LEU B 112 0.93 -4.82 -1.13
CA LEU B 112 1.29 -3.40 -1.06
C LEU B 112 0.37 -2.60 -1.99
N LEU B 113 0.02 -3.23 -3.10
CA LEU B 113 -0.78 -2.61 -4.15
C LEU B 113 -2.12 -2.10 -3.64
N ARG B 114 -2.63 -2.70 -2.57
CA ARG B 114 -3.90 -2.29 -1.97
C ARG B 114 -3.90 -0.77 -1.68
N LEU B 115 -2.75 -0.27 -1.24
CA LEU B 115 -2.64 1.12 -0.81
C LEU B 115 -2.88 2.09 -1.97
N PHE B 116 -2.25 1.79 -3.11
CA PHE B 116 -2.26 2.71 -4.25
C PHE B 116 -3.67 3.01 -4.76
N VAL B 117 -4.49 1.98 -4.86
CA VAL B 117 -5.83 2.14 -5.41
C VAL B 117 -6.81 2.64 -4.34
N ARG B 118 -6.36 2.68 -3.09
CA ARG B 118 -7.25 3.05 -2.00
C ARG B 118 -6.93 4.46 -1.48
N ILE B 119 -5.66 4.85 -1.53
CA ILE B 119 -5.22 6.14 -0.99
C ILE B 119 -5.96 7.30 -1.66
N GLY B 120 -6.40 7.09 -2.90
CA GLY B 120 -7.12 8.13 -3.63
C GLY B 120 -8.46 8.46 -3.00
N ALA B 121 -9.01 7.53 -2.22
CA ALA B 121 -10.32 7.72 -1.63
C ALA B 121 -10.32 8.84 -0.59
N MET B 122 -9.46 8.71 0.42
CA MET B 122 -9.43 9.69 1.50
C MET B 122 -8.89 11.03 1.02
N LEU B 123 -7.99 11.00 0.05
CA LEU B 123 -7.39 12.23 -0.44
C LEU B 123 -8.36 13.03 -1.30
N ALA B 124 -9.53 12.45 -1.54
CA ALA B 124 -10.60 13.17 -2.22
C ALA B 124 -11.40 13.99 -1.22
N TYR B 125 -11.32 13.59 0.05
CA TYR B 125 -12.00 14.32 1.13
C TYR B 125 -11.01 15.25 1.82
N THR B 126 -9.74 14.85 1.85
CA THR B 126 -8.68 15.68 2.36
C THR B 126 -7.53 15.74 1.34
N PRO B 127 -7.60 16.71 0.41
CA PRO B 127 -6.67 16.80 -0.71
C PRO B 127 -5.46 17.67 -0.45
N LEU B 128 -5.37 18.22 0.75
CA LEU B 128 -4.28 19.13 1.13
C LEU B 128 -4.16 20.26 0.12
N ASP B 129 -2.97 20.82 0.00
CA ASP B 129 -2.71 21.86 -0.99
C ASP B 129 -2.49 21.25 -2.36
N GLU B 130 -2.55 22.08 -3.39
CA GLU B 130 -2.39 21.64 -4.76
C GLU B 130 -1.00 21.07 -4.99
N LYS B 131 0.00 21.74 -4.42
CA LYS B 131 1.38 21.31 -4.53
C LYS B 131 1.56 19.97 -3.84
N SER B 132 1.06 19.94 -2.61
CA SER B 132 1.10 18.75 -1.77
C SER B 132 0.58 17.53 -2.51
N LEU B 133 -0.61 17.66 -3.10
CA LEU B 133 -1.23 16.57 -3.84
C LEU B 133 -0.37 16.21 -5.07
N ALA B 134 0.21 17.23 -5.69
CA ALA B 134 1.02 17.03 -6.88
C ALA B 134 2.28 16.20 -6.59
N LEU B 135 3.05 16.59 -5.57
CA LEU B 135 4.30 15.90 -5.27
C LEU B 135 4.02 14.53 -4.67
N LEU B 136 2.87 14.40 -4.00
CA LEU B 136 2.44 13.12 -3.46
C LEU B 136 2.26 12.12 -4.61
N LEU B 137 1.53 12.54 -5.64
CA LEU B 137 1.30 11.69 -6.81
C LEU B 137 2.61 11.49 -7.56
N ASN B 138 3.52 12.45 -7.47
CA ASN B 138 4.81 12.34 -8.11
C ASN B 138 5.60 11.16 -7.56
N TYR B 139 5.71 11.11 -6.23
CA TYR B 139 6.39 9.99 -5.56
C TYR B 139 5.61 8.70 -5.79
N LEU B 140 4.29 8.79 -5.66
CA LEU B 140 3.42 7.63 -5.81
C LEU B 140 3.61 7.00 -7.18
N HIS B 141 3.58 7.83 -8.23
CA HIS B 141 3.71 7.33 -9.58
C HIS B 141 5.16 6.94 -9.90
N ASP B 142 6.12 7.58 -9.25
CA ASP B 142 7.52 7.24 -9.44
C ASP B 142 7.77 5.80 -8.99
N PHE B 143 7.25 5.50 -7.81
CA PHE B 143 7.35 4.16 -7.25
C PHE B 143 6.52 3.18 -8.07
N LEU B 144 5.35 3.63 -8.53
CA LEU B 144 4.51 2.82 -9.41
C LEU B 144 5.25 2.44 -10.69
N LYS B 145 6.05 3.38 -11.20
CA LYS B 145 6.91 3.12 -12.35
C LYS B 145 7.85 1.97 -12.05
N TYR B 146 8.61 2.11 -10.96
CA TYR B 146 9.56 1.08 -10.56
C TYR B 146 8.85 -0.25 -10.31
N LEU B 147 7.74 -0.18 -9.59
CA LEU B 147 7.00 -1.37 -9.20
C LEU B 147 6.42 -2.09 -10.41
N ALA B 148 5.92 -1.33 -11.38
CA ALA B 148 5.35 -1.89 -12.59
C ALA B 148 6.40 -2.58 -13.44
N LYS B 149 7.63 -2.06 -13.38
CA LYS B 149 8.74 -2.66 -14.11
C LYS B 149 9.05 -4.06 -13.58
N ASN B 150 9.16 -4.19 -12.26
CA ASN B 150 9.53 -5.46 -11.64
C ASN B 150 8.29 -6.32 -11.35
N SER B 151 7.13 -5.84 -11.78
CA SER B 151 5.83 -6.46 -11.45
C SER B 151 5.83 -7.97 -11.69
N ALA B 152 6.21 -8.38 -12.89
CA ALA B 152 6.19 -9.78 -13.29
C ALA B 152 7.08 -10.64 -12.40
N THR B 153 8.10 -10.03 -11.82
CA THR B 153 9.05 -10.77 -11.02
C THR B 153 8.84 -10.59 -9.52
N LEU B 154 7.80 -9.85 -9.13
CA LEU B 154 7.48 -9.69 -7.73
C LEU B 154 6.08 -10.20 -7.41
N PHE B 155 5.23 -10.26 -8.43
CA PHE B 155 3.92 -10.89 -8.30
C PHE B 155 4.04 -12.39 -8.49
N SER B 156 4.16 -13.11 -7.40
CA SER B 156 4.28 -14.55 -7.46
C SER B 156 2.96 -15.22 -7.10
N ALA B 157 2.13 -15.46 -8.12
CA ALA B 157 0.83 -16.09 -7.92
C ALA B 157 0.98 -17.57 -7.65
N SER B 158 2.18 -18.08 -7.90
CA SER B 158 2.49 -19.49 -7.70
C SER B 158 2.66 -19.82 -6.21
N ASP B 159 2.83 -18.79 -5.39
CA ASP B 159 2.99 -19.00 -3.96
C ASP B 159 1.64 -18.90 -3.24
N TYR B 160 0.60 -18.54 -4.00
CA TYR B 160 -0.75 -18.52 -3.45
C TYR B 160 -1.29 -19.94 -3.33
N GLU B 161 -1.99 -20.21 -2.24
CA GLU B 161 -2.52 -21.53 -1.99
C GLU B 161 -4.04 -21.49 -1.88
N VAL B 162 -4.69 -22.54 -2.36
CA VAL B 162 -6.14 -22.62 -2.29
C VAL B 162 -6.58 -22.79 -0.84
N ALA B 163 -7.38 -21.86 -0.35
CA ALA B 163 -7.85 -21.91 1.03
C ALA B 163 -8.79 -23.11 1.21
N PRO B 164 -8.37 -24.09 2.02
CA PRO B 164 -9.14 -25.32 2.25
C PRO B 164 -10.43 -25.06 3.04
N PRO B 165 -11.38 -26.01 3.02
CA PRO B 165 -12.64 -25.91 3.74
C PRO B 165 -12.46 -25.47 5.20
N GLU B 166 -11.48 -26.06 5.87
CA GLU B 166 -11.18 -25.75 7.27
C GLU B 166 -10.86 -24.26 7.43
N TYR B 167 -10.25 -23.68 6.40
CA TYR B 167 -9.82 -22.28 6.46
C TYR B 167 -11.02 -21.36 6.38
N HIS B 168 -12.04 -21.79 5.65
CA HIS B 168 -13.24 -20.99 5.47
C HIS B 168 -14.03 -20.93 6.78
N ARG B 169 -13.87 -21.96 7.60
CA ARG B 169 -14.57 -22.04 8.87
C ARG B 169 -14.17 -20.89 9.81
N LYS B 170 -12.88 -20.53 9.81
CA LYS B 170 -12.42 -19.44 10.66
C LYS B 170 -12.58 -18.09 9.96
N ALA B 171 -13.12 -18.11 8.75
CA ALA B 171 -13.40 -16.88 8.02
C ALA B 171 -14.72 -16.29 8.48
N VAL B 172 -15.61 -17.14 8.96
CA VAL B 172 -16.87 -16.72 9.52
C VAL B 172 -16.95 -17.13 10.99
N SER A 1 12.60 14.77 23.25
CA SER A 1 12.27 13.56 24.03
C SER A 1 11.74 13.93 25.41
N ASN A 2 10.43 13.97 25.54
CA ASN A 2 9.78 14.25 26.82
C ASN A 2 8.55 13.38 27.00
N ALA A 3 8.08 12.79 25.90
CA ALA A 3 6.90 11.95 25.91
C ALA A 3 6.83 11.13 24.62
N GLY A 4 7.10 11.80 23.51
CA GLY A 4 7.10 11.14 22.22
C GLY A 4 5.71 11.02 21.65
N ARG A 5 5.60 10.38 20.50
CA ARG A 5 4.32 10.14 19.85
C ARG A 5 4.19 8.69 19.46
N GLN A 6 2.97 8.17 19.50
CA GLN A 6 2.71 6.80 19.12
C GLN A 6 1.88 6.76 17.85
N VAL A 7 1.67 7.93 17.27
CA VAL A 7 0.96 8.05 16.00
C VAL A 7 1.94 8.40 14.87
N PRO A 8 1.60 8.02 13.64
CA PRO A 8 2.47 8.26 12.47
C PRO A 8 2.49 9.74 12.04
N SER A 9 1.65 10.55 12.65
CA SER A 9 1.59 11.96 12.30
C SER A 9 2.74 12.73 12.97
N LYS A 10 3.29 13.68 12.22
CA LYS A 10 4.35 14.58 12.71
C LYS A 10 5.65 13.85 13.03
N VAL A 11 5.84 12.70 12.43
CA VAL A 11 7.15 12.03 12.46
C VAL A 11 7.72 11.97 11.04
N ILE A 12 6.88 11.52 10.11
CA ILE A 12 7.22 11.48 8.70
C ILE A 12 6.84 12.81 8.05
N TRP A 13 5.60 13.21 8.26
CA TRP A 13 5.06 14.38 7.60
C TRP A 13 5.52 15.65 8.30
N ASP A 14 6.28 15.48 9.36
CA ASP A 14 6.86 16.63 10.03
C ASP A 14 7.95 17.22 9.16
N HIS A 15 8.85 16.36 8.71
CA HIS A 15 9.90 16.77 7.79
C HIS A 15 9.29 17.09 6.45
N LEU A 16 8.46 16.18 5.94
CA LEU A 16 7.84 16.35 4.63
C LEU A 16 7.11 17.69 4.52
N SER A 17 6.49 18.13 5.61
CA SER A 17 5.77 19.38 5.58
C SER A 17 6.71 20.57 5.68
N THR A 18 7.64 20.52 6.62
CA THR A 18 8.51 21.65 6.89
C THR A 18 9.50 21.90 5.74
N MET A 19 9.86 20.84 5.02
CA MET A 19 10.82 20.96 3.92
C MET A 19 10.18 21.57 2.67
N TYR A 20 8.89 21.87 2.75
CA TYR A 20 8.17 22.37 1.60
C TYR A 20 7.26 23.53 1.99
N ASP A 21 7.32 23.90 3.27
CA ASP A 21 6.39 24.90 3.85
C ASP A 21 4.96 24.38 3.78
N MET A 22 4.86 23.07 3.61
CA MET A 22 3.60 22.36 3.56
C MET A 22 3.05 22.19 4.97
N GLN A 23 3.88 22.53 5.95
CA GLN A 23 3.49 22.47 7.34
C GLN A 23 2.22 23.28 7.58
N ALA A 24 2.14 24.43 6.91
CA ALA A 24 0.96 25.27 6.96
C ALA A 24 -0.29 24.48 6.61
N LEU A 25 -0.21 23.76 5.50
CA LEU A 25 -1.36 23.05 4.97
C LEU A 25 -1.68 21.85 5.86
N HIS A 26 -0.68 21.32 6.55
CA HIS A 26 -0.90 20.21 7.47
C HIS A 26 -1.39 20.69 8.82
N GLU A 27 -1.08 21.93 9.16
CA GLU A 27 -1.64 22.56 10.34
C GLU A 27 -3.10 22.91 10.08
N SER A 28 -3.42 23.04 8.80
CA SER A 28 -4.80 23.24 8.38
C SER A 28 -5.53 21.91 8.24
N GLU A 29 -4.85 20.93 7.66
CA GLU A 29 -5.41 19.60 7.49
C GLU A 29 -4.42 18.55 7.99
N ILE A 30 -4.60 18.16 9.25
CA ILE A 30 -3.77 17.14 9.87
C ILE A 30 -4.23 15.74 9.43
N LEU A 31 -3.37 14.73 9.60
CA LEU A 31 -3.71 13.36 9.23
C LEU A 31 -4.40 12.66 10.40
N PRO A 32 -5.71 12.42 10.29
CA PRO A 32 -6.47 11.69 11.28
C PRO A 32 -6.52 10.19 11.00
N PHE A 33 -7.15 9.84 9.89
CA PHE A 33 -7.34 8.45 9.49
C PHE A 33 -8.07 7.65 10.56
N PRO A 34 -9.42 7.61 10.48
CA PRO A 34 -10.26 6.94 11.48
C PRO A 34 -10.03 5.43 11.51
N ASN A 35 -9.33 4.95 10.48
CA ASN A 35 -9.00 3.53 10.31
C ASN A 35 -10.17 2.61 10.70
N PRO A 36 -11.28 2.67 9.94
CA PRO A 36 -12.46 1.86 10.19
C PRO A 36 -12.33 0.46 9.58
N GLU A 37 -12.95 -0.52 10.22
CA GLU A 37 -12.89 -1.89 9.75
C GLU A 37 -13.99 -2.15 8.74
N ARG A 38 -13.57 -2.46 7.52
CA ARG A 38 -14.47 -2.73 6.42
C ARG A 38 -13.72 -3.55 5.37
N ASN A 39 -14.14 -3.49 4.11
CA ASN A 39 -13.48 -4.25 3.06
C ASN A 39 -13.05 -3.38 1.90
N PHE A 40 -11.95 -3.77 1.27
CA PHE A 40 -11.42 -3.07 0.12
C PHE A 40 -12.01 -3.64 -1.16
N VAL A 41 -12.96 -2.93 -1.72
CA VAL A 41 -13.55 -3.33 -2.97
C VAL A 41 -12.79 -2.72 -4.13
N LEU A 42 -12.32 -3.57 -5.04
CA LEU A 42 -11.56 -3.12 -6.18
C LEU A 42 -12.46 -2.31 -7.12
N PRO A 43 -12.01 -1.12 -7.54
CA PRO A 43 -12.77 -0.26 -8.45
C PRO A 43 -13.24 -1.00 -9.71
N GLU A 44 -14.56 -1.04 -9.88
CA GLU A 44 -15.19 -1.74 -11.00
C GLU A 44 -14.63 -1.28 -12.34
N GLU A 45 -14.22 -0.02 -12.40
CA GLU A 45 -13.74 0.57 -13.64
C GLU A 45 -12.48 -0.13 -14.12
N ILE A 46 -11.65 -0.55 -13.18
CA ILE A 46 -10.41 -1.25 -13.49
C ILE A 46 -10.72 -2.69 -13.86
N ILE A 47 -11.64 -3.29 -13.10
CA ILE A 47 -12.04 -4.67 -13.35
C ILE A 47 -12.59 -4.84 -14.76
N GLN A 48 -13.50 -3.96 -15.15
CA GLN A 48 -14.09 -4.00 -16.47
C GLN A 48 -13.06 -3.64 -17.54
N GLU A 49 -12.22 -2.64 -17.26
CA GLU A 49 -11.21 -2.22 -18.21
C GLU A 49 -10.25 -3.36 -18.53
N VAL A 50 -9.96 -4.18 -17.53
CA VAL A 50 -9.08 -5.33 -17.72
C VAL A 50 -9.82 -6.52 -18.33
N ARG A 51 -10.91 -6.92 -17.67
CA ARG A 51 -11.61 -8.14 -18.05
C ARG A 51 -12.46 -7.99 -19.31
N GLU A 52 -13.08 -6.83 -19.46
CA GLU A 52 -13.90 -6.56 -20.63
C GLU A 52 -13.05 -5.95 -21.74
N GLY A 53 -12.19 -5.02 -21.34
CA GLY A 53 -11.36 -4.34 -22.30
C GLY A 53 -11.91 -2.97 -22.64
N LYS A 54 -13.18 -2.94 -23.02
CA LYS A 54 -13.87 -1.71 -23.40
C LYS A 54 -13.18 -1.05 -24.58
N SER B 1 -13.39 15.44 -0.31
CA SER B 1 -14.87 15.44 -0.22
C SER B 1 -15.52 15.42 -1.60
N ASN B 2 -14.92 16.10 -2.57
CA ASN B 2 -15.50 16.16 -3.92
C ASN B 2 -15.12 14.94 -4.74
N ALA B 3 -16.09 14.02 -4.86
CA ALA B 3 -15.93 12.79 -5.64
C ALA B 3 -14.86 11.85 -5.04
N GLU B 4 -14.71 10.70 -5.66
CA GLU B 4 -13.71 9.73 -5.22
C GLU B 4 -12.41 9.93 -6.00
N VAL B 5 -11.39 10.41 -5.31
CA VAL B 5 -10.09 10.63 -5.92
C VAL B 5 -9.42 9.30 -6.25
N LYS B 6 -9.09 9.11 -7.52
CA LYS B 6 -8.45 7.90 -7.98
C LYS B 6 -7.23 8.22 -8.82
N VAL B 7 -6.11 7.63 -8.45
CA VAL B 7 -4.84 7.94 -9.09
C VAL B 7 -4.65 7.09 -10.35
N LYS B 8 -3.94 7.64 -11.34
CA LYS B 8 -3.60 6.90 -12.54
C LYS B 8 -2.69 5.73 -12.21
N ILE B 9 -3.26 4.55 -12.18
CA ILE B 9 -2.51 3.33 -11.96
C ILE B 9 -1.97 2.82 -13.29
N PRO B 10 -0.68 2.47 -13.35
CA PRO B 10 -0.03 1.95 -14.55
C PRO B 10 -0.87 0.88 -15.25
N GLU B 11 -1.02 1.02 -16.56
CA GLU B 11 -1.87 0.15 -17.36
C GLU B 11 -1.43 -1.31 -17.25
N GLU B 12 -0.15 -1.51 -16.97
CA GLU B 12 0.44 -2.84 -16.93
C GLU B 12 0.34 -3.47 -15.55
N LEU B 13 -0.12 -2.70 -14.57
CA LEU B 13 -0.29 -3.22 -13.22
C LEU B 13 -1.77 -3.49 -12.93
N LYS B 14 -2.64 -2.95 -13.78
CA LYS B 14 -4.08 -3.14 -13.65
C LYS B 14 -4.48 -4.61 -13.76
N PRO B 15 -4.03 -5.34 -14.81
CA PRO B 15 -4.32 -6.77 -14.96
C PRO B 15 -3.93 -7.57 -13.71
N TRP B 16 -2.84 -7.15 -13.07
CA TRP B 16 -2.39 -7.79 -11.85
C TRP B 16 -3.35 -7.52 -10.70
N LEU B 17 -3.76 -6.26 -10.55
CA LEU B 17 -4.69 -5.87 -9.49
C LEU B 17 -5.99 -6.67 -9.58
N VAL B 18 -6.49 -6.81 -10.80
CA VAL B 18 -7.71 -7.57 -11.03
C VAL B 18 -7.45 -9.07 -10.86
N ASP B 19 -6.23 -9.48 -11.16
CA ASP B 19 -5.85 -10.89 -11.01
C ASP B 19 -5.75 -11.26 -9.53
N ASP B 20 -5.15 -10.37 -8.74
CA ASP B 20 -5.07 -10.56 -7.28
C ASP B 20 -6.48 -10.67 -6.70
N TRP B 21 -7.33 -9.73 -7.08
CA TRP B 21 -8.73 -9.74 -6.70
C TRP B 21 -9.41 -11.03 -7.17
N ASP B 22 -9.07 -11.46 -8.38
CA ASP B 22 -9.62 -12.69 -8.96
C ASP B 22 -9.17 -13.90 -8.15
N LEU B 23 -7.92 -13.87 -7.69
CA LEU B 23 -7.38 -14.94 -6.86
C LEU B 23 -8.18 -15.09 -5.58
N ILE B 24 -8.50 -13.96 -4.95
CA ILE B 24 -9.25 -13.97 -3.71
C ILE B 24 -10.71 -14.39 -3.94
N THR B 25 -11.28 -13.96 -5.06
CA THR B 25 -12.69 -14.18 -5.33
C THR B 25 -12.95 -15.50 -6.08
N ARG B 26 -12.60 -15.52 -7.36
CA ARG B 26 -12.87 -16.69 -8.21
C ARG B 26 -12.00 -17.88 -7.84
N GLN B 27 -10.71 -17.64 -7.68
CA GLN B 27 -9.77 -18.72 -7.49
C GLN B 27 -9.87 -19.31 -6.08
N LYS B 28 -10.32 -18.49 -5.13
CA LYS B 28 -10.43 -18.89 -3.73
C LYS B 28 -9.06 -19.19 -3.14
N GLN B 29 -8.06 -18.51 -3.69
CA GLN B 29 -6.68 -18.68 -3.26
C GLN B 29 -6.32 -17.60 -2.24
N LEU B 30 -5.83 -18.03 -1.10
CA LEU B 30 -5.54 -17.12 -0.02
C LEU B 30 -4.03 -17.05 0.24
N PHE B 31 -3.52 -15.84 0.38
CA PHE B 31 -2.11 -15.63 0.60
C PHE B 31 -1.80 -15.70 2.10
N TYR B 32 -1.55 -16.90 2.58
CA TYR B 32 -1.18 -17.11 3.98
C TYR B 32 0.25 -17.63 4.09
N LEU B 33 1.19 -16.69 4.07
CA LEU B 33 2.61 -17.00 4.14
C LEU B 33 3.41 -15.71 4.13
N PRO B 34 4.58 -15.69 4.79
CA PRO B 34 5.44 -14.52 4.81
C PRO B 34 6.41 -14.48 3.63
N ALA B 35 6.21 -13.52 2.75
CA ALA B 35 7.09 -13.32 1.60
C ALA B 35 8.43 -12.77 2.04
N LYS B 36 9.49 -13.11 1.31
CA LYS B 36 10.83 -12.66 1.65
C LYS B 36 11.14 -11.36 0.92
N LYS B 37 10.61 -11.21 -0.28
CA LYS B 37 10.67 -9.93 -0.97
C LYS B 37 9.44 -9.12 -0.58
N ASN B 38 9.41 -8.76 0.69
CA ASN B 38 8.23 -8.17 1.29
C ASN B 38 8.21 -6.66 1.19
N VAL B 39 7.07 -6.07 1.56
CA VAL B 39 6.87 -4.62 1.48
C VAL B 39 8.03 -3.85 2.08
N ASP B 40 8.31 -4.13 3.35
CA ASP B 40 9.38 -3.44 4.07
C ASP B 40 10.72 -3.55 3.35
N SER B 41 11.03 -4.74 2.85
CA SER B 41 12.29 -4.98 2.17
C SER B 41 12.31 -4.30 0.80
N ILE B 42 11.16 -4.19 0.14
CA ILE B 42 11.07 -3.52 -1.14
C ILE B 42 11.11 -2.01 -0.97
N LEU B 43 10.54 -1.54 0.13
CA LEU B 43 10.61 -0.14 0.48
C LEU B 43 12.06 0.27 0.68
N GLU B 44 12.81 -0.57 1.38
CA GLU B 44 14.23 -0.34 1.60
C GLU B 44 15.00 -0.55 0.31
N ASP B 45 14.54 -1.51 -0.49
CA ASP B 45 15.11 -1.78 -1.82
C ASP B 45 15.11 -0.50 -2.64
N TYR B 46 13.95 0.14 -2.71
CA TYR B 46 13.80 1.41 -3.41
C TYR B 46 14.67 2.50 -2.78
N ALA B 47 14.70 2.53 -1.45
CA ALA B 47 15.48 3.51 -0.71
C ALA B 47 16.97 3.40 -1.05
N ASN B 48 17.44 2.17 -1.19
CA ASN B 48 18.83 1.93 -1.56
C ASN B 48 19.06 2.30 -3.01
N TYR B 49 18.17 1.83 -3.87
CA TYR B 49 18.25 2.04 -5.32
C TYR B 49 18.49 3.50 -5.68
N LYS B 50 17.73 4.41 -5.05
CA LYS B 50 17.86 5.83 -5.30
C LYS B 50 19.24 6.36 -4.92
N LYS B 51 19.79 5.85 -3.82
CA LYS B 51 21.04 6.36 -3.29
C LYS B 51 22.24 5.74 -4.00
N SER B 52 22.17 4.45 -4.28
CA SER B 52 23.28 3.74 -4.90
C SER B 52 23.42 4.08 -6.38
N ARG B 53 22.45 4.83 -6.91
CA ARG B 53 22.49 5.26 -8.30
C ARG B 53 23.61 6.28 -8.54
N GLY B 54 24.17 6.81 -7.47
CA GLY B 54 25.27 7.75 -7.60
C GLY B 54 25.59 8.44 -6.30
N ASN B 55 24.59 9.10 -5.73
CA ASN B 55 24.72 9.80 -4.45
C ASN B 55 23.35 10.32 -4.03
N THR B 56 22.79 11.21 -4.85
CA THR B 56 21.41 11.67 -4.66
C THR B 56 21.24 12.35 -3.29
N ASP B 57 22.15 13.28 -3.00
CA ASP B 57 22.20 13.97 -1.71
C ASP B 57 20.87 14.63 -1.29
N ASN B 58 20.41 15.61 -2.05
CA ASN B 58 19.22 16.39 -1.67
C ASN B 58 17.93 15.56 -1.75
N LYS B 59 18.03 14.32 -2.19
CA LYS B 59 16.87 13.45 -2.26
C LYS B 59 16.94 12.35 -1.20
N GLU B 60 18.10 12.22 -0.56
CA GLU B 60 18.36 11.17 0.41
C GLU B 60 17.30 11.16 1.53
N TYR B 61 17.21 12.27 2.25
CA TYR B 61 16.25 12.40 3.33
C TYR B 61 14.82 12.24 2.83
N ALA B 62 14.56 12.78 1.64
CA ALA B 62 13.23 12.75 1.06
C ALA B 62 12.79 11.32 0.79
N VAL B 63 13.71 10.49 0.31
CA VAL B 63 13.44 9.08 0.10
C VAL B 63 13.09 8.42 1.43
N ASN B 64 13.89 8.72 2.44
CA ASN B 64 13.71 8.14 3.78
C ASN B 64 12.29 8.40 4.30
N GLU B 65 11.90 9.67 4.34
CA GLU B 65 10.62 10.05 4.93
C GLU B 65 9.44 9.58 4.09
N VAL B 66 9.58 9.57 2.77
CA VAL B 66 8.52 9.08 1.90
C VAL B 66 8.36 7.56 2.05
N VAL B 67 9.47 6.84 2.06
CA VAL B 67 9.45 5.40 2.24
C VAL B 67 8.83 5.02 3.59
N ALA B 68 9.30 5.66 4.65
CA ALA B 68 8.76 5.44 5.99
C ALA B 68 7.28 5.81 6.02
N GLY B 69 6.93 6.85 5.28
CA GLY B 69 5.55 7.29 5.20
C GLY B 69 4.65 6.27 4.56
N ILE B 70 5.11 5.69 3.44
CA ILE B 70 4.36 4.65 2.75
C ILE B 70 4.12 3.47 3.69
N LYS B 71 5.15 3.10 4.45
CA LYS B 71 5.06 2.00 5.39
C LYS B 71 3.97 2.27 6.41
N GLU B 72 3.97 3.47 6.98
CA GLU B 72 2.96 3.86 7.96
C GLU B 72 1.57 3.89 7.31
N TYR B 73 1.49 4.48 6.12
CA TYR B 73 0.23 4.54 5.37
C TYR B 73 -0.36 3.14 5.18
N PHE B 74 0.49 2.21 4.77
CA PHE B 74 0.09 0.82 4.57
C PHE B 74 -0.45 0.23 5.87
N ASN B 75 0.25 0.49 6.97
CA ASN B 75 -0.12 -0.05 8.27
C ASN B 75 -1.41 0.53 8.81
N VAL B 76 -1.76 1.75 8.38
CA VAL B 76 -2.99 2.39 8.86
C VAL B 76 -4.24 1.74 8.26
N MET B 77 -4.19 1.40 6.99
CA MET B 77 -5.41 0.99 6.28
C MET B 77 -5.38 -0.47 5.82
N LEU B 78 -4.31 -1.19 6.10
CA LEU B 78 -4.22 -2.59 5.66
C LEU B 78 -5.22 -3.48 6.39
N GLY B 79 -5.08 -3.56 7.71
CA GLY B 79 -5.88 -4.47 8.49
C GLY B 79 -7.28 -3.95 8.73
N THR B 80 -7.51 -2.71 8.33
CA THR B 80 -8.80 -2.08 8.51
C THR B 80 -9.68 -2.23 7.26
N GLN B 81 -9.12 -1.94 6.09
CA GLN B 81 -9.91 -2.02 4.86
C GLN B 81 -9.22 -2.84 3.77
N LEU B 82 -7.92 -2.63 3.57
CA LEU B 82 -7.19 -3.26 2.46
C LEU B 82 -7.28 -4.78 2.51
N LEU B 83 -7.50 -5.31 3.69
CA LEU B 83 -7.60 -6.75 3.89
C LEU B 83 -9.07 -7.19 3.77
N TYR B 84 -9.31 -8.28 3.04
CA TYR B 84 -10.66 -8.80 2.87
C TYR B 84 -11.10 -9.57 4.11
N LYS B 85 -12.38 -9.96 4.13
CA LYS B 85 -12.93 -10.75 5.21
C LYS B 85 -12.34 -12.15 5.18
N PHE B 86 -12.15 -12.65 3.98
CA PHE B 86 -11.58 -13.98 3.78
C PHE B 86 -10.11 -14.00 4.24
N GLU B 87 -9.53 -12.82 4.34
CA GLU B 87 -8.13 -12.70 4.77
C GLU B 87 -8.03 -12.47 6.27
N ARG B 88 -9.17 -12.37 6.95
CA ARG B 88 -9.19 -12.19 8.40
C ARG B 88 -8.60 -13.41 9.13
N PRO B 89 -9.05 -14.65 8.81
CA PRO B 89 -8.48 -15.86 9.40
C PRO B 89 -7.00 -16.01 9.05
N GLN B 90 -6.64 -15.49 7.87
CA GLN B 90 -5.25 -15.48 7.43
C GLN B 90 -4.43 -14.54 8.32
N TYR B 91 -4.98 -13.35 8.55
CA TYR B 91 -4.36 -12.38 9.43
C TYR B 91 -4.11 -12.99 10.81
N ALA B 92 -5.16 -13.56 11.40
CA ALA B 92 -5.06 -14.16 12.71
C ALA B 92 -4.08 -15.32 12.73
N GLU B 93 -4.07 -16.11 11.65
CA GLU B 93 -3.22 -17.28 11.55
C GLU B 93 -1.74 -16.88 11.50
N ILE B 94 -1.41 -15.96 10.59
CA ILE B 94 -0.03 -15.48 10.47
C ILE B 94 0.38 -14.75 11.74
N LEU B 95 -0.52 -13.95 12.29
CA LEU B 95 -0.25 -13.16 13.48
C LEU B 95 0.05 -14.09 14.67
N ALA B 96 -0.76 -15.13 14.83
CA ALA B 96 -0.62 -16.04 15.95
C ALA B 96 0.59 -16.96 15.77
N ASP B 97 0.93 -17.26 14.52
CA ASP B 97 2.06 -18.14 14.23
C ASP B 97 3.37 -17.38 14.26
N HIS B 98 3.33 -16.11 13.84
CA HIS B 98 4.52 -15.28 13.82
C HIS B 98 4.32 -13.98 14.59
N PRO B 99 4.46 -14.01 15.93
CA PRO B 99 4.40 -12.82 16.76
C PRO B 99 5.71 -12.05 16.72
N ASP B 100 6.66 -12.60 15.98
CA ASP B 100 7.99 -12.03 15.83
C ASP B 100 8.12 -11.32 14.49
N ALA B 101 7.09 -11.43 13.67
CA ALA B 101 7.14 -10.88 12.32
C ALA B 101 6.28 -9.64 12.19
N PRO B 102 6.78 -8.63 11.46
CA PRO B 102 6.00 -7.43 11.14
C PRO B 102 4.96 -7.72 10.07
N MET B 103 3.87 -6.97 10.08
CA MET B 103 2.78 -7.20 9.14
C MET B 103 3.15 -6.67 7.76
N SER B 104 4.15 -5.78 7.73
CA SER B 104 4.66 -5.22 6.49
C SER B 104 5.60 -6.23 5.81
N GLN B 105 5.72 -7.40 6.42
CA GLN B 105 6.53 -8.47 5.87
C GLN B 105 5.67 -9.50 5.15
N VAL B 106 4.90 -10.24 5.93
CA VAL B 106 4.11 -11.37 5.43
C VAL B 106 3.35 -11.08 4.13
N TYR B 107 2.62 -9.96 4.09
CA TYR B 107 1.72 -9.68 2.98
C TYR B 107 2.43 -9.46 1.65
N GLY B 108 3.72 -9.15 1.72
CA GLY B 108 4.55 -9.10 0.54
C GLY B 108 4.12 -8.07 -0.51
N ALA B 109 4.73 -8.17 -1.68
CA ALA B 109 4.50 -7.24 -2.78
C ALA B 109 3.05 -7.24 -3.29
N PRO B 110 2.40 -8.42 -3.50
CA PRO B 110 1.03 -8.50 -4.01
C PRO B 110 0.06 -7.54 -3.30
N HIS B 111 0.17 -7.46 -1.98
CA HIS B 111 -0.74 -6.64 -1.20
C HIS B 111 -0.33 -5.17 -1.21
N LEU B 112 0.90 -4.91 -1.64
CA LEU B 112 1.43 -3.55 -1.71
C LEU B 112 0.72 -2.78 -2.82
N LEU B 113 0.56 -3.43 -3.98
CA LEU B 113 -0.08 -2.81 -5.14
C LEU B 113 -1.52 -2.42 -4.85
N ARG B 114 -2.15 -3.14 -3.93
CA ARG B 114 -3.54 -2.89 -3.57
C ARG B 114 -3.69 -1.61 -2.74
N LEU B 115 -2.56 -1.10 -2.22
CA LEU B 115 -2.55 0.12 -1.43
C LEU B 115 -2.72 1.35 -2.32
N PHE B 116 -2.09 1.32 -3.49
CA PHE B 116 -1.99 2.49 -4.36
C PHE B 116 -3.35 2.99 -4.85
N VAL B 117 -4.28 2.08 -5.05
CA VAL B 117 -5.59 2.45 -5.58
C VAL B 117 -6.52 2.94 -4.46
N ARG B 118 -6.19 2.62 -3.21
CA ARG B 118 -7.04 2.99 -2.10
C ARG B 118 -6.46 4.18 -1.33
N ILE B 119 -5.15 4.36 -1.41
CA ILE B 119 -4.51 5.48 -0.72
C ILE B 119 -5.05 6.82 -1.25
N GLY B 120 -5.23 6.89 -2.57
CA GLY B 120 -5.78 8.09 -3.18
C GLY B 120 -7.22 8.31 -2.77
N ALA B 121 -7.94 7.21 -2.55
CA ALA B 121 -9.33 7.27 -2.12
C ALA B 121 -9.42 7.78 -0.70
N MET B 122 -8.41 7.46 0.09
CA MET B 122 -8.34 7.92 1.47
C MET B 122 -7.95 9.39 1.51
N LEU B 123 -7.21 9.81 0.49
CA LEU B 123 -6.84 11.21 0.34
C LEU B 123 -8.05 12.02 -0.13
N ALA B 124 -9.12 11.31 -0.48
CA ALA B 124 -10.37 11.95 -0.84
C ALA B 124 -11.11 12.37 0.42
N TYR B 125 -10.81 11.70 1.53
CA TYR B 125 -11.38 12.06 2.82
C TYR B 125 -10.55 13.16 3.46
N THR B 126 -9.23 12.97 3.45
CA THR B 126 -8.31 13.99 3.91
C THR B 126 -7.50 14.53 2.74
N PRO B 127 -7.96 15.63 2.14
CA PRO B 127 -7.37 16.18 0.93
C PRO B 127 -6.22 17.13 1.20
N LEU B 128 -5.15 16.98 0.43
CA LEU B 128 -4.00 17.87 0.52
C LEU B 128 -4.05 18.90 -0.59
N ASP B 129 -3.06 19.80 -0.61
CA ASP B 129 -2.96 20.81 -1.64
C ASP B 129 -2.63 20.18 -2.99
N GLU B 130 -2.81 20.96 -4.05
CA GLU B 130 -2.59 20.48 -5.42
C GLU B 130 -1.13 20.08 -5.62
N LYS B 131 -0.22 20.94 -5.17
CA LYS B 131 1.21 20.72 -5.36
C LYS B 131 1.66 19.57 -4.51
N SER B 132 1.24 19.61 -3.26
CA SER B 132 1.55 18.57 -2.29
C SER B 132 1.07 17.20 -2.80
N LEU B 133 -0.13 17.16 -3.34
CA LEU B 133 -0.68 15.93 -3.90
C LEU B 133 0.12 15.51 -5.13
N ALA B 134 0.45 16.49 -5.96
CA ALA B 134 1.21 16.23 -7.18
C ALA B 134 2.57 15.62 -6.88
N LEU B 135 3.29 16.20 -5.93
CA LEU B 135 4.62 15.69 -5.58
C LEU B 135 4.52 14.33 -4.89
N LEU B 136 3.45 14.14 -4.12
CA LEU B 136 3.21 12.87 -3.47
C LEU B 136 2.94 11.79 -4.51
N LEU B 137 2.08 12.12 -5.46
CA LEU B 137 1.77 11.21 -6.57
C LEU B 137 2.96 11.07 -7.51
N ASN B 138 3.85 12.03 -7.47
CA ASN B 138 5.09 11.97 -8.24
C ASN B 138 5.95 10.82 -7.73
N TYR B 139 6.27 10.86 -6.44
CA TYR B 139 7.02 9.77 -5.80
C TYR B 139 6.25 8.47 -5.93
N LEU B 140 4.94 8.55 -5.74
CA LEU B 140 4.06 7.39 -5.85
C LEU B 140 4.19 6.72 -7.21
N HIS B 141 4.19 7.53 -8.27
CA HIS B 141 4.30 7.02 -9.63
C HIS B 141 5.71 6.54 -9.93
N ASP B 142 6.71 7.20 -9.35
CA ASP B 142 8.09 6.79 -9.54
C ASP B 142 8.30 5.40 -8.95
N PHE B 143 7.71 5.17 -7.79
CA PHE B 143 7.77 3.87 -7.14
C PHE B 143 6.96 2.84 -7.91
N LEU B 144 5.77 3.25 -8.37
CA LEU B 144 4.94 2.40 -9.22
C LEU B 144 5.67 1.99 -10.49
N LYS B 145 6.33 2.96 -11.11
CA LYS B 145 7.12 2.72 -12.31
C LYS B 145 8.28 1.77 -12.00
N TYR B 146 8.90 1.96 -10.83
CA TYR B 146 9.99 1.11 -10.40
C TYR B 146 9.51 -0.33 -10.21
N LEU B 147 8.32 -0.47 -9.63
CA LEU B 147 7.72 -1.77 -9.45
C LEU B 147 7.33 -2.38 -10.80
N ALA B 148 6.67 -1.59 -11.63
CA ALA B 148 6.18 -2.07 -12.92
C ALA B 148 7.30 -2.60 -13.80
N LYS B 149 8.42 -1.89 -13.81
CA LYS B 149 9.55 -2.24 -14.66
C LYS B 149 10.12 -3.62 -14.32
N ASN B 150 10.08 -3.97 -13.04
CA ASN B 150 10.72 -5.21 -12.59
C ASN B 150 9.71 -6.25 -12.11
N SER B 151 8.44 -5.86 -12.08
CA SER B 151 7.37 -6.68 -11.48
C SER B 151 7.31 -8.10 -12.04
N ALA B 152 7.58 -8.25 -13.33
CA ALA B 152 7.54 -9.56 -13.98
C ALA B 152 8.52 -10.53 -13.32
N THR B 153 9.60 -10.00 -12.78
CA THR B 153 10.60 -10.81 -12.09
C THR B 153 10.69 -10.43 -10.62
N LEU B 154 9.74 -9.59 -10.20
CA LEU B 154 9.73 -9.05 -8.85
C LEU B 154 8.96 -9.96 -7.92
N PHE B 155 7.78 -10.38 -8.38
CA PHE B 155 6.90 -11.22 -7.60
C PHE B 155 6.00 -12.04 -8.52
N SER B 156 5.34 -13.04 -7.98
CA SER B 156 4.43 -13.86 -8.76
C SER B 156 3.27 -14.35 -7.91
N ALA B 157 2.18 -14.74 -8.57
CA ALA B 157 0.98 -15.22 -7.88
C ALA B 157 1.16 -16.64 -7.36
N SER B 158 2.39 -17.15 -7.45
CA SER B 158 2.69 -18.53 -7.09
C SER B 158 2.48 -18.79 -5.60
N ASP B 159 2.64 -17.77 -4.77
CA ASP B 159 2.50 -17.94 -3.33
C ASP B 159 1.03 -18.03 -2.92
N TYR B 160 0.14 -17.69 -3.84
CA TYR B 160 -1.29 -17.80 -3.59
C TYR B 160 -1.72 -19.25 -3.71
N GLU B 161 -2.26 -19.78 -2.61
CA GLU B 161 -2.67 -21.17 -2.56
C GLU B 161 -4.16 -21.25 -2.29
N VAL B 162 -4.83 -22.22 -2.92
CA VAL B 162 -6.27 -22.38 -2.75
C VAL B 162 -6.59 -22.83 -1.33
N ALA B 163 -7.52 -22.13 -0.71
CA ALA B 163 -7.91 -22.44 0.67
C ALA B 163 -8.94 -23.56 0.71
N PRO B 164 -8.64 -24.64 1.45
CA PRO B 164 -9.55 -25.79 1.59
C PRO B 164 -10.90 -25.39 2.17
N PRO B 165 -11.96 -26.17 1.90
CA PRO B 165 -13.33 -25.89 2.37
C PRO B 165 -13.40 -25.57 3.86
N GLU B 166 -12.78 -26.41 4.68
CA GLU B 166 -12.82 -26.23 6.14
C GLU B 166 -12.13 -24.94 6.56
N TYR B 167 -11.23 -24.44 5.73
CA TYR B 167 -10.52 -23.21 6.04
C TYR B 167 -11.47 -22.01 5.92
N HIS B 168 -12.48 -22.16 5.07
CA HIS B 168 -13.47 -21.11 4.86
C HIS B 168 -14.28 -20.89 6.13
N ARG B 169 -14.41 -21.95 6.92
CA ARG B 169 -15.23 -21.93 8.13
C ARG B 169 -14.66 -20.99 9.19
N LYS B 170 -13.39 -20.62 9.05
CA LYS B 170 -12.79 -19.69 10.00
C LYS B 170 -13.27 -18.27 9.73
N ALA B 171 -13.59 -17.99 8.47
CA ALA B 171 -14.03 -16.65 8.08
C ALA B 171 -15.56 -16.59 8.00
N VAL B 172 -16.15 -17.64 7.47
CA VAL B 172 -17.58 -17.71 7.31
C VAL B 172 -18.19 -18.59 8.40
N SER A 1 16.57 5.24 17.09
CA SER A 1 16.15 6.57 17.59
C SER A 1 14.64 6.75 17.42
N ASN A 2 13.87 6.13 18.30
CA ASN A 2 12.42 6.24 18.25
C ASN A 2 11.94 7.43 19.09
N ALA A 3 11.26 8.37 18.44
CA ALA A 3 10.60 9.44 19.15
C ALA A 3 9.26 8.93 19.68
N GLY A 4 8.82 7.83 19.13
CA GLY A 4 7.58 7.20 19.56
C GLY A 4 7.04 6.26 18.51
N ARG A 5 6.33 5.23 18.96
CA ARG A 5 5.67 4.29 18.06
C ARG A 5 4.17 4.34 18.32
N GLN A 6 3.64 5.55 18.35
CA GLN A 6 2.24 5.79 18.67
C GLN A 6 1.44 6.06 17.41
N VAL A 7 1.92 7.00 16.61
CA VAL A 7 1.22 7.41 15.41
C VAL A 7 2.18 7.49 14.21
N PRO A 8 1.68 7.16 13.01
CA PRO A 8 2.46 7.25 11.78
C PRO A 8 2.55 8.68 11.26
N SER A 9 1.80 9.57 11.90
CA SER A 9 1.73 10.96 11.48
C SER A 9 2.77 11.80 12.21
N LYS A 10 2.96 13.04 11.72
CA LYS A 10 3.81 14.04 12.37
C LYS A 10 5.30 13.75 12.21
N VAL A 11 5.75 12.60 12.69
CA VAL A 11 7.19 12.27 12.71
C VAL A 11 7.83 12.39 11.33
N ILE A 12 7.17 11.87 10.31
CA ILE A 12 7.70 11.87 8.95
C ILE A 12 7.38 13.19 8.25
N TRP A 13 6.13 13.55 8.31
CA TRP A 13 5.63 14.72 7.63
C TRP A 13 6.17 15.97 8.30
N ASP A 14 6.87 15.79 9.42
CA ASP A 14 7.50 16.89 10.12
C ASP A 14 8.48 17.59 9.18
N HIS A 15 9.45 16.83 8.69
CA HIS A 15 10.41 17.36 7.74
C HIS A 15 9.79 17.56 6.38
N LEU A 16 8.94 16.60 5.95
CA LEU A 16 8.30 16.73 4.63
C LEU A 16 7.51 18.04 4.54
N SER A 17 6.87 18.42 5.63
CA SER A 17 6.05 19.62 5.62
C SER A 17 6.89 20.88 5.77
N THR A 18 7.87 20.86 6.66
CA THR A 18 8.64 22.06 6.96
C THR A 18 9.50 22.49 5.77
N MET A 19 9.87 21.55 4.91
CA MET A 19 10.65 21.89 3.71
C MET A 19 9.72 22.30 2.57
N TYR A 20 8.42 22.28 2.81
CA TYR A 20 7.46 22.53 1.75
C TYR A 20 6.40 23.55 2.20
N ASP A 21 6.49 23.97 3.46
CA ASP A 21 5.48 24.79 4.11
C ASP A 21 4.13 24.07 4.14
N MET A 22 4.17 22.75 4.20
CA MET A 22 2.95 21.96 4.30
C MET A 22 2.46 21.91 5.73
N GLN A 23 3.24 22.51 6.65
CA GLN A 23 2.87 22.57 8.06
C GLN A 23 1.46 23.10 8.19
N ALA A 24 1.22 24.27 7.61
CA ALA A 24 -0.10 24.89 7.57
C ALA A 24 -1.20 23.88 7.23
N LEU A 25 -1.00 23.19 6.12
CA LEU A 25 -2.01 22.31 5.57
C LEU A 25 -2.09 21.00 6.33
N HIS A 26 -1.13 20.73 7.20
CA HIS A 26 -1.19 19.54 8.04
C HIS A 26 -1.63 19.87 9.45
N GLU A 27 -1.53 21.14 9.82
CA GLU A 27 -2.08 21.60 11.08
C GLU A 27 -3.59 21.71 10.95
N SER A 28 -4.04 22.01 9.75
CA SER A 28 -5.45 21.99 9.44
C SER A 28 -5.88 20.57 9.07
N GLU A 29 -5.38 20.08 7.94
CA GLU A 29 -5.71 18.75 7.47
C GLU A 29 -4.69 17.75 7.99
N ILE A 30 -4.93 17.29 9.20
CA ILE A 30 -4.05 16.33 9.87
C ILE A 30 -4.34 14.92 9.33
N LEU A 31 -3.51 13.95 9.71
CA LEU A 31 -3.74 12.55 9.36
C LEU A 31 -4.38 11.85 10.56
N PRO A 32 -5.73 11.81 10.59
CA PRO A 32 -6.51 11.29 11.70
C PRO A 32 -7.21 9.97 11.38
N PHE A 33 -6.82 9.33 10.27
CA PHE A 33 -7.56 8.21 9.69
C PHE A 33 -8.03 7.20 10.73
N PRO A 34 -9.35 7.17 10.99
CA PRO A 34 -9.95 6.19 11.91
C PRO A 34 -10.00 4.82 11.26
N ASN A 35 -9.89 4.83 9.93
CA ASN A 35 -9.82 3.62 9.09
C ASN A 35 -10.77 2.51 9.57
N PRO A 36 -12.04 2.59 9.16
CA PRO A 36 -13.05 1.58 9.50
C PRO A 36 -12.82 0.27 8.76
N GLU A 37 -13.14 -0.85 9.40
CA GLU A 37 -13.01 -2.14 8.77
C GLU A 37 -14.09 -2.33 7.72
N ARG A 38 -13.70 -2.24 6.46
CA ARG A 38 -14.67 -2.37 5.37
C ARG A 38 -14.26 -3.48 4.44
N ASN A 39 -14.88 -3.51 3.26
CA ASN A 39 -14.56 -4.49 2.25
C ASN A 39 -13.75 -3.84 1.13
N PHE A 40 -12.54 -4.32 0.90
CA PHE A 40 -11.71 -3.79 -0.17
C PHE A 40 -12.36 -4.10 -1.51
N VAL A 41 -13.00 -3.10 -2.09
CA VAL A 41 -13.55 -3.24 -3.43
C VAL A 41 -12.59 -2.63 -4.44
N LEU A 42 -12.06 -3.48 -5.31
CA LEU A 42 -11.23 -3.03 -6.41
C LEU A 42 -12.09 -2.26 -7.40
N PRO A 43 -11.57 -1.13 -7.93
CA PRO A 43 -12.29 -0.34 -8.94
C PRO A 43 -12.85 -1.21 -10.05
N GLU A 44 -14.17 -1.25 -10.13
CA GLU A 44 -14.89 -2.08 -11.07
C GLU A 44 -14.50 -1.75 -12.51
N GLU A 45 -14.10 -0.50 -12.74
CA GLU A 45 -13.72 -0.05 -14.06
C GLU A 45 -12.49 -0.80 -14.56
N ILE A 46 -11.53 -0.98 -13.66
CA ILE A 46 -10.28 -1.66 -14.00
C ILE A 46 -10.53 -3.14 -14.23
N ILE A 47 -11.37 -3.72 -13.39
CA ILE A 47 -11.71 -5.14 -13.50
C ILE A 47 -12.28 -5.44 -14.88
N GLN A 48 -13.21 -4.60 -15.32
CA GLN A 48 -13.86 -4.80 -16.61
C GLN A 48 -12.93 -4.44 -17.76
N GLU A 49 -12.09 -3.43 -17.56
CA GLU A 49 -11.15 -3.00 -18.59
C GLU A 49 -10.08 -4.05 -18.86
N VAL A 50 -9.68 -4.76 -17.81
CA VAL A 50 -8.69 -5.81 -17.94
C VAL A 50 -9.29 -7.09 -18.50
N ARG A 51 -10.31 -7.61 -17.83
CA ARG A 51 -10.86 -8.91 -18.18
C ARG A 51 -11.74 -8.83 -19.42
N GLU A 52 -12.68 -7.89 -19.41
CA GLU A 52 -13.64 -7.76 -20.49
C GLU A 52 -13.17 -6.70 -21.49
N GLY A 53 -11.89 -6.38 -21.42
CA GLY A 53 -11.33 -5.36 -22.30
C GLY A 53 -10.97 -5.92 -23.67
N LYS A 54 -11.92 -6.60 -24.29
CA LYS A 54 -11.72 -7.16 -25.61
C LYS A 54 -12.79 -6.65 -26.56
N SER B 1 -9.73 20.11 -5.16
CA SER B 1 -10.39 19.41 -4.04
C SER B 1 -11.86 19.09 -4.35
N ASN B 2 -12.30 19.36 -5.59
CA ASN B 2 -13.68 19.08 -5.98
C ASN B 2 -13.78 17.70 -6.61
N ALA B 3 -12.64 17.06 -6.80
CA ALA B 3 -12.60 15.73 -7.40
C ALA B 3 -11.78 14.79 -6.53
N GLU B 4 -11.95 13.50 -6.78
CA GLU B 4 -11.21 12.47 -6.06
C GLU B 4 -9.72 12.59 -6.38
N VAL B 5 -8.88 12.12 -5.47
CA VAL B 5 -7.46 12.09 -5.72
C VAL B 5 -7.16 10.99 -6.74
N LYS B 6 -7.05 11.39 -8.00
CA LYS B 6 -6.88 10.44 -9.09
C LYS B 6 -5.47 9.88 -9.12
N VAL B 7 -5.22 8.88 -8.30
CA VAL B 7 -3.96 8.17 -8.35
C VAL B 7 -4.00 7.16 -9.49
N LYS B 8 -3.61 7.62 -10.67
CA LYS B 8 -3.61 6.76 -11.84
C LYS B 8 -2.62 5.62 -11.66
N ILE B 9 -3.17 4.43 -11.44
CA ILE B 9 -2.36 3.24 -11.33
C ILE B 9 -1.79 2.87 -12.70
N PRO B 10 -0.47 2.63 -12.77
CA PRO B 10 0.18 2.23 -14.01
C PRO B 10 -0.58 1.12 -14.73
N GLU B 11 -0.77 1.31 -16.03
CA GLU B 11 -1.52 0.37 -16.86
C GLU B 11 -0.95 -1.04 -16.76
N GLU B 12 0.35 -1.12 -16.52
CA GLU B 12 1.06 -2.40 -16.42
C GLU B 12 0.62 -3.17 -15.17
N LEU B 13 0.13 -2.45 -14.17
CA LEU B 13 -0.20 -3.05 -12.88
C LEU B 13 -1.68 -3.39 -12.78
N LYS B 14 -2.46 -2.92 -13.75
CA LYS B 14 -3.91 -3.19 -13.76
C LYS B 14 -4.22 -4.69 -13.74
N PRO B 15 -3.61 -5.51 -14.64
CA PRO B 15 -3.83 -6.96 -14.64
C PRO B 15 -3.50 -7.60 -13.30
N TRP B 16 -2.50 -7.07 -12.61
CA TRP B 16 -2.07 -7.59 -11.33
C TRP B 16 -3.09 -7.25 -10.23
N LEU B 17 -3.64 -6.05 -10.31
CA LEU B 17 -4.69 -5.64 -9.38
C LEU B 17 -5.86 -6.59 -9.45
N VAL B 18 -6.35 -6.82 -10.66
CA VAL B 18 -7.48 -7.70 -10.89
C VAL B 18 -7.12 -9.13 -10.55
N ASP B 19 -5.85 -9.49 -10.75
CA ASP B 19 -5.39 -10.85 -10.48
C ASP B 19 -5.48 -11.15 -8.99
N ASP B 20 -4.90 -10.29 -8.17
CA ASP B 20 -4.96 -10.43 -6.72
C ASP B 20 -6.41 -10.49 -6.23
N TRP B 21 -7.22 -9.55 -6.72
CA TRP B 21 -8.64 -9.52 -6.38
C TRP B 21 -9.32 -10.83 -6.78
N ASP B 22 -9.08 -11.26 -8.01
CA ASP B 22 -9.71 -12.47 -8.55
C ASP B 22 -9.29 -13.70 -7.77
N LEU B 23 -8.00 -13.81 -7.48
CA LEU B 23 -7.47 -14.94 -6.72
C LEU B 23 -8.17 -15.08 -5.39
N ILE B 24 -8.26 -13.99 -4.64
CA ILE B 24 -8.88 -14.01 -3.32
C ILE B 24 -10.39 -14.25 -3.41
N THR B 25 -11.09 -13.38 -4.14
CA THR B 25 -12.53 -13.35 -4.10
C THR B 25 -13.18 -14.48 -4.90
N ARG B 26 -12.72 -14.68 -6.13
CA ARG B 26 -13.39 -15.62 -7.02
C ARG B 26 -12.83 -17.03 -6.92
N GLN B 27 -11.52 -17.16 -7.13
CA GLN B 27 -10.90 -18.48 -7.20
C GLN B 27 -10.48 -19.01 -5.83
N LYS B 28 -10.72 -18.19 -4.79
CA LYS B 28 -10.55 -18.61 -3.39
C LYS B 28 -9.12 -19.06 -3.10
N GLN B 29 -8.16 -18.41 -3.74
CA GLN B 29 -6.75 -18.68 -3.51
C GLN B 29 -6.20 -17.65 -2.53
N LEU B 30 -5.77 -18.12 -1.38
CA LEU B 30 -5.40 -17.24 -0.29
C LEU B 30 -3.87 -17.23 -0.09
N PHE B 31 -3.38 -16.23 0.63
CA PHE B 31 -1.95 -16.05 0.82
C PHE B 31 -1.60 -16.12 2.30
N TYR B 32 -1.32 -17.33 2.80
CA TYR B 32 -0.92 -17.50 4.19
C TYR B 32 0.47 -18.11 4.28
N LEU B 33 1.48 -17.25 4.17
CA LEU B 33 2.87 -17.67 4.20
C LEU B 33 3.77 -16.44 4.25
N PRO B 34 5.00 -16.58 4.78
CA PRO B 34 5.95 -15.48 4.82
C PRO B 34 6.56 -15.21 3.44
N ALA B 35 6.19 -14.08 2.87
CA ALA B 35 6.67 -13.70 1.54
C ALA B 35 8.15 -13.32 1.58
N LYS B 36 8.84 -13.61 0.47
CA LYS B 36 10.25 -13.27 0.35
C LYS B 36 10.42 -11.86 -0.21
N LYS B 37 9.69 -11.57 -1.28
CA LYS B 37 9.64 -10.21 -1.81
C LYS B 37 8.46 -9.48 -1.21
N ASN B 38 8.76 -8.49 -0.38
CA ASN B 38 7.73 -7.82 0.39
C ASN B 38 7.90 -6.31 0.38
N VAL B 39 6.89 -5.64 0.93
CA VAL B 39 6.82 -4.17 0.92
C VAL B 39 8.10 -3.54 1.47
N ASP B 40 8.46 -3.91 2.68
CA ASP B 40 9.59 -3.29 3.38
C ASP B 40 10.89 -3.45 2.59
N SER B 41 11.12 -4.64 2.07
CA SER B 41 12.36 -4.92 1.35
C SER B 41 12.42 -4.12 0.05
N ILE B 42 11.29 -4.02 -0.66
CA ILE B 42 11.22 -3.24 -1.88
C ILE B 42 11.40 -1.75 -1.57
N LEU B 43 10.79 -1.32 -0.48
CA LEU B 43 10.91 0.06 -0.02
C LEU B 43 12.37 0.43 0.21
N GLU B 44 13.09 -0.42 0.93
CA GLU B 44 14.50 -0.19 1.20
C GLU B 44 15.32 -0.24 -0.08
N ASP B 45 14.99 -1.20 -0.94
CA ASP B 45 15.67 -1.37 -2.22
C ASP B 45 15.49 -0.13 -3.08
N TYR B 46 14.29 0.41 -3.10
CA TYR B 46 13.96 1.61 -3.86
C TYR B 46 14.73 2.82 -3.34
N ALA B 47 14.79 2.96 -2.02
CA ALA B 47 15.49 4.08 -1.40
C ALA B 47 16.97 4.08 -1.77
N ASN B 48 17.59 2.92 -1.68
CA ASN B 48 19.01 2.79 -2.01
C ASN B 48 19.25 2.75 -3.51
N TYR B 49 18.20 2.44 -4.27
CA TYR B 49 18.27 2.45 -5.73
C TYR B 49 18.67 3.83 -6.24
N LYS B 50 18.19 4.87 -5.57
CA LYS B 50 18.55 6.23 -5.92
C LYS B 50 19.98 6.52 -5.49
N LYS B 51 20.27 6.18 -4.24
CA LYS B 51 21.54 6.51 -3.61
C LYS B 51 22.72 5.78 -4.25
N SER B 52 22.48 4.52 -4.65
CA SER B 52 23.54 3.69 -5.20
C SER B 52 24.10 4.27 -6.50
N ARG B 53 23.27 5.01 -7.21
CA ARG B 53 23.69 5.61 -8.48
C ARG B 53 24.70 6.73 -8.26
N GLY B 54 24.53 7.49 -7.19
CA GLY B 54 25.44 8.58 -6.92
C GLY B 54 24.94 9.50 -5.82
N ASN B 55 25.41 9.25 -4.60
CA ASN B 55 25.11 10.09 -3.44
C ASN B 55 23.62 10.15 -3.13
N THR B 56 22.94 11.13 -3.70
CA THR B 56 21.52 11.37 -3.42
C THR B 56 21.30 11.62 -1.92
N ASP B 57 22.38 12.05 -1.26
CA ASP B 57 22.35 12.28 0.18
C ASP B 57 21.94 13.71 0.49
N ASN B 58 21.80 14.52 -0.54
CA ASN B 58 21.31 15.88 -0.37
C ASN B 58 19.79 15.85 -0.18
N LYS B 59 19.14 14.97 -0.90
CA LYS B 59 17.69 14.80 -0.78
C LYS B 59 17.40 13.46 -0.11
N GLU B 60 18.42 12.88 0.50
CA GLU B 60 18.34 11.57 1.16
C GLU B 60 17.12 11.48 2.06
N TYR B 61 16.99 12.46 2.96
CA TYR B 61 15.91 12.48 3.94
C TYR B 61 14.55 12.31 3.27
N ALA B 62 14.38 12.91 2.10
CA ALA B 62 13.09 12.89 1.41
C ALA B 62 12.80 11.50 0.86
N VAL B 63 13.79 10.87 0.25
CA VAL B 63 13.62 9.52 -0.27
C VAL B 63 13.21 8.59 0.87
N ASN B 64 13.98 8.64 1.95
CA ASN B 64 13.76 7.74 3.07
C ASN B 64 12.44 8.03 3.78
N GLU B 65 12.08 9.30 3.88
CA GLU B 65 10.89 9.68 4.62
C GLU B 65 9.61 9.29 3.86
N VAL B 66 9.62 9.44 2.54
CA VAL B 66 8.48 9.01 1.75
C VAL B 66 8.37 7.49 1.77
N VAL B 67 9.53 6.82 1.75
CA VAL B 67 9.58 5.37 1.89
C VAL B 67 8.94 4.93 3.21
N ALA B 68 9.37 5.57 4.30
CA ALA B 68 8.79 5.30 5.60
C ALA B 68 7.32 5.67 5.63
N GLY B 69 6.96 6.73 4.92
CA GLY B 69 5.58 7.15 4.82
C GLY B 69 4.71 6.09 4.17
N ILE B 70 5.19 5.52 3.07
CA ILE B 70 4.47 4.44 2.39
C ILE B 70 4.30 3.26 3.34
N LYS B 71 5.33 2.98 4.12
CA LYS B 71 5.28 1.90 5.10
C LYS B 71 4.15 2.14 6.10
N GLU B 72 4.11 3.35 6.65
CA GLU B 72 3.11 3.71 7.65
C GLU B 72 1.72 3.80 7.02
N TYR B 73 1.64 4.37 5.82
CA TYR B 73 0.38 4.47 5.09
C TYR B 73 -0.16 3.07 4.79
N PHE B 74 0.74 2.13 4.54
CA PHE B 74 0.35 0.75 4.31
C PHE B 74 -0.28 0.15 5.57
N ASN B 75 0.38 0.36 6.70
CA ASN B 75 -0.07 -0.23 7.96
C ASN B 75 -1.38 0.40 8.46
N VAL B 76 -1.53 1.72 8.29
CA VAL B 76 -2.68 2.43 8.87
C VAL B 76 -4.01 1.96 8.28
N MET B 77 -4.02 1.50 7.04
CA MET B 77 -5.28 1.14 6.40
C MET B 77 -5.28 -0.31 5.91
N LEU B 78 -4.26 -1.08 6.26
CA LEU B 78 -4.12 -2.44 5.74
C LEU B 78 -5.27 -3.35 6.18
N GLY B 79 -5.41 -3.55 7.48
CA GLY B 79 -6.35 -4.53 7.98
C GLY B 79 -7.79 -4.08 7.86
N THR B 80 -7.99 -2.81 7.56
CA THR B 80 -9.32 -2.23 7.56
C THR B 80 -9.80 -1.89 6.15
N GLN B 81 -8.94 -1.31 5.34
CA GLN B 81 -9.32 -0.82 4.02
C GLN B 81 -8.62 -1.58 2.90
N LEU B 82 -7.68 -2.45 3.24
CA LEU B 82 -6.89 -3.15 2.23
C LEU B 82 -7.01 -4.66 2.36
N LEU B 83 -7.86 -5.12 3.26
CA LEU B 83 -7.93 -6.55 3.57
C LEU B 83 -9.31 -7.11 3.26
N TYR B 84 -9.35 -8.24 2.57
CA TYR B 84 -10.61 -8.89 2.26
C TYR B 84 -11.11 -9.66 3.48
N LYS B 85 -12.40 -9.94 3.52
CA LYS B 85 -12.98 -10.69 4.63
C LYS B 85 -12.56 -12.15 4.58
N PHE B 86 -12.03 -12.57 3.45
CA PHE B 86 -11.52 -13.92 3.30
C PHE B 86 -10.09 -14.01 3.85
N GLU B 87 -9.46 -12.86 4.04
CA GLU B 87 -8.10 -12.81 4.56
C GLU B 87 -8.11 -12.55 6.07
N ARG B 88 -9.31 -12.36 6.63
CA ARG B 88 -9.44 -12.17 8.07
C ARG B 88 -8.94 -13.40 8.85
N PRO B 89 -9.39 -14.63 8.49
CA PRO B 89 -8.86 -15.85 9.11
C PRO B 89 -7.36 -16.00 8.84
N GLN B 90 -6.93 -15.56 7.66
CA GLN B 90 -5.53 -15.58 7.28
C GLN B 90 -4.72 -14.67 8.20
N TYR B 91 -5.24 -13.48 8.45
CA TYR B 91 -4.60 -12.53 9.35
C TYR B 91 -4.45 -13.15 10.74
N ALA B 92 -5.54 -13.68 11.26
CA ALA B 92 -5.54 -14.28 12.59
C ALA B 92 -4.53 -15.42 12.68
N GLU B 93 -4.49 -16.25 11.65
CA GLU B 93 -3.58 -17.39 11.61
C GLU B 93 -2.12 -16.92 11.55
N ILE B 94 -1.81 -16.08 10.58
CA ILE B 94 -0.46 -15.58 10.39
C ILE B 94 0.02 -14.79 11.62
N LEU B 95 -0.85 -13.92 12.14
CA LEU B 95 -0.49 -13.05 13.26
C LEU B 95 -0.26 -13.87 14.54
N ALA B 96 -1.04 -14.94 14.71
CA ALA B 96 -0.89 -15.81 15.86
C ALA B 96 0.40 -16.61 15.78
N ASP B 97 0.72 -17.09 14.58
CA ASP B 97 1.93 -17.88 14.36
C ASP B 97 3.18 -17.00 14.36
N HIS B 98 3.06 -15.82 13.78
CA HIS B 98 4.19 -14.91 13.66
C HIS B 98 3.88 -13.55 14.29
N PRO B 99 4.00 -13.44 15.63
CA PRO B 99 3.74 -12.19 16.34
C PRO B 99 4.88 -11.19 16.18
N ASP B 100 5.98 -11.65 15.61
CA ASP B 100 7.17 -10.83 15.44
C ASP B 100 7.38 -10.48 13.97
N ALA B 101 6.39 -10.78 13.15
CA ALA B 101 6.49 -10.52 11.72
C ALA B 101 5.61 -9.33 11.33
N PRO B 102 6.22 -8.21 10.94
CA PRO B 102 5.49 -7.02 10.50
C PRO B 102 4.70 -7.30 9.23
N MET B 103 3.57 -6.61 9.07
CA MET B 103 2.70 -6.82 7.92
C MET B 103 3.38 -6.38 6.63
N SER B 104 4.28 -5.41 6.75
CA SER B 104 5.07 -4.94 5.62
C SER B 104 6.04 -6.04 5.16
N GLN B 105 6.18 -7.08 5.98
CA GLN B 105 7.07 -8.19 5.69
C GLN B 105 6.30 -9.40 5.16
N VAL B 106 5.43 -9.95 5.99
CA VAL B 106 4.79 -11.23 5.70
C VAL B 106 3.79 -11.16 4.52
N TYR B 107 3.11 -10.03 4.36
CA TYR B 107 2.08 -9.92 3.33
C TYR B 107 2.67 -9.78 1.93
N GLY B 108 3.94 -9.43 1.86
CA GLY B 108 4.66 -9.44 0.60
C GLY B 108 4.26 -8.33 -0.36
N ALA B 109 4.84 -8.39 -1.55
CA ALA B 109 4.60 -7.40 -2.60
C ALA B 109 3.16 -7.39 -3.12
N PRO B 110 2.53 -8.57 -3.39
CA PRO B 110 1.15 -8.63 -3.94
C PRO B 110 0.15 -7.74 -3.18
N HIS B 111 0.34 -7.62 -1.86
CA HIS B 111 -0.59 -6.85 -1.03
C HIS B 111 -0.29 -5.35 -1.10
N LEU B 112 0.87 -4.99 -1.65
CA LEU B 112 1.28 -3.59 -1.72
C LEU B 112 0.39 -2.81 -2.68
N LEU B 113 0.01 -3.44 -3.78
CA LEU B 113 -0.75 -2.79 -4.85
C LEU B 113 -2.04 -2.18 -4.35
N ARG B 114 -2.67 -2.83 -3.38
CA ARG B 114 -3.96 -2.40 -2.87
C ARG B 114 -3.87 -1.01 -2.24
N LEU B 115 -2.72 -0.73 -1.63
CA LEU B 115 -2.50 0.54 -0.95
C LEU B 115 -2.66 1.71 -1.91
N PHE B 116 -2.05 1.60 -3.06
CA PHE B 116 -2.02 2.69 -4.04
C PHE B 116 -3.42 2.98 -4.57
N VAL B 117 -4.29 1.98 -4.52
CA VAL B 117 -5.64 2.12 -4.99
C VAL B 117 -6.51 2.82 -3.93
N ARG B 118 -6.37 2.39 -2.68
CA ARG B 118 -7.20 2.91 -1.61
C ARG B 118 -6.69 4.25 -1.10
N ILE B 119 -5.40 4.50 -1.26
CA ILE B 119 -4.79 5.73 -0.77
C ILE B 119 -5.36 6.94 -1.53
N GLY B 120 -5.75 6.72 -2.79
CA GLY B 120 -6.35 7.78 -3.57
C GLY B 120 -7.68 8.24 -2.99
N ALA B 121 -8.39 7.30 -2.38
CA ALA B 121 -9.66 7.60 -1.74
C ALA B 121 -9.42 8.20 -0.36
N MET B 122 -8.38 7.72 0.30
CA MET B 122 -8.07 8.13 1.66
C MET B 122 -7.56 9.57 1.69
N LEU B 123 -6.86 9.96 0.64
CA LEU B 123 -6.33 11.32 0.52
C LEU B 123 -7.44 12.32 0.21
N ALA B 124 -8.65 11.82 0.01
CA ALA B 124 -9.80 12.69 -0.18
C ALA B 124 -10.34 13.16 1.16
N TYR B 125 -9.93 12.47 2.22
CA TYR B 125 -10.32 12.84 3.58
C TYR B 125 -9.31 13.82 4.15
N THR B 126 -8.04 13.64 3.79
CA THR B 126 -7.00 14.61 4.12
C THR B 126 -6.46 15.22 2.83
N PRO B 127 -7.13 16.27 2.32
CA PRO B 127 -6.80 16.88 1.04
C PRO B 127 -5.57 17.78 1.13
N LEU B 128 -4.59 17.49 0.29
CA LEU B 128 -3.39 18.32 0.20
C LEU B 128 -3.54 19.35 -0.90
N ASP B 129 -2.60 20.28 -0.96
CA ASP B 129 -2.58 21.29 -2.01
C ASP B 129 -2.12 20.67 -3.31
N GLU B 130 -2.30 21.39 -4.41
CA GLU B 130 -1.92 20.90 -5.73
C GLU B 130 -0.46 20.49 -5.77
N LYS B 131 0.41 21.41 -5.36
CA LYS B 131 1.84 21.17 -5.36
C LYS B 131 2.21 20.02 -4.41
N SER B 132 1.53 19.94 -3.29
CA SER B 132 1.76 18.90 -2.31
C SER B 132 1.41 17.53 -2.88
N LEU B 133 0.24 17.45 -3.50
CA LEU B 133 -0.21 16.22 -4.11
C LEU B 133 0.70 15.83 -5.27
N ALA B 134 1.07 16.84 -6.06
CA ALA B 134 1.95 16.63 -7.20
C ALA B 134 3.29 16.02 -6.79
N LEU B 135 3.85 16.50 -5.68
CA LEU B 135 5.13 15.98 -5.20
C LEU B 135 4.96 14.53 -4.74
N LEU B 136 3.88 14.28 -4.01
CA LEU B 136 3.60 12.94 -3.49
C LEU B 136 3.37 11.97 -4.64
N LEU B 137 2.57 12.39 -5.62
CA LEU B 137 2.27 11.55 -6.77
C LEU B 137 3.51 11.33 -7.64
N ASN B 138 4.40 12.31 -7.64
CA ASN B 138 5.65 12.22 -8.38
C ASN B 138 6.49 11.05 -7.85
N TYR B 139 6.78 11.08 -6.55
CA TYR B 139 7.52 9.99 -5.92
C TYR B 139 6.74 8.68 -6.05
N LEU B 140 5.43 8.77 -5.84
CA LEU B 140 4.56 7.60 -5.88
C LEU B 140 4.60 6.92 -7.24
N HIS B 141 4.49 7.72 -8.31
CA HIS B 141 4.47 7.17 -9.66
C HIS B 141 5.82 6.59 -10.06
N ASP B 142 6.90 7.21 -9.59
CA ASP B 142 8.23 6.68 -9.85
C ASP B 142 8.39 5.31 -9.19
N PHE B 143 7.87 5.20 -7.97
CA PHE B 143 7.90 3.94 -7.24
C PHE B 143 6.98 2.91 -7.89
N LEU B 144 5.81 3.36 -8.32
CA LEU B 144 4.86 2.50 -9.04
C LEU B 144 5.48 1.97 -10.32
N LYS B 145 6.20 2.84 -11.02
CA LYS B 145 6.93 2.48 -12.21
C LYS B 145 7.99 1.42 -11.89
N TYR B 146 8.67 1.62 -10.76
CA TYR B 146 9.71 0.71 -10.31
C TYR B 146 9.12 -0.67 -10.00
N LEU B 147 7.91 -0.68 -9.45
CA LEU B 147 7.21 -1.92 -9.16
C LEU B 147 6.82 -2.64 -10.43
N ALA B 148 6.23 -1.90 -11.37
CA ALA B 148 5.79 -2.46 -12.65
C ALA B 148 6.98 -2.99 -13.44
N LYS B 149 8.12 -2.30 -13.29
CA LYS B 149 9.35 -2.66 -13.98
C LYS B 149 9.74 -4.12 -13.70
N ASN B 150 9.77 -4.47 -12.43
CA ASN B 150 10.22 -5.81 -12.02
C ASN B 150 9.07 -6.66 -11.52
N SER B 151 7.86 -6.33 -11.94
CA SER B 151 6.66 -6.98 -11.45
C SER B 151 6.64 -8.47 -11.78
N ALA B 152 7.27 -8.86 -12.88
CA ALA B 152 7.32 -10.26 -13.30
C ALA B 152 8.01 -11.14 -12.26
N THR B 153 8.92 -10.55 -11.50
CA THR B 153 9.63 -11.28 -10.45
C THR B 153 9.31 -10.66 -9.09
N LEU B 154 8.24 -9.87 -9.05
CA LEU B 154 7.90 -9.11 -7.87
C LEU B 154 6.74 -9.75 -7.11
N PHE B 155 5.61 -9.90 -7.78
CA PHE B 155 4.40 -10.36 -7.15
C PHE B 155 4.31 -11.87 -7.18
N SER B 156 4.39 -12.48 -6.00
CA SER B 156 4.30 -13.92 -5.86
C SER B 156 2.84 -14.40 -5.94
N ALA B 157 2.28 -14.34 -7.13
CA ALA B 157 0.90 -14.76 -7.35
C ALA B 157 0.77 -16.28 -7.32
N SER B 158 1.88 -16.96 -7.56
CA SER B 158 1.91 -18.42 -7.60
C SER B 158 1.76 -19.00 -6.19
N ASP B 159 2.04 -18.17 -5.19
CA ASP B 159 1.93 -18.59 -3.79
C ASP B 159 0.49 -18.56 -3.32
N TYR B 160 -0.37 -17.90 -4.07
CA TYR B 160 -1.79 -17.91 -3.78
C TYR B 160 -2.37 -19.28 -4.07
N GLU B 161 -2.62 -20.05 -3.03
CA GLU B 161 -3.15 -21.39 -3.18
C GLU B 161 -4.58 -21.45 -2.67
N VAL B 162 -5.39 -22.28 -3.31
CA VAL B 162 -6.79 -22.42 -2.91
C VAL B 162 -6.90 -22.94 -1.48
N ALA B 163 -7.68 -22.24 -0.68
CA ALA B 163 -7.85 -22.59 0.72
C ALA B 163 -8.65 -23.87 0.87
N PRO B 164 -8.26 -24.73 1.82
CA PRO B 164 -8.98 -25.97 2.14
C PRO B 164 -10.41 -25.69 2.61
N PRO B 165 -11.31 -26.68 2.46
CA PRO B 165 -12.71 -26.55 2.89
C PRO B 165 -12.82 -26.18 4.37
N GLU B 166 -11.98 -26.81 5.19
CA GLU B 166 -12.01 -26.57 6.62
C GLU B 166 -11.38 -25.23 6.98
N TYR B 167 -10.72 -24.60 6.04
CA TYR B 167 -10.18 -23.28 6.26
C TYR B 167 -11.31 -22.26 6.12
N HIS B 168 -12.30 -22.61 5.32
CA HIS B 168 -13.49 -21.78 5.12
C HIS B 168 -14.34 -21.75 6.39
N ARG B 169 -14.26 -22.82 7.17
CA ARG B 169 -15.05 -22.93 8.41
C ARG B 169 -14.69 -21.81 9.38
N LYS B 170 -13.39 -21.61 9.58
CA LYS B 170 -12.92 -20.63 10.57
C LYS B 170 -12.78 -19.24 9.94
N ALA B 171 -13.35 -19.08 8.74
CA ALA B 171 -13.33 -17.79 8.07
C ALA B 171 -14.44 -16.89 8.61
N VAL B 172 -15.41 -17.51 9.26
CA VAL B 172 -16.56 -16.81 9.80
C VAL B 172 -16.78 -17.16 11.27
N SER A 1 2.06 -3.90 18.19
CA SER A 1 0.94 -3.42 19.02
C SER A 1 0.67 -1.93 18.77
N ASN A 2 1.69 -1.21 18.32
CA ASN A 2 1.55 0.21 18.03
C ASN A 2 2.50 0.64 16.92
N ALA A 3 2.17 1.73 16.24
CA ALA A 3 3.08 2.34 15.28
C ALA A 3 3.82 3.50 15.93
N GLY A 4 3.26 3.97 17.04
CA GLY A 4 3.84 5.07 17.76
C GLY A 4 2.88 5.55 18.83
N ARG A 5 3.24 6.60 19.56
CA ARG A 5 2.37 7.17 20.58
C ARG A 5 1.68 8.41 20.04
N GLN A 6 2.09 8.85 18.86
CA GLN A 6 1.49 10.01 18.20
C GLN A 6 1.13 9.65 16.77
N VAL A 7 0.45 10.56 16.09
CA VAL A 7 0.04 10.35 14.70
C VAL A 7 1.25 10.42 13.77
N PRO A 8 1.20 9.71 12.63
CA PRO A 8 2.31 9.67 11.66
C PRO A 8 2.54 11.00 10.96
N SER A 9 1.74 12.01 11.29
CA SER A 9 1.91 13.34 10.72
C SER A 9 3.24 13.93 11.16
N LYS A 10 3.48 13.94 12.47
CA LYS A 10 4.72 14.49 12.99
C LYS A 10 5.79 13.41 13.12
N VAL A 11 6.48 13.15 12.02
CA VAL A 11 7.61 12.23 11.98
C VAL A 11 8.12 12.12 10.54
N ILE A 12 7.17 11.91 9.63
CA ILE A 12 7.46 11.84 8.21
C ILE A 12 7.10 13.17 7.58
N TRP A 13 5.81 13.48 7.69
CA TRP A 13 5.27 14.68 7.08
C TRP A 13 5.75 15.91 7.83
N ASP A 14 6.49 15.71 8.90
CA ASP A 14 7.13 16.82 9.57
C ASP A 14 8.18 17.42 8.66
N HIS A 15 9.01 16.54 8.10
CA HIS A 15 10.05 16.96 7.17
C HIS A 15 9.41 17.39 5.86
N LEU A 16 8.58 16.52 5.30
CA LEU A 16 7.91 16.79 4.04
C LEU A 16 7.17 18.12 4.08
N SER A 17 6.56 18.42 5.23
CA SER A 17 5.77 19.62 5.38
C SER A 17 6.66 20.86 5.44
N THR A 18 7.61 20.87 6.36
CA THR A 18 8.43 22.06 6.59
C THR A 18 9.22 22.43 5.33
N MET A 19 9.63 21.42 4.57
CA MET A 19 10.37 21.61 3.34
C MET A 19 9.56 22.43 2.32
N TYR A 20 8.26 22.22 2.31
CA TYR A 20 7.41 22.79 1.27
C TYR A 20 6.41 23.80 1.86
N ASP A 21 6.63 24.16 3.13
CA ASP A 21 5.69 25.00 3.87
C ASP A 21 4.29 24.42 3.83
N MET A 22 4.21 23.10 3.91
CA MET A 22 2.94 22.41 3.98
C MET A 22 2.34 22.60 5.36
N GLN A 23 3.09 23.30 6.23
CA GLN A 23 2.66 23.58 7.59
C GLN A 23 1.20 24.03 7.58
N ALA A 24 0.95 25.13 6.87
CA ALA A 24 -0.39 25.65 6.63
C ALA A 24 -1.37 24.54 6.27
N LEU A 25 -0.97 23.76 5.27
CA LEU A 25 -1.79 22.72 4.69
C LEU A 25 -2.13 21.64 5.71
N HIS A 26 -1.19 21.33 6.60
CA HIS A 26 -1.38 20.26 7.57
C HIS A 26 -1.99 20.77 8.85
N GLU A 27 -1.96 22.08 9.06
CA GLU A 27 -2.72 22.68 10.14
C GLU A 27 -4.20 22.54 9.80
N SER A 28 -4.50 22.71 8.52
CA SER A 28 -5.84 22.51 8.02
C SER A 28 -6.16 21.03 7.97
N GLU A 29 -5.27 20.27 7.34
CA GLU A 29 -5.47 18.85 7.11
C GLU A 29 -4.47 18.00 7.88
N ILE A 30 -4.89 17.58 9.06
CA ILE A 30 -4.08 16.69 9.91
C ILE A 30 -4.40 15.23 9.54
N LEU A 31 -3.51 14.31 9.93
CA LEU A 31 -3.72 12.90 9.63
C LEU A 31 -3.93 12.11 10.93
N PRO A 32 -5.19 11.97 11.36
CA PRO A 32 -5.55 11.13 12.51
C PRO A 32 -5.85 9.69 12.11
N PHE A 33 -6.74 9.53 11.12
CA PHE A 33 -7.12 8.24 10.55
C PHE A 33 -7.67 7.28 11.60
N PRO A 34 -8.99 7.36 11.87
CA PRO A 34 -9.67 6.42 12.77
C PRO A 34 -9.72 5.03 12.18
N ASN A 35 -9.70 4.99 10.85
CA ASN A 35 -9.67 3.76 10.04
C ASN A 35 -10.62 2.67 10.55
N PRO A 36 -11.83 2.60 9.96
CA PRO A 36 -12.80 1.56 10.28
C PRO A 36 -12.60 0.31 9.41
N GLU A 37 -13.07 -0.83 9.89
CA GLU A 37 -12.94 -2.07 9.13
C GLU A 37 -13.93 -2.11 7.98
N ARG A 38 -13.40 -2.12 6.77
CA ARG A 38 -14.21 -2.13 5.56
C ARG A 38 -13.66 -3.19 4.60
N ASN A 39 -14.36 -3.41 3.51
CA ASN A 39 -13.81 -4.22 2.43
C ASN A 39 -13.09 -3.31 1.44
N PHE A 40 -11.93 -3.75 0.97
CA PHE A 40 -11.13 -2.98 0.04
C PHE A 40 -11.94 -2.53 -1.18
N VAL A 41 -12.54 -3.51 -1.84
CA VAL A 41 -13.35 -3.30 -3.04
C VAL A 41 -12.54 -2.62 -4.16
N LEU A 42 -12.04 -3.44 -5.07
CA LEU A 42 -11.29 -2.97 -6.21
C LEU A 42 -12.20 -2.18 -7.15
N PRO A 43 -11.80 -0.95 -7.51
CA PRO A 43 -12.57 -0.11 -8.44
C PRO A 43 -12.93 -0.84 -9.73
N GLU A 44 -14.20 -0.71 -10.12
CA GLU A 44 -14.74 -1.45 -11.26
C GLU A 44 -14.04 -1.05 -12.56
N GLU A 45 -13.49 0.15 -12.60
CA GLU A 45 -12.84 0.66 -13.80
C GLU A 45 -11.61 -0.18 -14.13
N ILE A 46 -10.93 -0.64 -13.08
CA ILE A 46 -9.74 -1.47 -13.23
C ILE A 46 -10.16 -2.85 -13.70
N ILE A 47 -11.14 -3.42 -13.01
CA ILE A 47 -11.60 -4.77 -13.30
C ILE A 47 -12.09 -4.88 -14.74
N GLN A 48 -12.92 -3.93 -15.16
CA GLN A 48 -13.51 -3.98 -16.48
C GLN A 48 -12.49 -3.64 -17.56
N GLU A 49 -11.56 -2.74 -17.26
CA GLU A 49 -10.54 -2.36 -18.23
C GLU A 49 -9.63 -3.54 -18.53
N VAL A 50 -9.36 -4.33 -17.52
CA VAL A 50 -8.50 -5.50 -17.65
C VAL A 50 -9.27 -6.69 -18.22
N ARG A 51 -10.42 -6.97 -17.64
CA ARG A 51 -11.17 -8.16 -17.99
C ARG A 51 -12.10 -7.93 -19.17
N GLU A 52 -13.07 -7.04 -18.99
CA GLU A 52 -14.14 -6.87 -19.95
C GLU A 52 -13.65 -6.18 -21.22
N GLY A 53 -12.62 -5.36 -21.08
CA GLY A 53 -12.03 -4.70 -22.21
C GLY A 53 -10.77 -5.39 -22.68
N LYS A 54 -10.80 -6.71 -22.66
CA LYS A 54 -9.67 -7.52 -23.12
C LYS A 54 -9.50 -7.38 -24.63
N SER B 1 -18.94 13.36 -6.08
CA SER B 1 -19.46 13.24 -4.70
C SER B 1 -18.86 14.31 -3.79
N ASN B 2 -17.60 14.14 -3.44
CA ASN B 2 -16.93 15.09 -2.55
C ASN B 2 -15.61 15.54 -3.17
N ALA B 3 -15.53 15.47 -4.50
CA ALA B 3 -14.29 15.74 -5.24
C ALA B 3 -13.20 14.75 -4.83
N GLU B 4 -13.22 13.61 -5.51
CA GLU B 4 -12.31 12.52 -5.16
C GLU B 4 -11.04 12.58 -6.01
N VAL B 5 -9.91 12.29 -5.39
CA VAL B 5 -8.63 12.29 -6.09
C VAL B 5 -8.52 11.02 -6.93
N LYS B 6 -8.35 11.20 -8.23
CA LYS B 6 -8.27 10.09 -9.14
C LYS B 6 -6.81 9.78 -9.45
N VAL B 7 -6.28 8.73 -8.82
CA VAL B 7 -4.92 8.32 -9.05
C VAL B 7 -4.80 7.45 -10.29
N LYS B 8 -3.78 7.72 -11.09
CA LYS B 8 -3.50 6.92 -12.27
C LYS B 8 -2.66 5.70 -11.89
N ILE B 9 -3.32 4.56 -11.77
CA ILE B 9 -2.64 3.30 -11.55
C ILE B 9 -2.01 2.82 -12.84
N PRO B 10 -0.72 2.42 -12.82
CA PRO B 10 0.00 1.93 -14.00
C PRO B 10 -0.82 0.90 -14.77
N GLU B 11 -1.12 1.23 -16.03
CA GLU B 11 -2.00 0.40 -16.86
C GLU B 11 -1.40 -0.98 -17.12
N GLU B 12 -0.09 -1.07 -17.01
CA GLU B 12 0.61 -2.34 -17.19
C GLU B 12 0.64 -3.13 -15.87
N LEU B 13 0.12 -2.53 -14.81
CA LEU B 13 0.17 -3.15 -13.49
C LEU B 13 -1.26 -3.41 -12.97
N LYS B 14 -2.24 -2.86 -13.67
CA LYS B 14 -3.65 -3.04 -13.31
C LYS B 14 -4.11 -4.50 -13.42
N PRO B 15 -3.68 -5.26 -14.46
CA PRO B 15 -4.00 -6.70 -14.56
C PRO B 15 -3.70 -7.47 -13.27
N TRP B 16 -2.63 -7.07 -12.59
CA TRP B 16 -2.24 -7.71 -11.34
C TRP B 16 -3.28 -7.45 -10.25
N LEU B 17 -3.76 -6.22 -10.17
CA LEU B 17 -4.79 -5.86 -9.19
C LEU B 17 -6.04 -6.71 -9.39
N VAL B 18 -6.48 -6.83 -10.63
CA VAL B 18 -7.67 -7.60 -10.95
C VAL B 18 -7.42 -9.09 -10.72
N ASP B 19 -6.18 -9.52 -10.94
CA ASP B 19 -5.82 -10.92 -10.76
C ASP B 19 -5.82 -11.27 -9.27
N ASP B 20 -5.19 -10.42 -8.46
CA ASP B 20 -5.19 -10.59 -7.00
C ASP B 20 -6.63 -10.68 -6.48
N TRP B 21 -7.45 -9.75 -6.94
CA TRP B 21 -8.87 -9.73 -6.59
C TRP B 21 -9.56 -11.02 -7.04
N ASP B 22 -9.25 -11.47 -8.25
CA ASP B 22 -9.84 -12.67 -8.81
C ASP B 22 -9.44 -13.90 -8.01
N LEU B 23 -8.16 -13.96 -7.65
CA LEU B 23 -7.62 -15.08 -6.87
C LEU B 23 -8.35 -15.19 -5.54
N ILE B 24 -8.57 -14.06 -4.88
CA ILE B 24 -9.24 -14.05 -3.59
C ILE B 24 -10.73 -14.39 -3.73
N THR B 25 -11.43 -13.60 -4.54
CA THR B 25 -12.89 -13.69 -4.60
C THR B 25 -13.37 -14.93 -5.36
N ARG B 26 -12.84 -15.15 -6.54
CA ARG B 26 -13.30 -16.24 -7.40
C ARG B 26 -12.56 -17.54 -7.10
N GLN B 27 -11.23 -17.50 -7.21
CA GLN B 27 -10.42 -18.70 -7.11
C GLN B 27 -10.39 -19.24 -5.67
N LYS B 28 -10.59 -18.34 -4.71
CA LYS B 28 -10.56 -18.67 -3.29
C LYS B 28 -9.13 -19.01 -2.84
N GLN B 29 -8.16 -18.32 -3.45
CA GLN B 29 -6.76 -18.53 -3.12
C GLN B 29 -6.26 -17.48 -2.15
N LEU B 30 -5.48 -17.88 -1.17
CA LEU B 30 -4.91 -16.94 -0.21
C LEU B 30 -3.39 -16.94 -0.29
N PHE B 31 -2.80 -15.87 0.19
CA PHE B 31 -1.35 -15.77 0.24
C PHE B 31 -0.92 -15.86 1.70
N TYR B 32 -0.85 -17.09 2.20
CA TYR B 32 -0.50 -17.31 3.60
C TYR B 32 0.93 -17.77 3.75
N LEU B 33 1.83 -16.80 3.74
CA LEU B 33 3.26 -17.04 3.87
C LEU B 33 3.98 -15.69 3.86
N PRO B 34 5.09 -15.56 4.60
CA PRO B 34 5.88 -14.35 4.58
C PRO B 34 6.54 -14.17 3.22
N ALA B 35 6.20 -13.06 2.55
CA ALA B 35 6.61 -12.82 1.17
C ALA B 35 8.11 -13.03 0.97
N LYS B 36 8.45 -13.68 -0.15
CA LYS B 36 9.85 -13.95 -0.51
C LYS B 36 10.63 -12.65 -0.60
N LYS B 37 9.95 -11.60 -1.05
CA LYS B 37 10.51 -10.27 -1.10
C LYS B 37 9.42 -9.30 -0.65
N ASN B 38 9.41 -9.01 0.65
CA ASN B 38 8.27 -8.34 1.28
C ASN B 38 8.28 -6.83 1.08
N VAL B 39 7.24 -6.19 1.60
CA VAL B 39 7.04 -4.74 1.47
C VAL B 39 8.26 -3.96 1.92
N ASP B 40 8.78 -4.31 3.09
CA ASP B 40 9.92 -3.59 3.66
C ASP B 40 11.15 -3.75 2.77
N SER B 41 11.36 -4.97 2.29
CA SER B 41 12.46 -5.26 1.40
C SER B 41 12.32 -4.47 0.10
N ILE B 42 11.07 -4.29 -0.35
CA ILE B 42 10.79 -3.50 -1.54
C ILE B 42 11.02 -2.02 -1.26
N LEU B 43 10.56 -1.58 -0.10
CA LEU B 43 10.76 -0.20 0.33
C LEU B 43 12.24 0.14 0.38
N GLU B 44 13.03 -0.76 0.97
CA GLU B 44 14.47 -0.58 1.00
C GLU B 44 15.06 -0.66 -0.39
N ASP B 45 14.54 -1.55 -1.20
CA ASP B 45 15.03 -1.75 -2.57
C ASP B 45 14.83 -0.47 -3.37
N TYR B 46 13.69 0.17 -3.16
CA TYR B 46 13.39 1.45 -3.78
C TYR B 46 14.28 2.55 -3.19
N ALA B 47 14.46 2.51 -1.88
CA ALA B 47 15.31 3.48 -1.20
C ALA B 47 16.74 3.41 -1.71
N ASN B 48 17.29 2.21 -1.70
CA ASN B 48 18.65 1.97 -2.16
C ASN B 48 18.78 2.35 -3.63
N TYR B 49 17.72 2.09 -4.39
CA TYR B 49 17.64 2.47 -5.80
C TYR B 49 17.91 3.95 -5.99
N LYS B 50 17.22 4.78 -5.21
CA LYS B 50 17.31 6.24 -5.33
C LYS B 50 18.66 6.74 -4.83
N LYS B 51 19.10 6.22 -3.69
CA LYS B 51 20.28 6.74 -3.00
C LYS B 51 21.58 6.39 -3.73
N SER B 52 21.65 5.18 -4.28
CA SER B 52 22.88 4.69 -4.90
C SER B 52 23.14 5.34 -6.24
N ARG B 53 22.22 6.20 -6.68
CA ARG B 53 22.34 6.85 -7.98
C ARG B 53 23.39 7.96 -7.97
N GLY B 54 23.69 8.50 -6.81
CA GLY B 54 24.66 9.58 -6.75
C GLY B 54 24.99 10.02 -5.35
N ASN B 55 25.00 9.08 -4.41
CA ASN B 55 25.37 9.34 -3.02
C ASN B 55 24.48 10.41 -2.40
N THR B 56 23.43 9.98 -1.73
CA THR B 56 22.49 10.92 -1.14
C THR B 56 22.99 11.40 0.22
N ASP B 57 23.32 12.68 0.30
CA ASP B 57 23.71 13.31 1.56
C ASP B 57 22.62 14.28 2.02
N ASN B 58 22.08 15.02 1.05
CA ASN B 58 20.98 15.94 1.33
C ASN B 58 19.65 15.29 0.98
N LYS B 59 19.66 14.51 -0.08
CA LYS B 59 18.43 13.88 -0.57
C LYS B 59 18.20 12.53 0.11
N GLU B 60 19.05 12.23 1.10
CA GLU B 60 19.01 10.96 1.79
C GLU B 60 17.73 10.82 2.62
N TYR B 61 17.48 11.80 3.50
CA TYR B 61 16.35 11.72 4.41
C TYR B 61 15.03 11.78 3.64
N ALA B 62 15.04 12.45 2.49
CA ALA B 62 13.84 12.58 1.67
C ALA B 62 13.35 11.21 1.21
N VAL B 63 14.26 10.41 0.66
CA VAL B 63 13.92 9.07 0.23
C VAL B 63 13.55 8.21 1.43
N ASN B 64 14.31 8.39 2.51
CA ASN B 64 14.11 7.61 3.73
C ASN B 64 12.71 7.86 4.32
N GLU B 65 12.31 9.13 4.37
CA GLU B 65 11.04 9.49 4.96
C GLU B 65 9.87 9.02 4.11
N VAL B 66 9.95 9.19 2.78
CA VAL B 66 8.89 8.72 1.90
C VAL B 66 8.67 7.22 2.06
N VAL B 67 9.77 6.49 2.18
CA VAL B 67 9.71 5.05 2.44
C VAL B 67 8.95 4.76 3.74
N ALA B 68 9.30 5.47 4.80
CA ALA B 68 8.62 5.33 6.08
C ALA B 68 7.16 5.73 5.95
N GLY B 69 6.92 6.80 5.20
CA GLY B 69 5.56 7.27 4.97
C GLY B 69 4.68 6.24 4.33
N ILE B 70 5.22 5.56 3.32
CA ILE B 70 4.49 4.49 2.65
C ILE B 70 4.17 3.37 3.63
N LYS B 71 5.16 3.00 4.45
CA LYS B 71 4.97 1.94 5.44
C LYS B 71 3.87 2.31 6.44
N GLU B 72 3.95 3.52 7.00
CA GLU B 72 2.99 3.96 8.00
C GLU B 72 1.61 4.12 7.39
N TYR B 73 1.57 4.67 6.17
CA TYR B 73 0.30 4.84 5.44
C TYR B 73 -0.34 3.48 5.18
N PHE B 74 0.48 2.50 4.88
CA PHE B 74 0.02 1.14 4.63
C PHE B 74 -0.42 0.49 5.94
N ASN B 75 0.39 0.66 6.97
CA ASN B 75 0.16 0.01 8.26
C ASN B 75 -1.13 0.49 8.94
N VAL B 76 -1.37 1.80 8.89
CA VAL B 76 -2.50 2.38 9.61
C VAL B 76 -3.85 1.86 9.11
N MET B 77 -3.95 1.57 7.81
CA MET B 77 -5.23 1.15 7.24
C MET B 77 -5.19 -0.30 6.77
N LEU B 78 -4.09 -1.00 7.08
CA LEU B 78 -3.91 -2.38 6.63
C LEU B 78 -4.95 -3.30 7.28
N GLY B 79 -5.07 -3.21 8.59
CA GLY B 79 -5.92 -4.12 9.31
C GLY B 79 -7.39 -3.78 9.23
N THR B 80 -7.71 -2.66 8.60
CA THR B 80 -9.09 -2.20 8.58
C THR B 80 -9.67 -2.08 7.17
N GLN B 81 -9.04 -1.30 6.31
CA GLN B 81 -9.65 -0.95 5.01
C GLN B 81 -8.96 -1.66 3.85
N LEU B 82 -7.69 -1.98 4.04
CA LEU B 82 -6.85 -2.48 2.95
C LEU B 82 -7.30 -3.88 2.51
N LEU B 83 -7.97 -4.61 3.38
CA LEU B 83 -8.27 -6.02 3.13
C LEU B 83 -9.77 -6.29 3.01
N TYR B 84 -10.12 -7.39 2.36
CA TYR B 84 -11.49 -7.87 2.29
C TYR B 84 -11.81 -8.71 3.52
N LYS B 85 -12.75 -9.64 3.41
CA LYS B 85 -13.10 -10.51 4.52
C LYS B 85 -12.46 -11.89 4.38
N PHE B 86 -11.71 -12.12 3.31
CA PHE B 86 -11.24 -13.47 3.01
C PHE B 86 -9.77 -13.65 3.35
N GLU B 87 -8.99 -12.57 3.32
CA GLU B 87 -7.59 -12.65 3.69
C GLU B 87 -7.40 -12.41 5.20
N ARG B 88 -8.51 -12.16 5.88
CA ARG B 88 -8.48 -11.98 7.34
C ARG B 88 -7.97 -13.24 8.06
N PRO B 89 -8.50 -14.45 7.74
CA PRO B 89 -8.04 -15.70 8.37
C PRO B 89 -6.54 -15.96 8.18
N GLN B 90 -6.03 -15.69 6.98
CA GLN B 90 -4.63 -15.94 6.70
C GLN B 90 -3.74 -14.88 7.36
N TYR B 91 -4.31 -13.70 7.57
CA TYR B 91 -3.65 -12.65 8.35
C TYR B 91 -3.36 -13.17 9.75
N ALA B 92 -4.42 -13.65 10.40
CA ALA B 92 -4.32 -14.16 11.76
C ALA B 92 -3.57 -15.48 11.82
N GLU B 93 -3.62 -16.25 10.73
CA GLU B 93 -2.90 -17.52 10.65
C GLU B 93 -1.40 -17.29 10.75
N ILE B 94 -0.89 -16.40 9.91
CA ILE B 94 0.52 -16.02 9.96
C ILE B 94 0.83 -15.42 11.33
N LEU B 95 -0.10 -14.62 11.81
CA LEU B 95 0.03 -13.95 13.09
C LEU B 95 0.11 -14.94 14.24
N ALA B 96 -0.51 -16.10 14.07
CA ALA B 96 -0.49 -17.14 15.09
C ALA B 96 0.77 -17.98 15.00
N ASP B 97 1.05 -18.49 13.80
CA ASP B 97 2.21 -19.36 13.59
C ASP B 97 3.50 -18.58 13.72
N HIS B 98 3.49 -17.34 13.25
CA HIS B 98 4.63 -16.45 13.37
C HIS B 98 4.26 -15.23 14.21
N PRO B 99 4.39 -15.34 15.54
CA PRO B 99 3.97 -14.27 16.45
C PRO B 99 4.95 -13.10 16.49
N ASP B 100 6.08 -13.28 15.83
CA ASP B 100 7.11 -12.25 15.80
C ASP B 100 7.19 -11.57 14.44
N ALA B 101 6.67 -12.26 13.42
CA ALA B 101 6.78 -11.80 12.04
C ALA B 101 6.01 -10.49 11.83
N PRO B 102 6.69 -9.48 11.27
CA PRO B 102 6.06 -8.20 10.94
C PRO B 102 4.93 -8.36 9.95
N MET B 103 3.78 -7.77 10.27
CA MET B 103 2.58 -7.89 9.44
C MET B 103 2.83 -7.39 8.01
N SER B 104 3.72 -6.42 7.88
CA SER B 104 4.03 -5.82 6.58
C SER B 104 4.96 -6.73 5.77
N GLN B 105 5.39 -7.83 6.35
CA GLN B 105 6.31 -8.74 5.67
C GLN B 105 5.54 -9.91 5.05
N VAL B 106 4.24 -9.94 5.27
CA VAL B 106 3.44 -11.07 4.82
C VAL B 106 2.85 -10.85 3.43
N TYR B 107 1.99 -9.85 3.30
CA TYR B 107 1.17 -9.67 2.10
C TYR B 107 1.98 -9.38 0.84
N GLY B 108 3.18 -8.83 1.00
CA GLY B 108 4.06 -8.61 -0.13
C GLY B 108 3.57 -7.53 -1.08
N ALA B 109 4.09 -7.55 -2.31
CA ALA B 109 3.83 -6.51 -3.30
C ALA B 109 2.37 -6.47 -3.81
N PRO B 110 1.74 -7.62 -4.13
CA PRO B 110 0.36 -7.64 -4.65
C PRO B 110 -0.60 -6.83 -3.78
N HIS B 111 -0.53 -7.05 -2.48
CA HIS B 111 -1.40 -6.37 -1.54
C HIS B 111 -0.83 -4.99 -1.16
N LEU B 112 0.45 -4.79 -1.47
CA LEU B 112 1.11 -3.50 -1.23
C LEU B 112 0.50 -2.46 -2.15
N LEU B 113 0.39 -2.80 -3.43
CA LEU B 113 -0.13 -1.91 -4.46
C LEU B 113 -1.54 -1.44 -4.13
N ARG B 114 -2.29 -2.24 -3.37
CA ARG B 114 -3.67 -1.91 -3.04
C ARG B 114 -3.74 -0.63 -2.21
N LEU B 115 -2.65 -0.29 -1.53
CA LEU B 115 -2.59 0.93 -0.73
C LEU B 115 -2.69 2.15 -1.64
N PHE B 116 -2.02 2.08 -2.80
CA PHE B 116 -1.97 3.19 -3.74
C PHE B 116 -3.27 3.31 -4.51
N VAL B 117 -4.12 2.30 -4.40
CA VAL B 117 -5.42 2.32 -5.05
C VAL B 117 -6.43 3.10 -4.22
N ARG B 118 -6.43 2.83 -2.91
CA ARG B 118 -7.38 3.48 -2.01
C ARG B 118 -6.83 4.78 -1.44
N ILE B 119 -5.57 5.07 -1.72
CA ILE B 119 -4.95 6.30 -1.22
C ILE B 119 -5.63 7.53 -1.81
N GLY B 120 -6.04 7.44 -3.08
CA GLY B 120 -6.72 8.54 -3.72
C GLY B 120 -8.07 8.82 -3.10
N ALA B 121 -8.73 7.77 -2.63
CA ALA B 121 -10.02 7.90 -1.98
C ALA B 121 -9.87 8.55 -0.60
N MET B 122 -8.87 8.10 0.14
CA MET B 122 -8.63 8.62 1.47
C MET B 122 -8.12 10.06 1.40
N LEU B 123 -7.34 10.36 0.37
CA LEU B 123 -6.83 11.71 0.15
C LEU B 123 -7.95 12.64 -0.32
N ALA B 124 -9.10 12.07 -0.65
CA ALA B 124 -10.26 12.86 -1.01
C ALA B 124 -10.93 13.42 0.24
N TYR B 125 -10.63 12.79 1.38
CA TYR B 125 -11.16 13.23 2.65
C TYR B 125 -10.13 14.09 3.37
N THR B 126 -8.94 14.17 2.78
CA THR B 126 -7.88 15.03 3.26
C THR B 126 -7.40 15.91 2.10
N PRO B 127 -8.13 17.00 1.83
CA PRO B 127 -7.91 17.83 0.64
C PRO B 127 -6.60 18.63 0.68
N LEU B 128 -5.63 18.18 -0.10
CA LEU B 128 -4.40 18.92 -0.31
C LEU B 128 -4.45 19.55 -1.72
N ASP B 129 -3.58 20.50 -1.98
CA ASP B 129 -3.56 21.14 -3.29
C ASP B 129 -2.88 20.27 -4.33
N GLU B 130 -3.12 20.61 -5.59
CA GLU B 130 -2.60 19.85 -6.71
C GLU B 130 -1.07 19.82 -6.70
N LYS B 131 -0.47 20.90 -6.21
CA LYS B 131 0.99 21.02 -6.17
C LYS B 131 1.61 19.98 -5.23
N SER B 132 1.14 19.93 -3.99
CA SER B 132 1.64 18.97 -3.03
C SER B 132 1.23 17.55 -3.43
N LEU B 133 0.04 17.44 -4.00
CA LEU B 133 -0.46 16.16 -4.48
C LEU B 133 0.45 15.65 -5.59
N ALA B 134 0.83 16.56 -6.49
CA ALA B 134 1.66 16.21 -7.63
C ALA B 134 3.04 15.72 -7.22
N LEU B 135 3.66 16.40 -6.26
CA LEU B 135 4.99 15.99 -5.81
C LEU B 135 4.94 14.64 -5.11
N LEU B 136 3.88 14.43 -4.32
CA LEU B 136 3.68 13.15 -3.64
C LEU B 136 3.39 12.06 -4.66
N LEU B 137 2.51 12.37 -5.61
CA LEU B 137 2.14 11.45 -6.67
C LEU B 137 3.35 11.13 -7.54
N ASN B 138 4.27 12.10 -7.62
CA ASN B 138 5.54 11.92 -8.32
C ASN B 138 6.35 10.82 -7.66
N TYR B 139 6.55 10.92 -6.35
CA TYR B 139 7.26 9.89 -5.59
C TYR B 139 6.55 8.55 -5.75
N LEU B 140 5.24 8.55 -5.55
CA LEU B 140 4.44 7.33 -5.64
C LEU B 140 4.59 6.65 -6.99
N HIS B 141 4.55 7.45 -8.06
CA HIS B 141 4.62 6.89 -9.41
C HIS B 141 6.00 6.34 -9.74
N ASP B 142 7.05 6.93 -9.18
CA ASP B 142 8.39 6.40 -9.39
C ASP B 142 8.51 5.04 -8.74
N PHE B 143 7.92 4.92 -7.55
CA PHE B 143 7.86 3.64 -6.84
C PHE B 143 7.05 2.63 -7.65
N LEU B 144 5.85 3.04 -8.07
CA LEU B 144 4.94 2.17 -8.83
C LEU B 144 5.60 1.69 -10.11
N LYS B 145 6.32 2.58 -10.78
CA LYS B 145 7.02 2.26 -12.02
C LYS B 145 8.10 1.21 -11.76
N TYR B 146 8.86 1.40 -10.70
CA TYR B 146 9.89 0.46 -10.32
C TYR B 146 9.26 -0.88 -9.90
N LEU B 147 8.17 -0.77 -9.15
CA LEU B 147 7.44 -1.94 -8.68
C LEU B 147 6.93 -2.77 -9.85
N ALA B 148 6.38 -2.09 -10.85
CA ALA B 148 5.86 -2.75 -12.04
C ALA B 148 6.98 -3.42 -12.85
N LYS B 149 8.14 -2.77 -12.89
CA LYS B 149 9.28 -3.28 -13.66
C LYS B 149 9.74 -4.65 -13.13
N ASN B 150 9.71 -4.81 -11.82
CA ASN B 150 10.22 -6.03 -11.19
C ASN B 150 9.08 -6.87 -10.61
N SER B 151 7.87 -6.64 -11.11
CA SER B 151 6.68 -7.23 -10.52
C SER B 151 6.61 -8.75 -10.68
N ALA B 152 7.45 -9.30 -11.54
CA ALA B 152 7.44 -10.74 -11.83
C ALA B 152 7.60 -11.59 -10.57
N THR B 153 8.56 -11.22 -9.73
CA THR B 153 8.82 -11.95 -8.50
C THR B 153 8.13 -11.29 -7.31
N LEU B 154 8.07 -9.96 -7.33
CA LEU B 154 7.45 -9.18 -6.26
C LEU B 154 5.99 -9.59 -6.07
N PHE B 155 5.25 -9.59 -7.17
CA PHE B 155 3.87 -10.04 -7.15
C PHE B 155 3.84 -11.56 -7.26
N SER B 156 4.04 -12.23 -6.14
CA SER B 156 4.12 -13.68 -6.10
C SER B 156 2.75 -14.32 -6.23
N ALA B 157 2.19 -14.27 -7.43
CA ALA B 157 0.89 -14.86 -7.70
C ALA B 157 0.97 -16.38 -7.76
N SER B 158 2.19 -16.89 -7.94
CA SER B 158 2.41 -18.32 -8.03
C SER B 158 2.37 -18.97 -6.64
N ASP B 159 2.42 -18.14 -5.60
CA ASP B 159 2.45 -18.64 -4.23
C ASP B 159 1.05 -18.74 -3.63
N TYR B 160 0.04 -18.45 -4.44
CA TYR B 160 -1.35 -18.55 -3.99
C TYR B 160 -1.86 -19.98 -4.10
N GLU B 161 -2.41 -20.50 -3.01
CA GLU B 161 -3.04 -21.82 -3.04
C GLU B 161 -4.53 -21.69 -2.79
N VAL B 162 -5.31 -22.59 -3.35
CA VAL B 162 -6.77 -22.56 -3.20
C VAL B 162 -7.16 -23.08 -1.83
N ALA B 163 -7.80 -22.23 -1.04
CA ALA B 163 -8.16 -22.58 0.33
C ALA B 163 -9.24 -23.67 0.37
N PRO B 164 -8.95 -24.78 1.06
CA PRO B 164 -9.90 -25.89 1.23
C PRO B 164 -11.06 -25.50 2.15
N PRO B 165 -12.11 -26.34 2.21
CA PRO B 165 -13.28 -26.09 3.05
C PRO B 165 -12.92 -25.80 4.51
N GLU B 166 -11.94 -26.53 5.03
CA GLU B 166 -11.47 -26.35 6.40
C GLU B 166 -11.01 -24.92 6.63
N TYR B 167 -10.39 -24.34 5.62
CA TYR B 167 -9.82 -23.00 5.74
C TYR B 167 -10.93 -21.95 5.77
N HIS B 168 -12.03 -22.23 5.09
CA HIS B 168 -13.15 -21.30 5.03
C HIS B 168 -13.90 -21.27 6.35
N ARG B 169 -13.94 -22.40 7.02
CA ARG B 169 -14.71 -22.55 8.25
C ARG B 169 -14.00 -21.91 9.44
N LYS B 170 -12.71 -21.67 9.30
CA LYS B 170 -11.96 -21.00 10.36
C LYS B 170 -11.82 -19.52 10.05
N ALA B 171 -12.62 -19.05 9.10
CA ALA B 171 -12.70 -17.64 8.78
C ALA B 171 -14.01 -17.05 9.28
N VAL B 172 -15.08 -17.31 8.51
CA VAL B 172 -16.44 -16.89 8.85
C VAL B 172 -16.50 -15.43 9.30
#